data_6SGO
#
_entry.id   6SGO
#
_entity_poly.entity_id   1
_entity_poly.type   'polypeptide(L)'
_entity_poly.pdbx_seq_one_letter_code
;MELPESFEFILTEDMVTDLDVKGLGYDFIDLVTKSPDSVNSEHELAHFLGPHDPEIYVNGKIQTTTAFLQFFRQGLFKKL
KDAEFAINVSGKVKEGEGYKLVWKSAAQRSHDQKIRWDEAEAYIWRRKDGSCWLHSVKFIMSKAAPYVAIDHHHHHH
;
_entity_poly.pdbx_strand_id   A
#
# COMPACT_ATOMS: atom_id res chain seq x y z
N ASP A 14 11.53 5.26 24.23
CA ASP A 14 11.19 3.89 24.61
C ASP A 14 10.20 3.40 23.59
N MET A 15 10.14 2.10 23.39
CA MET A 15 9.22 1.56 22.41
C MET A 15 7.80 1.56 22.94
N VAL A 16 7.19 2.73 22.89
CA VAL A 16 5.81 2.91 23.27
C VAL A 16 4.93 2.67 22.06
N THR A 17 3.65 2.84 22.23
CA THR A 17 2.69 2.56 21.20
C THR A 17 2.90 3.42 19.94
N ASP A 18 3.07 4.73 20.10
CA ASP A 18 3.27 5.63 18.94
C ASP A 18 4.59 5.32 18.26
N LEU A 19 5.56 4.94 19.06
CA LEU A 19 6.88 4.60 18.58
C LEU A 19 6.74 3.35 17.71
N ASP A 20 5.88 2.45 18.15
CA ASP A 20 5.66 1.20 17.43
C ASP A 20 4.91 1.48 16.13
N VAL A 21 4.00 2.45 16.18
CA VAL A 21 3.25 2.89 15.01
C VAL A 21 4.18 3.45 13.95
N LYS A 22 4.98 4.44 14.31
CA LYS A 22 5.87 5.07 13.36
C LYS A 22 7.03 4.15 12.99
N GLY A 23 7.36 3.24 13.90
CA GLY A 23 8.37 2.26 13.62
C GLY A 23 7.90 1.30 12.55
N LEU A 24 6.64 0.90 12.65
CA LEU A 24 6.01 0.04 11.71
C LEU A 24 5.92 0.73 10.35
N GLY A 25 5.37 1.92 10.36
CA GLY A 25 5.25 2.72 9.16
C GLY A 25 6.59 2.98 8.50
N TYR A 26 7.59 3.32 9.29
CA TYR A 26 8.92 3.54 8.78
C TYR A 26 9.53 2.27 8.24
N ASP A 27 9.33 1.15 8.91
CA ASP A 27 9.92 -0.13 8.48
C ASP A 27 9.32 -0.55 7.15
N PHE A 28 8.02 -0.34 7.04
CA PHE A 28 7.26 -0.59 5.85
C PHE A 28 7.77 0.29 4.69
N ILE A 29 7.85 1.58 4.94
CA ILE A 29 8.31 2.52 3.93
C ILE A 29 9.78 2.27 3.58
N ASP A 30 10.55 1.89 4.56
CA ASP A 30 11.95 1.52 4.38
C ASP A 30 12.07 0.39 3.42
N LEU A 31 11.33 -0.68 3.65
CA LEU A 31 11.43 -1.84 2.81
C LEU A 31 10.90 -1.56 1.40
N VAL A 32 9.93 -0.64 1.30
CA VAL A 32 9.41 -0.22 0.02
C VAL A 32 10.49 0.56 -0.77
N THR A 33 11.35 1.27 -0.06
CA THR A 33 12.33 2.13 -0.70
C THR A 33 13.73 1.52 -0.57
N LYS A 34 13.75 0.25 -0.27
CA LYS A 34 14.96 -0.48 -0.02
C LYS A 34 15.73 -0.76 -1.32
N SER A 35 16.94 -1.27 -1.15
CA SER A 35 17.91 -1.54 -2.19
C SER A 35 17.33 -2.21 -3.45
N PRO A 36 17.75 -1.76 -4.65
CA PRO A 36 17.35 -2.39 -5.92
C PRO A 36 18.15 -3.68 -6.15
N ASP A 37 19.11 -3.89 -5.25
CA ASP A 37 20.00 -5.04 -5.25
C ASP A 37 19.23 -6.32 -4.96
N SER A 38 18.15 -6.18 -4.23
CA SER A 38 17.33 -7.28 -3.88
C SER A 38 16.19 -7.42 -4.88
N VAL A 39 15.62 -8.62 -4.96
CA VAL A 39 14.64 -8.98 -5.98
C VAL A 39 13.47 -7.99 -6.13
N ASN A 40 12.79 -7.66 -5.05
CA ASN A 40 11.62 -6.80 -5.11
C ASN A 40 11.34 -6.19 -3.75
N SER A 41 11.05 -4.90 -3.72
CA SER A 41 10.66 -4.24 -2.48
C SER A 41 9.31 -4.82 -2.06
N GLU A 42 8.54 -5.19 -3.07
CA GLU A 42 7.26 -5.79 -2.94
C GLU A 42 7.39 -7.15 -2.24
N HIS A 43 8.58 -7.76 -2.35
CA HIS A 43 8.85 -9.05 -1.73
C HIS A 43 8.93 -8.86 -0.23
N GLU A 44 9.67 -7.83 0.15
CA GLU A 44 9.87 -7.51 1.53
C GLU A 44 8.57 -7.06 2.13
N LEU A 45 7.75 -6.43 1.32
CA LEU A 45 6.47 -5.97 1.75
C LEU A 45 5.57 -7.16 2.01
N ALA A 46 5.57 -8.14 1.11
CA ALA A 46 4.78 -9.36 1.26
C ALA A 46 5.23 -10.09 2.52
N HIS A 47 6.51 -10.02 2.77
CA HIS A 47 7.12 -10.67 3.91
C HIS A 47 6.82 -9.89 5.20
N PHE A 48 6.61 -8.59 5.06
CA PHE A 48 6.26 -7.73 6.18
C PHE A 48 4.81 -7.97 6.55
N LEU A 49 3.97 -8.04 5.55
CA LEU A 49 2.55 -8.16 5.77
C LEU A 49 2.12 -9.58 6.12
N GLY A 50 3.06 -10.51 6.14
CA GLY A 50 2.77 -11.90 6.54
C GLY A 50 2.06 -11.97 7.91
N PRO A 51 2.70 -11.49 9.00
CA PRO A 51 2.08 -11.43 10.33
C PRO A 51 1.10 -10.25 10.46
N HIS A 52 1.04 -9.44 9.44
CA HIS A 52 0.23 -8.23 9.46
C HIS A 52 -0.83 -8.32 8.36
N ASP A 53 -1.22 -9.57 8.04
CA ASP A 53 -2.17 -9.91 6.96
C ASP A 53 -3.50 -9.19 7.09
N PRO A 54 -3.73 -8.21 6.22
CA PRO A 54 -4.95 -7.45 6.19
C PRO A 54 -5.89 -7.98 5.12
N GLU A 55 -6.98 -7.29 4.92
CA GLU A 55 -7.87 -7.63 3.87
C GLU A 55 -7.38 -6.95 2.63
N ILE A 56 -6.74 -7.70 1.80
CA ILE A 56 -6.14 -7.16 0.61
C ILE A 56 -7.18 -7.14 -0.51
N TYR A 57 -7.69 -6.02 -0.84
CA TYR A 57 -8.68 -5.93 -1.87
C TYR A 57 -8.08 -5.64 -3.19
N VAL A 58 -8.04 -6.60 -4.01
CA VAL A 58 -7.44 -6.45 -5.29
C VAL A 58 -8.51 -6.43 -6.32
N ASN A 59 -8.64 -5.27 -6.93
CA ASN A 59 -9.63 -4.97 -7.96
C ASN A 59 -11.04 -5.11 -7.39
N GLY A 60 -11.13 -5.01 -6.08
CA GLY A 60 -12.41 -5.13 -5.40
C GLY A 60 -12.65 -6.50 -4.81
N LYS A 61 -11.69 -7.41 -4.92
CA LYS A 61 -11.85 -8.74 -4.36
C LYS A 61 -10.90 -8.94 -3.22
N ILE A 62 -11.40 -9.50 -2.15
CA ILE A 62 -10.62 -9.70 -0.96
C ILE A 62 -9.64 -10.86 -1.18
N GLN A 63 -8.41 -10.58 -0.94
CA GLN A 63 -7.31 -11.48 -1.08
C GLN A 63 -6.58 -11.51 0.26
N THR A 64 -6.00 -12.61 0.57
CA THR A 64 -5.14 -12.71 1.73
C THR A 64 -3.68 -12.57 1.27
N THR A 65 -2.76 -12.50 2.24
CA THR A 65 -1.32 -12.43 2.02
C THR A 65 -0.84 -13.37 0.91
N THR A 66 -1.36 -14.57 0.90
CA THR A 66 -0.96 -15.59 -0.04
C THR A 66 -1.42 -15.26 -1.48
N ALA A 67 -2.63 -14.80 -1.62
CA ALA A 67 -3.17 -14.41 -2.91
C ALA A 67 -2.40 -13.22 -3.44
N PHE A 68 -2.17 -12.22 -2.58
CA PHE A 68 -1.33 -11.06 -2.89
C PHE A 68 0.00 -11.53 -3.40
N LEU A 69 0.63 -12.35 -2.58
CA LEU A 69 1.92 -13.00 -2.89
C LEU A 69 1.89 -13.65 -4.30
N GLN A 70 0.81 -14.33 -4.61
CA GLN A 70 0.62 -14.93 -5.90
C GLN A 70 0.60 -13.89 -7.04
N PHE A 71 -0.13 -12.81 -6.85
CA PHE A 71 -0.19 -11.77 -7.87
C PHE A 71 1.17 -11.08 -7.96
N PHE A 72 1.80 -10.92 -6.82
CA PHE A 72 3.13 -10.37 -6.73
C PHE A 72 4.12 -11.18 -7.55
N ARG A 73 4.14 -12.49 -7.34
CA ARG A 73 5.10 -13.34 -8.01
C ARG A 73 4.81 -13.37 -9.50
N GLN A 74 3.53 -13.22 -9.84
CA GLN A 74 3.13 -13.18 -11.23
C GLN A 74 3.48 -11.82 -11.89
N GLY A 75 3.88 -10.85 -11.08
CA GLY A 75 4.34 -9.58 -11.63
C GLY A 75 3.34 -8.45 -11.53
N LEU A 76 2.24 -8.68 -10.87
CA LEU A 76 1.16 -7.70 -10.77
C LEU A 76 1.54 -6.47 -9.93
N PHE A 77 2.10 -6.71 -8.76
CA PHE A 77 2.36 -5.60 -7.84
C PHE A 77 3.74 -5.00 -8.01
N LYS A 78 4.40 -5.33 -9.10
CA LYS A 78 5.73 -4.80 -9.36
C LYS A 78 5.72 -3.29 -9.62
N LYS A 79 4.55 -2.76 -9.86
CA LYS A 79 4.37 -1.34 -10.14
C LYS A 79 4.36 -0.53 -8.84
N LEU A 80 4.26 -1.22 -7.73
CA LEU A 80 4.13 -0.60 -6.41
C LEU A 80 5.34 0.28 -6.06
N LYS A 81 6.52 -0.03 -6.59
CA LYS A 81 7.68 0.80 -6.19
C LYS A 81 7.98 1.86 -7.25
N ASP A 82 7.14 1.92 -8.26
CA ASP A 82 7.26 2.93 -9.31
C ASP A 82 6.14 3.95 -9.07
N ALA A 83 5.52 3.81 -7.92
CA ALA A 83 4.36 4.57 -7.53
C ALA A 83 4.72 5.84 -6.77
N GLU A 84 3.83 6.80 -6.87
CA GLU A 84 3.96 8.06 -6.21
C GLU A 84 3.18 8.04 -4.88
N PHE A 85 3.82 8.52 -3.85
CA PHE A 85 3.23 8.64 -2.54
C PHE A 85 3.48 10.04 -2.02
N ALA A 86 2.66 10.49 -1.12
CA ALA A 86 2.77 11.82 -0.56
C ALA A 86 2.32 11.78 0.88
N ILE A 87 2.32 12.91 1.54
CA ILE A 87 1.87 12.97 2.90
C ILE A 87 0.32 12.96 2.93
N ASN A 88 -0.24 11.91 3.46
CA ASN A 88 -1.69 11.80 3.54
C ASN A 88 -2.19 12.46 4.81
N VAL A 89 -3.46 12.83 4.81
CA VAL A 89 -4.03 13.55 5.93
C VAL A 89 -4.18 12.68 7.17
N SER A 90 -3.78 13.23 8.29
CA SER A 90 -3.84 12.57 9.59
C SER A 90 -3.92 13.65 10.69
N GLY A 91 -4.36 14.83 10.30
CA GLY A 91 -4.36 15.97 11.19
C GLY A 91 -5.45 15.91 12.22
N LYS A 92 -6.61 15.44 11.84
CA LYS A 92 -7.70 15.33 12.78
C LYS A 92 -7.63 14.03 13.56
N VAL A 93 -6.93 14.07 14.67
CA VAL A 93 -6.79 12.94 15.56
C VAL A 93 -7.99 12.91 16.51
N LYS A 94 -8.78 11.90 16.38
CA LYS A 94 -10.06 11.80 17.08
C LYS A 94 -10.02 10.83 18.30
N GLU A 95 -10.00 9.55 18.02
CA GLU A 95 -10.10 8.46 18.95
C GLU A 95 -10.26 7.18 18.12
N GLY A 96 -9.20 6.42 18.00
CA GLY A 96 -9.22 5.25 17.13
C GLY A 96 -9.00 5.71 15.70
N GLU A 97 -7.77 6.05 15.42
CA GLU A 97 -7.41 6.68 14.15
C GLU A 97 -7.37 5.70 13.00
N GLY A 98 -7.24 6.25 11.83
CA GLY A 98 -7.13 5.47 10.65
C GLY A 98 -6.32 6.20 9.64
N TYR A 99 -5.47 5.49 8.97
CA TYR A 99 -4.65 6.08 7.95
C TYR A 99 -4.91 5.34 6.69
N LYS A 100 -4.91 6.00 5.60
CA LYS A 100 -5.02 5.34 4.35
C LYS A 100 -4.03 5.95 3.39
N LEU A 101 -2.94 5.26 3.25
CA LEU A 101 -1.86 5.70 2.42
C LEU A 101 -2.10 5.23 1.03
N VAL A 102 -2.10 6.12 0.10
CA VAL A 102 -2.35 5.74 -1.25
C VAL A 102 -1.14 6.02 -2.12
N TRP A 103 -0.85 5.08 -2.96
CA TRP A 103 0.17 5.16 -3.95
C TRP A 103 -0.48 5.09 -5.29
N LYS A 104 -0.01 5.86 -6.20
CA LYS A 104 -0.46 5.74 -7.54
C LYS A 104 0.70 5.33 -8.37
N SER A 105 0.60 4.21 -9.02
CA SER A 105 1.67 3.75 -9.84
C SER A 105 1.85 4.72 -10.97
N ALA A 106 3.08 4.84 -11.48
CA ALA A 106 3.38 5.83 -12.49
C ALA A 106 2.47 5.68 -13.67
N ALA A 107 1.77 6.74 -13.90
CA ALA A 107 0.81 6.82 -14.94
C ALA A 107 1.51 6.71 -16.28
N GLN A 108 0.99 5.85 -17.13
CA GLN A 108 1.60 5.57 -18.40
C GLN A 108 0.70 6.06 -19.51
N ARG A 109 1.31 6.66 -20.51
CA ARG A 109 0.61 7.31 -21.61
C ARG A 109 -0.31 6.33 -22.36
N SER A 110 -1.57 6.62 -22.32
CA SER A 110 -2.57 5.75 -22.87
C SER A 110 -3.20 6.35 -24.13
N HIS A 111 -4.32 5.79 -24.54
CA HIS A 111 -4.94 6.13 -25.81
C HIS A 111 -5.84 7.37 -25.77
N ASP A 112 -6.85 7.33 -24.95
CA ASP A 112 -7.96 8.30 -25.02
C ASP A 112 -7.71 9.61 -24.23
N GLN A 113 -6.47 10.08 -24.24
CA GLN A 113 -6.06 11.37 -23.59
C GLN A 113 -6.16 11.27 -22.04
N LYS A 114 -6.36 10.07 -21.59
CA LYS A 114 -6.36 9.77 -20.19
C LYS A 114 -5.22 8.84 -19.94
N ILE A 115 -4.89 8.62 -18.73
CA ILE A 115 -3.67 7.92 -18.44
C ILE A 115 -3.99 6.65 -17.64
N ARG A 116 -3.19 5.62 -17.79
CA ARG A 116 -3.39 4.38 -17.06
C ARG A 116 -2.45 4.35 -15.87
N TRP A 117 -2.97 4.03 -14.72
CA TRP A 117 -2.17 3.91 -13.53
C TRP A 117 -2.78 2.83 -12.63
N ASP A 118 -2.08 2.44 -11.62
CA ASP A 118 -2.61 1.46 -10.68
C ASP A 118 -2.67 2.15 -9.35
N GLU A 119 -3.70 1.96 -8.60
CA GLU A 119 -3.80 2.66 -7.33
C GLU A 119 -3.75 1.68 -6.19
N ALA A 120 -3.10 2.07 -5.14
CA ALA A 120 -2.95 1.24 -3.99
C ALA A 120 -3.24 2.03 -2.74
N GLU A 121 -4.26 1.64 -2.03
CA GLU A 121 -4.67 2.30 -0.79
C GLU A 121 -4.52 1.35 0.39
N ALA A 122 -3.59 1.62 1.25
CA ALA A 122 -3.41 0.83 2.43
C ALA A 122 -4.09 1.50 3.62
N TYR A 123 -5.11 0.86 4.12
CA TYR A 123 -5.89 1.37 5.24
C TYR A 123 -5.40 0.71 6.51
N ILE A 124 -4.94 1.52 7.40
CA ILE A 124 -4.44 1.08 8.68
C ILE A 124 -5.30 1.71 9.73
N TRP A 125 -5.55 1.03 10.80
CA TRP A 125 -6.27 1.66 11.85
C TRP A 125 -5.39 1.66 13.07
N ARG A 126 -5.51 2.69 13.86
CA ARG A 126 -4.77 2.75 15.06
C ARG A 126 -5.65 2.19 16.13
N ARG A 127 -5.31 1.00 16.52
CA ARG A 127 -5.99 0.22 17.51
C ARG A 127 -6.02 1.02 18.80
N LYS A 128 -7.09 0.88 19.56
CA LYS A 128 -7.29 1.63 20.80
C LYS A 128 -6.20 1.30 21.82
N ASP A 129 -5.53 0.19 21.58
CA ASP A 129 -4.35 -0.26 22.33
C ASP A 129 -3.18 0.71 22.14
N GLY A 130 -3.25 1.53 21.11
CA GLY A 130 -2.22 2.51 20.86
C GLY A 130 -1.37 2.16 19.66
N SER A 131 -1.42 0.92 19.24
CA SER A 131 -0.65 0.43 18.14
C SER A 131 -1.47 0.55 16.86
N CYS A 132 -0.90 0.20 15.76
CA CYS A 132 -1.61 0.28 14.50
C CYS A 132 -1.45 -1.02 13.74
N TRP A 133 -2.47 -1.42 13.05
CA TRP A 133 -2.40 -2.62 12.29
C TRP A 133 -3.09 -2.41 10.97
N LEU A 134 -2.69 -3.20 10.00
CA LEU A 134 -3.20 -3.13 8.67
C LEU A 134 -4.65 -3.58 8.67
N HIS A 135 -5.52 -2.65 8.42
CA HIS A 135 -6.94 -2.91 8.44
C HIS A 135 -7.29 -3.64 7.17
N SER A 136 -7.03 -3.01 6.07
CA SER A 136 -7.30 -3.57 4.78
C SER A 136 -6.47 -2.78 3.81
N VAL A 137 -6.04 -3.35 2.73
CA VAL A 137 -5.32 -2.59 1.75
C VAL A 137 -5.92 -2.93 0.40
N LYS A 138 -6.14 -1.97 -0.39
CA LYS A 138 -6.80 -2.15 -1.65
C LYS A 138 -5.87 -1.83 -2.79
N PHE A 139 -5.82 -2.71 -3.75
CA PHE A 139 -5.03 -2.51 -4.93
C PHE A 139 -5.97 -2.54 -6.10
N ILE A 140 -5.92 -1.54 -6.88
CA ILE A 140 -6.75 -1.48 -8.05
C ILE A 140 -5.87 -1.22 -9.22
N MET A 141 -5.57 -2.28 -9.90
CA MET A 141 -4.60 -2.28 -10.93
C MET A 141 -5.19 -1.91 -12.25
N SER A 142 -4.57 -0.93 -12.85
CA SER A 142 -4.93 -0.39 -14.12
C SER A 142 -6.29 0.29 -14.10
N LYS A 143 -6.27 1.46 -13.54
CA LYS A 143 -7.38 2.32 -13.43
C LYS A 143 -7.07 3.60 -14.18
N ALA A 144 -8.05 4.46 -14.21
CA ALA A 144 -7.94 5.74 -14.84
C ALA A 144 -9.03 6.59 -14.27
N ALA A 145 -9.05 7.82 -14.65
CA ALA A 145 -10.05 8.74 -14.24
C ALA A 145 -10.45 9.52 -15.47
N PRO A 146 -11.72 9.92 -15.59
CA PRO A 146 -12.17 10.73 -16.72
C PRO A 146 -11.42 12.05 -16.75
N TYR A 147 -10.87 12.38 -17.88
CA TYR A 147 -10.14 13.58 -18.01
C TYR A 147 -11.10 14.73 -18.21
N VAL A 148 -10.74 15.86 -17.71
CA VAL A 148 -11.58 17.01 -17.81
C VAL A 148 -11.31 17.77 -19.12
N ALA A 149 -12.31 17.90 -19.92
CA ALA A 149 -12.19 18.63 -21.15
C ALA A 149 -13.17 19.77 -21.13
N ASP A 14 6.37 5.06 27.62
CA ASP A 14 5.98 6.05 26.61
C ASP A 14 4.84 5.44 25.79
N MET A 15 4.45 6.07 24.70
CA MET A 15 3.38 5.57 23.89
C MET A 15 3.90 4.47 22.99
N VAL A 16 3.79 3.25 23.47
CA VAL A 16 4.27 2.08 22.75
C VAL A 16 3.53 1.92 21.44
N THR A 17 2.29 2.35 21.44
CA THR A 17 1.43 2.31 20.28
C THR A 17 1.94 3.27 19.20
N ASP A 18 2.43 4.41 19.64
CA ASP A 18 2.92 5.45 18.76
C ASP A 18 4.27 5.05 18.19
N LEU A 19 5.07 4.45 19.05
CA LEU A 19 6.37 3.95 18.66
C LEU A 19 6.18 2.77 17.69
N ASP A 20 5.14 1.99 17.93
CA ASP A 20 4.82 0.81 17.13
C ASP A 20 4.47 1.22 15.72
N VAL A 21 3.59 2.20 15.60
CA VAL A 21 3.19 2.69 14.30
C VAL A 21 4.34 3.34 13.55
N LYS A 22 5.12 4.20 14.21
CA LYS A 22 6.21 4.84 13.50
C LYS A 22 7.33 3.85 13.21
N GLY A 23 7.45 2.82 14.04
CA GLY A 23 8.44 1.80 13.84
C GLY A 23 8.13 0.98 12.60
N LEU A 24 6.92 0.41 12.57
CA LEU A 24 6.50 -0.42 11.45
C LEU A 24 6.39 0.46 10.22
N GLY A 25 5.88 1.68 10.41
CA GLY A 25 5.71 2.62 9.33
C GLY A 25 7.01 2.97 8.68
N TYR A 26 8.03 3.20 9.48
CA TYR A 26 9.33 3.49 8.98
C TYR A 26 9.89 2.32 8.20
N ASP A 27 9.76 1.11 8.76
CA ASP A 27 10.31 -0.09 8.09
C ASP A 27 9.56 -0.37 6.79
N PHE A 28 8.26 -0.16 6.84
CA PHE A 28 7.36 -0.30 5.71
C PHE A 28 7.72 0.71 4.62
N ILE A 29 7.79 1.97 4.98
CA ILE A 29 8.13 3.00 4.02
C ILE A 29 9.56 2.85 3.53
N ASP A 30 10.42 2.37 4.39
CA ASP A 30 11.81 2.08 4.05
C ASP A 30 11.88 1.03 2.97
N LEU A 31 11.16 -0.07 3.15
CA LEU A 31 11.20 -1.14 2.18
C LEU A 31 10.55 -0.69 0.85
N VAL A 32 9.55 0.19 0.96
CA VAL A 32 8.90 0.77 -0.21
C VAL A 32 9.86 1.73 -0.95
N THR A 33 10.87 2.23 -0.26
CA THR A 33 11.77 3.18 -0.85
C THR A 33 13.15 2.57 -1.05
N LYS A 34 13.22 1.25 -0.92
CA LYS A 34 14.45 0.51 -1.13
C LYS A 34 14.95 0.63 -2.55
N SER A 35 16.24 0.66 -2.67
CA SER A 35 16.93 0.80 -3.92
C SER A 35 16.70 -0.44 -4.82
N PRO A 36 16.82 -0.28 -6.17
CA PRO A 36 16.60 -1.35 -7.17
C PRO A 36 17.54 -2.54 -6.99
N ASP A 37 18.48 -2.39 -6.08
CA ASP A 37 19.42 -3.48 -5.74
C ASP A 37 18.66 -4.65 -5.08
N SER A 38 17.55 -4.34 -4.43
CA SER A 38 16.70 -5.35 -3.82
C SER A 38 15.96 -6.09 -4.93
N VAL A 39 15.47 -7.31 -4.68
CA VAL A 39 14.81 -8.07 -5.74
C VAL A 39 13.54 -7.34 -6.19
N ASN A 40 12.85 -6.75 -5.23
CA ASN A 40 11.66 -5.94 -5.43
C ASN A 40 11.09 -5.43 -4.11
N SER A 41 10.68 -4.18 -4.09
CA SER A 41 10.24 -3.50 -2.87
C SER A 41 8.98 -4.18 -2.33
N GLU A 42 8.16 -4.60 -3.25
CA GLU A 42 6.94 -5.26 -2.95
C GLU A 42 7.17 -6.64 -2.34
N HIS A 43 8.35 -7.20 -2.55
CA HIS A 43 8.71 -8.49 -1.94
C HIS A 43 8.80 -8.33 -0.46
N GLU A 44 9.53 -7.31 -0.06
CA GLU A 44 9.75 -7.01 1.30
C GLU A 44 8.45 -6.57 1.92
N LEU A 45 7.61 -5.90 1.14
CA LEU A 45 6.32 -5.48 1.60
C LEU A 45 5.42 -6.68 1.86
N ALA A 46 5.42 -7.62 0.92
CA ALA A 46 4.62 -8.83 1.04
C ALA A 46 5.07 -9.63 2.25
N HIS A 47 6.36 -9.58 2.52
CA HIS A 47 6.93 -10.30 3.64
C HIS A 47 6.65 -9.54 4.95
N PHE A 48 6.52 -8.22 4.84
CA PHE A 48 6.24 -7.37 5.95
C PHE A 48 4.83 -7.61 6.46
N LEU A 49 3.91 -7.74 5.52
CA LEU A 49 2.51 -7.89 5.85
C LEU A 49 2.15 -9.36 6.12
N GLY A 50 3.15 -10.23 6.03
CA GLY A 50 2.97 -11.67 6.31
C GLY A 50 2.32 -11.92 7.68
N PRO A 51 2.93 -11.44 8.78
CA PRO A 51 2.34 -11.52 10.14
C PRO A 51 1.22 -10.48 10.37
N HIS A 52 1.02 -9.62 9.39
CA HIS A 52 0.09 -8.50 9.52
C HIS A 52 -0.95 -8.53 8.41
N ASP A 53 -1.51 -9.73 8.15
CA ASP A 53 -2.52 -9.99 7.10
C ASP A 53 -3.75 -9.09 7.20
N PRO A 54 -3.85 -8.10 6.31
CA PRO A 54 -4.97 -7.21 6.25
C PRO A 54 -5.94 -7.66 5.17
N GLU A 55 -7.04 -6.98 5.04
CA GLU A 55 -7.96 -7.29 3.98
C GLU A 55 -7.43 -6.65 2.72
N ILE A 56 -6.90 -7.46 1.87
CA ILE A 56 -6.26 -6.98 0.67
C ILE A 56 -7.26 -6.99 -0.45
N TYR A 57 -7.72 -5.86 -0.83
CA TYR A 57 -8.72 -5.79 -1.85
C TYR A 57 -8.09 -5.55 -3.17
N VAL A 58 -8.19 -6.50 -4.06
CA VAL A 58 -7.59 -6.31 -5.34
C VAL A 58 -8.68 -6.13 -6.33
N ASN A 59 -8.69 -4.97 -6.94
CA ASN A 59 -9.63 -4.60 -8.00
C ASN A 59 -11.08 -4.66 -7.49
N GLY A 60 -11.21 -4.60 -6.16
CA GLY A 60 -12.51 -4.64 -5.53
C GLY A 60 -12.88 -6.01 -4.98
N LYS A 61 -11.94 -6.96 -4.99
CA LYS A 61 -12.17 -8.28 -4.41
C LYS A 61 -11.24 -8.53 -3.25
N ILE A 62 -11.78 -9.03 -2.17
CA ILE A 62 -11.02 -9.25 -0.95
C ILE A 62 -10.12 -10.50 -1.10
N GLN A 63 -8.86 -10.31 -0.84
CA GLN A 63 -7.85 -11.35 -0.88
C GLN A 63 -7.12 -11.34 0.46
N THR A 64 -6.62 -12.47 0.86
CA THR A 64 -5.80 -12.57 2.04
C THR A 64 -4.32 -12.45 1.63
N THR A 65 -3.42 -12.37 2.61
CA THR A 65 -1.99 -12.29 2.42
C THR A 65 -1.48 -13.38 1.44
N THR A 66 -2.05 -14.57 1.55
CA THR A 66 -1.66 -15.70 0.73
C THR A 66 -1.99 -15.45 -0.76
N ALA A 67 -3.21 -15.00 -1.03
CA ALA A 67 -3.66 -14.69 -2.38
C ALA A 67 -2.84 -13.55 -2.96
N PHE A 68 -2.69 -12.49 -2.18
CA PHE A 68 -1.86 -11.34 -2.55
C PHE A 68 -0.48 -11.79 -2.93
N LEU A 69 0.14 -12.51 -2.02
CA LEU A 69 1.50 -13.08 -2.21
C LEU A 69 1.58 -13.87 -3.53
N GLN A 70 0.55 -14.63 -3.82
CA GLN A 70 0.47 -15.37 -5.04
C GLN A 70 0.45 -14.44 -6.25
N PHE A 71 -0.41 -13.43 -6.24
CA PHE A 71 -0.53 -12.50 -7.37
C PHE A 71 0.76 -11.71 -7.50
N PHE A 72 1.37 -11.44 -6.38
CA PHE A 72 2.64 -10.79 -6.30
C PHE A 72 3.70 -11.58 -7.07
N ARG A 73 3.83 -12.86 -6.77
CA ARG A 73 4.86 -13.66 -7.39
C ARG A 73 4.48 -13.99 -8.84
N GLN A 74 3.20 -13.88 -9.14
CA GLN A 74 2.70 -14.03 -10.50
C GLN A 74 2.98 -12.77 -11.33
N GLY A 75 3.46 -11.70 -10.67
CA GLY A 75 3.86 -10.53 -11.39
C GLY A 75 2.79 -9.47 -11.47
N LEU A 76 1.73 -9.64 -10.74
CA LEU A 76 0.65 -8.66 -10.73
C LEU A 76 1.10 -7.37 -10.08
N PHE A 77 1.69 -7.48 -8.90
CA PHE A 77 2.04 -6.29 -8.12
C PHE A 77 3.51 -5.92 -8.25
N LYS A 78 4.23 -6.53 -9.17
CA LYS A 78 5.66 -6.27 -9.30
C LYS A 78 6.01 -4.88 -9.85
N LYS A 79 4.99 -4.19 -10.34
CA LYS A 79 5.16 -2.82 -10.83
C LYS A 79 5.09 -1.81 -9.66
N LEU A 80 4.69 -2.29 -8.49
CA LEU A 80 4.41 -1.43 -7.33
C LEU A 80 5.66 -0.74 -6.79
N LYS A 81 6.85 -1.21 -7.18
CA LYS A 81 8.09 -0.59 -6.74
C LYS A 81 8.26 0.84 -7.28
N ASP A 82 7.41 1.23 -8.22
CA ASP A 82 7.42 2.58 -8.80
C ASP A 82 6.36 3.44 -8.17
N ALA A 83 5.82 2.99 -7.07
CA ALA A 83 4.78 3.70 -6.36
C ALA A 83 5.19 5.08 -5.92
N GLU A 84 4.37 6.03 -6.24
CA GLU A 84 4.51 7.39 -5.81
C GLU A 84 3.56 7.57 -4.66
N PHE A 85 4.04 8.05 -3.55
CA PHE A 85 3.21 8.22 -2.39
C PHE A 85 2.44 9.52 -2.47
N ALA A 86 1.14 9.43 -2.37
CA ALA A 86 0.31 10.59 -2.34
C ALA A 86 0.19 11.03 -0.89
N ILE A 87 0.75 12.18 -0.60
CA ILE A 87 0.87 12.72 0.75
C ILE A 87 -0.44 12.64 1.58
N ASN A 88 -0.45 11.74 2.54
CA ASN A 88 -1.53 11.65 3.50
C ASN A 88 -1.19 12.58 4.62
N VAL A 89 -2.03 13.58 4.83
CA VAL A 89 -1.77 14.56 5.86
C VAL A 89 -1.94 13.93 7.24
N SER A 90 -0.83 13.55 7.79
CA SER A 90 -0.77 12.90 9.06
C SER A 90 -0.09 13.79 10.09
N GLY A 91 0.20 15.03 9.65
CA GLY A 91 0.78 16.03 10.50
C GLY A 91 -0.24 16.58 11.46
N LYS A 92 -0.39 15.90 12.57
CA LYS A 92 -1.38 16.19 13.58
C LYS A 92 -1.13 15.29 14.78
N VAL A 93 -1.84 15.53 15.85
CA VAL A 93 -1.75 14.71 17.02
C VAL A 93 -2.62 13.49 16.80
N LYS A 94 -2.01 12.35 16.80
CA LYS A 94 -2.65 11.11 16.51
C LYS A 94 -2.61 10.21 17.72
N GLU A 95 -3.76 9.77 18.18
CA GLU A 95 -3.80 8.78 19.24
C GLU A 95 -4.42 7.48 18.74
N GLY A 96 -5.49 7.62 18.01
CA GLY A 96 -6.19 6.49 17.45
C GLY A 96 -6.76 6.84 16.11
N GLU A 97 -5.89 7.19 15.19
CA GLU A 97 -6.29 7.60 13.86
C GLU A 97 -6.21 6.44 12.87
N GLY A 98 -6.85 6.63 11.76
CA GLY A 98 -6.79 5.70 10.68
C GLY A 98 -6.07 6.34 9.54
N TYR A 99 -5.22 5.61 8.90
CA TYR A 99 -4.42 6.15 7.83
C TYR A 99 -4.82 5.54 6.53
N LYS A 100 -4.73 6.34 5.51
CA LYS A 100 -4.93 5.90 4.17
C LYS A 100 -3.73 6.27 3.41
N LEU A 101 -2.88 5.36 3.27
CA LEU A 101 -1.66 5.58 2.60
C LEU A 101 -1.86 5.12 1.21
N VAL A 102 -1.94 6.04 0.30
CA VAL A 102 -2.24 5.71 -1.04
C VAL A 102 -1.10 6.04 -1.98
N TRP A 103 -0.83 5.11 -2.84
CA TRP A 103 0.18 5.23 -3.83
C TRP A 103 -0.42 5.13 -5.19
N LYS A 104 0.27 5.70 -6.11
CA LYS A 104 -0.05 5.62 -7.50
C LYS A 104 1.23 5.18 -8.16
N SER A 105 1.21 4.13 -8.92
CA SER A 105 2.43 3.64 -9.55
C SER A 105 2.80 4.52 -10.75
N ALA A 106 3.77 4.07 -11.54
CA ALA A 106 4.19 4.80 -12.70
C ALA A 106 3.03 4.90 -13.68
N ALA A 107 2.63 6.11 -13.91
CA ALA A 107 1.53 6.41 -14.77
C ALA A 107 2.01 6.45 -16.19
N GLN A 108 1.22 5.92 -17.08
CA GLN A 108 1.60 5.84 -18.46
C GLN A 108 0.54 6.46 -19.31
N ARG A 109 0.86 7.54 -19.97
CA ARG A 109 -0.09 8.16 -20.88
C ARG A 109 -0.34 7.23 -22.04
N SER A 110 -1.58 7.07 -22.33
CA SER A 110 -2.00 6.20 -23.37
C SER A 110 -2.42 7.03 -24.60
N HIS A 111 -2.53 6.37 -25.74
CA HIS A 111 -2.84 7.06 -27.01
C HIS A 111 -4.27 7.63 -26.99
N ASP A 112 -5.10 7.09 -26.11
CA ASP A 112 -6.51 7.50 -25.98
C ASP A 112 -6.61 8.81 -25.23
N GLN A 113 -5.44 9.33 -24.83
CA GLN A 113 -5.29 10.55 -24.03
C GLN A 113 -5.68 10.26 -22.57
N LYS A 114 -5.84 8.97 -22.27
CA LYS A 114 -6.08 8.56 -20.91
C LYS A 114 -4.73 8.24 -20.31
N ILE A 115 -4.67 8.14 -19.03
CA ILE A 115 -3.44 7.75 -18.41
C ILE A 115 -3.78 6.59 -17.51
N ARG A 116 -2.95 5.60 -17.51
CA ARG A 116 -3.16 4.44 -16.69
C ARG A 116 -2.06 4.32 -15.66
N TRP A 117 -2.46 3.99 -14.47
CA TRP A 117 -1.57 3.84 -13.35
C TRP A 117 -2.17 2.77 -12.45
N ASP A 118 -1.52 2.38 -11.42
CA ASP A 118 -2.13 1.45 -10.48
C ASP A 118 -2.25 2.17 -9.19
N GLU A 119 -3.32 1.98 -8.49
CA GLU A 119 -3.48 2.64 -7.20
C GLU A 119 -3.52 1.67 -6.05
N ALA A 120 -3.00 2.11 -4.94
CA ALA A 120 -2.91 1.31 -3.76
C ALA A 120 -3.25 2.12 -2.54
N GLU A 121 -4.29 1.75 -1.83
CA GLU A 121 -4.70 2.45 -0.63
C GLU A 121 -4.55 1.52 0.56
N ALA A 122 -3.60 1.76 1.39
CA ALA A 122 -3.45 0.98 2.58
C ALA A 122 -4.16 1.66 3.74
N TYR A 123 -5.07 0.95 4.34
CA TYR A 123 -5.85 1.45 5.44
C TYR A 123 -5.31 0.85 6.70
N ILE A 124 -4.73 1.65 7.51
CA ILE A 124 -4.18 1.21 8.77
C ILE A 124 -4.94 1.91 9.85
N TRP A 125 -5.07 1.31 11.00
CA TRP A 125 -5.64 1.99 12.10
C TRP A 125 -4.81 1.72 13.31
N ARG A 126 -4.67 2.71 14.13
CA ARG A 126 -3.93 2.54 15.31
C ARG A 126 -4.90 2.12 16.38
N ARG A 127 -4.90 0.83 16.65
CA ARG A 127 -5.87 0.20 17.49
C ARG A 127 -5.66 0.67 18.91
N LYS A 128 -6.74 1.05 19.55
CA LYS A 128 -6.75 1.64 20.89
C LYS A 128 -6.26 0.63 21.94
N ASP A 129 -6.15 -0.63 21.54
CA ASP A 129 -5.64 -1.70 22.40
C ASP A 129 -4.12 -1.59 22.56
N GLY A 130 -3.51 -0.69 21.80
CA GLY A 130 -2.10 -0.47 21.91
C GLY A 130 -1.30 -0.94 20.72
N SER A 131 -1.94 -1.63 19.82
CA SER A 131 -1.29 -2.18 18.66
C SER A 131 -1.64 -1.35 17.45
N CYS A 132 -0.71 -1.08 16.61
CA CYS A 132 -1.04 -0.48 15.35
C CYS A 132 -1.11 -1.60 14.32
N TRP A 133 -2.14 -1.64 13.51
CA TRP A 133 -2.25 -2.74 12.60
C TRP A 133 -2.89 -2.30 11.30
N LEU A 134 -2.59 -3.00 10.24
CA LEU A 134 -3.18 -2.74 8.96
C LEU A 134 -4.58 -3.26 8.98
N HIS A 135 -5.50 -2.40 8.66
CA HIS A 135 -6.87 -2.75 8.71
C HIS A 135 -7.22 -3.52 7.45
N SER A 136 -6.90 -2.90 6.34
CA SER A 136 -7.22 -3.41 5.04
C SER A 136 -6.33 -2.66 4.09
N VAL A 137 -6.08 -3.16 2.92
CA VAL A 137 -5.35 -2.43 1.94
C VAL A 137 -5.97 -2.75 0.58
N LYS A 138 -6.11 -1.78 -0.24
CA LYS A 138 -6.72 -1.96 -1.52
C LYS A 138 -5.70 -1.75 -2.60
N PHE A 139 -5.73 -2.60 -3.56
CA PHE A 139 -4.89 -2.50 -4.72
C PHE A 139 -5.78 -2.54 -5.92
N ILE A 140 -5.69 -1.53 -6.71
CA ILE A 140 -6.49 -1.45 -7.89
C ILE A 140 -5.56 -1.20 -9.05
N MET A 141 -5.27 -2.25 -9.73
CA MET A 141 -4.29 -2.20 -10.78
C MET A 141 -4.93 -1.79 -12.06
N SER A 142 -4.19 -1.01 -12.83
CA SER A 142 -4.62 -0.50 -14.13
C SER A 142 -5.76 0.48 -13.94
N LYS A 143 -5.65 1.18 -12.85
CA LYS A 143 -6.55 2.17 -12.44
C LYS A 143 -6.43 3.38 -13.34
N ALA A 144 -7.52 3.77 -13.85
CA ALA A 144 -7.60 4.87 -14.73
C ALA A 144 -8.91 5.56 -14.53
N ALA A 145 -9.03 6.70 -15.10
CA ALA A 145 -10.21 7.47 -15.06
C ALA A 145 -10.61 7.71 -16.49
N PRO A 146 -11.88 8.02 -16.78
CA PRO A 146 -12.31 8.39 -18.12
C PRO A 146 -11.45 9.56 -18.61
N TYR A 147 -10.91 9.45 -19.82
CA TYR A 147 -10.00 10.46 -20.32
C TYR A 147 -10.68 11.82 -20.42
N VAL A 148 -9.97 12.82 -20.05
CA VAL A 148 -10.45 14.16 -20.12
C VAL A 148 -10.08 14.73 -21.47
N ALA A 149 -10.87 15.65 -21.96
CA ALA A 149 -10.64 16.24 -23.23
C ALA A 149 -11.07 17.68 -23.18
N ASP A 14 0.70 7.93 26.35
CA ASP A 14 2.16 7.81 26.26
C ASP A 14 2.61 7.68 24.85
N MET A 15 3.81 8.22 24.56
CA MET A 15 4.34 8.26 23.20
C MET A 15 4.86 6.91 22.74
N VAL A 16 4.60 5.88 23.50
CA VAL A 16 5.02 4.54 23.13
C VAL A 16 4.28 4.08 21.88
N THR A 17 3.00 4.41 21.80
CA THR A 17 2.20 4.10 20.63
C THR A 17 2.61 5.01 19.47
N ASP A 18 3.09 6.21 19.80
CA ASP A 18 3.53 7.16 18.80
C ASP A 18 4.80 6.69 18.15
N LEU A 19 5.74 6.25 18.98
CA LEU A 19 7.00 5.69 18.53
C LEU A 19 6.75 4.44 17.71
N ASP A 20 5.86 3.61 18.22
CA ASP A 20 5.53 2.34 17.58
C ASP A 20 4.95 2.54 16.20
N VAL A 21 4.06 3.50 16.05
CA VAL A 21 3.46 3.73 14.75
C VAL A 21 4.41 4.40 13.78
N LYS A 22 5.20 5.38 14.25
CA LYS A 22 6.10 6.06 13.33
C LYS A 22 7.24 5.14 12.98
N GLY A 23 7.57 4.22 13.88
CA GLY A 23 8.62 3.26 13.65
C GLY A 23 8.16 2.22 12.65
N LEU A 24 6.93 1.77 12.82
CA LEU A 24 6.33 0.80 11.94
C LEU A 24 6.17 1.41 10.56
N GLY A 25 5.59 2.60 10.54
CA GLY A 25 5.38 3.32 9.30
C GLY A 25 6.67 3.60 8.57
N TYR A 26 7.70 3.93 9.32
CA TYR A 26 9.00 4.18 8.73
C TYR A 26 9.59 2.89 8.18
N ASP A 27 9.46 1.81 8.93
CA ASP A 27 10.06 0.52 8.55
C ASP A 27 9.43 0.04 7.27
N PHE A 28 8.13 0.23 7.21
CA PHE A 28 7.27 -0.09 6.09
C PHE A 28 7.66 0.75 4.88
N ILE A 29 7.67 2.06 5.06
CA ILE A 29 8.00 2.96 3.96
C ILE A 29 9.45 2.77 3.51
N ASP A 30 10.32 2.43 4.45
CA ASP A 30 11.72 2.13 4.15
C ASP A 30 11.81 0.95 3.22
N LEU A 31 11.17 -0.14 3.58
CA LEU A 31 11.28 -1.34 2.78
C LEU A 31 10.52 -1.20 1.45
N VAL A 32 9.51 -0.34 1.43
CA VAL A 32 8.79 -0.04 0.21
C VAL A 32 9.69 0.79 -0.73
N THR A 33 10.64 1.51 -0.17
CA THR A 33 11.51 2.35 -0.96
C THR A 33 12.91 1.75 -1.03
N LYS A 34 13.01 0.49 -0.62
CA LYS A 34 14.27 -0.23 -0.61
C LYS A 34 14.83 -0.37 -2.03
N SER A 35 16.14 -0.38 -2.11
CA SER A 35 16.93 -0.40 -3.33
C SER A 35 16.51 -1.51 -4.33
N PRO A 36 16.56 -1.19 -5.66
CA PRO A 36 16.17 -2.11 -6.76
C PRO A 36 17.11 -3.29 -6.93
N ASP A 37 18.20 -3.27 -6.18
CA ASP A 37 19.19 -4.35 -6.18
C ASP A 37 18.55 -5.65 -5.68
N SER A 38 17.52 -5.50 -4.89
CA SER A 38 16.75 -6.62 -4.41
C SER A 38 15.75 -7.02 -5.51
N VAL A 39 15.06 -8.14 -5.32
CA VAL A 39 14.06 -8.62 -6.26
C VAL A 39 12.99 -7.55 -6.50
N ASN A 40 12.53 -6.96 -5.42
CA ASN A 40 11.47 -5.97 -5.44
C ASN A 40 11.18 -5.57 -4.01
N SER A 41 10.98 -4.29 -3.78
CA SER A 41 10.74 -3.73 -2.45
C SER A 41 9.44 -4.32 -1.83
N GLU A 42 8.55 -4.72 -2.71
CA GLU A 42 7.28 -5.32 -2.39
C GLU A 42 7.50 -6.67 -1.69
N HIS A 43 8.67 -7.27 -1.91
CA HIS A 43 9.03 -8.53 -1.26
C HIS A 43 9.17 -8.28 0.23
N GLU A 44 9.85 -7.22 0.56
CA GLU A 44 10.10 -6.87 1.91
C GLU A 44 8.80 -6.41 2.53
N LEU A 45 7.94 -5.82 1.70
CA LEU A 45 6.64 -5.41 2.15
C LEU A 45 5.77 -6.61 2.48
N ALA A 46 5.77 -7.60 1.59
CA ALA A 46 5.01 -8.82 1.80
C ALA A 46 5.51 -9.55 3.03
N HIS A 47 6.79 -9.44 3.26
CA HIS A 47 7.44 -10.05 4.41
C HIS A 47 7.07 -9.26 5.68
N PHE A 48 6.93 -7.95 5.53
CA PHE A 48 6.57 -7.04 6.61
C PHE A 48 5.17 -7.32 7.09
N LEU A 49 4.26 -7.41 6.15
CA LEU A 49 2.86 -7.60 6.43
C LEU A 49 2.54 -9.04 6.74
N GLY A 50 3.54 -9.90 6.64
CA GLY A 50 3.38 -11.33 6.95
C GLY A 50 2.55 -11.60 8.22
N PRO A 51 2.99 -11.11 9.39
CA PRO A 51 2.24 -11.26 10.63
C PRO A 51 1.10 -10.22 10.77
N HIS A 52 1.03 -9.28 9.84
CA HIS A 52 0.07 -8.16 9.94
C HIS A 52 -0.93 -8.22 8.80
N ASP A 53 -1.12 -9.40 8.21
CA ASP A 53 -1.91 -9.56 7.02
C ASP A 53 -3.39 -9.26 7.25
N PRO A 54 -3.94 -8.27 6.52
CA PRO A 54 -5.33 -7.85 6.61
C PRO A 54 -6.17 -8.34 5.41
N GLU A 55 -7.17 -7.57 5.04
CA GLU A 55 -7.93 -7.83 3.83
C GLU A 55 -7.23 -7.17 2.70
N ILE A 56 -6.94 -7.92 1.68
CA ILE A 56 -6.20 -7.40 0.58
C ILE A 56 -7.16 -7.26 -0.56
N TYR A 57 -7.45 -6.09 -0.95
CA TYR A 57 -8.38 -5.88 -2.01
C TYR A 57 -7.65 -5.65 -3.27
N VAL A 58 -8.09 -6.27 -4.30
CA VAL A 58 -7.49 -6.10 -5.59
C VAL A 58 -8.58 -5.90 -6.60
N ASN A 59 -8.60 -4.71 -7.15
CA ASN A 59 -9.56 -4.25 -8.17
C ASN A 59 -10.99 -4.28 -7.66
N GLY A 60 -11.13 -4.19 -6.35
CA GLY A 60 -12.45 -4.20 -5.75
C GLY A 60 -12.84 -5.57 -5.23
N LYS A 61 -11.95 -6.53 -5.34
CA LYS A 61 -12.22 -7.87 -4.88
C LYS A 61 -11.35 -8.22 -3.73
N ILE A 62 -11.95 -8.80 -2.73
CA ILE A 62 -11.25 -9.19 -1.53
C ILE A 62 -10.38 -10.42 -1.84
N GLN A 63 -9.14 -10.32 -1.50
CA GLN A 63 -8.16 -11.33 -1.68
C GLN A 63 -7.59 -11.66 -0.31
N THR A 64 -7.28 -12.91 -0.11
CA THR A 64 -6.66 -13.32 1.11
C THR A 64 -5.13 -13.29 0.89
N THR A 65 -4.36 -13.51 1.95
CA THR A 65 -2.90 -13.44 1.89
C THR A 65 -2.34 -14.44 0.87
N THR A 66 -3.02 -15.56 0.72
CA THR A 66 -2.65 -16.59 -0.22
C THR A 66 -2.67 -16.01 -1.66
N ALA A 67 -3.80 -15.40 -2.01
CA ALA A 67 -4.01 -14.81 -3.33
C ALA A 67 -3.02 -13.70 -3.57
N PHE A 68 -2.90 -12.79 -2.60
CA PHE A 68 -1.95 -11.68 -2.67
C PHE A 68 -0.56 -12.17 -2.94
N LEU A 69 -0.10 -13.09 -2.11
CA LEU A 69 1.21 -13.70 -2.27
C LEU A 69 1.40 -14.28 -3.67
N GLN A 70 0.39 -14.99 -4.16
CA GLN A 70 0.40 -15.51 -5.50
C GLN A 70 0.58 -14.39 -6.53
N PHE A 71 -0.26 -13.37 -6.44
CA PHE A 71 -0.21 -12.25 -7.39
C PHE A 71 1.13 -11.53 -7.31
N PHE A 72 1.62 -11.36 -6.11
CA PHE A 72 2.91 -10.75 -5.85
C PHE A 72 4.03 -11.53 -6.56
N ARG A 73 4.05 -12.84 -6.34
CA ARG A 73 5.11 -13.67 -6.88
C ARG A 73 4.96 -13.86 -8.38
N GLN A 74 3.77 -13.61 -8.89
CA GLN A 74 3.56 -13.66 -10.32
C GLN A 74 3.89 -12.33 -11.00
N GLY A 75 4.07 -11.26 -10.21
CA GLY A 75 4.39 -9.98 -10.78
C GLY A 75 3.17 -9.19 -11.17
N LEU A 76 2.17 -9.22 -10.32
CA LEU A 76 0.96 -8.46 -10.54
C LEU A 76 1.08 -7.06 -9.97
N PHE A 77 1.77 -6.93 -8.85
CA PHE A 77 1.84 -5.65 -8.18
C PHE A 77 3.22 -5.02 -8.31
N LYS A 78 4.15 -5.72 -8.95
CA LYS A 78 5.58 -5.36 -8.88
C LYS A 78 5.95 -3.97 -9.42
N LYS A 79 5.03 -3.35 -10.11
CA LYS A 79 5.18 -1.98 -10.57
C LYS A 79 5.14 -0.99 -9.38
N LEU A 80 4.71 -1.48 -8.21
CA LEU A 80 4.59 -0.70 -6.97
C LEU A 80 5.96 -0.16 -6.52
N LYS A 81 7.02 -0.88 -6.91
CA LYS A 81 8.40 -0.48 -6.59
C LYS A 81 8.70 0.93 -7.07
N ASP A 82 8.09 1.30 -8.16
CA ASP A 82 8.38 2.56 -8.82
C ASP A 82 7.26 3.55 -8.59
N ALA A 83 6.41 3.26 -7.65
CA ALA A 83 5.27 4.10 -7.38
C ALA A 83 5.60 5.27 -6.46
N GLU A 84 4.83 6.33 -6.58
CA GLU A 84 4.93 7.50 -5.72
C GLU A 84 4.02 7.27 -4.52
N PHE A 85 4.34 7.80 -3.36
CA PHE A 85 3.51 7.54 -2.19
C PHE A 85 2.89 8.81 -1.64
N ALA A 86 1.64 8.73 -1.31
CA ALA A 86 0.95 9.81 -0.68
C ALA A 86 1.01 9.61 0.83
N ILE A 87 1.75 10.46 1.48
CA ILE A 87 1.96 10.36 2.91
C ILE A 87 0.80 11.00 3.69
N ASN A 88 -0.07 10.17 4.22
CA ASN A 88 -1.18 10.63 5.04
C ASN A 88 -1.03 10.11 6.45
N VAL A 89 -0.36 10.86 7.28
CA VAL A 89 -0.19 10.53 8.67
C VAL A 89 -1.11 11.42 9.49
N SER A 90 -1.59 10.92 10.61
CA SER A 90 -2.46 11.67 11.46
C SER A 90 -1.75 12.89 12.05
N GLY A 91 -0.64 12.65 12.70
CA GLY A 91 0.15 13.69 13.27
C GLY A 91 0.67 13.24 14.59
N LYS A 92 0.62 14.10 15.57
CA LYS A 92 1.07 13.77 16.91
C LYS A 92 -0.12 13.48 17.81
N VAL A 93 -1.26 13.35 17.20
CA VAL A 93 -2.48 12.99 17.89
C VAL A 93 -2.47 11.47 18.07
N LYS A 94 -2.90 11.00 19.21
CA LYS A 94 -2.99 9.58 19.44
C LYS A 94 -4.36 9.28 20.01
N GLU A 95 -5.23 8.77 19.19
CA GLU A 95 -6.58 8.43 19.62
C GLU A 95 -7.02 7.07 19.08
N GLY A 96 -6.53 6.73 17.92
CA GLY A 96 -6.92 5.51 17.27
C GLY A 96 -7.33 5.81 15.84
N GLU A 97 -6.51 6.59 15.18
CA GLU A 97 -6.77 7.08 13.84
C GLU A 97 -6.42 6.02 12.79
N GLY A 98 -6.72 6.34 11.55
CA GLY A 98 -6.39 5.46 10.46
C GLY A 98 -5.41 6.14 9.50
N TYR A 99 -4.51 5.37 8.94
CA TYR A 99 -3.54 5.88 8.01
C TYR A 99 -3.88 5.34 6.66
N LYS A 100 -3.75 6.16 5.67
CA LYS A 100 -4.08 5.79 4.32
C LYS A 100 -2.94 6.17 3.41
N LEU A 101 -2.15 5.20 3.06
CA LEU A 101 -1.00 5.44 2.25
C LEU A 101 -1.25 4.88 0.87
N VAL A 102 -1.36 5.77 -0.09
CA VAL A 102 -1.64 5.36 -1.44
C VAL A 102 -0.48 5.64 -2.37
N TRP A 103 -0.12 4.64 -3.09
CA TRP A 103 0.89 4.69 -4.09
C TRP A 103 0.26 4.77 -5.42
N LYS A 104 0.85 5.52 -6.27
CA LYS A 104 0.41 5.64 -7.61
C LYS A 104 1.52 5.18 -8.49
N SER A 105 1.22 4.27 -9.31
CA SER A 105 2.15 3.65 -10.19
C SER A 105 2.40 4.56 -11.42
N ALA A 106 2.98 3.99 -12.44
CA ALA A 106 3.37 4.73 -13.61
C ALA A 106 2.18 5.12 -14.47
N ALA A 107 2.32 6.21 -15.19
CA ALA A 107 1.34 6.60 -16.15
C ALA A 107 1.52 5.73 -17.36
N GLN A 108 0.62 4.85 -17.57
CA GLN A 108 0.70 3.92 -18.63
C GLN A 108 -0.08 4.41 -19.83
N ARG A 109 0.50 4.17 -20.99
CA ARG A 109 0.10 4.79 -22.26
C ARG A 109 -1.32 4.53 -22.70
N SER A 110 -2.03 5.61 -22.84
CA SER A 110 -3.36 5.66 -23.34
C SER A 110 -3.51 7.07 -23.93
N HIS A 111 -3.51 7.13 -25.24
CA HIS A 111 -3.41 8.38 -26.00
C HIS A 111 -4.71 9.20 -26.05
N ASP A 112 -5.66 8.86 -25.24
CA ASP A 112 -6.97 9.51 -25.29
C ASP A 112 -7.07 10.69 -24.33
N GLN A 113 -5.92 11.17 -23.86
CA GLN A 113 -5.82 12.27 -22.85
C GLN A 113 -6.25 11.73 -21.47
N LYS A 114 -6.33 10.44 -21.38
CA LYS A 114 -6.58 9.80 -20.14
C LYS A 114 -5.60 8.69 -20.02
N ILE A 115 -4.81 8.76 -19.02
CA ILE A 115 -3.80 7.76 -18.76
C ILE A 115 -4.35 6.75 -17.81
N ARG A 116 -3.65 5.67 -17.66
CA ARG A 116 -4.04 4.70 -16.70
C ARG A 116 -2.87 4.46 -15.80
N TRP A 117 -3.13 4.38 -14.56
CA TRP A 117 -2.13 4.16 -13.57
C TRP A 117 -2.65 3.12 -12.63
N ASP A 118 -1.84 2.68 -11.75
CA ASP A 118 -2.28 1.69 -10.78
C ASP A 118 -2.19 2.36 -9.45
N GLU A 119 -3.14 2.14 -8.62
CA GLU A 119 -3.07 2.69 -7.27
C GLU A 119 -3.06 1.61 -6.25
N ALA A 120 -2.33 1.83 -5.21
CA ALA A 120 -2.24 0.91 -4.13
C ALA A 120 -2.42 1.67 -2.86
N GLU A 121 -3.44 1.38 -2.13
CA GLU A 121 -3.71 2.12 -0.94
C GLU A 121 -3.85 1.21 0.27
N ALA A 122 -2.92 1.35 1.16
CA ALA A 122 -2.88 0.59 2.37
C ALA A 122 -3.53 1.38 3.50
N TYR A 123 -4.45 0.74 4.18
CA TYR A 123 -5.17 1.32 5.28
C TYR A 123 -4.71 0.65 6.57
N ILE A 124 -4.13 1.40 7.44
CA ILE A 124 -3.69 0.92 8.74
C ILE A 124 -4.52 1.63 9.78
N TRP A 125 -4.74 1.04 10.91
CA TRP A 125 -5.45 1.74 11.92
C TRP A 125 -4.77 1.51 13.25
N ARG A 126 -4.88 2.47 14.11
CA ARG A 126 -4.43 2.33 15.44
C ARG A 126 -5.42 1.51 16.17
N ARG A 127 -4.98 0.36 16.53
CA ARG A 127 -5.78 -0.62 17.14
C ARG A 127 -6.06 -0.19 18.56
N LYS A 128 -7.31 -0.26 18.98
CA LYS A 128 -7.76 0.22 20.29
C LYS A 128 -7.09 -0.52 21.44
N ASP A 129 -6.50 -1.64 21.11
CA ASP A 129 -5.68 -2.43 22.03
C ASP A 129 -4.41 -1.65 22.45
N GLY A 130 -4.08 -0.61 21.71
CA GLY A 130 -2.91 0.20 22.00
C GLY A 130 -1.84 0.01 20.97
N SER A 131 -2.08 -0.93 20.09
CA SER A 131 -1.17 -1.28 19.06
C SER A 131 -1.57 -0.64 17.74
N CYS A 132 -0.92 -1.00 16.70
CA CYS A 132 -1.26 -0.57 15.38
C CYS A 132 -1.22 -1.77 14.48
N TRP A 133 -2.10 -1.84 13.50
CA TRP A 133 -2.13 -3.00 12.66
C TRP A 133 -2.73 -2.61 11.32
N LEU A 134 -2.41 -3.36 10.29
CA LEU A 134 -2.97 -3.11 8.98
C LEU A 134 -4.43 -3.48 8.98
N HIS A 135 -5.25 -2.57 8.54
CA HIS A 135 -6.67 -2.77 8.57
C HIS A 135 -7.09 -3.48 7.30
N SER A 136 -6.59 -2.99 6.19
CA SER A 136 -6.92 -3.50 4.88
C SER A 136 -6.07 -2.78 3.87
N VAL A 137 -5.76 -3.38 2.77
CA VAL A 137 -5.02 -2.67 1.74
C VAL A 137 -5.73 -2.93 0.43
N LYS A 138 -5.64 -2.02 -0.48
CA LYS A 138 -6.33 -2.16 -1.74
C LYS A 138 -5.38 -1.88 -2.89
N PHE A 139 -5.39 -2.73 -3.87
CA PHE A 139 -4.63 -2.54 -5.06
C PHE A 139 -5.59 -2.43 -6.19
N ILE A 140 -5.47 -1.41 -6.96
CA ILE A 140 -6.32 -1.21 -8.09
C ILE A 140 -5.48 -0.95 -9.29
N MET A 141 -5.30 -1.98 -10.04
CA MET A 141 -4.43 -1.94 -11.18
C MET A 141 -5.20 -1.53 -12.39
N SER A 142 -4.69 -0.52 -13.04
CA SER A 142 -5.24 0.02 -14.26
C SER A 142 -6.50 0.83 -13.95
N LYS A 143 -6.28 1.97 -13.40
CA LYS A 143 -7.29 2.92 -13.07
C LYS A 143 -7.09 4.15 -13.94
N ALA A 144 -8.14 4.65 -14.48
CA ALA A 144 -8.07 5.81 -15.34
C ALA A 144 -9.15 6.78 -14.96
N ALA A 145 -8.85 8.04 -15.04
CA ALA A 145 -9.82 9.07 -14.76
C ALA A 145 -10.33 9.63 -16.06
N PRO A 146 -11.66 9.72 -16.23
CA PRO A 146 -12.26 10.32 -17.41
C PRO A 146 -11.84 11.78 -17.58
N TYR A 147 -11.44 12.12 -18.77
CA TYR A 147 -11.03 13.45 -19.09
C TYR A 147 -12.23 14.20 -19.63
N VAL A 148 -12.12 15.50 -19.75
CA VAL A 148 -13.18 16.27 -20.37
C VAL A 148 -12.55 17.25 -21.32
N ALA A 149 -12.57 16.90 -22.57
CA ALA A 149 -12.01 17.70 -23.62
C ALA A 149 -12.72 17.37 -24.90
N ASP A 14 6.00 9.04 20.61
CA ASP A 14 5.66 9.43 21.99
C ASP A 14 5.28 8.22 22.86
N MET A 15 4.05 7.71 22.75
CA MET A 15 3.63 6.52 23.51
C MET A 15 4.40 5.29 23.06
N VAL A 16 4.41 4.26 23.87
CA VAL A 16 5.09 2.99 23.55
C VAL A 16 4.43 2.37 22.33
N THR A 17 3.11 2.41 22.33
CA THR A 17 2.33 1.91 21.22
C THR A 17 2.64 2.70 19.97
N ASP A 18 2.73 4.00 20.14
CA ASP A 18 3.05 4.95 19.07
C ASP A 18 4.48 4.76 18.56
N LEU A 19 5.37 4.41 19.47
CA LEU A 19 6.74 4.12 19.13
C LEU A 19 6.77 2.86 18.28
N ASP A 20 5.88 1.95 18.60
CA ASP A 20 5.76 0.70 17.86
C ASP A 20 5.19 0.97 16.49
N VAL A 21 4.24 1.90 16.44
CA VAL A 21 3.61 2.35 15.19
C VAL A 21 4.65 2.92 14.26
N LYS A 22 5.38 3.92 14.73
CA LYS A 22 6.40 4.55 13.91
C LYS A 22 7.53 3.58 13.60
N GLY A 23 7.72 2.59 14.46
CA GLY A 23 8.69 1.56 14.21
C GLY A 23 8.30 0.69 13.03
N LEU A 24 7.05 0.20 13.03
CA LEU A 24 6.59 -0.65 11.94
C LEU A 24 6.44 0.21 10.69
N GLY A 25 5.98 1.44 10.89
CA GLY A 25 5.79 2.38 9.81
C GLY A 25 7.08 2.70 9.12
N TYR A 26 8.15 2.87 9.90
CA TYR A 26 9.42 3.14 9.33
C TYR A 26 9.92 1.94 8.59
N ASP A 27 9.82 0.75 9.19
CA ASP A 27 10.31 -0.47 8.53
C ASP A 27 9.53 -0.72 7.25
N PHE A 28 8.22 -0.49 7.30
CA PHE A 28 7.34 -0.65 6.16
C PHE A 28 7.76 0.29 5.04
N ILE A 29 7.88 1.56 5.36
CA ILE A 29 8.28 2.53 4.38
C ILE A 29 9.71 2.32 3.90
N ASP A 30 10.58 1.89 4.80
CA ASP A 30 11.96 1.57 4.46
C ASP A 30 12.01 0.43 3.50
N LEU A 31 11.24 -0.61 3.75
CA LEU A 31 11.28 -1.74 2.89
C LEU A 31 10.64 -1.42 1.54
N VAL A 32 9.70 -0.50 1.54
CA VAL A 32 9.12 0.00 0.31
C VAL A 32 10.14 0.87 -0.46
N THR A 33 11.09 1.44 0.26
CA THR A 33 12.04 2.34 -0.34
C THR A 33 13.41 1.68 -0.46
N LYS A 34 13.43 0.34 -0.37
CA LYS A 34 14.64 -0.42 -0.55
C LYS A 34 15.33 -0.06 -1.86
N SER A 35 16.63 0.03 -1.80
CA SER A 35 17.46 0.33 -2.93
C SER A 35 17.36 -0.81 -3.96
N PRO A 36 17.70 -0.55 -5.26
CA PRO A 36 17.65 -1.58 -6.34
C PRO A 36 18.59 -2.75 -6.06
N ASP A 37 19.43 -2.54 -5.07
CA ASP A 37 20.36 -3.55 -4.57
C ASP A 37 19.60 -4.70 -3.88
N SER A 38 18.42 -4.40 -3.39
CA SER A 38 17.60 -5.40 -2.75
C SER A 38 16.85 -6.14 -3.86
N VAL A 39 16.16 -7.21 -3.52
CA VAL A 39 15.46 -8.00 -4.53
C VAL A 39 14.22 -7.28 -5.02
N ASN A 40 13.36 -6.91 -4.10
CA ASN A 40 12.07 -6.34 -4.44
C ASN A 40 11.39 -5.81 -3.18
N SER A 41 10.99 -4.57 -3.22
CA SER A 41 10.34 -3.91 -2.12
C SER A 41 9.02 -4.60 -1.74
N GLU A 42 8.28 -5.04 -2.75
CA GLU A 42 7.03 -5.75 -2.55
C GLU A 42 7.30 -7.11 -1.90
N HIS A 43 8.53 -7.61 -2.01
CA HIS A 43 8.91 -8.89 -1.43
C HIS A 43 9.01 -8.71 0.06
N GLU A 44 9.72 -7.67 0.44
CA GLU A 44 9.91 -7.33 1.81
C GLU A 44 8.59 -6.97 2.44
N LEU A 45 7.72 -6.33 1.67
CA LEU A 45 6.41 -5.97 2.13
C LEU A 45 5.58 -7.21 2.40
N ALA A 46 5.65 -8.18 1.48
CA ALA A 46 4.94 -9.43 1.63
C ALA A 46 5.43 -10.18 2.86
N HIS A 47 6.69 -10.01 3.16
CA HIS A 47 7.29 -10.62 4.33
C HIS A 47 6.84 -9.86 5.60
N PHE A 48 6.70 -8.55 5.49
CA PHE A 48 6.32 -7.68 6.58
C PHE A 48 4.89 -7.95 7.00
N LEU A 49 4.03 -8.13 6.02
CA LEU A 49 2.62 -8.33 6.27
C LEU A 49 2.32 -9.75 6.70
N GLY A 50 3.32 -10.62 6.62
CA GLY A 50 3.18 -12.02 7.03
C GLY A 50 2.50 -12.22 8.40
N PRO A 51 3.00 -11.60 9.49
CA PRO A 51 2.36 -11.65 10.80
C PRO A 51 1.15 -10.68 10.91
N HIS A 52 0.92 -9.90 9.86
CA HIS A 52 -0.01 -8.79 9.93
C HIS A 52 -1.00 -8.86 8.77
N ASP A 53 -1.26 -10.08 8.29
CA ASP A 53 -2.12 -10.33 7.11
C ASP A 53 -3.50 -9.71 7.29
N PRO A 54 -3.85 -8.72 6.45
CA PRO A 54 -5.17 -8.10 6.45
C PRO A 54 -5.99 -8.49 5.19
N GLU A 55 -6.98 -7.68 4.84
CA GLU A 55 -7.75 -7.90 3.62
C GLU A 55 -7.03 -7.21 2.50
N ILE A 56 -6.76 -7.94 1.46
CA ILE A 56 -6.03 -7.38 0.35
C ILE A 56 -6.97 -7.30 -0.84
N TYR A 57 -7.38 -6.14 -1.19
CA TYR A 57 -8.30 -5.95 -2.28
C TYR A 57 -7.54 -5.77 -3.55
N VAL A 58 -7.96 -6.41 -4.60
CA VAL A 58 -7.36 -6.19 -5.87
C VAL A 58 -8.45 -5.85 -6.83
N ASN A 59 -8.38 -4.65 -7.37
CA ASN A 59 -9.32 -4.13 -8.35
C ASN A 59 -10.73 -4.03 -7.75
N GLY A 60 -10.78 -4.00 -6.42
CA GLY A 60 -12.04 -3.92 -5.71
C GLY A 60 -12.49 -5.28 -5.19
N LYS A 61 -11.77 -6.33 -5.54
CA LYS A 61 -12.13 -7.66 -5.15
C LYS A 61 -11.30 -8.07 -3.98
N ILE A 62 -11.95 -8.49 -2.92
CA ILE A 62 -11.26 -8.84 -1.70
C ILE A 62 -10.47 -10.16 -1.91
N GLN A 63 -9.21 -10.13 -1.62
CA GLN A 63 -8.36 -11.27 -1.74
C GLN A 63 -7.73 -11.57 -0.41
N THR A 64 -7.41 -12.81 -0.21
CA THR A 64 -6.73 -13.24 0.97
C THR A 64 -5.21 -13.11 0.73
N THR A 65 -4.43 -13.26 1.78
CA THR A 65 -2.99 -13.14 1.72
C THR A 65 -2.39 -14.16 0.72
N THR A 66 -3.01 -15.34 0.62
CA THR A 66 -2.58 -16.37 -0.30
C THR A 66 -2.67 -15.86 -1.75
N ALA A 67 -3.84 -15.29 -2.07
CA ALA A 67 -4.12 -14.75 -3.38
C ALA A 67 -3.15 -13.63 -3.70
N PHE A 68 -3.00 -12.68 -2.76
CA PHE A 68 -2.04 -11.58 -2.89
C PHE A 68 -0.67 -12.11 -3.23
N LEU A 69 -0.19 -13.00 -2.38
CA LEU A 69 1.09 -13.67 -2.60
C LEU A 69 1.23 -14.25 -3.96
N GLN A 70 0.22 -14.96 -4.39
CA GLN A 70 0.17 -15.50 -5.71
C GLN A 70 0.36 -14.42 -6.78
N PHE A 71 -0.43 -13.34 -6.70
CA PHE A 71 -0.34 -12.26 -7.70
C PHE A 71 1.02 -11.56 -7.62
N PHE A 72 1.51 -11.42 -6.41
CA PHE A 72 2.80 -10.85 -6.13
C PHE A 72 3.91 -11.67 -6.76
N ARG A 73 3.93 -12.95 -6.46
CA ARG A 73 5.01 -13.81 -6.90
C ARG A 73 4.91 -14.12 -8.39
N GLN A 74 3.71 -13.90 -8.96
CA GLN A 74 3.54 -13.98 -10.40
C GLN A 74 4.11 -12.74 -11.09
N GLY A 75 4.38 -11.71 -10.32
CA GLY A 75 5.00 -10.54 -10.86
C GLY A 75 4.01 -9.43 -11.18
N LEU A 76 2.82 -9.50 -10.63
CA LEU A 76 1.83 -8.48 -10.94
C LEU A 76 2.10 -7.17 -10.21
N PHE A 77 2.42 -7.28 -8.93
CA PHE A 77 2.59 -6.07 -8.11
C PHE A 77 4.01 -5.53 -8.11
N LYS A 78 4.93 -6.25 -8.73
CA LYS A 78 6.37 -5.86 -8.70
C LYS A 78 6.68 -4.51 -9.38
N LYS A 79 5.72 -3.99 -10.12
CA LYS A 79 5.88 -2.72 -10.78
C LYS A 79 5.64 -1.55 -9.82
N LEU A 80 5.11 -1.87 -8.63
CA LEU A 80 4.76 -0.87 -7.64
C LEU A 80 5.98 -0.31 -6.94
N LYS A 81 7.09 -1.00 -7.08
CA LYS A 81 8.39 -0.55 -6.57
C LYS A 81 8.73 0.88 -7.06
N ASP A 82 8.26 1.22 -8.25
CA ASP A 82 8.55 2.53 -8.82
C ASP A 82 7.41 3.50 -8.62
N ALA A 83 6.42 3.12 -7.84
CA ALA A 83 5.24 3.93 -7.64
C ALA A 83 5.55 5.15 -6.79
N GLU A 84 4.86 6.21 -7.07
CA GLU A 84 5.06 7.47 -6.43
C GLU A 84 4.24 7.60 -5.17
N PHE A 85 4.94 7.71 -4.07
CA PHE A 85 4.33 8.05 -2.82
C PHE A 85 4.65 9.52 -2.59
N ALA A 86 3.89 10.16 -1.77
CA ALA A 86 4.03 11.57 -1.52
C ALA A 86 3.33 11.88 -0.23
N ILE A 87 2.83 13.08 -0.07
CA ILE A 87 2.05 13.40 1.08
C ILE A 87 0.63 12.83 0.90
N ASN A 88 0.48 11.62 1.35
CA ASN A 88 -0.76 10.91 1.25
C ASN A 88 -1.68 11.39 2.32
N VAL A 89 -2.85 11.83 1.94
CA VAL A 89 -3.79 12.39 2.88
C VAL A 89 -4.51 11.31 3.66
N SER A 90 -4.69 11.55 4.92
CA SER A 90 -5.35 10.67 5.83
C SER A 90 -5.99 11.54 6.91
N GLY A 91 -6.60 10.95 7.90
CA GLY A 91 -7.24 11.75 8.90
C GLY A 91 -7.25 11.08 10.23
N LYS A 92 -7.10 11.86 11.28
CA LYS A 92 -7.17 11.31 12.59
C LYS A 92 -8.54 11.44 13.16
N VAL A 93 -9.07 10.33 13.53
CA VAL A 93 -10.37 10.24 14.11
C VAL A 93 -10.17 9.86 15.56
N LYS A 94 -11.10 10.24 16.42
CA LYS A 94 -11.05 9.93 17.85
C LYS A 94 -11.26 8.43 18.08
N GLU A 95 -11.68 7.75 17.05
CA GLU A 95 -11.94 6.35 17.14
C GLU A 95 -11.40 5.65 15.90
N GLY A 96 -10.18 5.20 16.00
CA GLY A 96 -9.56 4.47 14.91
C GLY A 96 -9.14 5.36 13.76
N GLU A 97 -8.11 6.17 13.99
CA GLU A 97 -7.57 7.02 12.92
C GLU A 97 -6.98 6.15 11.82
N GLY A 98 -7.19 6.54 10.59
CA GLY A 98 -6.78 5.70 9.50
C GLY A 98 -5.77 6.35 8.61
N TYR A 99 -4.80 5.58 8.21
CA TYR A 99 -3.77 6.04 7.33
C TYR A 99 -3.98 5.41 5.98
N LYS A 100 -3.99 6.23 4.96
CA LYS A 100 -4.12 5.79 3.59
C LYS A 100 -2.78 5.96 2.91
N LEU A 101 -2.04 4.90 2.81
CA LEU A 101 -0.75 4.94 2.15
C LEU A 101 -0.95 4.57 0.71
N VAL A 102 -0.99 5.54 -0.14
CA VAL A 102 -1.27 5.26 -1.52
C VAL A 102 -0.12 5.61 -2.47
N TRP A 103 0.31 4.60 -3.16
CA TRP A 103 1.34 4.68 -4.15
C TRP A 103 0.68 4.68 -5.50
N LYS A 104 1.05 5.60 -6.33
CA LYS A 104 0.49 5.70 -7.66
C LYS A 104 1.59 5.43 -8.65
N SER A 105 1.41 4.50 -9.54
CA SER A 105 2.44 4.19 -10.51
C SER A 105 2.45 5.23 -11.64
N ALA A 106 3.34 5.04 -12.61
CA ALA A 106 3.46 5.94 -13.76
C ALA A 106 2.15 6.06 -14.49
N ALA A 107 1.89 7.21 -15.01
CA ALA A 107 0.66 7.49 -15.69
C ALA A 107 0.86 7.33 -17.19
N GLN A 108 0.01 6.54 -17.81
CA GLN A 108 0.10 6.28 -19.22
C GLN A 108 -1.10 6.84 -19.90
N ARG A 109 -0.87 7.62 -20.90
CA ARG A 109 -1.91 8.33 -21.60
C ARG A 109 -2.57 7.43 -22.63
N SER A 110 -3.73 7.01 -22.31
CA SER A 110 -4.51 6.17 -23.16
C SER A 110 -5.09 7.01 -24.31
N HIS A 111 -5.38 6.37 -25.41
CA HIS A 111 -5.83 7.03 -26.65
C HIS A 111 -7.18 7.72 -26.52
N ASP A 112 -7.85 7.53 -25.40
CA ASP A 112 -9.17 8.13 -25.15
C ASP A 112 -8.98 9.51 -24.55
N GLN A 113 -7.71 9.90 -24.37
CA GLN A 113 -7.29 11.16 -23.72
C GLN A 113 -7.43 11.01 -22.19
N LYS A 114 -7.66 9.76 -21.77
CA LYS A 114 -7.72 9.44 -20.36
C LYS A 114 -6.37 8.90 -19.98
N ILE A 115 -6.04 8.93 -18.75
CA ILE A 115 -4.76 8.45 -18.33
C ILE A 115 -4.96 7.32 -17.35
N ARG A 116 -4.17 6.27 -17.47
CA ARG A 116 -4.27 5.15 -16.58
C ARG A 116 -2.99 4.96 -15.81
N TRP A 117 -3.14 4.51 -14.60
CA TRP A 117 -2.07 4.25 -13.69
C TRP A 117 -2.56 3.15 -12.75
N ASP A 118 -1.74 2.66 -11.90
CA ASP A 118 -2.18 1.65 -10.95
C ASP A 118 -2.03 2.26 -9.60
N GLU A 119 -2.98 2.05 -8.76
CA GLU A 119 -2.89 2.61 -7.43
C GLU A 119 -2.83 1.54 -6.40
N ALA A 120 -2.04 1.76 -5.42
CA ALA A 120 -1.92 0.85 -4.32
C ALA A 120 -2.12 1.64 -3.06
N GLU A 121 -3.14 1.32 -2.33
CA GLU A 121 -3.46 2.04 -1.14
C GLU A 121 -3.58 1.10 0.04
N ALA A 122 -2.68 1.26 0.98
CA ALA A 122 -2.68 0.48 2.16
C ALA A 122 -3.40 1.23 3.27
N TYR A 123 -4.24 0.53 3.97
CA TYR A 123 -5.07 1.10 5.00
C TYR A 123 -4.63 0.59 6.33
N ILE A 124 -4.21 1.47 7.17
CA ILE A 124 -3.81 1.11 8.53
C ILE A 124 -4.71 1.89 9.47
N TRP A 125 -4.98 1.37 10.64
CA TRP A 125 -5.70 2.14 11.59
C TRP A 125 -5.06 2.03 12.94
N ARG A 126 -5.12 3.12 13.67
CA ARG A 126 -4.65 3.16 15.00
C ARG A 126 -5.78 2.84 15.91
N ARG A 127 -5.65 1.73 16.54
CA ARG A 127 -6.63 1.24 17.44
C ARG A 127 -6.66 2.08 18.69
N LYS A 128 -7.76 2.04 19.41
CA LYS A 128 -7.87 2.75 20.69
C LYS A 128 -6.97 2.07 21.71
N ASP A 129 -6.56 0.86 21.35
CA ASP A 129 -5.57 0.08 22.07
C ASP A 129 -4.21 0.78 21.97
N GLY A 130 -4.10 1.69 21.00
CA GLY A 130 -2.89 2.48 20.83
C GLY A 130 -2.02 1.91 19.73
N SER A 131 -2.20 0.64 19.50
CA SER A 131 -1.46 -0.06 18.53
C SER A 131 -2.13 0.01 17.18
N CYS A 132 -1.36 0.29 16.19
CA CYS A 132 -1.82 0.32 14.82
C CYS A 132 -1.66 -1.02 14.19
N TRP A 133 -2.51 -1.32 13.25
CA TRP A 133 -2.46 -2.54 12.53
C TRP A 133 -3.03 -2.29 11.15
N LEU A 134 -2.64 -3.11 10.21
CA LEU A 134 -3.08 -3.03 8.85
C LEU A 134 -4.57 -3.35 8.83
N HIS A 135 -5.34 -2.40 8.40
CA HIS A 135 -6.74 -2.55 8.33
C HIS A 135 -7.02 -3.40 7.13
N SER A 136 -6.54 -2.95 6.02
CA SER A 136 -6.69 -3.63 4.75
C SER A 136 -5.75 -2.96 3.78
N VAL A 137 -5.66 -3.46 2.61
CA VAL A 137 -4.85 -2.87 1.58
C VAL A 137 -5.62 -3.06 0.29
N LYS A 138 -5.54 -2.12 -0.59
CA LYS A 138 -6.20 -2.24 -1.85
C LYS A 138 -5.24 -1.93 -2.97
N PHE A 139 -5.22 -2.78 -3.92
CA PHE A 139 -4.45 -2.60 -5.10
C PHE A 139 -5.41 -2.48 -6.23
N ILE A 140 -5.28 -1.46 -7.00
CA ILE A 140 -6.16 -1.26 -8.12
C ILE A 140 -5.32 -1.04 -9.33
N MET A 141 -5.14 -2.07 -10.07
CA MET A 141 -4.31 -2.04 -11.20
C MET A 141 -5.12 -1.72 -12.40
N SER A 142 -4.69 -0.68 -13.07
CA SER A 142 -5.34 -0.12 -14.24
C SER A 142 -6.52 0.75 -13.81
N LYS A 143 -6.16 1.79 -13.10
CA LYS A 143 -7.05 2.79 -12.62
C LYS A 143 -6.97 3.94 -13.59
N ALA A 144 -8.06 4.49 -13.95
CA ALA A 144 -8.05 5.53 -14.94
C ALA A 144 -8.95 6.66 -14.54
N ALA A 145 -8.51 7.84 -14.86
CA ALA A 145 -9.31 9.02 -14.70
C ALA A 145 -9.92 9.32 -16.05
N PRO A 146 -11.28 9.35 -16.14
CA PRO A 146 -11.97 9.64 -17.38
C PRO A 146 -11.55 10.97 -17.96
N TYR A 147 -11.42 11.00 -19.27
CA TYR A 147 -11.02 12.17 -19.99
C TYR A 147 -12.02 13.29 -19.77
N VAL A 148 -11.54 14.49 -19.70
CA VAL A 148 -12.41 15.61 -19.52
C VAL A 148 -13.04 16.01 -20.84
N ALA A 149 -14.34 16.14 -20.84
CA ALA A 149 -15.07 16.56 -21.99
C ALA A 149 -16.30 17.25 -21.51
N ASP A 14 9.96 7.84 26.75
CA ASP A 14 9.44 7.44 25.44
C ASP A 14 8.28 6.49 25.67
N MET A 15 7.57 6.21 24.64
CA MET A 15 6.42 5.34 24.72
C MET A 15 6.72 4.10 23.90
N VAL A 16 6.74 2.94 24.54
CA VAL A 16 7.14 1.68 23.88
C VAL A 16 6.28 1.35 22.65
N THR A 17 4.98 1.49 22.77
CA THR A 17 4.08 1.20 21.66
C THR A 17 4.30 2.18 20.52
N ASP A 18 4.50 3.43 20.88
CA ASP A 18 4.77 4.50 19.95
C ASP A 18 6.03 4.23 19.18
N LEU A 19 7.03 3.81 19.91
CA LEU A 19 8.33 3.48 19.35
C LEU A 19 8.20 2.28 18.42
N ASP A 20 7.38 1.36 18.81
CA ASP A 20 7.17 0.13 18.06
C ASP A 20 6.45 0.44 16.75
N VAL A 21 5.40 1.21 16.85
CA VAL A 21 4.59 1.54 15.69
C VAL A 21 5.29 2.51 14.75
N LYS A 22 6.11 3.41 15.28
CA LYS A 22 6.86 4.31 14.42
C LYS A 22 7.94 3.53 13.71
N GLY A 23 8.48 2.51 14.40
CA GLY A 23 9.48 1.66 13.81
C GLY A 23 8.88 0.84 12.69
N LEU A 24 7.65 0.41 12.90
CA LEU A 24 6.89 -0.36 11.96
C LEU A 24 6.56 0.48 10.72
N GLY A 25 6.04 1.69 10.97
CA GLY A 25 5.70 2.60 9.88
C GLY A 25 6.91 2.96 9.05
N TYR A 26 8.01 3.26 9.74
CA TYR A 26 9.25 3.59 9.09
C TYR A 26 9.76 2.42 8.29
N ASP A 27 9.68 1.21 8.86
CA ASP A 27 10.21 0.03 8.22
C ASP A 27 9.48 -0.26 6.93
N PHE A 28 8.17 -0.10 6.98
CA PHE A 28 7.31 -0.29 5.84
C PHE A 28 7.66 0.71 4.74
N ILE A 29 7.67 1.98 5.09
CA ILE A 29 7.98 3.01 4.13
C ILE A 29 9.39 2.88 3.58
N ASP A 30 10.31 2.53 4.45
CA ASP A 30 11.69 2.30 4.06
C ASP A 30 11.78 1.17 3.07
N LEU A 31 11.14 0.06 3.35
CA LEU A 31 11.25 -1.06 2.46
C LEU A 31 10.50 -0.81 1.14
N VAL A 32 9.49 0.06 1.17
CA VAL A 32 8.79 0.46 -0.03
C VAL A 32 9.70 1.34 -0.90
N THR A 33 10.65 2.01 -0.27
CA THR A 33 11.54 2.93 -0.96
C THR A 33 12.96 2.44 -0.77
N LYS A 34 13.08 1.13 -0.60
CA LYS A 34 14.32 0.46 -0.30
C LYS A 34 15.35 0.66 -1.40
N SER A 35 16.59 0.51 -1.01
CA SER A 35 17.75 0.65 -1.85
C SER A 35 17.66 -0.23 -3.12
N PRO A 36 18.13 0.29 -4.28
CA PRO A 36 18.13 -0.43 -5.57
C PRO A 36 18.84 -1.78 -5.49
N ASP A 37 19.68 -1.93 -4.46
CA ASP A 37 20.41 -3.19 -4.17
C ASP A 37 19.42 -4.34 -4.05
N SER A 38 18.21 -4.03 -3.64
CA SER A 38 17.15 -4.96 -3.59
C SER A 38 16.14 -4.58 -4.66
N VAL A 39 16.16 -5.31 -5.77
CA VAL A 39 15.30 -5.02 -6.92
C VAL A 39 13.83 -5.12 -6.58
N ASN A 40 13.48 -6.12 -5.85
CA ASN A 40 12.12 -6.35 -5.55
C ASN A 40 11.83 -6.00 -4.10
N SER A 41 11.54 -4.74 -3.89
CA SER A 41 11.24 -4.17 -2.59
C SER A 41 9.90 -4.74 -2.12
N GLU A 42 9.12 -5.15 -3.10
CA GLU A 42 7.85 -5.75 -2.92
C GLU A 42 8.01 -7.05 -2.13
N HIS A 43 9.19 -7.68 -2.22
CA HIS A 43 9.46 -8.91 -1.49
C HIS A 43 9.52 -8.61 -0.02
N GLU A 44 10.18 -7.52 0.31
CA GLU A 44 10.35 -7.12 1.67
C GLU A 44 9.01 -6.71 2.21
N LEU A 45 8.20 -6.11 1.34
CA LEU A 45 6.88 -5.73 1.69
C LEU A 45 6.03 -6.97 1.97
N ALA A 46 6.13 -7.95 1.09
CA ALA A 46 5.40 -9.20 1.24
C ALA A 46 5.81 -9.93 2.51
N HIS A 47 7.05 -9.79 2.87
CA HIS A 47 7.57 -10.40 4.08
C HIS A 47 7.09 -9.61 5.31
N PHE A 48 6.96 -8.31 5.14
CA PHE A 48 6.51 -7.42 6.19
C PHE A 48 5.03 -7.65 6.48
N LEU A 49 4.25 -7.73 5.41
CA LEU A 49 2.83 -7.91 5.53
C LEU A 49 2.45 -9.37 5.71
N GLY A 50 3.41 -10.24 5.56
CA GLY A 50 3.19 -11.70 5.75
C GLY A 50 2.30 -12.05 6.95
N PRO A 51 2.68 -11.61 8.17
CA PRO A 51 1.85 -11.77 9.37
C PRO A 51 0.83 -10.61 9.55
N HIS A 52 0.91 -9.60 8.70
CA HIS A 52 0.10 -8.38 8.86
C HIS A 52 -0.88 -8.21 7.71
N ASP A 53 -1.18 -9.28 7.04
CA ASP A 53 -2.01 -9.24 5.86
C ASP A 53 -3.48 -9.05 6.22
N PRO A 54 -4.09 -7.96 5.76
CA PRO A 54 -5.47 -7.62 6.05
C PRO A 54 -6.42 -7.97 4.87
N GLU A 55 -7.51 -7.22 4.72
CA GLU A 55 -8.34 -7.39 3.55
C GLU A 55 -7.76 -6.55 2.47
N ILE A 56 -7.38 -7.18 1.41
CA ILE A 56 -6.78 -6.52 0.31
C ILE A 56 -7.84 -6.33 -0.76
N TYR A 57 -8.23 -5.15 -1.04
CA TYR A 57 -9.26 -4.93 -2.04
C TYR A 57 -8.69 -4.52 -3.34
N VAL A 58 -8.80 -5.35 -4.33
CA VAL A 58 -8.20 -5.05 -5.60
C VAL A 58 -9.28 -4.89 -6.60
N ASN A 59 -9.35 -3.70 -7.16
CA ASN A 59 -10.35 -3.33 -8.19
C ASN A 59 -11.78 -3.47 -7.66
N GLY A 60 -11.89 -3.45 -6.34
CA GLY A 60 -13.18 -3.57 -5.70
C GLY A 60 -13.50 -5.01 -5.31
N LYS A 61 -12.54 -5.90 -5.48
CA LYS A 61 -12.73 -7.29 -5.11
C LYS A 61 -11.84 -7.63 -3.94
N ILE A 62 -12.40 -8.30 -2.97
CA ILE A 62 -11.68 -8.67 -1.78
C ILE A 62 -10.68 -9.80 -2.12
N GLN A 63 -9.46 -9.55 -1.83
CA GLN A 63 -8.38 -10.44 -2.05
C GLN A 63 -7.77 -10.79 -0.71
N THR A 64 -7.47 -12.03 -0.54
CA THR A 64 -6.79 -12.50 0.62
C THR A 64 -5.28 -12.51 0.33
N THR A 65 -4.50 -12.81 1.35
CA THR A 65 -3.06 -12.88 1.31
C THR A 65 -2.58 -13.77 0.14
N THR A 66 -3.30 -14.85 -0.11
CA THR A 66 -3.00 -15.78 -1.16
C THR A 66 -3.09 -15.08 -2.53
N ALA A 67 -4.19 -14.39 -2.75
CA ALA A 67 -4.47 -13.68 -3.99
C ALA A 67 -3.43 -12.59 -4.24
N PHE A 68 -3.21 -11.74 -3.25
CA PHE A 68 -2.21 -10.66 -3.35
C PHE A 68 -0.87 -11.21 -3.74
N LEU A 69 -0.42 -12.16 -2.94
CA LEU A 69 0.86 -12.85 -3.17
C LEU A 69 0.95 -13.37 -4.63
N GLN A 70 -0.13 -13.95 -5.11
CA GLN A 70 -0.21 -14.42 -6.48
C GLN A 70 0.01 -13.28 -7.48
N PHE A 71 -0.69 -12.16 -7.29
CA PHE A 71 -0.55 -11.03 -8.21
C PHE A 71 0.87 -10.45 -8.11
N PHE A 72 1.38 -10.43 -6.90
CA PHE A 72 2.72 -9.99 -6.61
C PHE A 72 3.75 -10.80 -7.41
N ARG A 73 3.68 -12.11 -7.28
CA ARG A 73 4.64 -12.98 -7.92
C ARG A 73 4.44 -13.03 -9.43
N GLN A 74 3.24 -12.69 -9.89
CA GLN A 74 2.98 -12.56 -11.30
C GLN A 74 3.52 -11.25 -11.86
N GLY A 75 3.82 -10.32 -10.99
CA GLY A 75 4.39 -9.08 -11.43
C GLY A 75 3.40 -7.93 -11.51
N LEU A 76 2.31 -8.04 -10.81
CA LEU A 76 1.31 -6.98 -10.77
C LEU A 76 1.78 -5.85 -9.89
N PHE A 77 2.11 -6.18 -8.66
CA PHE A 77 2.47 -5.17 -7.67
C PHE A 77 3.92 -4.75 -7.77
N LYS A 78 4.59 -5.25 -8.78
CA LYS A 78 5.98 -4.91 -9.02
C LYS A 78 6.12 -3.50 -9.57
N LYS A 79 5.00 -2.97 -10.01
CA LYS A 79 4.93 -1.60 -10.50
C LYS A 79 4.73 -0.66 -9.31
N LEU A 80 4.26 -1.23 -8.21
CA LEU A 80 3.83 -0.47 -7.05
C LEU A 80 5.03 0.02 -6.24
N LYS A 81 6.21 -0.50 -6.52
CA LYS A 81 7.40 -0.08 -5.76
C LYS A 81 7.81 1.33 -6.21
N ASP A 82 7.40 1.66 -7.42
CA ASP A 82 7.74 2.94 -8.03
C ASP A 82 6.61 3.93 -7.83
N ALA A 83 5.70 3.59 -6.94
CA ALA A 83 4.54 4.41 -6.66
C ALA A 83 4.88 5.54 -5.70
N GLU A 84 4.20 6.66 -5.89
CA GLU A 84 4.38 7.82 -5.04
C GLU A 84 3.36 7.77 -3.91
N PHE A 85 3.75 8.18 -2.73
CA PHE A 85 2.82 8.16 -1.62
C PHE A 85 2.33 9.55 -1.28
N ALA A 86 1.07 9.64 -0.99
CA ALA A 86 0.43 10.86 -0.59
C ALA A 86 -0.41 10.59 0.64
N ILE A 87 -0.53 11.58 1.48
CA ILE A 87 -1.31 11.45 2.68
C ILE A 87 -2.74 11.88 2.36
N ASN A 88 -3.67 10.99 2.51
CA ASN A 88 -5.06 11.32 2.25
C ASN A 88 -5.64 11.91 3.53
N VAL A 89 -6.67 12.75 3.40
CA VAL A 89 -7.27 13.41 4.58
C VAL A 89 -8.05 12.46 5.50
N SER A 90 -7.30 11.77 6.31
CA SER A 90 -7.80 10.85 7.31
C SER A 90 -6.69 10.69 8.34
N GLY A 91 -7.03 10.27 9.52
CA GLY A 91 -6.01 10.05 10.48
C GLY A 91 -6.51 10.02 11.90
N LYS A 92 -6.35 11.14 12.56
CA LYS A 92 -6.58 11.26 13.98
C LYS A 92 -8.04 11.08 14.42
N VAL A 93 -8.28 9.99 15.11
CA VAL A 93 -9.51 9.71 15.81
C VAL A 93 -9.13 9.14 17.18
N LYS A 94 -9.83 9.55 18.22
CA LYS A 94 -9.45 9.17 19.60
C LYS A 94 -9.77 7.72 19.95
N GLU A 95 -10.46 7.04 19.08
CA GLU A 95 -10.80 5.65 19.30
C GLU A 95 -9.67 4.75 18.79
N GLY A 96 -8.69 5.36 18.19
CA GLY A 96 -7.59 4.66 17.59
C GLY A 96 -7.46 5.13 16.18
N GLU A 97 -6.52 6.03 15.95
CA GLU A 97 -6.37 6.68 14.66
C GLU A 97 -6.11 5.73 13.53
N GLY A 98 -6.71 6.03 12.41
CA GLY A 98 -6.54 5.22 11.27
C GLY A 98 -5.97 6.02 10.17
N TYR A 99 -5.04 5.47 9.48
CA TYR A 99 -4.36 6.18 8.46
C TYR A 99 -4.82 5.64 7.14
N LYS A 100 -5.00 6.52 6.20
CA LYS A 100 -5.33 6.12 4.87
C LYS A 100 -4.31 6.73 3.97
N LEU A 101 -3.37 5.95 3.62
CA LEU A 101 -2.27 6.42 2.83
C LEU A 101 -2.48 5.98 1.41
N VAL A 102 -2.27 6.86 0.47
CA VAL A 102 -2.56 6.51 -0.89
C VAL A 102 -1.37 6.69 -1.81
N TRP A 103 -1.05 5.63 -2.49
CA TRP A 103 0.02 5.60 -3.46
C TRP A 103 -0.57 5.69 -4.83
N LYS A 104 0.17 6.28 -5.71
CA LYS A 104 -0.19 6.31 -7.10
C LYS A 104 0.90 5.61 -7.85
N SER A 105 0.53 4.57 -8.54
CA SER A 105 1.46 3.74 -9.28
C SER A 105 1.98 4.46 -10.52
N ALA A 106 2.87 3.81 -11.24
CA ALA A 106 3.49 4.37 -12.43
C ALA A 106 2.46 4.51 -13.54
N ALA A 107 2.78 5.32 -14.52
CA ALA A 107 1.90 5.55 -15.63
C ALA A 107 1.81 4.33 -16.51
N GLN A 108 0.70 3.70 -16.46
CA GLN A 108 0.46 2.53 -17.22
C GLN A 108 -0.18 2.95 -18.52
N ARG A 109 0.62 2.97 -19.55
CA ARG A 109 0.15 3.30 -20.89
C ARG A 109 -0.92 2.30 -21.33
N SER A 110 -2.08 2.83 -21.60
CA SER A 110 -3.21 2.04 -21.97
C SER A 110 -3.45 2.14 -23.47
N HIS A 111 -4.19 1.19 -23.99
CA HIS A 111 -4.51 1.03 -25.42
C HIS A 111 -5.29 2.22 -26.03
N ASP A 112 -5.69 3.16 -25.21
CA ASP A 112 -6.43 4.35 -25.68
C ASP A 112 -5.43 5.45 -25.97
N GLN A 113 -4.17 5.17 -25.64
CA GLN A 113 -3.10 6.15 -25.67
C GLN A 113 -3.30 7.18 -24.57
N LYS A 114 -3.68 6.65 -23.42
CA LYS A 114 -3.80 7.41 -22.20
C LYS A 114 -3.05 6.68 -21.14
N ILE A 115 -2.66 7.35 -20.13
CA ILE A 115 -1.97 6.73 -19.06
C ILE A 115 -2.90 6.52 -17.90
N ARG A 116 -2.92 5.33 -17.42
CA ARG A 116 -3.76 4.98 -16.31
C ARG A 116 -2.84 4.62 -15.20
N TRP A 117 -3.30 4.66 -14.02
CA TRP A 117 -2.49 4.27 -12.92
C TRP A 117 -3.31 3.61 -11.88
N ASP A 118 -2.66 2.95 -11.03
CA ASP A 118 -3.30 2.25 -9.98
C ASP A 118 -3.12 3.07 -8.75
N GLU A 119 -4.14 3.23 -7.97
CA GLU A 119 -3.99 3.93 -6.75
C GLU A 119 -4.20 2.99 -5.61
N ALA A 120 -3.42 3.17 -4.62
CA ALA A 120 -3.42 2.25 -3.52
C ALA A 120 -3.70 2.96 -2.23
N GLU A 121 -4.78 2.59 -1.62
CA GLU A 121 -5.20 3.21 -0.38
C GLU A 121 -5.06 2.17 0.74
N ALA A 122 -4.10 2.38 1.59
CA ALA A 122 -3.87 1.50 2.70
C ALA A 122 -4.48 2.06 3.96
N TYR A 123 -5.29 1.26 4.60
CA TYR A 123 -5.96 1.59 5.85
C TYR A 123 -5.24 0.87 6.96
N ILE A 124 -4.71 1.61 7.87
CA ILE A 124 -4.01 1.06 9.02
C ILE A 124 -4.62 1.72 10.24
N TRP A 125 -4.83 1.01 11.31
CA TRP A 125 -5.46 1.63 12.45
C TRP A 125 -4.67 1.35 13.71
N ARG A 126 -4.75 2.25 14.65
CA ARG A 126 -4.14 2.03 15.92
C ARG A 126 -5.02 1.04 16.64
N ARG A 127 -4.48 -0.08 16.88
CA ARG A 127 -5.20 -1.19 17.39
C ARG A 127 -5.32 -1.03 18.89
N LYS A 128 -6.44 -1.46 19.45
CA LYS A 128 -6.72 -1.34 20.88
C LYS A 128 -5.75 -2.22 21.70
N ASP A 129 -5.02 -3.05 20.98
CA ASP A 129 -3.96 -3.88 21.51
C ASP A 129 -2.76 -3.02 21.96
N GLY A 130 -2.72 -1.78 21.50
CA GLY A 130 -1.68 -0.88 21.88
C GLY A 130 -0.75 -0.59 20.73
N SER A 131 -0.73 -1.48 19.80
CA SER A 131 0.11 -1.34 18.64
C SER A 131 -0.74 -0.84 17.47
N CYS A 132 -0.17 -0.78 16.32
CA CYS A 132 -0.83 -0.34 15.15
C CYS A 132 -0.74 -1.47 14.17
N TRP A 133 -1.77 -1.67 13.40
CA TRP A 133 -1.82 -2.81 12.55
C TRP A 133 -2.65 -2.47 11.32
N LEU A 134 -2.42 -3.16 10.24
CA LEU A 134 -3.11 -2.91 8.99
C LEU A 134 -4.55 -3.33 9.09
N HIS A 135 -5.43 -2.46 8.68
CA HIS A 135 -6.83 -2.71 8.78
C HIS A 135 -7.34 -3.32 7.49
N SER A 136 -6.87 -2.78 6.38
CA SER A 136 -7.30 -3.20 5.05
C SER A 136 -6.54 -2.36 4.07
N VAL A 137 -6.28 -2.83 2.90
CA VAL A 137 -5.67 -1.98 1.90
C VAL A 137 -6.40 -2.20 0.59
N LYS A 138 -6.40 -1.21 -0.23
CA LYS A 138 -7.15 -1.25 -1.45
C LYS A 138 -6.25 -0.87 -2.62
N PHE A 139 -6.30 -1.62 -3.69
CA PHE A 139 -5.55 -1.33 -4.87
C PHE A 139 -6.51 -1.18 -6.01
N ILE A 140 -6.63 0.00 -6.52
CA ILE A 140 -7.55 0.26 -7.61
C ILE A 140 -6.83 0.61 -8.89
N MET A 141 -6.71 -0.38 -9.75
CA MET A 141 -6.08 -0.21 -11.04
C MET A 141 -7.17 0.26 -11.98
N SER A 142 -7.29 1.57 -12.15
CA SER A 142 -8.40 2.12 -12.94
C SER A 142 -8.16 3.57 -13.39
N LYS A 143 -7.92 4.44 -12.42
CA LYS A 143 -7.85 5.90 -12.61
C LYS A 143 -6.88 6.31 -13.71
N ALA A 144 -7.35 7.17 -14.57
CA ALA A 144 -6.57 7.62 -15.70
C ALA A 144 -6.99 9.00 -16.12
N ALA A 145 -6.02 9.78 -16.51
CA ALA A 145 -6.24 11.08 -17.10
C ALA A 145 -6.70 10.89 -18.56
N PRO A 146 -7.33 11.92 -19.18
CA PRO A 146 -7.74 11.87 -20.60
C PRO A 146 -6.55 11.56 -21.51
N TYR A 147 -6.82 10.87 -22.62
CA TYR A 147 -5.80 10.43 -23.53
C TYR A 147 -5.05 11.58 -24.16
N VAL A 148 -3.89 11.28 -24.66
CA VAL A 148 -3.09 12.25 -25.32
C VAL A 148 -3.24 12.03 -26.83
N ALA A 149 -3.14 13.08 -27.57
CA ALA A 149 -3.21 13.03 -29.00
C ALA A 149 -2.12 13.90 -29.55
N ASP A 14 3.92 4.64 29.64
CA ASP A 14 4.96 4.65 28.60
C ASP A 14 4.30 4.84 27.26
N MET A 15 5.08 5.19 26.25
CA MET A 15 4.55 5.32 24.91
C MET A 15 5.30 4.45 23.92
N VAL A 16 5.84 3.33 24.41
CA VAL A 16 6.64 2.45 23.57
C VAL A 16 5.78 1.85 22.44
N THR A 17 4.49 1.71 22.70
CA THR A 17 3.55 1.26 21.71
C THR A 17 3.46 2.27 20.56
N ASP A 18 3.42 3.55 20.91
CA ASP A 18 3.38 4.66 19.93
C ASP A 18 4.66 4.69 19.13
N LEU A 19 5.74 4.40 19.82
CA LEU A 19 7.06 4.34 19.24
C LEU A 19 7.10 3.17 18.27
N ASP A 20 6.43 2.11 18.63
CA ASP A 20 6.38 0.91 17.81
C ASP A 20 5.49 1.14 16.60
N VAL A 21 4.48 1.99 16.77
CA VAL A 21 3.59 2.39 15.66
C VAL A 21 4.40 3.16 14.61
N LYS A 22 5.14 4.16 15.07
CA LYS A 22 5.94 4.96 14.14
C LYS A 22 7.11 4.15 13.60
N GLY A 23 7.58 3.21 14.41
CA GLY A 23 8.64 2.32 14.00
C GLY A 23 8.18 1.39 12.91
N LEU A 24 6.97 0.88 13.06
CA LEU A 24 6.34 0.03 12.11
C LEU A 24 6.14 0.77 10.81
N GLY A 25 5.61 1.99 10.93
CA GLY A 25 5.38 2.84 9.78
C GLY A 25 6.64 3.14 9.03
N TYR A 26 7.70 3.42 9.78
CA TYR A 26 9.00 3.66 9.19
C TYR A 26 9.53 2.42 8.51
N ASP A 27 9.41 1.28 9.17
CA ASP A 27 9.91 0.01 8.61
C ASP A 27 9.23 -0.31 7.30
N PHE A 28 7.94 -0.10 7.30
CA PHE A 28 7.07 -0.30 6.15
C PHE A 28 7.48 0.64 5.02
N ILE A 29 7.52 1.92 5.31
CA ILE A 29 7.87 2.91 4.31
C ILE A 29 9.30 2.77 3.85
N ASP A 30 10.19 2.37 4.74
CA ASP A 30 11.57 2.20 4.37
C ASP A 30 11.72 0.99 3.48
N LEU A 31 10.98 -0.09 3.78
CA LEU A 31 11.08 -1.26 2.96
C LEU A 31 10.48 -1.01 1.57
N VAL A 32 9.48 -0.13 1.53
CA VAL A 32 8.88 0.27 0.28
C VAL A 32 9.85 1.19 -0.51
N THR A 33 10.79 1.80 0.18
CA THR A 33 11.69 2.71 -0.47
C THR A 33 13.11 2.16 -0.54
N LYS A 34 13.23 0.84 -0.39
CA LYS A 34 14.50 0.15 -0.52
C LYS A 34 15.12 0.38 -1.88
N SER A 35 16.39 0.19 -1.93
CA SER A 35 17.13 0.37 -3.13
C SER A 35 16.85 -0.82 -4.05
N PRO A 36 16.87 -0.61 -5.40
CA PRO A 36 16.72 -1.69 -6.40
C PRO A 36 17.82 -2.75 -6.27
N ASP A 37 18.78 -2.46 -5.39
CA ASP A 37 19.83 -3.40 -4.98
C ASP A 37 19.17 -4.65 -4.35
N SER A 38 17.98 -4.43 -3.79
CA SER A 38 17.14 -5.49 -3.29
C SER A 38 16.21 -5.86 -4.44
N VAL A 39 15.72 -7.08 -4.49
CA VAL A 39 14.92 -7.51 -5.64
C VAL A 39 13.63 -6.71 -5.79
N ASN A 40 12.84 -6.65 -4.75
CA ASN A 40 11.54 -6.05 -4.88
C ASN A 40 10.99 -5.57 -3.55
N SER A 41 10.63 -4.31 -3.50
CA SER A 41 10.12 -3.66 -2.31
C SER A 41 8.79 -4.27 -1.84
N GLU A 42 8.00 -4.73 -2.78
CA GLU A 42 6.74 -5.35 -2.49
C GLU A 42 6.99 -6.74 -1.88
N HIS A 43 8.18 -7.31 -2.13
CA HIS A 43 8.55 -8.60 -1.57
C HIS A 43 8.78 -8.40 -0.09
N GLU A 44 9.46 -7.31 0.21
CA GLU A 44 9.75 -6.94 1.57
C GLU A 44 8.46 -6.60 2.27
N LEU A 45 7.52 -6.03 1.52
CA LEU A 45 6.24 -5.69 2.05
C LEU A 45 5.44 -6.94 2.33
N ALA A 46 5.52 -7.92 1.44
CA ALA A 46 4.84 -9.19 1.61
C ALA A 46 5.39 -9.91 2.84
N HIS A 47 6.67 -9.73 3.05
CA HIS A 47 7.37 -10.28 4.18
C HIS A 47 6.92 -9.57 5.46
N PHE A 48 6.71 -8.27 5.34
CA PHE A 48 6.27 -7.42 6.42
C PHE A 48 4.86 -7.79 6.84
N LEU A 49 3.99 -7.98 5.87
CA LEU A 49 2.60 -8.26 6.15
C LEU A 49 2.38 -9.72 6.51
N GLY A 50 3.45 -10.50 6.57
CA GLY A 50 3.39 -11.88 7.05
C GLY A 50 2.60 -11.98 8.37
N PRO A 51 3.07 -11.34 9.46
CA PRO A 51 2.35 -11.33 10.72
C PRO A 51 1.21 -10.31 10.74
N HIS A 52 1.11 -9.50 9.69
CA HIS A 52 0.11 -8.43 9.64
C HIS A 52 -0.89 -8.73 8.52
N ASP A 53 -1.12 -10.03 8.34
CA ASP A 53 -1.99 -10.67 7.36
C ASP A 53 -3.44 -10.11 7.42
N PRO A 54 -3.79 -9.15 6.50
CA PRO A 54 -5.11 -8.50 6.47
C PRO A 54 -5.94 -8.87 5.22
N GLU A 55 -6.90 -8.00 4.86
CA GLU A 55 -7.69 -8.17 3.67
C GLU A 55 -7.02 -7.42 2.57
N ILE A 56 -6.79 -8.07 1.48
CA ILE A 56 -6.13 -7.43 0.39
C ILE A 56 -7.08 -7.38 -0.78
N TYR A 57 -7.55 -6.24 -1.10
CA TYR A 57 -8.49 -6.10 -2.17
C TYR A 57 -7.78 -5.84 -3.46
N VAL A 58 -8.24 -6.44 -4.51
CA VAL A 58 -7.69 -6.15 -5.80
C VAL A 58 -8.83 -5.80 -6.69
N ASN A 59 -8.79 -4.59 -7.22
CA ASN A 59 -9.79 -4.07 -8.16
C ASN A 59 -11.18 -4.03 -7.51
N GLY A 60 -11.20 -4.03 -6.18
CA GLY A 60 -12.44 -4.00 -5.44
C GLY A 60 -12.90 -5.39 -5.00
N LYS A 61 -12.11 -6.43 -5.26
CA LYS A 61 -12.46 -7.78 -4.86
C LYS A 61 -11.51 -8.23 -3.77
N ILE A 62 -12.05 -8.79 -2.71
CA ILE A 62 -11.26 -9.18 -1.55
C ILE A 62 -10.44 -10.44 -1.86
N GLN A 63 -9.16 -10.35 -1.64
CA GLN A 63 -8.25 -11.43 -1.83
C GLN A 63 -7.56 -11.68 -0.51
N THR A 64 -7.23 -12.91 -0.23
CA THR A 64 -6.52 -13.21 0.97
C THR A 64 -5.01 -12.94 0.76
N THR A 65 -4.25 -13.07 1.82
CA THR A 65 -2.82 -12.78 1.84
C THR A 65 -2.08 -13.75 0.96
N THR A 66 -2.58 -14.95 0.91
CA THR A 66 -2.09 -15.98 0.02
C THR A 66 -2.27 -15.53 -1.44
N ALA A 67 -3.51 -15.13 -1.78
CA ALA A 67 -3.87 -14.69 -3.12
C ALA A 67 -3.01 -13.51 -3.54
N PHE A 68 -2.89 -12.53 -2.66
CA PHE A 68 -2.00 -11.38 -2.86
C PHE A 68 -0.63 -11.84 -3.24
N LEU A 69 -0.06 -12.66 -2.40
CA LEU A 69 1.28 -13.23 -2.59
C LEU A 69 1.39 -13.89 -3.98
N GLN A 70 0.38 -14.63 -4.34
CA GLN A 70 0.30 -15.30 -5.61
C GLN A 70 0.32 -14.29 -6.77
N PHE A 71 -0.51 -13.27 -6.68
CA PHE A 71 -0.57 -12.24 -7.73
C PHE A 71 0.73 -11.46 -7.75
N PHE A 72 1.24 -11.18 -6.58
CA PHE A 72 2.51 -10.51 -6.42
C PHE A 72 3.62 -11.29 -7.13
N ARG A 73 3.70 -12.58 -6.84
CA ARG A 73 4.76 -13.38 -7.36
C ARG A 73 4.58 -13.63 -8.85
N GLN A 74 3.36 -13.49 -9.34
CA GLN A 74 3.11 -13.58 -10.77
C GLN A 74 3.38 -12.23 -11.48
N GLY A 75 3.75 -11.20 -10.73
CA GLY A 75 4.12 -9.95 -11.33
C GLY A 75 3.00 -8.93 -11.36
N LEU A 76 1.93 -9.18 -10.66
CA LEU A 76 0.80 -8.26 -10.64
C LEU A 76 1.09 -7.01 -9.84
N PHE A 77 1.67 -7.18 -8.66
CA PHE A 77 1.90 -6.04 -7.78
C PHE A 77 3.31 -5.47 -7.87
N LYS A 78 4.15 -6.05 -8.72
CA LYS A 78 5.54 -5.57 -8.88
C LYS A 78 5.58 -4.16 -9.52
N LYS A 79 4.45 -3.74 -10.07
CA LYS A 79 4.32 -2.43 -10.69
C LYS A 79 4.31 -1.33 -9.64
N LEU A 80 4.17 -1.69 -8.37
CA LEU A 80 4.16 -0.71 -7.32
C LEU A 80 5.57 -0.30 -6.95
N LYS A 81 6.54 -0.98 -7.51
CA LYS A 81 7.93 -0.61 -7.38
C LYS A 81 8.19 0.71 -8.14
N ASP A 82 7.37 0.95 -9.16
CA ASP A 82 7.49 2.17 -9.98
C ASP A 82 6.53 3.22 -9.48
N ALA A 83 6.00 3.01 -8.31
CA ALA A 83 4.97 3.87 -7.78
C ALA A 83 5.50 4.99 -6.91
N GLU A 84 4.83 6.10 -7.00
CA GLU A 84 5.10 7.27 -6.21
C GLU A 84 4.06 7.26 -5.09
N PHE A 85 4.45 7.62 -3.89
CA PHE A 85 3.52 7.58 -2.78
C PHE A 85 2.87 8.92 -2.52
N ALA A 86 1.58 8.90 -2.41
CA ALA A 86 0.80 10.06 -2.15
C ALA A 86 0.41 10.05 -0.68
N ILE A 87 1.08 10.84 0.10
CA ILE A 87 0.79 10.90 1.50
C ILE A 87 -0.25 11.99 1.78
N ASN A 88 -1.47 11.54 1.92
CA ASN A 88 -2.59 12.43 2.17
C ASN A 88 -2.78 12.59 3.66
N VAL A 89 -3.63 13.51 4.05
CA VAL A 89 -3.89 13.78 5.45
C VAL A 89 -4.67 12.65 6.14
N SER A 90 -3.96 11.89 6.96
CA SER A 90 -4.53 10.82 7.73
C SER A 90 -3.77 10.68 9.05
N GLY A 91 -4.49 10.57 10.15
CA GLY A 91 -3.83 10.35 11.43
C GLY A 91 -4.49 11.11 12.57
N LYS A 92 -4.77 12.36 12.36
CA LYS A 92 -5.37 13.18 13.40
C LYS A 92 -6.87 13.04 13.51
N VAL A 93 -7.29 12.01 14.21
CA VAL A 93 -8.67 11.79 14.58
C VAL A 93 -8.66 11.36 16.04
N LYS A 94 -9.80 11.16 16.64
CA LYS A 94 -9.85 10.83 18.06
C LYS A 94 -9.61 9.35 18.32
N GLU A 95 -10.43 8.51 17.78
CA GLU A 95 -10.34 7.10 18.03
C GLU A 95 -10.35 6.34 16.71
N GLY A 96 -9.53 5.33 16.61
CA GLY A 96 -9.45 4.52 15.42
C GLY A 96 -8.73 5.26 14.33
N GLU A 97 -7.56 5.80 14.64
CA GLU A 97 -6.81 6.55 13.67
C GLU A 97 -6.29 5.65 12.57
N GLY A 98 -6.70 5.94 11.37
CA GLY A 98 -6.33 5.16 10.26
C GLY A 98 -5.38 5.90 9.37
N TYR A 99 -4.51 5.18 8.74
CA TYR A 99 -3.59 5.76 7.81
C TYR A 99 -3.89 5.22 6.44
N LYS A 100 -4.19 6.10 5.52
CA LYS A 100 -4.38 5.73 4.14
C LYS A 100 -3.16 6.09 3.35
N LEU A 101 -2.36 5.12 3.03
CA LEU A 101 -1.16 5.35 2.25
C LEU A 101 -1.47 4.90 0.84
N VAL A 102 -1.28 5.76 -0.13
CA VAL A 102 -1.60 5.39 -1.49
C VAL A 102 -0.39 5.57 -2.39
N TRP A 103 -0.16 4.60 -3.21
CA TRP A 103 0.91 4.65 -4.18
C TRP A 103 0.31 4.64 -5.55
N LYS A 104 0.86 5.41 -6.42
CA LYS A 104 0.40 5.49 -7.78
C LYS A 104 1.54 5.06 -8.67
N SER A 105 1.32 4.03 -9.45
CA SER A 105 2.32 3.54 -10.37
C SER A 105 2.49 4.56 -11.51
N ALA A 106 3.56 4.44 -12.29
CA ALA A 106 3.86 5.39 -13.35
C ALA A 106 2.71 5.50 -14.34
N ALA A 107 2.32 6.71 -14.65
CA ALA A 107 1.24 6.94 -15.56
C ALA A 107 1.70 6.71 -16.98
N GLN A 108 0.95 5.93 -17.68
CA GLN A 108 1.24 5.60 -19.06
C GLN A 108 0.23 6.32 -19.89
N ARG A 109 0.61 6.68 -21.08
CA ARG A 109 -0.30 7.35 -21.95
C ARG A 109 -1.25 6.33 -22.56
N SER A 110 -2.49 6.66 -22.59
CA SER A 110 -3.48 5.81 -23.15
C SER A 110 -3.77 6.25 -24.58
N HIS A 111 -4.36 5.36 -25.38
CA HIS A 111 -4.70 5.68 -26.75
C HIS A 111 -5.93 6.61 -26.76
N ASP A 112 -6.59 6.70 -25.62
CA ASP A 112 -7.77 7.57 -25.47
C ASP A 112 -7.37 8.99 -25.07
N GLN A 113 -6.07 9.31 -25.22
CA GLN A 113 -5.52 10.65 -24.91
C GLN A 113 -5.58 10.96 -23.41
N LYS A 114 -5.67 9.91 -22.63
CA LYS A 114 -5.69 10.00 -21.18
C LYS A 114 -4.43 9.33 -20.67
N ILE A 115 -4.30 9.25 -19.38
CA ILE A 115 -3.22 8.52 -18.78
C ILE A 115 -3.80 7.44 -17.90
N ARG A 116 -3.06 6.38 -17.72
CA ARG A 116 -3.48 5.24 -16.93
C ARG A 116 -2.36 4.82 -16.01
N TRP A 117 -2.72 4.41 -14.83
CA TRP A 117 -1.77 4.03 -13.81
C TRP A 117 -2.42 3.03 -12.87
N ASP A 118 -1.67 2.47 -11.96
CA ASP A 118 -2.23 1.55 -10.97
C ASP A 118 -2.12 2.20 -9.64
N GLU A 119 -3.07 1.99 -8.79
CA GLU A 119 -3.02 2.54 -7.46
C GLU A 119 -3.06 1.50 -6.38
N ALA A 120 -2.50 1.85 -5.26
CA ALA A 120 -2.45 0.99 -4.11
C ALA A 120 -2.76 1.79 -2.88
N GLU A 121 -3.78 1.42 -2.19
CA GLU A 121 -4.22 2.14 -1.03
C GLU A 121 -4.19 1.22 0.17
N ALA A 122 -3.28 1.47 1.06
CA ALA A 122 -3.13 0.70 2.26
C ALA A 122 -3.82 1.37 3.42
N TYR A 123 -4.56 0.59 4.17
CA TYR A 123 -5.29 1.05 5.33
C TYR A 123 -4.70 0.42 6.55
N ILE A 124 -4.16 1.22 7.42
CA ILE A 124 -3.66 0.75 8.71
C ILE A 124 -4.45 1.46 9.78
N TRP A 125 -4.66 0.86 10.92
CA TRP A 125 -5.32 1.57 11.98
C TRP A 125 -4.57 1.35 13.27
N ARG A 126 -4.52 2.38 14.07
CA ARG A 126 -3.96 2.25 15.36
C ARG A 126 -5.10 1.87 16.27
N ARG A 127 -4.88 0.90 17.04
CA ARG A 127 -5.86 0.39 17.92
C ARG A 127 -5.77 1.22 19.17
N LYS A 128 -6.90 1.47 19.80
CA LYS A 128 -6.94 2.30 21.00
C LYS A 128 -6.18 1.74 22.20
N ASP A 129 -5.76 0.48 22.10
CA ASP A 129 -4.90 -0.13 23.12
C ASP A 129 -3.45 0.30 22.92
N GLY A 130 -3.17 0.88 21.76
CA GLY A 130 -1.85 1.39 21.50
C GLY A 130 -1.10 0.62 20.44
N SER A 131 -1.61 -0.54 20.05
CA SER A 131 -0.98 -1.26 18.98
C SER A 131 -1.48 -0.74 17.65
N CYS A 132 -0.88 -1.16 16.62
CA CYS A 132 -1.25 -0.77 15.29
C CYS A 132 -1.19 -1.97 14.41
N TRP A 133 -2.10 -2.10 13.49
CA TRP A 133 -2.13 -3.26 12.64
C TRP A 133 -2.71 -2.85 11.31
N LEU A 134 -2.38 -3.57 10.28
CA LEU A 134 -2.91 -3.32 8.97
C LEU A 134 -4.35 -3.71 8.92
N HIS A 135 -5.17 -2.77 8.56
CA HIS A 135 -6.58 -2.96 8.46
C HIS A 135 -6.89 -3.76 7.23
N SER A 136 -6.37 -3.29 6.12
CA SER A 136 -6.64 -3.86 4.83
C SER A 136 -5.90 -3.04 3.83
N VAL A 137 -5.60 -3.58 2.70
CA VAL A 137 -5.01 -2.79 1.65
C VAL A 137 -5.75 -3.10 0.37
N LYS A 138 -5.87 -2.14 -0.49
CA LYS A 138 -6.55 -2.33 -1.72
C LYS A 138 -5.67 -1.92 -2.86
N PHE A 139 -5.57 -2.76 -3.82
CA PHE A 139 -4.84 -2.50 -5.01
C PHE A 139 -5.82 -2.35 -6.13
N ILE A 140 -5.62 -1.37 -6.94
CA ILE A 140 -6.51 -1.11 -8.03
C ILE A 140 -5.70 -0.89 -9.27
N MET A 141 -5.64 -1.89 -10.09
CA MET A 141 -4.78 -1.83 -11.24
C MET A 141 -5.47 -1.28 -12.45
N SER A 142 -4.73 -0.44 -13.13
CA SER A 142 -5.11 0.19 -14.35
C SER A 142 -6.36 1.05 -14.24
N LYS A 143 -6.17 2.21 -13.69
CA LYS A 143 -7.20 3.23 -13.61
C LYS A 143 -6.81 4.36 -14.52
N ALA A 144 -7.79 4.93 -15.19
CA ALA A 144 -7.55 5.99 -16.12
C ALA A 144 -8.57 7.09 -15.93
N ALA A 145 -8.13 8.20 -15.41
CA ALA A 145 -9.00 9.32 -15.17
C ALA A 145 -8.91 10.27 -16.35
N PRO A 146 -9.93 11.15 -16.54
CA PRO A 146 -9.89 12.16 -17.58
C PRO A 146 -8.65 12.99 -17.48
N TYR A 147 -7.98 13.12 -18.57
CA TYR A 147 -6.84 13.91 -18.64
C TYR A 147 -6.88 14.66 -19.93
N VAL A 148 -6.66 15.94 -19.88
CA VAL A 148 -6.64 16.74 -21.07
C VAL A 148 -5.24 16.85 -21.62
N ALA A 149 -5.08 16.43 -22.85
CA ALA A 149 -3.83 16.49 -23.52
C ALA A 149 -4.08 17.05 -24.89
N ASP A 14 7.72 7.30 26.57
CA ASP A 14 6.64 7.16 25.59
C ASP A 14 5.89 5.88 25.79
N MET A 15 4.78 5.77 25.14
CA MET A 15 3.99 4.58 25.15
C MET A 15 4.60 3.68 24.10
N VAL A 16 4.94 2.45 24.47
CA VAL A 16 5.66 1.55 23.55
C VAL A 16 4.93 1.32 22.23
N THR A 17 3.63 1.45 22.24
CA THR A 17 2.85 1.25 21.08
C THR A 17 2.97 2.41 20.09
N ASP A 18 3.36 3.58 20.59
CA ASP A 18 3.59 4.73 19.71
C ASP A 18 4.90 4.53 19.00
N LEU A 19 5.83 3.93 19.72
CA LEU A 19 7.12 3.55 19.21
C LEU A 19 6.89 2.45 18.17
N ASP A 20 5.90 1.62 18.45
CA ASP A 20 5.49 0.54 17.55
C ASP A 20 4.99 1.13 16.25
N VAL A 21 4.20 2.19 16.36
CA VAL A 21 3.64 2.88 15.20
C VAL A 21 4.75 3.44 14.32
N LYS A 22 5.61 4.27 14.91
CA LYS A 22 6.68 4.87 14.14
C LYS A 22 7.65 3.80 13.64
N GLY A 23 7.84 2.77 14.45
CA GLY A 23 8.70 1.67 14.11
C GLY A 23 8.24 0.94 12.87
N LEU A 24 6.97 0.56 12.87
CA LEU A 24 6.43 -0.19 11.75
C LEU A 24 6.33 0.75 10.56
N GLY A 25 6.09 2.03 10.86
CA GLY A 25 5.91 3.01 9.85
C GLY A 25 7.15 3.27 9.07
N TYR A 26 8.27 3.39 9.77
CA TYR A 26 9.50 3.64 9.07
C TYR A 26 9.98 2.39 8.38
N ASP A 27 9.75 1.21 9.00
CA ASP A 27 10.15 -0.06 8.40
C ASP A 27 9.39 -0.27 7.11
N PHE A 28 8.08 -0.04 7.18
CA PHE A 28 7.19 -0.14 6.05
C PHE A 28 7.58 0.87 4.97
N ILE A 29 7.70 2.11 5.35
CA ILE A 29 8.03 3.17 4.42
C ILE A 29 9.38 2.95 3.76
N ASP A 30 10.36 2.48 4.50
CA ASP A 30 11.66 2.23 3.91
C ASP A 30 11.58 1.09 2.94
N LEU A 31 10.84 0.05 3.28
CA LEU A 31 10.76 -1.07 2.38
C LEU A 31 9.94 -0.76 1.14
N VAL A 32 9.01 0.19 1.26
CA VAL A 32 8.26 0.67 0.13
C VAL A 32 9.19 1.50 -0.79
N THR A 33 10.23 2.06 -0.20
CA THR A 33 11.14 2.91 -0.92
C THR A 33 12.47 2.21 -1.13
N LYS A 34 12.44 0.87 -0.99
CA LYS A 34 13.61 0.04 -1.16
C LYS A 34 14.14 0.18 -2.57
N SER A 35 15.44 0.17 -2.70
CA SER A 35 16.11 0.31 -3.97
C SER A 35 15.63 -0.73 -5.02
N PRO A 36 15.49 -0.31 -6.30
CA PRO A 36 15.04 -1.21 -7.39
C PRO A 36 16.06 -2.29 -7.75
N ASP A 37 17.24 -2.20 -7.15
CA ASP A 37 18.29 -3.20 -7.35
C ASP A 37 18.01 -4.42 -6.49
N SER A 38 17.30 -4.20 -5.40
CA SER A 38 16.90 -5.24 -4.49
C SER A 38 15.83 -6.10 -5.18
N VAL A 39 15.44 -7.20 -4.54
CA VAL A 39 14.48 -8.15 -5.14
C VAL A 39 13.19 -7.45 -5.59
N ASN A 40 12.58 -6.71 -4.68
CA ASN A 40 11.30 -6.06 -4.93
C ASN A 40 10.81 -5.44 -3.63
N SER A 41 10.33 -4.22 -3.70
CA SER A 41 9.79 -3.50 -2.54
C SER A 41 8.63 -4.29 -1.93
N GLU A 42 7.82 -4.87 -2.79
CA GLU A 42 6.66 -5.66 -2.41
C GLU A 42 7.11 -6.96 -1.71
N HIS A 43 8.35 -7.37 -1.94
CA HIS A 43 8.87 -8.59 -1.32
C HIS A 43 8.98 -8.34 0.17
N GLU A 44 9.55 -7.22 0.50
CA GLU A 44 9.74 -6.82 1.85
C GLU A 44 8.41 -6.46 2.47
N LEU A 45 7.53 -5.89 1.66
CA LEU A 45 6.21 -5.56 2.13
C LEU A 45 5.42 -6.82 2.47
N ALA A 46 5.46 -7.81 1.58
CA ALA A 46 4.82 -9.09 1.81
C ALA A 46 5.39 -9.77 3.04
N HIS A 47 6.66 -9.56 3.26
CA HIS A 47 7.35 -10.07 4.43
C HIS A 47 6.89 -9.32 5.69
N PHE A 48 6.71 -8.02 5.54
CA PHE A 48 6.30 -7.11 6.61
C PHE A 48 4.88 -7.41 7.04
N LEU A 49 4.04 -7.67 6.07
CA LEU A 49 2.64 -7.96 6.32
C LEU A 49 2.45 -9.41 6.70
N GLY A 50 3.55 -10.13 6.75
CA GLY A 50 3.55 -11.54 7.17
C GLY A 50 2.70 -11.80 8.41
N PRO A 51 2.97 -11.15 9.56
CA PRO A 51 2.14 -11.29 10.75
C PRO A 51 0.90 -10.39 10.70
N HIS A 52 0.82 -9.55 9.69
CA HIS A 52 -0.24 -8.55 9.54
C HIS A 52 -1.17 -8.95 8.40
N ASP A 53 -1.34 -10.27 8.21
CA ASP A 53 -2.16 -10.94 7.20
C ASP A 53 -3.63 -10.40 7.26
N PRO A 54 -3.99 -9.44 6.35
CA PRO A 54 -5.28 -8.75 6.33
C PRO A 54 -6.13 -9.08 5.06
N GLU A 55 -6.91 -8.10 4.62
CA GLU A 55 -7.68 -8.23 3.41
C GLU A 55 -6.99 -7.45 2.31
N ILE A 56 -6.77 -8.09 1.19
CA ILE A 56 -6.16 -7.43 0.07
C ILE A 56 -7.20 -7.19 -0.99
N TYR A 57 -7.55 -5.99 -1.22
CA TYR A 57 -8.55 -5.68 -2.20
C TYR A 57 -7.94 -5.32 -3.52
N VAL A 58 -8.07 -6.15 -4.48
CA VAL A 58 -7.47 -5.89 -5.76
C VAL A 58 -8.57 -5.58 -6.73
N ASN A 59 -8.56 -4.34 -7.20
CA ASN A 59 -9.57 -3.80 -8.12
C ASN A 59 -10.95 -3.77 -7.45
N GLY A 60 -10.92 -3.81 -6.13
CA GLY A 60 -12.13 -3.80 -5.36
C GLY A 60 -12.52 -5.20 -4.90
N LYS A 61 -11.84 -6.20 -5.43
CA LYS A 61 -12.14 -7.57 -5.14
C LYS A 61 -11.29 -8.05 -4.01
N ILE A 62 -11.91 -8.64 -3.04
CA ILE A 62 -11.23 -9.06 -1.87
C ILE A 62 -10.43 -10.35 -2.18
N GLN A 63 -9.18 -10.24 -1.97
CA GLN A 63 -8.25 -11.29 -2.20
C GLN A 63 -7.69 -11.65 -0.85
N THR A 64 -7.55 -12.91 -0.61
CA THR A 64 -6.97 -13.34 0.61
C THR A 64 -5.44 -13.16 0.52
N THR A 65 -4.78 -13.29 1.63
CA THR A 65 -3.35 -13.08 1.76
C THR A 65 -2.59 -14.09 0.93
N THR A 66 -3.17 -15.26 0.84
CA THR A 66 -2.68 -16.33 0.01
C THR A 66 -2.72 -15.90 -1.48
N ALA A 67 -3.85 -15.34 -1.89
CA ALA A 67 -4.08 -14.87 -3.26
C ALA A 67 -3.13 -13.74 -3.59
N PHE A 68 -3.00 -12.79 -2.67
CA PHE A 68 -2.05 -11.68 -2.81
C PHE A 68 -0.66 -12.23 -3.07
N LEU A 69 -0.23 -13.11 -2.18
CA LEU A 69 1.08 -13.78 -2.30
C LEU A 69 1.24 -14.42 -3.69
N GLN A 70 0.19 -15.04 -4.17
CA GLN A 70 0.16 -15.60 -5.51
C GLN A 70 0.40 -14.52 -6.58
N PHE A 71 -0.36 -13.43 -6.52
CA PHE A 71 -0.26 -12.35 -7.52
C PHE A 71 1.13 -11.71 -7.46
N PHE A 72 1.66 -11.69 -6.28
CA PHE A 72 2.99 -11.20 -5.98
C PHE A 72 4.04 -12.02 -6.69
N ARG A 73 4.01 -13.33 -6.51
CA ARG A 73 4.99 -14.21 -7.12
C ARG A 73 4.75 -14.31 -8.62
N GLN A 74 3.53 -13.98 -9.06
CA GLN A 74 3.22 -13.92 -10.48
C GLN A 74 3.77 -12.66 -11.12
N GLY A 75 4.27 -11.75 -10.29
CA GLY A 75 4.93 -10.57 -10.80
C GLY A 75 4.01 -9.39 -10.99
N LEU A 76 2.77 -9.52 -10.54
CA LEU A 76 1.79 -8.46 -10.76
C LEU A 76 2.14 -7.18 -10.01
N PHE A 77 2.83 -7.31 -8.90
CA PHE A 77 3.19 -6.15 -8.12
C PHE A 77 4.63 -5.71 -8.38
N LYS A 78 5.24 -6.25 -9.43
CA LYS A 78 6.62 -5.84 -9.80
C LYS A 78 6.62 -4.41 -10.35
N LYS A 79 5.45 -3.93 -10.74
CA LYS A 79 5.29 -2.56 -11.19
C LYS A 79 5.11 -1.64 -10.00
N LEU A 80 4.68 -2.21 -8.88
CA LEU A 80 4.31 -1.44 -7.71
C LEU A 80 5.55 -0.94 -6.97
N LYS A 81 6.71 -1.38 -7.38
CA LYS A 81 7.95 -0.90 -6.76
C LYS A 81 8.29 0.52 -7.24
N ASP A 82 7.49 1.01 -8.18
CA ASP A 82 7.61 2.35 -8.71
C ASP A 82 6.59 3.26 -8.06
N ALA A 83 5.95 2.77 -7.03
CA ALA A 83 4.93 3.52 -6.36
C ALA A 83 5.49 4.61 -5.49
N GLU A 84 4.95 5.78 -5.66
CA GLU A 84 5.32 6.93 -4.91
C GLU A 84 4.18 7.36 -4.02
N PHE A 85 4.50 7.95 -2.90
CA PHE A 85 3.54 8.33 -1.90
C PHE A 85 2.72 9.53 -2.35
N ALA A 86 1.40 9.40 -2.26
CA ALA A 86 0.51 10.46 -2.64
C ALA A 86 -0.50 10.70 -1.53
N ILE A 87 -0.78 11.95 -1.25
CA ILE A 87 -1.70 12.30 -0.20
C ILE A 87 -3.14 12.50 -0.70
N ASN A 88 -3.81 11.39 -0.93
CA ASN A 88 -5.20 11.40 -1.31
C ASN A 88 -6.03 11.18 -0.06
N VAL A 89 -7.28 11.54 -0.12
CA VAL A 89 -8.16 11.48 1.03
C VAL A 89 -8.37 10.05 1.56
N SER A 90 -8.38 9.93 2.85
CA SER A 90 -8.64 8.69 3.49
C SER A 90 -10.15 8.47 3.55
N GLY A 91 -10.87 9.52 3.89
CA GLY A 91 -12.30 9.48 3.93
C GLY A 91 -12.84 8.58 5.00
N LYS A 92 -12.27 8.65 6.19
CA LYS A 92 -12.72 7.82 7.29
C LYS A 92 -13.82 8.53 8.07
N VAL A 93 -15.05 8.31 7.65
CA VAL A 93 -16.20 8.92 8.29
C VAL A 93 -16.49 8.17 9.59
N LYS A 94 -16.59 6.86 9.47
CA LYS A 94 -16.76 6.00 10.60
C LYS A 94 -16.31 4.60 10.22
N GLU A 95 -15.53 4.00 11.09
CA GLU A 95 -14.98 2.66 10.91
C GLU A 95 -14.17 2.36 12.15
N GLY A 96 -13.19 3.17 12.31
CA GLY A 96 -12.30 3.16 13.41
C GLY A 96 -11.28 4.21 13.15
N GLU A 97 -10.52 4.60 14.14
CA GLU A 97 -9.50 5.59 13.92
C GLU A 97 -8.34 4.94 13.19
N GLY A 98 -8.03 5.43 12.03
CA GLY A 98 -7.01 4.82 11.26
C GLY A 98 -6.54 5.69 10.14
N TYR A 99 -5.79 5.10 9.24
CA TYR A 99 -5.17 5.81 8.17
C TYR A 99 -5.48 5.10 6.86
N LYS A 100 -5.41 5.82 5.78
CA LYS A 100 -5.56 5.31 4.45
C LYS A 100 -4.68 6.11 3.53
N LEU A 101 -3.55 5.56 3.21
CA LEU A 101 -2.57 6.25 2.37
C LEU A 101 -2.51 5.57 1.04
N VAL A 102 -2.04 6.25 0.04
CA VAL A 102 -1.99 5.67 -1.27
C VAL A 102 -0.65 5.93 -1.95
N TRP A 103 -0.18 4.92 -2.63
CA TRP A 103 1.00 4.99 -3.41
C TRP A 103 0.62 4.78 -4.85
N LYS A 104 1.05 5.67 -5.69
CA LYS A 104 0.73 5.61 -7.09
C LYS A 104 1.95 5.16 -7.87
N SER A 105 1.77 4.21 -8.73
CA SER A 105 2.80 3.72 -9.60
C SER A 105 3.04 4.76 -10.72
N ALA A 106 3.88 4.42 -11.68
CA ALA A 106 4.15 5.30 -12.79
C ALA A 106 2.89 5.49 -13.61
N ALA A 107 2.76 6.60 -14.29
CA ALA A 107 1.61 6.86 -15.09
C ALA A 107 1.90 6.44 -16.50
N GLN A 108 1.03 5.68 -17.07
CA GLN A 108 1.18 5.22 -18.43
C GLN A 108 0.12 5.86 -19.26
N ARG A 109 0.48 6.32 -20.42
CA ARG A 109 -0.44 6.98 -21.29
C ARG A 109 -1.37 5.97 -21.96
N SER A 110 -2.63 6.27 -21.92
CA SER A 110 -3.66 5.46 -22.48
C SER A 110 -3.92 5.91 -23.92
N HIS A 111 -4.56 5.04 -24.69
CA HIS A 111 -4.86 5.25 -26.12
C HIS A 111 -5.75 6.48 -26.32
N ASP A 112 -6.53 6.77 -25.31
CA ASP A 112 -7.46 7.90 -25.31
C ASP A 112 -6.84 9.18 -24.80
N GLN A 113 -5.50 9.21 -24.73
CA GLN A 113 -4.71 10.42 -24.40
C GLN A 113 -4.81 10.80 -22.90
N LYS A 114 -5.37 9.93 -22.10
CA LYS A 114 -5.38 10.16 -20.66
C LYS A 114 -4.33 9.25 -20.04
N ILE A 115 -4.07 9.39 -18.77
CA ILE A 115 -3.05 8.55 -18.15
C ILE A 115 -3.63 7.63 -17.13
N ARG A 116 -3.13 6.43 -17.12
CA ARG A 116 -3.55 5.42 -16.20
C ARG A 116 -2.36 4.96 -15.40
N TRP A 117 -2.53 4.86 -14.13
CA TRP A 117 -1.49 4.42 -13.23
C TRP A 117 -2.05 3.32 -12.34
N ASP A 118 -1.23 2.72 -11.53
CA ASP A 118 -1.70 1.71 -10.61
C ASP A 118 -1.60 2.29 -9.23
N GLU A 119 -2.60 2.12 -8.42
CA GLU A 119 -2.53 2.65 -7.07
C GLU A 119 -2.59 1.56 -6.04
N ALA A 120 -2.08 1.87 -4.89
CA ALA A 120 -2.11 0.99 -3.77
C ALA A 120 -2.48 1.78 -2.54
N GLU A 121 -3.59 1.44 -1.96
CA GLU A 121 -4.14 2.16 -0.85
C GLU A 121 -4.07 1.29 0.39
N ALA A 122 -3.27 1.66 1.32
CA ALA A 122 -3.13 0.88 2.52
C ALA A 122 -3.98 1.46 3.62
N TYR A 123 -4.72 0.59 4.25
CA TYR A 123 -5.63 0.92 5.31
C TYR A 123 -5.06 0.39 6.60
N ILE A 124 -4.85 1.25 7.53
CA ILE A 124 -4.34 0.86 8.81
C ILE A 124 -5.30 1.35 9.85
N TRP A 125 -5.59 0.55 10.84
CA TRP A 125 -6.44 1.01 11.88
C TRP A 125 -5.61 1.05 13.12
N ARG A 126 -5.91 1.94 14.02
CA ARG A 126 -5.15 1.96 15.21
C ARG A 126 -6.00 1.53 16.36
N ARG A 127 -5.39 0.74 17.12
CA ARG A 127 -6.00 0.03 18.20
C ARG A 127 -5.95 0.88 19.46
N LYS A 128 -6.88 0.65 20.39
CA LYS A 128 -6.97 1.39 21.66
C LYS A 128 -5.67 1.23 22.48
N ASP A 129 -4.99 0.12 22.25
CA ASP A 129 -3.68 -0.17 22.86
C ASP A 129 -2.60 0.80 22.32
N GLY A 130 -2.90 1.47 21.21
CA GLY A 130 -2.00 2.44 20.64
C GLY A 130 -1.32 1.93 19.40
N SER A 131 -1.25 0.63 19.30
CA SER A 131 -0.61 -0.04 18.22
C SER A 131 -1.47 0.07 16.97
N CYS A 132 -0.83 0.27 15.89
CA CYS A 132 -1.48 0.36 14.60
C CYS A 132 -1.23 -0.93 13.86
N TRP A 133 -2.20 -1.41 13.14
CA TRP A 133 -2.05 -2.63 12.46
C TRP A 133 -2.71 -2.50 11.10
N LEU A 134 -2.26 -3.29 10.15
CA LEU A 134 -2.78 -3.25 8.80
C LEU A 134 -4.20 -3.76 8.80
N HIS A 135 -5.12 -2.90 8.46
CA HIS A 135 -6.50 -3.24 8.45
C HIS A 135 -6.77 -3.97 7.17
N SER A 136 -6.26 -3.42 6.10
CA SER A 136 -6.37 -3.98 4.77
C SER A 136 -5.56 -3.14 3.82
N VAL A 137 -5.43 -3.57 2.61
CA VAL A 137 -4.75 -2.82 1.58
C VAL A 137 -5.49 -3.07 0.29
N LYS A 138 -5.64 -2.08 -0.52
CA LYS A 138 -6.32 -2.19 -1.77
C LYS A 138 -5.36 -1.84 -2.89
N PHE A 139 -5.33 -2.66 -3.90
CA PHE A 139 -4.51 -2.42 -5.05
C PHE A 139 -5.39 -2.21 -6.21
N ILE A 140 -5.14 -1.18 -6.95
CA ILE A 140 -5.99 -0.87 -8.08
C ILE A 140 -5.16 -0.60 -9.29
N MET A 141 -5.06 -1.59 -10.12
CA MET A 141 -4.27 -1.50 -11.32
C MET A 141 -5.08 -0.88 -12.42
N SER A 142 -4.55 0.16 -13.00
CA SER A 142 -5.15 0.90 -14.09
C SER A 142 -6.26 1.84 -13.60
N LYS A 143 -5.86 2.89 -12.99
CA LYS A 143 -6.72 3.96 -12.62
C LYS A 143 -6.34 5.13 -13.43
N ALA A 144 -7.28 5.69 -14.04
CA ALA A 144 -7.03 6.72 -14.98
C ALA A 144 -7.67 8.03 -14.61
N ALA A 145 -6.89 9.06 -14.60
CA ALA A 145 -7.40 10.38 -14.41
C ALA A 145 -7.73 10.95 -15.77
N PRO A 146 -8.90 11.55 -15.92
CA PRO A 146 -9.31 12.16 -17.18
C PRO A 146 -8.44 13.37 -17.50
N TYR A 147 -8.20 13.61 -18.77
CA TYR A 147 -7.47 14.76 -19.16
C TYR A 147 -8.43 15.94 -19.15
N VAL A 148 -7.94 17.11 -18.83
CA VAL A 148 -8.80 18.26 -18.68
C VAL A 148 -9.39 18.73 -20.01
N ALA A 149 -10.66 18.45 -20.17
CA ALA A 149 -11.40 18.80 -21.34
C ALA A 149 -12.81 19.15 -20.93
N ASP A 14 11.89 1.44 25.33
CA ASP A 14 11.52 1.15 23.95
C ASP A 14 10.48 0.08 23.92
N MET A 15 10.02 -0.26 22.71
CA MET A 15 8.93 -1.22 22.48
C MET A 15 7.61 -0.73 23.12
N VAL A 16 7.57 0.55 23.41
CA VAL A 16 6.38 1.22 23.93
C VAL A 16 5.43 1.32 22.75
N THR A 17 4.13 1.26 22.96
CA THR A 17 3.13 1.29 21.85
C THR A 17 3.42 2.38 20.80
N ASP A 18 3.70 3.57 21.28
CA ASP A 18 4.05 4.73 20.45
C ASP A 18 5.32 4.44 19.62
N LEU A 19 6.30 3.88 20.29
CA LEU A 19 7.59 3.60 19.69
C LEU A 19 7.42 2.41 18.72
N ASP A 20 6.54 1.53 19.09
CA ASP A 20 6.21 0.33 18.34
C ASP A 20 5.56 0.73 17.03
N VAL A 21 4.58 1.63 17.09
CA VAL A 21 3.92 2.08 15.89
C VAL A 21 4.86 2.85 14.95
N LYS A 22 5.69 3.73 15.50
CA LYS A 22 6.63 4.43 14.64
C LYS A 22 7.74 3.49 14.15
N GLY A 23 7.98 2.44 14.92
CA GLY A 23 8.95 1.43 14.55
C GLY A 23 8.50 0.62 13.34
N LEU A 24 7.31 -0.01 13.41
CA LEU A 24 6.86 -0.81 12.27
C LEU A 24 6.51 0.11 11.10
N GLY A 25 6.05 1.32 11.43
CA GLY A 25 5.73 2.30 10.44
C GLY A 25 6.95 2.72 9.65
N TYR A 26 8.07 2.93 10.33
CA TYR A 26 9.28 3.28 9.64
C TYR A 26 9.78 2.12 8.81
N ASP A 27 9.77 0.93 9.38
CA ASP A 27 10.30 -0.27 8.69
C ASP A 27 9.56 -0.48 7.37
N PHE A 28 8.25 -0.33 7.44
CA PHE A 28 7.35 -0.42 6.30
C PHE A 28 7.68 0.66 5.27
N ILE A 29 7.70 1.89 5.71
CA ILE A 29 7.97 3.00 4.83
C ILE A 29 9.38 2.94 4.25
N ASP A 30 10.32 2.44 5.02
CA ASP A 30 11.69 2.33 4.55
C ASP A 30 11.79 1.29 3.46
N LEU A 31 11.13 0.14 3.65
CA LEU A 31 11.19 -0.90 2.64
C LEU A 31 10.47 -0.47 1.37
N VAL A 32 9.42 0.35 1.54
CA VAL A 32 8.71 0.91 0.41
C VAL A 32 9.60 1.94 -0.32
N THR A 33 10.52 2.56 0.40
CA THR A 33 11.34 3.59 -0.20
C THR A 33 12.75 3.08 -0.40
N LYS A 34 12.89 1.78 -0.41
CA LYS A 34 14.18 1.18 -0.58
C LYS A 34 14.59 1.25 -2.05
N SER A 35 15.88 1.15 -2.29
CA SER A 35 16.45 1.23 -3.62
C SER A 35 15.84 0.15 -4.56
N PRO A 36 15.41 0.57 -5.77
CA PRO A 36 14.77 -0.32 -6.77
C PRO A 36 15.77 -1.32 -7.34
N ASP A 37 17.02 -1.11 -6.97
CA ASP A 37 18.16 -1.93 -7.33
C ASP A 37 18.05 -3.33 -6.69
N SER A 38 17.23 -3.42 -5.65
CA SER A 38 16.94 -4.67 -4.98
C SER A 38 15.96 -5.47 -5.88
N VAL A 39 15.49 -6.65 -5.42
CA VAL A 39 14.60 -7.47 -6.25
C VAL A 39 13.29 -6.72 -6.55
N ASN A 40 12.67 -6.17 -5.51
CA ASN A 40 11.38 -5.49 -5.63
C ASN A 40 10.91 -5.05 -4.25
N SER A 41 10.49 -3.80 -4.13
CA SER A 41 10.06 -3.24 -2.85
C SER A 41 8.85 -4.01 -2.31
N GLU A 42 8.01 -4.45 -3.24
CA GLU A 42 6.80 -5.17 -2.93
C GLU A 42 7.12 -6.53 -2.32
N HIS A 43 8.34 -7.03 -2.56
CA HIS A 43 8.76 -8.29 -1.98
C HIS A 43 8.89 -8.14 -0.47
N GLU A 44 9.55 -7.07 -0.08
CA GLU A 44 9.77 -6.77 1.30
C GLU A 44 8.46 -6.43 1.94
N LEU A 45 7.59 -5.79 1.18
CA LEU A 45 6.29 -5.43 1.65
C LEU A 45 5.46 -6.68 1.90
N ALA A 46 5.50 -7.62 0.96
CA ALA A 46 4.79 -8.89 1.11
C ALA A 46 5.30 -9.66 2.30
N HIS A 47 6.58 -9.50 2.57
CA HIS A 47 7.21 -10.15 3.69
C HIS A 47 6.84 -9.40 4.99
N PHE A 48 6.66 -8.10 4.90
CA PHE A 48 6.31 -7.28 6.02
C PHE A 48 4.91 -7.60 6.48
N LEU A 49 4.00 -7.66 5.52
CA LEU A 49 2.59 -7.89 5.80
C LEU A 49 2.30 -9.32 6.21
N GLY A 50 3.34 -10.16 6.19
CA GLY A 50 3.25 -11.56 6.62
C GLY A 50 2.36 -11.76 7.85
N PRO A 51 2.77 -11.25 9.03
CA PRO A 51 1.96 -11.33 10.25
C PRO A 51 0.84 -10.29 10.30
N HIS A 52 0.82 -9.39 9.33
CA HIS A 52 -0.10 -8.25 9.35
C HIS A 52 -1.14 -8.42 8.26
N ASP A 53 -1.38 -9.67 7.89
CA ASP A 53 -2.35 -10.07 6.87
C ASP A 53 -3.77 -9.56 7.18
N PRO A 54 -4.24 -8.58 6.41
CA PRO A 54 -5.57 -8.01 6.54
C PRO A 54 -6.44 -8.36 5.32
N GLU A 55 -7.35 -7.47 4.98
CA GLU A 55 -8.10 -7.61 3.76
C GLU A 55 -7.38 -6.86 2.68
N ILE A 56 -6.97 -7.56 1.66
CA ILE A 56 -6.26 -6.97 0.57
C ILE A 56 -7.24 -6.78 -0.53
N TYR A 57 -7.54 -5.61 -0.86
CA TYR A 57 -8.48 -5.38 -1.91
C TYR A 57 -7.76 -5.10 -3.15
N VAL A 58 -8.15 -5.73 -4.20
CA VAL A 58 -7.55 -5.50 -5.48
C VAL A 58 -8.66 -5.22 -6.44
N ASN A 59 -8.66 -4.00 -6.94
CA ASN A 59 -9.69 -3.46 -7.85
C ASN A 59 -11.04 -3.40 -7.16
N GLY A 60 -11.00 -3.42 -5.83
CA GLY A 60 -12.22 -3.39 -5.05
C GLY A 60 -12.67 -4.78 -4.63
N LYS A 61 -11.95 -5.79 -5.09
CA LYS A 61 -12.28 -7.15 -4.81
C LYS A 61 -11.44 -7.63 -3.67
N ILE A 62 -12.07 -8.28 -2.73
CA ILE A 62 -11.39 -8.72 -1.54
C ILE A 62 -10.49 -9.93 -1.87
N GLN A 63 -9.26 -9.80 -1.53
CA GLN A 63 -8.27 -10.80 -1.76
C GLN A 63 -7.62 -11.14 -0.43
N THR A 64 -7.21 -12.37 -0.31
CA THR A 64 -6.45 -12.79 0.83
C THR A 64 -4.97 -12.71 0.45
N THR A 65 -4.10 -12.92 1.42
CA THR A 65 -2.66 -12.83 1.23
C THR A 65 -2.17 -13.73 0.09
N THR A 66 -2.78 -14.90 -0.08
CA THR A 66 -2.38 -15.80 -1.14
C THR A 66 -2.66 -15.18 -2.52
N ALA A 67 -3.86 -14.66 -2.71
CA ALA A 67 -4.25 -14.01 -3.96
C ALA A 67 -3.32 -12.84 -4.25
N PHE A 68 -3.06 -12.03 -3.23
CA PHE A 68 -2.09 -10.92 -3.33
C PHE A 68 -0.75 -11.46 -3.81
N LEU A 69 -0.24 -12.42 -3.07
CA LEU A 69 1.03 -13.11 -3.38
C LEU A 69 1.04 -13.63 -4.85
N GLN A 70 -0.09 -14.14 -5.29
CA GLN A 70 -0.26 -14.61 -6.65
C GLN A 70 -0.11 -13.49 -7.65
N PHE A 71 -0.78 -12.36 -7.41
CA PHE A 71 -0.71 -11.22 -8.32
C PHE A 71 0.70 -10.64 -8.31
N PHE A 72 1.33 -10.73 -7.17
CA PHE A 72 2.69 -10.31 -6.96
C PHE A 72 3.64 -11.13 -7.85
N ARG A 73 3.59 -12.44 -7.71
CA ARG A 73 4.47 -13.33 -8.46
C ARG A 73 4.13 -13.33 -9.95
N GLN A 74 2.89 -12.97 -10.27
CA GLN A 74 2.51 -12.83 -11.67
C GLN A 74 3.10 -11.56 -12.27
N GLY A 75 3.54 -10.66 -11.42
CA GLY A 75 4.19 -9.47 -11.89
C GLY A 75 3.29 -8.26 -11.90
N LEU A 76 2.11 -8.39 -11.35
CA LEU A 76 1.16 -7.30 -11.36
C LEU A 76 1.61 -6.19 -10.43
N PHE A 77 2.09 -6.56 -9.25
CA PHE A 77 2.56 -5.56 -8.30
C PHE A 77 3.99 -5.18 -8.59
N LYS A 78 4.60 -5.84 -9.56
CA LYS A 78 5.95 -5.50 -9.96
C LYS A 78 5.91 -4.20 -10.77
N LYS A 79 4.72 -3.82 -11.18
CA LYS A 79 4.52 -2.57 -11.87
C LYS A 79 4.34 -1.47 -10.84
N LEU A 80 3.82 -1.87 -9.70
CA LEU A 80 3.43 -0.95 -8.63
C LEU A 80 4.62 -0.60 -7.75
N LYS A 81 5.75 -1.26 -7.98
CA LYS A 81 6.97 -1.09 -7.13
C LYS A 81 7.57 0.33 -7.24
N ASP A 82 7.09 1.08 -8.20
CA ASP A 82 7.56 2.42 -8.49
C ASP A 82 6.63 3.44 -7.85
N ALA A 83 5.79 2.95 -6.96
CA ALA A 83 4.79 3.75 -6.30
C ALA A 83 5.37 4.77 -5.32
N GLU A 84 4.91 5.98 -5.47
CA GLU A 84 5.29 7.10 -4.65
C GLU A 84 4.15 7.38 -3.71
N PHE A 85 4.42 7.69 -2.47
CA PHE A 85 3.36 7.96 -1.52
C PHE A 85 2.84 9.37 -1.65
N ALA A 86 1.56 9.50 -1.49
CA ALA A 86 0.90 10.77 -1.50
C ALA A 86 0.48 11.11 -0.10
N ILE A 87 0.45 12.37 0.21
CA ILE A 87 0.05 12.81 1.52
C ILE A 87 -1.48 12.77 1.58
N ASN A 88 -1.98 12.07 2.55
CA ASN A 88 -3.39 11.94 2.78
C ASN A 88 -3.57 11.82 4.28
N VAL A 89 -4.62 12.46 4.82
CA VAL A 89 -4.99 12.48 6.24
C VAL A 89 -3.84 12.74 7.21
N SER A 90 -3.71 13.97 7.57
CA SER A 90 -2.70 14.39 8.49
C SER A 90 -3.13 14.02 9.91
N GLY A 91 -2.77 12.83 10.33
CA GLY A 91 -3.15 12.34 11.60
C GLY A 91 -1.98 11.68 12.26
N LYS A 92 -1.91 11.77 13.56
CA LYS A 92 -0.78 11.25 14.26
C LYS A 92 -1.15 10.06 15.14
N VAL A 93 -0.18 9.54 15.86
CA VAL A 93 -0.33 8.36 16.70
C VAL A 93 -0.86 8.73 18.11
N LYS A 94 -1.50 9.88 18.20
CA LYS A 94 -2.06 10.37 19.45
C LYS A 94 -3.31 9.62 19.86
N GLU A 95 -4.25 9.52 18.97
CA GLU A 95 -5.51 8.93 19.27
C GLU A 95 -5.76 7.73 18.37
N GLY A 96 -6.70 6.89 18.74
CA GLY A 96 -7.03 5.74 17.96
C GLY A 96 -7.91 6.09 16.78
N GLU A 97 -7.28 6.36 15.67
CA GLU A 97 -7.97 6.62 14.44
C GLU A 97 -7.26 5.87 13.33
N GLY A 98 -7.80 5.90 12.14
CA GLY A 98 -7.22 5.17 11.06
C GLY A 98 -6.46 6.06 10.11
N TYR A 99 -5.43 5.51 9.50
CA TYR A 99 -4.63 6.26 8.55
C TYR A 99 -4.94 5.75 7.18
N LYS A 100 -4.92 6.64 6.23
CA LYS A 100 -5.17 6.33 4.83
C LYS A 100 -3.96 6.77 4.07
N LEU A 101 -3.13 5.84 3.75
CA LEU A 101 -1.92 6.14 3.05
C LEU A 101 -2.04 5.64 1.65
N VAL A 102 -1.78 6.48 0.68
CA VAL A 102 -1.99 6.09 -0.70
C VAL A 102 -0.72 6.26 -1.50
N TRP A 103 -0.39 5.25 -2.24
CA TRP A 103 0.74 5.25 -3.12
C TRP A 103 0.25 5.25 -4.54
N LYS A 104 0.96 5.92 -5.40
CA LYS A 104 0.63 5.98 -6.79
C LYS A 104 1.78 5.40 -7.58
N SER A 105 1.48 4.38 -8.33
CA SER A 105 2.44 3.65 -9.13
C SER A 105 2.82 4.44 -10.40
N ALA A 106 3.73 3.89 -11.18
CA ALA A 106 4.20 4.50 -12.38
C ALA A 106 3.12 4.51 -13.42
N ALA A 107 3.02 5.61 -14.13
CA ALA A 107 1.99 5.78 -15.09
C ALA A 107 2.39 5.10 -16.39
N GLN A 108 1.60 4.18 -16.83
CA GLN A 108 1.87 3.43 -18.03
C GLN A 108 0.92 3.90 -19.10
N ARG A 109 1.40 4.00 -20.30
CA ARG A 109 0.60 4.47 -21.39
C ARG A 109 -0.29 3.34 -21.85
N SER A 110 -1.56 3.57 -21.74
CA SER A 110 -2.55 2.56 -22.01
C SER A 110 -3.00 2.62 -23.48
N HIS A 111 -3.97 1.81 -23.82
CA HIS A 111 -4.45 1.71 -25.20
C HIS A 111 -5.44 2.82 -25.49
N ASP A 112 -5.89 3.47 -24.43
CA ASP A 112 -6.89 4.55 -24.54
C ASP A 112 -6.20 5.89 -24.72
N GLN A 113 -4.89 5.85 -24.96
CA GLN A 113 -4.04 7.05 -25.16
C GLN A 113 -3.86 7.86 -23.87
N LYS A 114 -4.24 7.27 -22.76
CA LYS A 114 -4.04 7.89 -21.47
C LYS A 114 -3.01 7.13 -20.70
N ILE A 115 -2.50 7.70 -19.66
CA ILE A 115 -1.59 7.00 -18.82
C ILE A 115 -2.28 6.66 -17.54
N ARG A 116 -2.23 5.41 -17.17
CA ARG A 116 -2.87 5.00 -15.98
C ARG A 116 -1.84 4.58 -14.98
N TRP A 117 -2.23 4.58 -13.77
CA TRP A 117 -1.39 4.15 -12.73
C TRP A 117 -2.17 3.28 -11.80
N ASP A 118 -1.51 2.72 -10.87
CA ASP A 118 -2.12 1.88 -9.91
C ASP A 118 -2.04 2.62 -8.62
N GLU A 119 -3.07 2.62 -7.86
CA GLU A 119 -3.01 3.26 -6.58
C GLU A 119 -3.16 2.26 -5.51
N ALA A 120 -2.48 2.49 -4.44
CA ALA A 120 -2.52 1.61 -3.35
C ALA A 120 -2.87 2.37 -2.11
N GLU A 121 -3.97 2.02 -1.54
CA GLU A 121 -4.46 2.69 -0.36
C GLU A 121 -4.36 1.74 0.80
N ALA A 122 -3.48 2.00 1.70
CA ALA A 122 -3.35 1.20 2.88
C ALA A 122 -4.09 1.87 4.01
N TYR A 123 -4.97 1.13 4.60
CA TYR A 123 -5.77 1.60 5.69
C TYR A 123 -5.27 0.92 6.95
N ILE A 124 -4.70 1.70 7.80
CA ILE A 124 -4.17 1.20 9.06
C ILE A 124 -5.05 1.73 10.16
N TRP A 125 -5.23 0.98 11.22
CA TRP A 125 -6.00 1.48 12.32
C TRP A 125 -5.21 1.29 13.57
N ARG A 126 -5.41 2.15 14.55
CA ARG A 126 -4.75 1.97 15.78
C ARG A 126 -5.57 1.02 16.61
N ARG A 127 -5.03 -0.14 16.82
CA ARG A 127 -5.69 -1.19 17.50
C ARG A 127 -5.87 -0.80 18.96
N LYS A 128 -6.93 -1.32 19.58
CA LYS A 128 -7.30 -1.04 20.98
C LYS A 128 -6.16 -1.40 21.97
N ASP A 129 -5.21 -2.18 21.47
CA ASP A 129 -4.05 -2.60 22.24
C ASP A 129 -2.99 -1.51 22.28
N GLY A 130 -3.20 -0.44 21.54
CA GLY A 130 -2.33 0.72 21.62
C GLY A 130 -1.46 0.95 20.40
N SER A 131 -1.18 -0.09 19.68
CA SER A 131 -0.36 0.00 18.52
C SER A 131 -1.23 -0.07 17.29
N CYS A 132 -0.69 0.26 16.17
CA CYS A 132 -1.40 0.25 14.93
C CYS A 132 -1.10 -1.02 14.17
N TRP A 133 -2.00 -1.42 13.33
CA TRP A 133 -1.87 -2.61 12.57
C TRP A 133 -2.62 -2.38 11.27
N LEU A 134 -2.24 -3.10 10.24
CA LEU A 134 -2.88 -2.99 8.93
C LEU A 134 -4.35 -3.41 9.05
N HIS A 135 -5.25 -2.50 8.74
CA HIS A 135 -6.65 -2.79 8.83
C HIS A 135 -7.05 -3.48 7.55
N SER A 136 -6.75 -2.85 6.44
CA SER A 136 -7.02 -3.37 5.12
C SER A 136 -6.19 -2.55 4.17
N VAL A 137 -5.89 -3.05 3.01
CA VAL A 137 -5.22 -2.24 2.03
C VAL A 137 -5.88 -2.51 0.69
N LYS A 138 -5.80 -1.59 -0.20
CA LYS A 138 -6.46 -1.70 -1.48
C LYS A 138 -5.48 -1.37 -2.59
N PHE A 139 -5.51 -2.15 -3.63
CA PHE A 139 -4.72 -1.91 -4.80
C PHE A 139 -5.66 -1.76 -5.96
N ILE A 140 -5.64 -0.62 -6.55
CA ILE A 140 -6.50 -0.36 -7.69
C ILE A 140 -5.70 -0.13 -8.93
N MET A 141 -5.63 -1.12 -9.76
CA MET A 141 -4.86 -1.00 -10.97
C MET A 141 -5.84 -0.61 -12.06
N SER A 142 -6.00 0.70 -12.29
CA SER A 142 -7.00 1.25 -13.28
C SER A 142 -6.92 2.79 -13.39
N LYS A 143 -6.95 3.48 -12.24
CA LYS A 143 -7.06 4.96 -12.16
C LYS A 143 -6.05 5.69 -13.07
N ALA A 144 -6.52 6.72 -13.74
CA ALA A 144 -5.70 7.39 -14.71
C ALA A 144 -6.08 8.85 -14.89
N ALA A 145 -5.16 9.58 -15.47
CA ALA A 145 -5.37 10.94 -15.91
C ALA A 145 -6.04 10.88 -17.29
N PRO A 146 -6.74 11.96 -17.70
CA PRO A 146 -7.39 12.04 -19.01
C PRO A 146 -6.41 11.81 -20.16
N TYR A 147 -6.89 11.21 -21.24
CA TYR A 147 -6.07 10.83 -22.36
C TYR A 147 -5.46 12.07 -23.02
N VAL A 148 -4.33 11.87 -23.63
CA VAL A 148 -3.66 12.93 -24.29
C VAL A 148 -3.62 12.67 -25.78
N ALA A 149 -3.77 13.72 -26.54
CA ALA A 149 -3.69 13.68 -27.96
C ALA A 149 -3.07 14.98 -28.41
N ASP A 14 4.88 -3.23 23.24
CA ASP A 14 5.83 -2.16 23.57
C ASP A 14 5.07 -1.06 24.27
N MET A 15 5.69 -0.44 25.25
CA MET A 15 5.02 0.66 25.94
C MET A 15 5.37 1.96 25.27
N VAL A 16 6.46 1.92 24.57
CA VAL A 16 6.94 3.05 23.80
C VAL A 16 6.27 3.05 22.43
N THR A 17 4.98 3.29 22.44
CA THR A 17 4.14 3.17 21.29
C THR A 17 4.48 4.16 20.19
N ASP A 18 4.86 5.36 20.56
CA ASP A 18 5.23 6.40 19.58
C ASP A 18 6.46 5.97 18.80
N LEU A 19 7.41 5.38 19.50
CA LEU A 19 8.63 4.90 18.89
C LEU A 19 8.31 3.67 18.05
N ASP A 20 7.42 2.87 18.56
CA ASP A 20 7.05 1.64 17.89
C ASP A 20 6.30 1.90 16.61
N VAL A 21 5.33 2.80 16.68
CA VAL A 21 4.54 3.11 15.52
C VAL A 21 5.33 3.87 14.47
N LYS A 22 6.27 4.74 14.89
CA LYS A 22 7.08 5.42 13.89
C LYS A 22 8.02 4.42 13.25
N GLY A 23 8.49 3.46 14.05
CA GLY A 23 9.40 2.46 13.55
C GLY A 23 8.71 1.52 12.60
N LEU A 24 7.50 1.16 12.92
CA LEU A 24 6.70 0.26 12.14
C LEU A 24 6.31 0.94 10.82
N GLY A 25 5.83 2.18 10.94
CA GLY A 25 5.42 2.93 9.78
C GLY A 25 6.57 3.20 8.85
N TYR A 26 7.72 3.54 9.42
CA TYR A 26 8.88 3.75 8.62
C TYR A 26 9.36 2.46 7.99
N ASP A 27 9.38 1.38 8.76
CA ASP A 27 9.90 0.09 8.25
C ASP A 27 9.13 -0.34 7.02
N PHE A 28 7.82 -0.19 7.13
CA PHE A 28 6.91 -0.46 6.04
C PHE A 28 7.19 0.49 4.87
N ILE A 29 7.20 1.78 5.11
CA ILE A 29 7.43 2.79 4.07
C ILE A 29 8.80 2.63 3.41
N ASP A 30 9.78 2.24 4.19
CA ASP A 30 11.12 2.02 3.71
C ASP A 30 11.12 0.85 2.77
N LEU A 31 10.49 -0.24 3.17
CA LEU A 31 10.47 -1.41 2.33
C LEU A 31 9.53 -1.25 1.13
N VAL A 32 8.62 -0.29 1.20
CA VAL A 32 7.78 0.03 0.07
C VAL A 32 8.59 0.82 -0.97
N THR A 33 9.60 1.55 -0.50
CA THR A 33 10.40 2.39 -1.36
C THR A 33 11.76 1.75 -1.57
N LYS A 34 11.79 0.47 -1.20
CA LYS A 34 12.93 -0.42 -1.19
C LYS A 34 13.83 -0.23 -2.40
N SER A 35 15.09 0.04 -2.12
CA SER A 35 16.12 0.26 -3.11
C SER A 35 16.20 -0.90 -4.14
N PRO A 36 16.56 -0.59 -5.41
CA PRO A 36 16.69 -1.59 -6.50
C PRO A 36 17.83 -2.60 -6.25
N ASP A 37 18.60 -2.32 -5.22
CA ASP A 37 19.67 -3.22 -4.76
C ASP A 37 19.09 -4.53 -4.24
N SER A 38 17.86 -4.47 -3.79
CA SER A 38 17.17 -5.64 -3.31
C SER A 38 16.18 -6.15 -4.36
N VAL A 39 15.66 -7.35 -4.17
CA VAL A 39 14.84 -8.00 -5.20
C VAL A 39 13.55 -7.26 -5.52
N ASN A 40 12.74 -6.97 -4.51
CA ASN A 40 11.44 -6.41 -4.79
C ASN A 40 10.75 -5.97 -3.51
N SER A 41 10.09 -4.82 -3.55
CA SER A 41 9.52 -4.19 -2.37
C SER A 41 8.45 -5.05 -1.74
N GLU A 42 7.60 -5.63 -2.57
CA GLU A 42 6.50 -6.46 -2.10
C GLU A 42 7.00 -7.70 -1.39
N HIS A 43 8.26 -8.09 -1.63
CA HIS A 43 8.78 -9.27 -0.98
C HIS A 43 8.96 -8.98 0.50
N GLU A 44 9.55 -7.84 0.78
CA GLU A 44 9.82 -7.43 2.11
C GLU A 44 8.51 -7.07 2.76
N LEU A 45 7.58 -6.56 1.94
CA LEU A 45 6.28 -6.24 2.40
C LEU A 45 5.55 -7.49 2.82
N ALA A 46 5.60 -8.54 1.99
CA ALA A 46 4.96 -9.82 2.30
C ALA A 46 5.57 -10.45 3.55
N HIS A 47 6.82 -10.16 3.74
CA HIS A 47 7.58 -10.60 4.90
C HIS A 47 7.16 -9.81 6.16
N PHE A 48 6.83 -8.54 5.98
CA PHE A 48 6.41 -7.64 7.05
C PHE A 48 4.94 -7.89 7.36
N LEU A 49 4.30 -8.36 6.34
CA LEU A 49 2.90 -8.69 6.27
C LEU A 49 2.56 -9.90 7.10
N GLY A 50 3.53 -10.80 7.23
CA GLY A 50 3.39 -12.05 7.99
C GLY A 50 2.57 -11.96 9.29
N PRO A 51 2.93 -11.07 10.24
CA PRO A 51 2.15 -10.89 11.46
C PRO A 51 0.88 -10.04 11.26
N HIS A 52 0.68 -9.48 10.09
CA HIS A 52 -0.37 -8.49 9.90
C HIS A 52 -1.20 -8.78 8.64
N ASP A 53 -1.23 -10.04 8.20
CA ASP A 53 -1.94 -10.45 6.96
C ASP A 53 -3.43 -10.04 7.00
N PRO A 54 -3.81 -9.02 6.22
CA PRO A 54 -5.16 -8.50 6.17
C PRO A 54 -5.87 -8.84 4.85
N GLU A 55 -6.90 -8.08 4.53
CA GLU A 55 -7.60 -8.23 3.29
C GLU A 55 -6.90 -7.41 2.25
N ILE A 56 -6.63 -8.00 1.14
CA ILE A 56 -6.02 -7.30 0.06
C ILE A 56 -7.05 -7.11 -1.02
N TYR A 57 -7.44 -5.93 -1.27
CA TYR A 57 -8.40 -5.66 -2.29
C TYR A 57 -7.67 -5.35 -3.54
N VAL A 58 -8.08 -5.92 -4.61
CA VAL A 58 -7.47 -5.68 -5.88
C VAL A 58 -8.55 -5.41 -6.87
N ASN A 59 -8.53 -4.20 -7.40
CA ASN A 59 -9.51 -3.72 -8.40
C ASN A 59 -10.91 -3.73 -7.82
N GLY A 60 -10.97 -3.55 -6.51
CA GLY A 60 -12.24 -3.53 -5.81
C GLY A 60 -12.72 -4.91 -5.41
N LYS A 61 -11.90 -5.92 -5.62
CA LYS A 61 -12.26 -7.27 -5.29
C LYS A 61 -11.39 -7.77 -4.17
N ILE A 62 -11.99 -8.40 -3.21
CA ILE A 62 -11.30 -8.86 -2.01
C ILE A 62 -10.46 -10.12 -2.33
N GLN A 63 -9.21 -10.07 -1.97
CA GLN A 63 -8.28 -11.15 -2.17
C GLN A 63 -7.66 -11.46 -0.80
N THR A 64 -7.37 -12.70 -0.53
CA THR A 64 -6.74 -13.06 0.72
C THR A 64 -5.20 -12.96 0.56
N THR A 65 -4.47 -13.14 1.67
CA THR A 65 -3.00 -13.05 1.68
C THR A 65 -2.37 -14.03 0.66
N THR A 66 -3.02 -15.17 0.48
CA THR A 66 -2.57 -16.17 -0.45
C THR A 66 -2.71 -15.65 -1.90
N ALA A 67 -3.82 -15.00 -2.19
CA ALA A 67 -4.09 -14.43 -3.50
C ALA A 67 -3.09 -13.33 -3.79
N PHE A 68 -2.90 -12.42 -2.83
CA PHE A 68 -1.91 -11.35 -2.95
C PHE A 68 -0.56 -11.93 -3.28
N LEU A 69 -0.13 -12.88 -2.47
CA LEU A 69 1.12 -13.61 -2.69
C LEU A 69 1.23 -14.14 -4.13
N GLN A 70 0.16 -14.74 -4.61
CA GLN A 70 0.08 -15.23 -5.95
C GLN A 70 0.28 -14.11 -6.97
N PHE A 71 -0.42 -13.00 -6.78
CA PHE A 71 -0.33 -11.86 -7.71
C PHE A 71 1.06 -11.23 -7.65
N PHE A 72 1.63 -11.23 -6.47
CA PHE A 72 2.98 -10.76 -6.23
C PHE A 72 3.97 -11.59 -7.03
N ARG A 73 3.89 -12.90 -6.90
CA ARG A 73 4.83 -13.78 -7.56
C ARG A 73 4.53 -13.89 -9.05
N GLN A 74 3.36 -13.43 -9.45
CA GLN A 74 3.04 -13.30 -10.86
C GLN A 74 3.61 -12.02 -11.44
N GLY A 75 4.13 -11.16 -10.58
CA GLY A 75 4.73 -9.95 -11.01
C GLY A 75 3.74 -8.88 -11.29
N LEU A 76 2.59 -8.93 -10.65
CA LEU A 76 1.57 -7.94 -10.91
C LEU A 76 1.85 -6.63 -10.20
N PHE A 77 2.39 -6.71 -9.00
CA PHE A 77 2.60 -5.49 -8.22
C PHE A 77 4.01 -4.96 -8.33
N LYS A 78 4.85 -5.61 -9.11
CA LYS A 78 6.26 -5.23 -9.14
C LYS A 78 6.52 -3.89 -9.83
N LYS A 79 5.55 -3.42 -10.60
CA LYS A 79 5.61 -2.07 -11.17
C LYS A 79 4.98 -1.04 -10.23
N LEU A 80 4.24 -1.53 -9.28
CA LEU A 80 3.49 -0.70 -8.36
C LEU A 80 4.37 -0.26 -7.19
N LYS A 81 5.50 -0.91 -7.04
CA LYS A 81 6.42 -0.56 -5.95
C LYS A 81 7.19 0.73 -6.26
N ASP A 82 7.05 1.20 -7.47
CA ASP A 82 7.72 2.41 -7.93
C ASP A 82 6.80 3.61 -7.73
N ALA A 83 5.76 3.39 -6.94
CA ALA A 83 4.76 4.38 -6.68
C ALA A 83 5.17 5.40 -5.63
N GLU A 84 4.58 6.57 -5.74
CA GLU A 84 4.82 7.66 -4.83
C GLU A 84 3.63 7.83 -3.94
N PHE A 85 3.86 8.18 -2.71
CA PHE A 85 2.76 8.46 -1.80
C PHE A 85 2.49 9.95 -1.77
N ALA A 86 1.30 10.31 -2.14
CA ALA A 86 0.93 11.71 -2.22
C ALA A 86 0.13 12.10 -1.00
N ILE A 87 -0.28 13.36 -0.94
CA ILE A 87 -1.11 13.83 0.15
C ILE A 87 -2.45 13.10 0.23
N ASN A 88 -2.76 12.66 1.40
CA ASN A 88 -3.97 11.91 1.61
C ASN A 88 -4.96 12.78 2.32
N VAL A 89 -5.64 13.61 1.59
CA VAL A 89 -6.61 14.53 2.15
C VAL A 89 -7.86 13.75 2.51
N SER A 90 -8.20 12.82 1.64
CA SER A 90 -9.35 11.98 1.82
C SER A 90 -9.07 10.86 2.85
N GLY A 91 -7.83 10.77 3.30
CA GLY A 91 -7.44 9.75 4.25
C GLY A 91 -7.73 10.17 5.67
N LYS A 92 -8.99 10.34 5.98
CA LYS A 92 -9.41 10.75 7.30
C LYS A 92 -10.16 9.63 7.99
N VAL A 93 -9.56 9.08 9.01
CA VAL A 93 -10.16 7.99 9.72
C VAL A 93 -11.02 8.56 10.84
N LYS A 94 -12.30 8.63 10.60
CA LYS A 94 -13.23 9.16 11.57
C LYS A 94 -13.63 8.09 12.56
N GLU A 95 -13.56 6.87 12.11
CA GLU A 95 -13.94 5.68 12.89
C GLU A 95 -12.89 5.31 13.95
N GLY A 96 -11.92 6.18 14.14
CA GLY A 96 -10.88 5.95 15.09
C GLY A 96 -9.67 6.70 14.68
N GLU A 97 -8.57 6.02 14.55
CA GLU A 97 -7.35 6.59 14.09
C GLU A 97 -6.54 5.55 13.35
N GLY A 98 -5.94 5.96 12.28
CA GLY A 98 -5.20 5.08 11.45
C GLY A 98 -4.67 5.82 10.25
N TYR A 99 -4.25 5.09 9.27
CA TYR A 99 -3.66 5.69 8.09
C TYR A 99 -4.34 5.14 6.86
N LYS A 100 -4.65 6.01 5.95
CA LYS A 100 -5.11 5.61 4.65
C LYS A 100 -4.17 6.21 3.67
N LEU A 101 -3.26 5.43 3.21
CA LEU A 101 -2.18 5.91 2.38
C LEU A 101 -2.36 5.43 0.97
N VAL A 102 -2.40 6.33 0.03
CA VAL A 102 -2.51 5.95 -1.35
C VAL A 102 -1.27 6.32 -2.16
N TRP A 103 -0.70 5.31 -2.74
CA TRP A 103 0.43 5.42 -3.61
C TRP A 103 -0.06 5.48 -5.02
N LYS A 104 0.62 6.23 -5.83
CA LYS A 104 0.29 6.37 -7.21
C LYS A 104 1.54 6.11 -8.01
N SER A 105 1.49 5.14 -8.87
CA SER A 105 2.62 4.73 -9.68
C SER A 105 2.92 5.74 -10.80
N ALA A 106 3.87 5.39 -11.66
CA ALA A 106 4.21 6.22 -12.79
C ALA A 106 3.01 6.27 -13.73
N ALA A 107 2.97 7.24 -14.58
CA ALA A 107 1.82 7.41 -15.44
C ALA A 107 2.08 6.85 -16.83
N GLN A 108 1.09 6.15 -17.36
CA GLN A 108 1.16 5.55 -18.68
C GLN A 108 0.15 6.25 -19.57
N ARG A 109 0.60 6.98 -20.56
CA ARG A 109 -0.33 7.59 -21.48
C ARG A 109 -0.81 6.55 -22.44
N SER A 110 -2.02 6.18 -22.29
CA SER A 110 -2.61 5.14 -23.05
C SER A 110 -3.30 5.78 -24.26
N HIS A 111 -3.45 5.02 -25.34
CA HIS A 111 -4.03 5.53 -26.58
C HIS A 111 -5.55 5.76 -26.48
N ASP A 112 -6.08 5.49 -25.28
CA ASP A 112 -7.49 5.72 -24.94
C ASP A 112 -7.70 7.22 -24.72
N GLN A 113 -6.59 7.98 -24.77
CA GLN A 113 -6.52 9.42 -24.53
C GLN A 113 -6.58 9.75 -23.06
N LYS A 114 -6.46 8.74 -22.26
CA LYS A 114 -6.41 8.91 -20.85
C LYS A 114 -5.17 8.26 -20.31
N ILE A 115 -4.75 8.69 -19.16
CA ILE A 115 -3.55 8.22 -18.59
C ILE A 115 -3.90 7.18 -17.55
N ARG A 116 -3.15 6.11 -17.53
CA ARG A 116 -3.36 5.01 -16.60
C ARG A 116 -2.19 4.93 -15.68
N TRP A 117 -2.41 4.38 -14.53
CA TRP A 117 -1.39 4.15 -13.55
C TRP A 117 -1.94 3.16 -12.55
N ASP A 118 -1.14 2.72 -11.64
CA ASP A 118 -1.64 1.86 -10.61
C ASP A 118 -1.70 2.65 -9.35
N GLU A 119 -2.73 2.46 -8.61
CA GLU A 119 -2.82 3.10 -7.29
C GLU A 119 -2.93 2.05 -6.22
N ALA A 120 -2.47 2.38 -5.05
CA ALA A 120 -2.48 1.48 -3.95
C ALA A 120 -2.90 2.19 -2.70
N GLU A 121 -3.93 1.72 -2.07
CA GLU A 121 -4.44 2.32 -0.86
C GLU A 121 -4.28 1.33 0.29
N ALA A 122 -3.41 1.62 1.20
CA ALA A 122 -3.28 0.79 2.37
C ALA A 122 -4.07 1.42 3.50
N TYR A 123 -4.87 0.60 4.15
CA TYR A 123 -5.70 1.03 5.23
C TYR A 123 -5.17 0.41 6.50
N ILE A 124 -4.63 1.22 7.33
CA ILE A 124 -4.07 0.79 8.58
C ILE A 124 -4.89 1.41 9.68
N TRP A 125 -5.21 0.66 10.69
CA TRP A 125 -5.92 1.21 11.79
C TRP A 125 -5.08 0.99 12.99
N ARG A 126 -5.14 1.85 13.93
CA ARG A 126 -4.39 1.60 15.09
C ARG A 126 -5.30 1.44 16.25
N ARG A 127 -5.02 0.46 16.96
CA ARG A 127 -5.81 0.00 18.05
C ARG A 127 -5.49 0.81 19.29
N LYS A 128 -6.51 1.05 20.11
CA LYS A 128 -6.41 1.79 21.38
C LYS A 128 -5.27 1.28 22.28
N ASP A 129 -5.00 0.01 22.17
CA ASP A 129 -4.00 -0.68 22.98
C ASP A 129 -2.58 -0.38 22.50
N GLY A 130 -2.47 0.44 21.47
CA GLY A 130 -1.18 0.84 20.96
C GLY A 130 -0.77 0.05 19.73
N SER A 131 -1.60 -0.88 19.32
CA SER A 131 -1.26 -1.73 18.22
C SER A 131 -1.64 -1.09 16.88
N CYS A 132 -0.67 -0.56 16.19
CA CYS A 132 -0.88 -0.05 14.86
C CYS A 132 -0.84 -1.26 13.95
N TRP A 133 -1.91 -1.52 13.22
CA TRP A 133 -1.99 -2.73 12.52
C TRP A 133 -2.59 -2.54 11.14
N LEU A 134 -2.19 -3.38 10.25
CA LEU A 134 -2.70 -3.39 8.87
C LEU A 134 -4.15 -3.84 8.88
N HIS A 135 -5.06 -2.97 8.47
CA HIS A 135 -6.46 -3.32 8.47
C HIS A 135 -6.77 -4.08 7.20
N SER A 136 -6.48 -3.46 6.09
CA SER A 136 -6.70 -4.00 4.77
C SER A 136 -5.91 -3.15 3.82
N VAL A 137 -5.55 -3.65 2.69
CA VAL A 137 -4.92 -2.81 1.71
C VAL A 137 -5.63 -3.04 0.39
N LYS A 138 -5.48 -2.16 -0.51
CA LYS A 138 -6.19 -2.20 -1.75
C LYS A 138 -5.30 -1.75 -2.88
N PHE A 139 -5.36 -2.44 -3.96
CA PHE A 139 -4.62 -2.09 -5.14
C PHE A 139 -5.57 -1.91 -6.28
N ILE A 140 -5.33 -0.95 -7.10
CA ILE A 140 -6.12 -0.71 -8.26
C ILE A 140 -5.19 -0.53 -9.42
N MET A 141 -5.03 -1.60 -10.15
CA MET A 141 -4.04 -1.66 -11.19
C MET A 141 -4.62 -1.20 -12.49
N SER A 142 -3.90 -0.31 -13.14
CA SER A 142 -4.24 0.19 -14.48
C SER A 142 -5.46 1.11 -14.40
N LYS A 143 -5.66 1.67 -13.24
CA LYS A 143 -6.73 2.57 -12.98
C LYS A 143 -6.39 3.92 -13.62
N ALA A 144 -7.38 4.59 -14.11
CA ALA A 144 -7.16 5.81 -14.80
C ALA A 144 -8.01 6.91 -14.24
N ALA A 145 -7.81 8.08 -14.75
CA ALA A 145 -8.58 9.22 -14.41
C ALA A 145 -9.37 9.61 -15.64
N PRO A 146 -10.72 9.81 -15.51
CA PRO A 146 -11.57 10.22 -16.63
C PRO A 146 -10.96 11.42 -17.33
N TYR A 147 -10.83 11.34 -18.63
CA TYR A 147 -10.13 12.33 -19.35
C TYR A 147 -11.05 13.36 -19.95
N VAL A 148 -10.47 14.40 -20.42
CA VAL A 148 -11.13 15.44 -21.11
C VAL A 148 -10.34 15.80 -22.36
N ALA A 149 -10.90 15.45 -23.47
CA ALA A 149 -10.29 15.69 -24.75
C ALA A 149 -11.20 16.54 -25.58
N ASP A 14 9.66 2.55 25.41
CA ASP A 14 8.49 1.68 25.52
C ASP A 14 7.70 1.77 24.27
N MET A 15 6.78 0.85 24.07
CA MET A 15 5.96 0.90 22.90
C MET A 15 4.83 1.89 23.09
N VAL A 16 5.08 3.09 22.69
CA VAL A 16 4.08 4.11 22.68
C VAL A 16 3.29 3.90 21.40
N THR A 17 2.01 4.20 21.40
CA THR A 17 1.18 4.01 20.23
C THR A 17 1.79 4.79 19.04
N ASP A 18 2.26 5.99 19.33
CA ASP A 18 2.90 6.84 18.32
C ASP A 18 4.18 6.21 17.82
N LEU A 19 4.94 5.65 18.74
CA LEU A 19 6.19 5.00 18.43
C LEU A 19 5.93 3.78 17.54
N ASP A 20 4.88 3.07 17.85
CA ASP A 20 4.52 1.86 17.10
C ASP A 20 4.10 2.22 15.69
N VAL A 21 3.29 3.27 15.55
CA VAL A 21 2.81 3.66 14.23
C VAL A 21 3.92 4.25 13.36
N LYS A 22 4.81 5.05 13.96
CA LYS A 22 5.86 5.65 13.18
C LYS A 22 6.95 4.65 12.88
N GLY A 23 7.10 3.69 13.78
CA GLY A 23 8.08 2.65 13.59
C GLY A 23 7.62 1.70 12.51
N LEU A 24 6.33 1.39 12.54
CA LEU A 24 5.71 0.51 11.59
C LEU A 24 5.70 1.19 10.22
N GLY A 25 5.24 2.43 10.21
CA GLY A 25 5.16 3.20 9.00
C GLY A 25 6.50 3.40 8.36
N TYR A 26 7.53 3.62 9.17
CA TYR A 26 8.86 3.78 8.63
C TYR A 26 9.39 2.46 8.13
N ASP A 27 9.15 1.37 8.86
CA ASP A 27 9.66 0.04 8.48
C ASP A 27 9.06 -0.37 7.15
N PHE A 28 7.79 -0.13 7.04
CA PHE A 28 7.00 -0.41 5.86
C PHE A 28 7.49 0.43 4.68
N ILE A 29 7.54 1.72 4.86
CA ILE A 29 7.99 2.60 3.81
C ILE A 29 9.46 2.37 3.46
N ASP A 30 10.26 2.02 4.45
CA ASP A 30 11.67 1.74 4.23
C ASP A 30 11.82 0.54 3.34
N LEU A 31 11.10 -0.54 3.65
CA LEU A 31 11.24 -1.74 2.87
C LEU A 31 10.66 -1.54 1.46
N VAL A 32 9.66 -0.68 1.36
CA VAL A 32 9.09 -0.34 0.08
C VAL A 32 10.08 0.54 -0.74
N THR A 33 10.97 1.23 -0.06
CA THR A 33 11.91 2.10 -0.74
C THR A 33 13.31 1.52 -0.63
N LYS A 34 13.37 0.22 -0.34
CA LYS A 34 14.61 -0.52 -0.22
C LYS A 34 15.43 -0.39 -1.51
N SER A 35 16.73 -0.31 -1.34
CA SER A 35 17.64 -0.17 -2.43
C SER A 35 17.58 -1.40 -3.36
N PRO A 36 17.94 -1.23 -4.66
CA PRO A 36 17.92 -2.29 -5.70
C PRO A 36 18.82 -3.48 -5.36
N ASP A 37 19.55 -3.34 -4.27
CA ASP A 37 20.36 -4.43 -3.72
C ASP A 37 19.43 -5.60 -3.33
N SER A 38 18.20 -5.27 -3.01
CA SER A 38 17.17 -6.24 -2.76
C SER A 38 16.43 -6.42 -4.08
N VAL A 39 16.02 -7.63 -4.39
CA VAL A 39 15.37 -7.89 -5.66
C VAL A 39 13.99 -7.24 -5.73
N ASN A 40 13.22 -7.41 -4.69
CA ASN A 40 11.86 -6.94 -4.75
C ASN A 40 11.37 -6.40 -3.40
N SER A 41 11.01 -5.14 -3.38
CA SER A 41 10.57 -4.44 -2.18
C SER A 41 9.27 -5.05 -1.64
N GLU A 42 8.42 -5.46 -2.56
CA GLU A 42 7.15 -6.08 -2.26
C GLU A 42 7.36 -7.42 -1.57
N HIS A 43 8.54 -8.01 -1.74
CA HIS A 43 8.83 -9.28 -1.09
C HIS A 43 8.93 -9.03 0.41
N GLU A 44 9.59 -7.94 0.73
CA GLU A 44 9.75 -7.54 2.08
C GLU A 44 8.44 -7.07 2.64
N LEU A 45 7.63 -6.49 1.78
CA LEU A 45 6.31 -6.07 2.17
C LEU A 45 5.42 -7.28 2.48
N ALA A 46 5.53 -8.32 1.67
CA ALA A 46 4.80 -9.56 1.88
C ALA A 46 5.24 -10.20 3.19
N HIS A 47 6.50 -10.07 3.47
CA HIS A 47 7.09 -10.58 4.71
C HIS A 47 6.57 -9.75 5.91
N PHE A 48 6.44 -8.45 5.69
CA PHE A 48 5.98 -7.50 6.68
C PHE A 48 4.54 -7.77 7.07
N LEU A 49 3.72 -8.04 6.08
CA LEU A 49 2.31 -8.27 6.30
C LEU A 49 2.05 -9.69 6.79
N GLY A 50 3.10 -10.48 6.89
CA GLY A 50 3.00 -11.85 7.40
C GLY A 50 2.26 -11.89 8.75
N PRO A 51 2.77 -11.26 9.81
CA PRO A 51 2.11 -11.21 11.11
C PRO A 51 0.94 -10.21 11.12
N HIS A 52 0.79 -9.47 10.04
CA HIS A 52 -0.18 -8.40 10.01
C HIS A 52 -1.14 -8.59 8.85
N ASP A 53 -1.50 -9.88 8.60
CA ASP A 53 -2.39 -10.31 7.52
C ASP A 53 -3.74 -9.60 7.54
N PRO A 54 -3.93 -8.67 6.59
CA PRO A 54 -5.16 -7.93 6.44
C PRO A 54 -5.92 -8.40 5.19
N GLU A 55 -6.77 -7.56 4.68
CA GLU A 55 -7.48 -7.86 3.46
C GLU A 55 -6.80 -7.15 2.33
N ILE A 56 -6.42 -7.91 1.34
CA ILE A 56 -5.70 -7.37 0.23
C ILE A 56 -6.66 -7.31 -0.95
N TYR A 57 -7.07 -6.16 -1.31
CA TYR A 57 -8.04 -6.02 -2.37
C TYR A 57 -7.35 -5.74 -3.65
N VAL A 58 -7.80 -6.35 -4.70
CA VAL A 58 -7.28 -6.03 -5.99
C VAL A 58 -8.47 -5.74 -6.88
N ASN A 59 -8.52 -4.52 -7.38
CA ASN A 59 -9.57 -4.07 -8.30
C ASN A 59 -10.96 -4.16 -7.66
N GLY A 60 -10.99 -4.19 -6.34
CA GLY A 60 -12.23 -4.26 -5.61
C GLY A 60 -12.56 -5.67 -5.15
N LYS A 61 -11.69 -6.62 -5.44
CA LYS A 61 -11.91 -7.99 -5.03
C LYS A 61 -10.97 -8.36 -3.93
N ILE A 62 -11.51 -8.94 -2.89
CA ILE A 62 -10.76 -9.28 -1.72
C ILE A 62 -9.88 -10.53 -1.98
N GLN A 63 -8.62 -10.38 -1.75
CA GLN A 63 -7.66 -11.43 -1.87
C GLN A 63 -7.01 -11.63 -0.51
N THR A 64 -6.78 -12.86 -0.16
CA THR A 64 -6.10 -13.16 1.06
C THR A 64 -4.57 -13.11 0.82
N THR A 65 -3.78 -13.23 1.89
CA THR A 65 -2.32 -13.18 1.82
C THR A 65 -1.77 -14.17 0.77
N THR A 66 -2.39 -15.34 0.68
CA THR A 66 -1.97 -16.38 -0.24
C THR A 66 -2.25 -15.99 -1.71
N ALA A 67 -3.40 -15.39 -1.96
CA ALA A 67 -3.75 -14.94 -3.30
C ALA A 67 -2.81 -13.84 -3.73
N PHE A 68 -2.61 -12.87 -2.83
CA PHE A 68 -1.65 -11.78 -3.03
C PHE A 68 -0.28 -12.35 -3.37
N LEU A 69 0.20 -13.23 -2.49
CA LEU A 69 1.49 -13.94 -2.68
C LEU A 69 1.58 -14.56 -4.08
N GLN A 70 0.52 -15.19 -4.52
CA GLN A 70 0.44 -15.78 -5.83
C GLN A 70 0.62 -14.72 -6.93
N PHE A 71 -0.11 -13.62 -6.83
CA PHE A 71 -0.02 -12.57 -7.85
C PHE A 71 1.36 -11.90 -7.77
N PHE A 72 1.85 -11.78 -6.57
CA PHE A 72 3.14 -11.23 -6.28
C PHE A 72 4.23 -12.05 -6.97
N ARG A 73 4.24 -13.36 -6.72
CA ARG A 73 5.28 -14.21 -7.27
C ARG A 73 5.18 -14.28 -8.77
N GLN A 74 3.97 -14.14 -9.29
CA GLN A 74 3.75 -14.14 -10.71
C GLN A 74 4.14 -12.83 -11.38
N GLY A 75 4.42 -11.81 -10.59
CA GLY A 75 4.93 -10.58 -11.13
C GLY A 75 3.90 -9.48 -11.28
N LEU A 76 2.75 -9.67 -10.70
CA LEU A 76 1.66 -8.70 -10.80
C LEU A 76 1.98 -7.41 -10.05
N PHE A 77 2.33 -7.53 -8.80
CA PHE A 77 2.51 -6.34 -7.95
C PHE A 77 3.91 -5.81 -7.98
N LYS A 78 4.74 -6.37 -8.84
CA LYS A 78 6.15 -5.96 -8.94
C LYS A 78 6.34 -4.54 -9.45
N LYS A 79 5.28 -3.98 -9.96
CA LYS A 79 5.28 -2.62 -10.43
C LYS A 79 5.20 -1.63 -9.27
N LEU A 80 4.92 -2.14 -8.07
CA LEU A 80 4.85 -1.31 -6.87
C LEU A 80 6.25 -0.79 -6.53
N LYS A 81 7.26 -1.56 -6.90
CA LYS A 81 8.64 -1.19 -6.71
C LYS A 81 8.99 0.04 -7.58
N ASP A 82 8.29 0.15 -8.69
CA ASP A 82 8.50 1.26 -9.64
C ASP A 82 7.45 2.34 -9.42
N ALA A 83 6.66 2.19 -8.37
CA ALA A 83 5.63 3.13 -8.08
C ALA A 83 6.14 4.24 -7.21
N GLU A 84 5.54 5.38 -7.35
CA GLU A 84 5.91 6.54 -6.60
C GLU A 84 4.87 6.77 -5.53
N PHE A 85 5.33 7.04 -4.33
CA PHE A 85 4.44 7.14 -3.20
C PHE A 85 3.84 8.52 -3.04
N ALA A 86 2.63 8.51 -2.59
CA ALA A 86 1.88 9.67 -2.24
C ALA A 86 1.18 9.31 -0.95
N ILE A 87 1.78 9.66 0.16
CA ILE A 87 1.26 9.28 1.43
C ILE A 87 0.18 10.21 1.95
N ASN A 88 -0.82 9.65 2.55
CA ASN A 88 -1.90 10.43 3.10
C ASN A 88 -2.19 9.98 4.53
N VAL A 89 -1.57 10.66 5.45
CA VAL A 89 -1.75 10.39 6.85
C VAL A 89 -2.74 11.40 7.43
N SER A 90 -3.67 10.94 8.21
CA SER A 90 -4.65 11.82 8.81
C SER A 90 -4.03 12.60 10.00
N GLY A 91 -3.30 13.66 9.67
CA GLY A 91 -2.75 14.58 10.66
C GLY A 91 -1.59 14.04 11.49
N LYS A 92 -1.39 12.72 11.50
CA LYS A 92 -0.40 12.04 12.36
C LYS A 92 -0.86 12.28 13.80
N VAL A 93 -2.15 12.11 13.98
CA VAL A 93 -2.84 12.34 15.23
C VAL A 93 -2.71 11.13 16.17
N LYS A 94 -3.11 11.31 17.43
CA LYS A 94 -3.00 10.25 18.43
C LYS A 94 -4.28 9.45 18.59
N GLU A 95 -5.34 9.89 17.99
CA GLU A 95 -6.58 9.14 18.07
C GLU A 95 -6.66 8.08 16.97
N GLY A 96 -7.78 7.40 16.91
CA GLY A 96 -7.94 6.31 16.02
C GLY A 96 -8.32 6.69 14.62
N GLU A 97 -7.38 7.24 13.90
CA GLU A 97 -7.56 7.54 12.49
C GLU A 97 -6.88 6.47 11.64
N GLY A 98 -7.17 6.47 10.36
CA GLY A 98 -6.59 5.55 9.44
C GLY A 98 -5.56 6.22 8.58
N TYR A 99 -4.54 5.50 8.22
CA TYR A 99 -3.47 6.04 7.42
C TYR A 99 -3.54 5.40 6.07
N LYS A 100 -3.44 6.20 5.02
CA LYS A 100 -3.46 5.70 3.68
C LYS A 100 -2.12 5.91 3.04
N LEU A 101 -1.42 4.85 2.82
CA LEU A 101 -0.16 4.91 2.13
C LEU A 101 -0.45 4.56 0.70
N VAL A 102 -0.40 5.52 -0.19
CA VAL A 102 -0.77 5.25 -1.55
C VAL A 102 0.42 5.40 -2.48
N TRP A 103 0.40 4.66 -3.53
CA TRP A 103 1.40 4.72 -4.56
C TRP A 103 0.71 4.79 -5.89
N LYS A 104 1.36 5.40 -6.83
CA LYS A 104 0.90 5.46 -8.19
C LYS A 104 2.05 4.96 -9.06
N SER A 105 1.77 4.05 -9.95
CA SER A 105 2.80 3.51 -10.81
C SER A 105 2.98 4.40 -12.04
N ALA A 106 3.70 3.89 -13.05
CA ALA A 106 3.95 4.61 -14.28
C ALA A 106 2.65 4.94 -14.98
N ALA A 107 2.51 6.19 -15.32
CA ALA A 107 1.33 6.70 -15.93
C ALA A 107 1.53 6.89 -17.43
N GLN A 108 0.51 6.59 -18.20
CA GLN A 108 0.53 6.75 -19.65
C GLN A 108 -0.81 7.29 -20.04
N ARG A 109 -0.85 8.16 -21.01
CA ARG A 109 -2.11 8.72 -21.42
C ARG A 109 -2.90 7.77 -22.25
N SER A 110 -4.12 7.65 -21.87
CA SER A 110 -5.03 6.78 -22.48
C SER A 110 -5.86 7.55 -23.54
N HIS A 111 -6.61 6.83 -24.34
CA HIS A 111 -7.35 7.41 -25.47
C HIS A 111 -8.55 8.21 -24.99
N ASP A 112 -8.96 7.97 -23.75
CA ASP A 112 -10.11 8.71 -23.16
C ASP A 112 -9.68 10.08 -22.69
N GLN A 113 -8.44 10.46 -23.02
CA GLN A 113 -7.81 11.73 -22.64
C GLN A 113 -7.52 11.73 -21.13
N LYS A 114 -7.51 10.56 -20.58
CA LYS A 114 -7.24 10.37 -19.19
C LYS A 114 -5.87 9.72 -19.07
N ILE A 115 -5.37 9.59 -17.89
CA ILE A 115 -4.06 8.99 -17.71
C ILE A 115 -4.23 7.77 -16.85
N ARG A 116 -3.76 6.63 -17.33
CA ARG A 116 -3.88 5.41 -16.56
C ARG A 116 -2.62 5.14 -15.81
N TRP A 117 -2.81 4.66 -14.63
CA TRP A 117 -1.75 4.27 -13.75
C TRP A 117 -2.31 3.20 -12.83
N ASP A 118 -1.50 2.61 -12.04
CA ASP A 118 -2.00 1.64 -11.11
C ASP A 118 -1.81 2.22 -9.77
N GLU A 119 -2.78 2.12 -8.96
CA GLU A 119 -2.68 2.68 -7.63
C GLU A 119 -2.71 1.65 -6.58
N ALA A 120 -2.03 1.94 -5.53
CA ALA A 120 -1.96 1.06 -4.42
C ALA A 120 -2.20 1.85 -3.18
N GLU A 121 -3.23 1.52 -2.49
CA GLU A 121 -3.61 2.25 -1.32
C GLU A 121 -3.63 1.30 -0.13
N ALA A 122 -2.72 1.49 0.77
CA ALA A 122 -2.62 0.67 1.95
C ALA A 122 -3.28 1.37 3.11
N TYR A 123 -4.08 0.63 3.84
CA TYR A 123 -4.89 1.17 4.92
C TYR A 123 -4.44 0.60 6.25
N ILE A 124 -4.04 1.45 7.14
CA ILE A 124 -3.70 1.06 8.52
C ILE A 124 -4.59 1.88 9.42
N TRP A 125 -4.96 1.39 10.56
CA TRP A 125 -5.68 2.22 11.48
C TRP A 125 -5.06 2.10 12.85
N ARG A 126 -5.07 3.19 13.57
CA ARG A 126 -4.58 3.20 14.91
C ARG A 126 -5.69 2.71 15.81
N ARG A 127 -5.44 1.66 16.49
CA ARG A 127 -6.39 1.08 17.36
C ARG A 127 -6.18 1.73 18.72
N LYS A 128 -7.25 2.16 19.36
CA LYS A 128 -7.20 2.89 20.64
C LYS A 128 -6.61 2.02 21.76
N ASP A 129 -6.49 0.74 21.47
CA ASP A 129 -5.94 -0.25 22.38
C ASP A 129 -4.42 -0.07 22.55
N GLY A 130 -3.82 0.77 21.70
CA GLY A 130 -2.40 1.05 21.80
C GLY A 130 -1.61 0.48 20.64
N SER A 131 -2.22 -0.37 19.88
CA SER A 131 -1.59 -0.95 18.75
C SER A 131 -2.13 -0.32 17.48
N CYS A 132 -1.46 -0.53 16.42
CA CYS A 132 -1.91 -0.12 15.13
C CYS A 132 -1.85 -1.32 14.24
N TRP A 133 -2.78 -1.47 13.35
CA TRP A 133 -2.80 -2.66 12.55
C TRP A 133 -3.26 -2.32 11.16
N LEU A 134 -2.86 -3.13 10.21
CA LEU A 134 -3.27 -2.94 8.86
C LEU A 134 -4.73 -3.27 8.72
N HIS A 135 -5.46 -2.28 8.29
CA HIS A 135 -6.87 -2.41 8.10
C HIS A 135 -7.09 -3.27 6.87
N SER A 136 -6.41 -2.88 5.82
CA SER A 136 -6.50 -3.52 4.54
C SER A 136 -5.53 -2.87 3.60
N VAL A 137 -5.45 -3.35 2.41
CA VAL A 137 -4.66 -2.74 1.37
C VAL A 137 -5.44 -2.98 0.11
N LYS A 138 -5.50 -2.02 -0.73
CA LYS A 138 -6.22 -2.16 -1.95
C LYS A 138 -5.35 -1.74 -3.11
N PHE A 139 -5.30 -2.59 -4.08
CA PHE A 139 -4.57 -2.35 -5.27
C PHE A 139 -5.57 -2.15 -6.38
N ILE A 140 -5.38 -1.16 -7.16
CA ILE A 140 -6.26 -0.89 -8.24
C ILE A 140 -5.45 -0.66 -9.48
N MET A 141 -5.35 -1.69 -10.26
CA MET A 141 -4.51 -1.64 -11.41
C MET A 141 -5.28 -1.14 -12.60
N SER A 142 -4.61 -0.30 -13.36
CA SER A 142 -5.11 0.26 -14.60
C SER A 142 -6.23 1.28 -14.39
N LYS A 143 -6.20 1.95 -13.27
CA LYS A 143 -7.18 2.98 -12.98
C LYS A 143 -6.70 4.28 -13.55
N ALA A 144 -7.54 5.28 -13.55
CA ALA A 144 -7.18 6.49 -14.21
C ALA A 144 -7.90 7.67 -13.63
N ALA A 145 -7.35 8.81 -13.89
CA ALA A 145 -7.97 10.06 -13.54
C ALA A 145 -8.38 10.72 -14.82
N PRO A 146 -9.64 11.11 -14.96
CA PRO A 146 -10.12 11.72 -16.17
C PRO A 146 -9.66 13.17 -16.30
N TYR A 147 -9.66 13.66 -17.50
CA TYR A 147 -9.31 15.01 -17.79
C TYR A 147 -10.43 15.91 -17.26
N VAL A 148 -10.07 17.07 -16.80
CA VAL A 148 -11.06 17.98 -16.33
C VAL A 148 -11.77 18.66 -17.50
N ALA A 149 -13.01 18.32 -17.67
CA ALA A 149 -13.84 18.84 -18.72
C ALA A 149 -14.59 20.03 -18.16
N ASP A 14 7.14 8.06 24.30
CA ASP A 14 6.65 7.67 25.64
C ASP A 14 5.31 6.96 25.53
N MET A 15 4.71 6.99 24.36
CA MET A 15 3.44 6.34 24.12
C MET A 15 3.64 5.12 23.26
N VAL A 16 3.23 3.98 23.78
CA VAL A 16 3.44 2.70 23.12
C VAL A 16 2.79 2.60 21.73
N THR A 17 1.58 3.10 21.59
CA THR A 17 0.88 2.98 20.32
C THR A 17 1.42 3.98 19.29
N ASP A 18 1.79 5.15 19.78
CA ASP A 18 2.39 6.21 18.94
C ASP A 18 3.70 5.69 18.37
N LEU A 19 4.50 5.09 19.26
CA LEU A 19 5.77 4.51 18.89
C LEU A 19 5.55 3.32 17.97
N ASP A 20 4.49 2.56 18.22
CA ASP A 20 4.20 1.37 17.45
C ASP A 20 3.85 1.73 16.01
N VAL A 21 3.05 2.80 15.85
CA VAL A 21 2.65 3.23 14.51
C VAL A 21 3.79 3.86 13.75
N LYS A 22 4.59 4.69 14.41
CA LYS A 22 5.72 5.30 13.73
C LYS A 22 6.77 4.25 13.41
N GLY A 23 6.85 3.24 14.26
CA GLY A 23 7.81 2.18 14.10
C GLY A 23 7.51 1.33 12.89
N LEU A 24 6.31 0.75 12.86
CA LEU A 24 5.98 -0.12 11.75
C LEU A 24 5.85 0.69 10.46
N GLY A 25 5.37 1.94 10.58
CA GLY A 25 5.22 2.80 9.43
C GLY A 25 6.56 3.15 8.80
N TYR A 26 7.55 3.38 9.65
CA TYR A 26 8.88 3.73 9.20
C TYR A 26 9.51 2.55 8.51
N ASP A 27 9.41 1.39 9.14
CA ASP A 27 9.99 0.15 8.60
C ASP A 27 9.34 -0.20 7.27
N PHE A 28 8.04 -0.02 7.22
CA PHE A 28 7.21 -0.27 6.06
C PHE A 28 7.64 0.64 4.91
N ILE A 29 7.70 1.93 5.16
CA ILE A 29 8.09 2.87 4.14
C ILE A 29 9.54 2.68 3.70
N ASP A 30 10.38 2.27 4.61
CA ASP A 30 11.76 1.99 4.26
C ASP A 30 11.86 0.80 3.34
N LEU A 31 11.16 -0.27 3.68
CA LEU A 31 11.25 -1.46 2.87
C LEU A 31 10.59 -1.29 1.50
N VAL A 32 9.61 -0.38 1.44
CA VAL A 32 8.97 -0.04 0.18
C VAL A 32 9.94 0.78 -0.71
N THR A 33 10.89 1.45 -0.10
CA THR A 33 11.80 2.29 -0.85
C THR A 33 13.18 1.65 -0.91
N LYS A 34 13.24 0.41 -0.49
CA LYS A 34 14.49 -0.29 -0.38
C LYS A 34 15.09 -0.63 -1.74
N SER A 35 16.38 -0.82 -1.72
CA SER A 35 17.20 -1.08 -2.85
C SER A 35 16.85 -2.42 -3.55
N PRO A 36 17.17 -2.50 -4.87
CA PRO A 36 17.05 -3.72 -5.71
C PRO A 36 17.91 -4.89 -5.17
N ASP A 37 18.68 -4.60 -4.14
CA ASP A 37 19.46 -5.61 -3.40
C ASP A 37 18.54 -6.76 -2.89
N SER A 38 17.27 -6.47 -2.70
CA SER A 38 16.27 -7.49 -2.47
C SER A 38 15.56 -7.65 -3.80
N VAL A 39 14.93 -8.80 -4.06
CA VAL A 39 14.27 -9.04 -5.36
C VAL A 39 13.35 -7.89 -5.75
N ASN A 40 12.61 -7.38 -4.80
CA ASN A 40 11.71 -6.29 -5.05
C ASN A 40 11.26 -5.74 -3.72
N SER A 41 10.95 -4.46 -3.66
CA SER A 41 10.49 -3.83 -2.43
C SER A 41 9.19 -4.48 -1.92
N GLU A 42 8.38 -4.94 -2.87
CA GLU A 42 7.11 -5.60 -2.59
C GLU A 42 7.36 -6.92 -1.83
N HIS A 43 8.56 -7.47 -1.96
CA HIS A 43 8.92 -8.72 -1.29
C HIS A 43 8.97 -8.47 0.21
N GLU A 44 9.60 -7.37 0.56
CA GLU A 44 9.78 -7.00 1.91
C GLU A 44 8.45 -6.54 2.48
N LEU A 45 7.63 -5.93 1.62
CA LEU A 45 6.33 -5.48 2.03
C LEU A 45 5.43 -6.68 2.31
N ALA A 46 5.47 -7.66 1.42
CA ALA A 46 4.72 -8.90 1.60
C ALA A 46 5.15 -9.59 2.89
N HIS A 47 6.42 -9.50 3.17
CA HIS A 47 7.00 -10.08 4.38
C HIS A 47 6.52 -9.30 5.61
N PHE A 48 6.38 -8.00 5.46
CA PHE A 48 5.96 -7.13 6.50
C PHE A 48 4.52 -7.41 6.87
N LEU A 49 3.69 -7.53 5.87
CA LEU A 49 2.29 -7.74 6.05
C LEU A 49 1.97 -9.21 6.32
N GLY A 50 2.99 -10.06 6.29
CA GLY A 50 2.82 -11.48 6.56
C GLY A 50 2.03 -11.74 7.85
N PRO A 51 2.55 -11.32 9.01
CA PRO A 51 1.84 -11.45 10.28
C PRO A 51 0.77 -10.35 10.45
N HIS A 52 0.75 -9.39 9.55
CA HIS A 52 -0.14 -8.24 9.65
C HIS A 52 -1.14 -8.29 8.50
N ASP A 53 -1.52 -9.52 8.14
CA ASP A 53 -2.42 -9.84 7.02
C ASP A 53 -3.75 -9.10 7.12
N PRO A 54 -3.93 -8.09 6.28
CA PRO A 54 -5.13 -7.29 6.25
C PRO A 54 -6.03 -7.71 5.10
N GLU A 55 -6.98 -6.88 4.77
CA GLU A 55 -7.82 -7.15 3.65
C GLU A 55 -7.20 -6.53 2.45
N ILE A 56 -6.67 -7.35 1.59
CA ILE A 56 -5.98 -6.86 0.43
C ILE A 56 -6.96 -6.78 -0.72
N TYR A 57 -7.33 -5.62 -1.09
CA TYR A 57 -8.26 -5.49 -2.18
C TYR A 57 -7.51 -5.27 -3.44
N VAL A 58 -7.79 -6.03 -4.42
CA VAL A 58 -7.15 -5.87 -5.70
C VAL A 58 -8.22 -5.72 -6.74
N ASN A 59 -8.24 -4.54 -7.32
CA ASN A 59 -9.21 -4.14 -8.34
C ASN A 59 -10.63 -4.16 -7.77
N GLY A 60 -10.70 -4.10 -6.44
CA GLY A 60 -11.94 -4.10 -5.74
C GLY A 60 -12.30 -5.46 -5.17
N LYS A 61 -11.51 -6.48 -5.46
CA LYS A 61 -11.78 -7.82 -4.98
C LYS A 61 -10.91 -8.11 -3.81
N ILE A 62 -11.49 -8.62 -2.77
CA ILE A 62 -10.79 -8.90 -1.55
C ILE A 62 -9.88 -10.14 -1.75
N GLN A 63 -8.65 -9.97 -1.38
CA GLN A 63 -7.63 -10.98 -1.47
C GLN A 63 -6.98 -11.13 -0.11
N THR A 64 -6.46 -12.29 0.14
CA THR A 64 -5.73 -12.57 1.35
C THR A 64 -4.23 -12.44 1.06
N THR A 65 -3.40 -12.47 2.09
CA THR A 65 -1.95 -12.39 1.97
C THR A 65 -1.42 -13.45 0.97
N THR A 66 -2.01 -14.64 0.99
CA THR A 66 -1.62 -15.73 0.13
C THR A 66 -1.82 -15.36 -1.37
N ALA A 67 -3.00 -14.85 -1.68
CA ALA A 67 -3.36 -14.44 -3.04
C ALA A 67 -2.47 -13.29 -3.50
N PHE A 68 -2.31 -12.30 -2.63
CA PHE A 68 -1.42 -11.17 -2.86
C PHE A 68 -0.02 -11.65 -3.20
N LEU A 69 0.53 -12.45 -2.31
CA LEU A 69 1.87 -13.07 -2.48
C LEU A 69 1.96 -13.77 -3.86
N GLN A 70 0.90 -14.47 -4.24
CA GLN A 70 0.83 -15.12 -5.53
C GLN A 70 0.95 -14.11 -6.68
N PHE A 71 0.19 -13.02 -6.61
CA PHE A 71 0.23 -12.00 -7.67
C PHE A 71 1.59 -11.32 -7.70
N PHE A 72 2.19 -11.20 -6.52
CA PHE A 72 3.51 -10.67 -6.37
C PHE A 72 4.53 -11.53 -7.10
N ARG A 73 4.53 -12.82 -6.83
CA ARG A 73 5.50 -13.73 -7.42
C ARG A 73 5.23 -13.93 -8.90
N GLN A 74 3.99 -13.67 -9.32
CA GLN A 74 3.67 -13.70 -10.74
C GLN A 74 4.30 -12.49 -11.44
N GLY A 75 4.63 -11.50 -10.66
CA GLY A 75 5.27 -10.34 -11.17
C GLY A 75 4.34 -9.18 -11.37
N LEU A 76 3.15 -9.25 -10.81
CA LEU A 76 2.18 -8.18 -11.00
C LEU A 76 2.54 -6.94 -10.20
N PHE A 77 2.92 -7.13 -8.95
CA PHE A 77 3.22 -6.00 -8.08
C PHE A 77 4.68 -5.56 -8.17
N LYS A 78 5.51 -6.29 -8.92
CA LYS A 78 6.92 -5.92 -8.99
C LYS A 78 7.15 -4.63 -9.79
N LYS A 79 6.13 -4.23 -10.54
CA LYS A 79 6.13 -2.97 -11.28
C LYS A 79 5.63 -1.84 -10.39
N LEU A 80 4.89 -2.20 -9.35
CA LEU A 80 4.27 -1.23 -8.43
C LEU A 80 5.35 -0.64 -7.52
N LYS A 81 6.48 -1.28 -7.51
CA LYS A 81 7.66 -0.85 -6.78
C LYS A 81 8.13 0.57 -7.19
N ASP A 82 7.79 0.97 -8.42
CA ASP A 82 8.20 2.27 -8.95
C ASP A 82 7.16 3.34 -8.70
N ALA A 83 6.19 3.05 -7.88
CA ALA A 83 5.12 3.99 -7.59
C ALA A 83 5.55 5.00 -6.52
N GLU A 84 4.98 6.18 -6.60
CA GLU A 84 5.28 7.28 -5.69
C GLU A 84 4.18 7.34 -4.63
N PHE A 85 4.53 7.44 -3.37
CA PHE A 85 3.52 7.47 -2.33
C PHE A 85 3.17 8.89 -1.92
N ALA A 86 1.93 9.08 -1.62
CA ALA A 86 1.39 10.32 -1.15
C ALA A 86 0.30 10.00 -0.15
N ILE A 87 -0.10 10.96 0.65
CA ILE A 87 -1.18 10.75 1.58
C ILE A 87 -2.53 10.92 0.89
N ASN A 88 -3.49 10.12 1.27
CA ASN A 88 -4.81 10.23 0.69
C ASN A 88 -5.64 11.17 1.52
N VAL A 89 -6.62 11.81 0.90
CA VAL A 89 -7.54 12.70 1.58
C VAL A 89 -8.17 12.00 2.81
N SER A 90 -8.56 10.73 2.63
CA SER A 90 -9.09 9.87 3.69
C SER A 90 -10.21 10.56 4.48
N GLY A 91 -11.10 11.23 3.75
CA GLY A 91 -12.14 12.02 4.35
C GLY A 91 -13.35 11.22 4.78
N LYS A 92 -13.13 10.13 5.47
CA LYS A 92 -14.21 9.33 5.99
C LYS A 92 -14.34 9.66 7.46
N VAL A 93 -15.41 9.24 8.09
CA VAL A 93 -15.57 9.50 9.51
C VAL A 93 -14.73 8.54 10.35
N LYS A 94 -13.55 8.98 10.73
CA LYS A 94 -12.71 8.15 11.57
C LYS A 94 -12.95 8.46 13.03
N GLU A 95 -13.45 7.46 13.73
CA GLU A 95 -13.76 7.54 15.15
C GLU A 95 -12.50 7.75 16.00
N GLY A 96 -11.41 7.26 15.50
CA GLY A 96 -10.15 7.45 16.12
C GLY A 96 -9.21 8.07 15.13
N GLU A 97 -8.54 7.23 14.37
CA GLU A 97 -7.67 7.65 13.31
C GLU A 97 -7.32 6.47 12.44
N GLY A 98 -7.00 6.76 11.22
CA GLY A 98 -6.64 5.77 10.25
C GLY A 98 -5.77 6.40 9.22
N TYR A 99 -4.79 5.70 8.78
CA TYR A 99 -3.86 6.23 7.81
C TYR A 99 -4.13 5.55 6.51
N LYS A 100 -3.87 6.22 5.44
CA LYS A 100 -4.01 5.64 4.14
C LYS A 100 -3.02 6.27 3.21
N LEU A 101 -2.05 5.51 2.89
CA LEU A 101 -0.97 5.94 2.04
C LEU A 101 -1.21 5.38 0.66
N VAL A 102 -1.05 6.21 -0.35
CA VAL A 102 -1.34 5.78 -1.69
C VAL A 102 -0.12 5.89 -2.54
N TRP A 103 0.19 4.85 -3.21
CA TRP A 103 1.23 4.82 -4.17
C TRP A 103 0.59 4.94 -5.51
N LYS A 104 1.06 5.87 -6.26
CA LYS A 104 0.54 6.09 -7.57
C LYS A 104 1.63 5.73 -8.56
N SER A 105 1.33 4.77 -9.39
CA SER A 105 2.25 4.23 -10.35
C SER A 105 2.25 5.07 -11.64
N ALA A 106 3.01 4.61 -12.62
CA ALA A 106 3.17 5.28 -13.87
C ALA A 106 1.87 5.30 -14.65
N ALA A 107 1.49 6.48 -15.03
CA ALA A 107 0.29 6.71 -15.78
C ALA A 107 0.57 6.49 -17.24
N GLN A 108 -0.07 5.52 -17.79
CA GLN A 108 0.13 5.14 -19.16
C GLN A 108 -0.89 5.85 -20.01
N ARG A 109 -0.52 6.22 -21.21
CA ARG A 109 -1.42 6.94 -22.11
C ARG A 109 -2.49 6.03 -22.70
N SER A 110 -3.55 6.62 -23.15
CA SER A 110 -4.64 5.91 -23.74
C SER A 110 -5.14 6.79 -24.90
N HIS A 111 -5.64 6.18 -25.98
CA HIS A 111 -5.98 6.94 -27.18
C HIS A 111 -7.25 7.81 -26.99
N ASP A 112 -7.92 7.56 -25.88
CA ASP A 112 -9.13 8.32 -25.49
C ASP A 112 -8.78 9.49 -24.60
N GLN A 113 -7.50 9.86 -24.61
CA GLN A 113 -6.93 11.06 -23.94
C GLN A 113 -6.89 10.92 -22.42
N LYS A 114 -7.14 9.76 -21.92
CA LYS A 114 -7.06 9.57 -20.50
C LYS A 114 -5.84 8.74 -20.19
N ILE A 115 -5.59 8.48 -18.94
CA ILE A 115 -4.43 7.74 -18.55
C ILE A 115 -4.77 6.60 -17.62
N ARG A 116 -4.03 5.53 -17.77
CA ARG A 116 -4.16 4.32 -16.96
C ARG A 116 -3.01 4.26 -15.99
N TRP A 117 -3.27 4.47 -14.75
CA TRP A 117 -2.24 4.43 -13.74
C TRP A 117 -2.60 3.36 -12.74
N ASP A 118 -1.69 2.95 -11.91
CA ASP A 118 -2.04 1.97 -10.90
C ASP A 118 -1.94 2.66 -9.59
N GLU A 119 -2.84 2.38 -8.71
CA GLU A 119 -2.77 2.92 -7.37
C GLU A 119 -2.77 1.85 -6.35
N ALA A 120 -2.22 2.16 -5.24
CA ALA A 120 -2.17 1.28 -4.13
C ALA A 120 -2.39 2.09 -2.89
N GLU A 121 -3.42 1.82 -2.18
CA GLU A 121 -3.69 2.55 -0.98
C GLU A 121 -3.85 1.64 0.22
N ALA A 122 -2.90 1.73 1.10
CA ALA A 122 -2.83 0.95 2.30
C ALA A 122 -3.46 1.71 3.45
N TYR A 123 -4.43 1.08 4.09
CA TYR A 123 -5.18 1.63 5.20
C TYR A 123 -4.66 1.00 6.50
N ILE A 124 -4.33 1.79 7.48
CA ILE A 124 -3.85 1.29 8.79
C ILE A 124 -4.63 2.01 9.89
N TRP A 125 -4.93 1.33 10.98
CA TRP A 125 -5.61 1.96 12.09
C TRP A 125 -4.95 1.49 13.38
N ARG A 126 -4.98 2.30 14.42
CA ARG A 126 -4.43 1.87 15.67
C ARG A 126 -5.51 1.57 16.66
N ARG A 127 -5.22 0.67 17.53
CA ARG A 127 -6.18 0.15 18.47
C ARG A 127 -6.01 0.83 19.81
N LYS A 128 -6.96 0.62 20.70
CA LYS A 128 -6.82 1.11 22.06
C LYS A 128 -5.95 0.15 22.89
N ASP A 129 -5.65 -1.03 22.33
CA ASP A 129 -4.90 -2.08 23.05
C ASP A 129 -3.42 -1.71 23.14
N GLY A 130 -3.01 -0.77 22.34
CA GLY A 130 -1.66 -0.31 22.35
C GLY A 130 -0.92 -0.67 21.10
N SER A 131 -1.50 -1.53 20.31
CA SER A 131 -0.95 -1.89 19.06
C SER A 131 -1.73 -1.21 17.92
N CYS A 132 -1.35 -1.51 16.74
CA CYS A 132 -1.99 -1.03 15.55
C CYS A 132 -1.95 -2.16 14.55
N TRP A 133 -2.66 -2.03 13.47
CA TRP A 133 -2.67 -3.07 12.50
C TRP A 133 -3.11 -2.51 11.17
N LEU A 134 -2.73 -3.16 10.12
CA LEU A 134 -3.17 -2.79 8.80
C LEU A 134 -4.64 -3.11 8.69
N HIS A 135 -5.40 -2.11 8.37
CA HIS A 135 -6.82 -2.23 8.24
C HIS A 135 -7.11 -2.99 6.99
N SER A 136 -6.57 -2.50 5.90
CA SER A 136 -6.80 -3.07 4.59
C SER A 136 -5.81 -2.43 3.68
N VAL A 137 -5.60 -2.95 2.52
CA VAL A 137 -4.81 -2.27 1.53
C VAL A 137 -5.49 -2.53 0.21
N LYS A 138 -5.51 -1.59 -0.66
CA LYS A 138 -6.21 -1.77 -1.91
C LYS A 138 -5.30 -1.44 -3.07
N PHE A 139 -5.24 -2.31 -4.03
CA PHE A 139 -4.47 -2.12 -5.21
C PHE A 139 -5.41 -2.04 -6.35
N ILE A 140 -5.27 -1.04 -7.14
CA ILE A 140 -6.10 -0.86 -8.28
C ILE A 140 -5.22 -0.63 -9.46
N MET A 141 -5.01 -1.69 -10.18
CA MET A 141 -4.10 -1.66 -11.28
C MET A 141 -4.77 -1.22 -12.54
N SER A 142 -4.15 -0.23 -13.15
CA SER A 142 -4.58 0.36 -14.38
C SER A 142 -5.96 0.98 -14.26
N LYS A 143 -6.07 1.85 -13.31
CA LYS A 143 -7.28 2.55 -13.05
C LYS A 143 -7.20 3.82 -13.87
N ALA A 144 -8.31 4.26 -14.36
CA ALA A 144 -8.34 5.43 -15.17
C ALA A 144 -9.49 6.29 -14.82
N ALA A 145 -9.30 7.55 -14.92
CA ALA A 145 -10.34 8.48 -14.76
C ALA A 145 -10.80 8.80 -16.15
N PRO A 146 -12.12 8.82 -16.40
CA PRO A 146 -12.64 9.16 -17.71
C PRO A 146 -12.19 10.54 -18.13
N TYR A 147 -12.10 10.79 -19.44
CA TYR A 147 -11.66 12.07 -19.93
C TYR A 147 -12.63 13.15 -19.46
N VAL A 148 -12.11 14.31 -19.17
CA VAL A 148 -12.95 15.37 -18.71
C VAL A 148 -13.42 16.22 -19.90
N ALA A 149 -14.68 16.55 -19.89
CA ALA A 149 -15.26 17.39 -20.89
C ALA A 149 -15.76 18.66 -20.22
N ASP A 14 3.15 -3.04 26.73
CA ASP A 14 4.61 -3.26 26.82
C ASP A 14 5.37 -2.17 26.06
N MET A 15 5.19 -2.12 24.76
CA MET A 15 5.82 -1.10 23.96
C MET A 15 4.87 0.08 23.82
N VAL A 16 5.38 1.23 23.58
CA VAL A 16 4.56 2.40 23.38
C VAL A 16 3.97 2.36 21.97
N THR A 17 2.69 2.66 21.84
CA THR A 17 1.99 2.63 20.57
C THR A 17 2.67 3.54 19.55
N ASP A 18 3.12 4.69 20.01
CA ASP A 18 3.81 5.64 19.16
C ASP A 18 5.10 5.05 18.58
N LEU A 19 5.80 4.29 19.41
CA LEU A 19 7.01 3.63 19.01
C LEU A 19 6.64 2.52 18.02
N ASP A 20 5.52 1.88 18.26
CA ASP A 20 5.07 0.76 17.42
C ASP A 20 4.66 1.26 16.04
N VAL A 21 3.95 2.39 16.01
CA VAL A 21 3.50 2.96 14.76
C VAL A 21 4.65 3.53 13.94
N LYS A 22 5.61 4.20 14.59
CA LYS A 22 6.71 4.76 13.82
C LYS A 22 7.69 3.68 13.46
N GLY A 23 7.70 2.62 14.24
CA GLY A 23 8.58 1.52 13.97
C GLY A 23 8.17 0.77 12.72
N LEU A 24 6.91 0.32 12.69
CA LEU A 24 6.45 -0.44 11.54
C LEU A 24 6.32 0.50 10.39
N GLY A 25 5.91 1.74 10.69
CA GLY A 25 5.73 2.75 9.68
C GLY A 25 7.00 3.03 8.94
N TYR A 26 8.09 3.12 9.67
CA TYR A 26 9.37 3.35 9.04
C TYR A 26 9.82 2.13 8.27
N ASP A 27 9.62 0.93 8.83
CA ASP A 27 10.06 -0.31 8.15
C ASP A 27 9.29 -0.47 6.85
N PHE A 28 7.98 -0.27 6.94
CA PHE A 28 7.07 -0.33 5.82
C PHE A 28 7.42 0.75 4.79
N ILE A 29 7.50 1.99 5.25
CA ILE A 29 7.81 3.10 4.37
C ILE A 29 9.17 2.95 3.72
N ASP A 30 10.13 2.45 4.47
CA ASP A 30 11.46 2.20 3.94
C ASP A 30 11.40 1.21 2.81
N LEU A 31 10.72 0.10 3.03
CA LEU A 31 10.66 -0.94 2.02
C LEU A 31 9.86 -0.48 0.79
N VAL A 32 8.89 0.39 1.02
CA VAL A 32 8.11 0.95 -0.06
C VAL A 32 8.96 1.96 -0.87
N THR A 33 9.92 2.57 -0.22
CA THR A 33 10.74 3.58 -0.86
C THR A 33 12.14 3.05 -1.04
N LYS A 34 12.22 1.73 -1.03
CA LYS A 34 13.46 1.01 -1.16
C LYS A 34 14.07 1.31 -2.51
N SER A 35 15.35 1.55 -2.51
CA SER A 35 16.11 1.86 -3.70
C SER A 35 15.96 0.73 -4.74
N PRO A 36 16.12 1.07 -6.05
CA PRO A 36 15.97 0.12 -7.19
C PRO A 36 16.93 -1.06 -7.09
N ASP A 37 17.84 -0.98 -6.13
CA ASP A 37 18.76 -2.09 -5.81
C ASP A 37 17.93 -3.31 -5.37
N SER A 38 16.77 -3.04 -4.82
CA SER A 38 15.84 -4.05 -4.48
C SER A 38 14.89 -4.14 -5.67
N VAL A 39 14.78 -5.33 -6.25
CA VAL A 39 14.00 -5.55 -7.44
C VAL A 39 12.55 -5.16 -7.26
N ASN A 40 11.95 -5.58 -6.19
CA ASN A 40 10.57 -5.30 -6.04
C ASN A 40 10.22 -4.96 -4.60
N SER A 41 9.81 -3.74 -4.38
CA SER A 41 9.41 -3.25 -3.07
C SER A 41 8.23 -4.06 -2.51
N GLU A 42 7.37 -4.51 -3.42
CA GLU A 42 6.21 -5.31 -3.10
C GLU A 42 6.61 -6.66 -2.53
N HIS A 43 7.82 -7.10 -2.86
CA HIS A 43 8.32 -8.37 -2.36
C HIS A 43 8.61 -8.21 -0.88
N GLU A 44 9.20 -7.09 -0.55
CA GLU A 44 9.56 -6.76 0.80
C GLU A 44 8.30 -6.46 1.58
N LEU A 45 7.30 -5.93 0.88
CA LEU A 45 6.02 -5.64 1.46
C LEU A 45 5.29 -6.93 1.77
N ALA A 46 5.37 -7.90 0.86
CA ALA A 46 4.76 -9.21 1.06
C ALA A 46 5.42 -9.89 2.25
N HIS A 47 6.69 -9.64 2.41
CA HIS A 47 7.46 -10.14 3.54
C HIS A 47 7.00 -9.45 4.83
N PHE A 48 6.73 -8.17 4.73
CA PHE A 48 6.29 -7.36 5.84
C PHE A 48 4.89 -7.77 6.32
N LEU A 49 4.02 -8.03 5.37
CA LEU A 49 2.65 -8.38 5.68
C LEU A 49 2.53 -9.86 6.04
N GLY A 50 3.63 -10.58 5.93
CA GLY A 50 3.68 -11.99 6.27
C GLY A 50 3.03 -12.30 7.62
N PRO A 51 3.51 -11.68 8.73
CA PRO A 51 2.88 -11.75 10.05
C PRO A 51 1.76 -10.71 10.25
N HIS A 52 1.54 -9.85 9.27
CA HIS A 52 0.70 -8.65 9.42
C HIS A 52 -0.36 -8.64 8.35
N ASP A 53 -0.86 -9.83 8.07
CA ASP A 53 -1.88 -10.12 7.09
C ASP A 53 -3.15 -9.27 7.28
N PRO A 54 -3.38 -8.29 6.40
CA PRO A 54 -4.57 -7.47 6.42
C PRO A 54 -5.60 -7.95 5.38
N GLU A 55 -6.58 -7.12 5.10
CA GLU A 55 -7.52 -7.41 4.05
C GLU A 55 -7.08 -6.65 2.84
N ILE A 56 -6.80 -7.35 1.81
CA ILE A 56 -6.27 -6.72 0.64
C ILE A 56 -7.38 -6.54 -0.37
N TYR A 57 -7.75 -5.32 -0.62
CA TYR A 57 -8.82 -5.06 -1.55
C TYR A 57 -8.30 -4.71 -2.91
N VAL A 58 -8.44 -5.60 -3.82
CA VAL A 58 -7.90 -5.43 -5.14
C VAL A 58 -9.02 -5.41 -6.09
N ASN A 59 -9.09 -4.34 -6.87
CA ASN A 59 -10.15 -4.09 -7.86
C ASN A 59 -11.48 -3.91 -7.15
N GLY A 60 -11.41 -3.59 -5.87
CA GLY A 60 -12.59 -3.46 -5.06
C GLY A 60 -13.06 -4.82 -4.54
N LYS A 61 -12.21 -5.81 -4.69
CA LYS A 61 -12.52 -7.16 -4.26
C LYS A 61 -11.62 -7.57 -3.13
N ILE A 62 -12.18 -8.25 -2.17
CA ILE A 62 -11.44 -8.66 -1.01
C ILE A 62 -10.53 -9.85 -1.38
N GLN A 63 -9.28 -9.69 -1.11
CA GLN A 63 -8.28 -10.68 -1.38
C GLN A 63 -7.56 -10.99 -0.10
N THR A 64 -7.21 -12.23 0.06
CA THR A 64 -6.41 -12.65 1.16
C THR A 64 -4.93 -12.36 0.80
N THR A 65 -4.07 -12.49 1.77
CA THR A 65 -2.65 -12.19 1.63
C THR A 65 -1.99 -13.14 0.65
N THR A 66 -2.48 -14.34 0.66
CA THR A 66 -2.06 -15.37 -0.25
C THR A 66 -2.44 -15.00 -1.71
N ALA A 67 -3.64 -14.45 -1.87
CA ALA A 67 -4.14 -14.02 -3.17
C ALA A 67 -3.29 -12.88 -3.70
N PHE A 68 -3.02 -11.90 -2.85
CA PHE A 68 -2.11 -10.79 -3.17
C PHE A 68 -0.80 -11.33 -3.67
N LEU A 69 -0.20 -12.19 -2.87
CA LEU A 69 1.07 -12.86 -3.19
C LEU A 69 1.00 -13.53 -4.58
N GLN A 70 -0.12 -14.14 -4.88
CA GLN A 70 -0.35 -14.73 -6.16
C GLN A 70 -0.35 -13.70 -7.29
N PHE A 71 -1.06 -12.60 -7.12
CA PHE A 71 -1.13 -11.56 -8.15
C PHE A 71 0.22 -10.86 -8.27
N PHE A 72 0.90 -10.81 -7.16
CA PHE A 72 2.24 -10.29 -7.08
C PHE A 72 3.18 -11.09 -7.95
N ARG A 73 3.18 -12.41 -7.78
CA ARG A 73 4.06 -13.27 -8.53
C ARG A 73 3.61 -13.36 -9.99
N GLN A 74 2.34 -13.04 -10.23
CA GLN A 74 1.81 -12.95 -11.57
C GLN A 74 2.22 -11.64 -12.24
N GLY A 75 2.91 -10.79 -11.50
CA GLY A 75 3.43 -9.56 -12.04
C GLY A 75 2.41 -8.47 -12.15
N LEU A 76 1.36 -8.57 -11.37
CA LEU A 76 0.32 -7.56 -11.44
C LEU A 76 0.67 -6.35 -10.59
N PHE A 77 1.23 -6.58 -9.41
CA PHE A 77 1.55 -5.45 -8.53
C PHE A 77 3.01 -5.09 -8.56
N LYS A 78 3.84 -5.88 -9.23
CA LYS A 78 5.31 -5.64 -9.22
C LYS A 78 5.70 -4.28 -9.87
N LYS A 79 4.74 -3.70 -10.55
CA LYS A 79 4.90 -2.39 -11.15
C LYS A 79 4.69 -1.24 -10.14
N LEU A 80 4.20 -1.58 -8.95
CA LEU A 80 3.83 -0.59 -7.93
C LEU A 80 5.09 -0.05 -7.21
N LYS A 81 6.23 -0.74 -7.37
CA LYS A 81 7.52 -0.39 -6.68
C LYS A 81 7.97 1.07 -6.86
N ASP A 82 7.44 1.73 -7.86
CA ASP A 82 7.84 3.10 -8.16
C ASP A 82 6.81 4.09 -7.61
N ALA A 83 5.90 3.59 -6.79
CA ALA A 83 4.84 4.40 -6.21
C ALA A 83 5.34 5.41 -5.21
N GLU A 84 4.67 6.52 -5.19
CA GLU A 84 4.96 7.61 -4.29
C GLU A 84 3.77 7.76 -3.37
N PHE A 85 3.97 8.33 -2.21
CA PHE A 85 2.91 8.39 -1.22
C PHE A 85 2.33 9.78 -1.07
N ALA A 86 1.03 9.83 -1.07
CA ALA A 86 0.30 11.05 -0.83
C ALA A 86 -0.22 11.00 0.58
N ILE A 87 0.19 11.94 1.39
CA ILE A 87 -0.22 11.95 2.77
C ILE A 87 -1.59 12.57 2.96
N ASN A 88 -2.52 11.75 3.38
CA ASN A 88 -3.85 12.20 3.67
C ASN A 88 -3.89 12.76 5.07
N VAL A 89 -4.59 13.85 5.25
CA VAL A 89 -4.69 14.47 6.57
C VAL A 89 -5.81 13.83 7.36
N SER A 90 -5.85 14.09 8.64
CA SER A 90 -6.84 13.49 9.50
C SER A 90 -8.20 14.18 9.32
N GLY A 91 -8.16 15.49 9.11
CA GLY A 91 -9.37 16.28 8.90
C GLY A 91 -10.07 16.60 10.20
N LYS A 92 -10.56 15.59 10.83
CA LYS A 92 -11.29 15.67 12.06
C LYS A 92 -10.91 14.47 12.88
N VAL A 93 -10.59 14.67 14.14
CA VAL A 93 -10.32 13.57 15.03
C VAL A 93 -11.58 12.73 15.24
N LYS A 94 -11.50 11.51 14.84
CA LYS A 94 -12.59 10.59 14.98
C LYS A 94 -12.07 9.38 15.70
N GLU A 95 -12.86 8.82 16.58
CA GLU A 95 -12.47 7.63 17.29
C GLU A 95 -12.44 6.46 16.33
N GLY A 96 -11.41 5.67 16.45
CA GLY A 96 -11.14 4.64 15.50
C GLY A 96 -9.94 5.05 14.72
N GLU A 97 -8.89 5.36 15.46
CA GLU A 97 -7.69 5.92 14.93
C GLU A 97 -7.01 4.98 14.00
N GLY A 98 -6.78 5.46 12.84
CA GLY A 98 -6.14 4.70 11.86
C GLY A 98 -5.54 5.57 10.84
N TYR A 99 -4.65 5.03 10.10
CA TYR A 99 -3.92 5.76 9.11
C TYR A 99 -4.41 5.33 7.75
N LYS A 100 -4.87 6.29 6.99
CA LYS A 100 -5.37 6.05 5.65
C LYS A 100 -4.50 6.80 4.67
N LEU A 101 -3.63 6.11 3.98
CA LEU A 101 -2.70 6.76 3.05
C LEU A 101 -2.83 6.14 1.67
N VAL A 102 -2.41 6.87 0.64
CA VAL A 102 -2.52 6.36 -0.73
C VAL A 102 -1.22 6.57 -1.52
N TRP A 103 -0.82 5.54 -2.21
CA TRP A 103 0.34 5.53 -3.06
C TRP A 103 -0.09 5.53 -4.51
N LYS A 104 0.70 6.16 -5.34
CA LYS A 104 0.40 6.27 -6.76
C LYS A 104 1.60 5.79 -7.55
N SER A 105 1.39 4.86 -8.45
CA SER A 105 2.46 4.36 -9.29
C SER A 105 2.79 5.39 -10.41
N ALA A 106 3.75 5.07 -11.23
CA ALA A 106 4.20 5.95 -12.30
C ALA A 106 3.28 5.84 -13.50
N ALA A 107 3.39 6.75 -14.45
CA ALA A 107 2.58 6.74 -15.67
C ALA A 107 2.86 5.47 -16.47
N GLN A 108 1.89 4.61 -16.52
CA GLN A 108 1.99 3.35 -17.21
C GLN A 108 1.43 3.56 -18.59
N ARG A 109 2.22 3.19 -19.58
CA ARG A 109 1.82 3.37 -20.95
C ARG A 109 0.74 2.41 -21.34
N SER A 110 -0.17 2.90 -22.11
CA SER A 110 -1.30 2.13 -22.52
C SER A 110 -1.47 2.27 -24.02
N HIS A 111 -2.02 1.24 -24.67
CA HIS A 111 -2.18 1.22 -26.16
C HIS A 111 -3.18 2.27 -26.65
N ASP A 112 -3.86 2.87 -25.70
CA ASP A 112 -4.87 3.87 -25.96
C ASP A 112 -4.26 5.27 -25.94
N GLN A 113 -2.95 5.33 -25.67
CA GLN A 113 -2.17 6.58 -25.56
C GLN A 113 -2.58 7.36 -24.29
N LYS A 114 -3.26 6.68 -23.40
CA LYS A 114 -3.62 7.24 -22.13
C LYS A 114 -2.57 6.80 -21.13
N ILE A 115 -2.46 7.49 -20.04
CA ILE A 115 -1.54 7.08 -19.02
C ILE A 115 -2.33 6.60 -17.84
N ARG A 116 -1.97 5.44 -17.36
CA ARG A 116 -2.65 4.87 -16.24
C ARG A 116 -1.66 4.64 -15.14
N TRP A 117 -2.14 4.28 -14.00
CA TRP A 117 -1.32 3.97 -12.87
C TRP A 117 -2.16 3.22 -11.87
N ASP A 118 -1.53 2.75 -10.85
CA ASP A 118 -2.21 2.02 -9.83
C ASP A 118 -2.14 2.84 -8.60
N GLU A 119 -3.21 2.90 -7.87
CA GLU A 119 -3.20 3.58 -6.61
C GLU A 119 -3.46 2.60 -5.49
N ALA A 120 -2.80 2.82 -4.40
CA ALA A 120 -2.86 1.91 -3.30
C ALA A 120 -3.19 2.62 -2.03
N GLU A 121 -4.26 2.24 -1.41
CA GLU A 121 -4.69 2.88 -0.19
C GLU A 121 -4.53 1.94 0.98
N ALA A 122 -3.60 2.22 1.84
CA ALA A 122 -3.37 1.39 2.99
C ALA A 122 -4.10 1.96 4.21
N TYR A 123 -4.76 1.08 4.91
CA TYR A 123 -5.50 1.38 6.11
C TYR A 123 -4.89 0.61 7.27
N ILE A 124 -4.44 1.30 8.26
CA ILE A 124 -3.92 0.71 9.49
C ILE A 124 -4.79 1.20 10.61
N TRP A 125 -4.99 0.43 11.65
CA TRP A 125 -5.77 0.93 12.75
C TRP A 125 -5.00 0.74 14.05
N ARG A 126 -5.20 1.67 14.95
CA ARG A 126 -4.62 1.65 16.26
C ARG A 126 -5.45 0.73 17.12
N ARG A 127 -4.87 -0.38 17.50
CA ARG A 127 -5.54 -1.39 18.24
C ARG A 127 -5.44 -0.98 19.69
N LYS A 128 -6.53 -1.09 20.43
CA LYS A 128 -6.57 -0.70 21.84
C LYS A 128 -5.60 -1.56 22.71
N ASP A 129 -5.08 -2.61 22.11
CA ASP A 129 -4.11 -3.51 22.76
C ASP A 129 -2.76 -2.80 22.90
N GLY A 130 -2.61 -1.71 22.15
CA GLY A 130 -1.42 -0.91 22.27
C GLY A 130 -0.53 -0.97 21.06
N SER A 131 -0.81 -1.88 20.19
CA SER A 131 -0.09 -1.99 18.98
C SER A 131 -1.00 -1.47 17.87
N CYS A 132 -0.47 -1.28 16.73
CA CYS A 132 -1.23 -0.92 15.58
C CYS A 132 -1.05 -2.01 14.55
N TRP A 133 -2.06 -2.29 13.79
CA TRP A 133 -1.98 -3.37 12.85
C TRP A 133 -2.68 -2.96 11.59
N LEU A 134 -2.30 -3.56 10.49
CA LEU A 134 -2.89 -3.24 9.22
C LEU A 134 -4.31 -3.72 9.16
N HIS A 135 -5.17 -2.81 8.87
CA HIS A 135 -6.57 -3.08 8.78
C HIS A 135 -6.85 -3.69 7.42
N SER A 136 -6.48 -2.98 6.40
CA SER A 136 -6.74 -3.38 5.06
C SER A 136 -5.90 -2.54 4.15
N VAL A 137 -5.61 -2.97 2.98
CA VAL A 137 -4.97 -2.13 2.03
C VAL A 137 -5.63 -2.39 0.68
N LYS A 138 -5.91 -1.37 -0.02
CA LYS A 138 -6.65 -1.45 -1.26
C LYS A 138 -5.73 -1.16 -2.42
N PHE A 139 -5.84 -1.95 -3.46
CA PHE A 139 -5.09 -1.73 -4.67
C PHE A 139 -6.02 -1.53 -5.82
N ILE A 140 -6.02 -0.35 -6.36
CA ILE A 140 -6.84 -0.06 -7.47
C ILE A 140 -5.98 0.13 -8.69
N MET A 141 -5.89 -0.91 -9.45
CA MET A 141 -5.07 -0.93 -10.62
C MET A 141 -5.91 -0.75 -11.85
N SER A 142 -6.01 0.53 -12.27
CA SER A 142 -6.78 1.04 -13.45
C SER A 142 -7.05 2.56 -13.34
N LYS A 143 -6.28 3.27 -12.53
CA LYS A 143 -6.53 4.69 -12.36
C LYS A 143 -5.91 5.40 -13.54
N ALA A 144 -6.59 6.35 -14.12
CA ALA A 144 -6.10 6.98 -15.32
C ALA A 144 -6.66 8.37 -15.52
N ALA A 145 -5.83 9.24 -16.00
CA ALA A 145 -6.24 10.57 -16.41
C ALA A 145 -6.50 10.55 -17.91
N PRO A 146 -7.29 11.51 -18.45
CA PRO A 146 -7.56 11.63 -19.90
C PRO A 146 -6.27 11.58 -20.75
N TYR A 147 -6.33 10.81 -21.81
CA TYR A 147 -5.22 10.61 -22.72
C TYR A 147 -4.79 11.91 -23.37
N VAL A 148 -3.56 11.94 -23.78
CA VAL A 148 -3.05 13.09 -24.47
C VAL A 148 -3.48 13.04 -25.93
N ALA A 149 -4.03 14.11 -26.38
CA ALA A 149 -4.44 14.24 -27.73
C ALA A 149 -3.84 15.51 -28.24
N ASP A 14 1.68 3.73 26.81
CA ASP A 14 2.99 3.08 26.67
C ASP A 14 3.73 3.66 25.48
N MET A 15 4.91 4.20 25.71
CA MET A 15 5.69 4.80 24.63
C MET A 15 6.29 3.73 23.75
N VAL A 16 6.50 2.61 24.33
CA VAL A 16 7.07 1.47 23.64
C VAL A 16 6.17 1.02 22.47
N THR A 17 4.86 1.18 22.64
CA THR A 17 3.91 0.81 21.64
C THR A 17 4.06 1.73 20.44
N ASP A 18 4.28 3.01 20.72
CA ASP A 18 4.41 4.01 19.69
C ASP A 18 5.71 3.82 18.94
N LEU A 19 6.72 3.40 19.69
CA LEU A 19 8.02 3.06 19.14
C LEU A 19 7.85 1.87 18.19
N ASP A 20 7.00 0.95 18.60
CA ASP A 20 6.72 -0.26 17.84
C ASP A 20 5.98 0.11 16.55
N VAL A 21 5.04 1.02 16.67
CA VAL A 21 4.27 1.51 15.53
C VAL A 21 5.17 2.26 14.54
N LYS A 22 6.03 3.14 15.05
CA LYS A 22 6.91 3.92 14.17
C LYS A 22 7.98 3.02 13.55
N GLY A 23 8.31 1.93 14.23
CA GLY A 23 9.23 0.97 13.69
C GLY A 23 8.61 0.24 12.53
N LEU A 24 7.38 -0.17 12.73
CA LEU A 24 6.58 -0.85 11.76
C LEU A 24 6.33 0.06 10.54
N GLY A 25 5.90 1.29 10.83
CA GLY A 25 5.63 2.26 9.80
C GLY A 25 6.87 2.58 8.99
N TYR A 26 7.99 2.74 9.68
CA TYR A 26 9.24 3.01 9.01
C TYR A 26 9.67 1.82 8.18
N ASP A 27 9.50 0.61 8.68
CA ASP A 27 9.93 -0.60 7.95
C ASP A 27 9.20 -0.65 6.63
N PHE A 28 7.90 -0.42 6.72
CA PHE A 28 7.03 -0.39 5.59
C PHE A 28 7.43 0.73 4.63
N ILE A 29 7.54 1.93 5.14
CA ILE A 29 7.89 3.09 4.33
C ILE A 29 9.27 2.96 3.71
N ASP A 30 10.21 2.37 4.42
CA ASP A 30 11.51 2.17 3.86
C ASP A 30 11.46 1.18 2.76
N LEU A 31 10.69 0.12 2.94
CA LEU A 31 10.63 -0.88 1.93
C LEU A 31 9.89 -0.39 0.69
N VAL A 32 8.97 0.55 0.88
CA VAL A 32 8.28 1.16 -0.23
C VAL A 32 9.25 2.08 -1.01
N THR A 33 10.29 2.54 -0.32
CA THR A 33 11.22 3.48 -0.92
C THR A 33 12.62 2.85 -1.06
N LYS A 34 12.67 1.51 -1.06
CA LYS A 34 13.91 0.73 -1.12
C LYS A 34 14.93 1.20 -2.14
N SER A 35 16.16 0.96 -1.77
CA SER A 35 17.32 1.16 -2.58
C SER A 35 17.18 0.28 -3.83
N PRO A 36 17.82 0.65 -4.97
CA PRO A 36 17.72 -0.09 -6.25
C PRO A 36 18.20 -1.54 -6.15
N ASP A 37 18.80 -1.87 -5.00
CA ASP A 37 19.22 -3.26 -4.72
C ASP A 37 18.00 -4.15 -4.51
N SER A 38 16.94 -3.54 -4.06
CA SER A 38 15.68 -4.19 -3.91
C SER A 38 14.68 -3.50 -4.82
N VAL A 39 14.71 -3.87 -6.09
CA VAL A 39 13.89 -3.23 -7.12
C VAL A 39 12.48 -3.81 -7.09
N ASN A 40 12.30 -4.78 -6.28
CA ASN A 40 11.05 -5.41 -6.11
C ASN A 40 10.58 -5.16 -4.70
N SER A 41 10.10 -3.97 -4.51
CA SER A 41 9.71 -3.46 -3.22
C SER A 41 8.50 -4.23 -2.67
N GLU A 42 7.73 -4.80 -3.56
CA GLU A 42 6.59 -5.58 -3.21
C GLU A 42 7.04 -6.90 -2.54
N HIS A 43 8.28 -7.32 -2.81
CA HIS A 43 8.84 -8.51 -2.17
C HIS A 43 8.96 -8.26 -0.69
N GLU A 44 9.53 -7.13 -0.36
CA GLU A 44 9.74 -6.73 0.99
C GLU A 44 8.42 -6.49 1.66
N LEU A 45 7.47 -5.93 0.92
CA LEU A 45 6.17 -5.66 1.45
C LEU A 45 5.46 -6.98 1.79
N ALA A 46 5.56 -7.95 0.90
CA ALA A 46 4.97 -9.26 1.10
C ALA A 46 5.61 -9.95 2.30
N HIS A 47 6.87 -9.67 2.50
CA HIS A 47 7.62 -10.23 3.61
C HIS A 47 7.20 -9.53 4.91
N PHE A 48 6.94 -8.24 4.80
CA PHE A 48 6.55 -7.39 5.92
C PHE A 48 5.17 -7.75 6.43
N LEU A 49 4.27 -8.00 5.52
CA LEU A 49 2.92 -8.35 5.89
C LEU A 49 2.81 -9.83 6.23
N GLY A 50 3.90 -10.54 6.05
CA GLY A 50 3.99 -11.98 6.39
C GLY A 50 3.40 -12.31 7.78
N PRO A 51 3.83 -11.65 8.87
CA PRO A 51 3.24 -11.81 10.20
C PRO A 51 2.01 -10.90 10.42
N HIS A 52 1.67 -10.06 9.45
CA HIS A 52 0.70 -8.99 9.65
C HIS A 52 -0.37 -9.03 8.55
N ASP A 53 -0.65 -10.23 8.06
CA ASP A 53 -1.61 -10.46 6.96
C ASP A 53 -3.00 -9.88 7.25
N PRO A 54 -3.41 -8.84 6.51
CA PRO A 54 -4.72 -8.23 6.63
C PRO A 54 -5.62 -8.61 5.43
N GLU A 55 -6.66 -7.81 5.21
CA GLU A 55 -7.53 -8.01 4.07
C GLU A 55 -6.98 -7.23 2.93
N ILE A 56 -6.74 -7.90 1.86
CA ILE A 56 -6.14 -7.28 0.73
C ILE A 56 -7.21 -7.12 -0.30
N TYR A 57 -7.58 -5.95 -0.59
CA TYR A 57 -8.61 -5.74 -1.56
C TYR A 57 -7.99 -5.41 -2.87
N VAL A 58 -8.48 -5.98 -3.90
CA VAL A 58 -7.99 -5.71 -5.25
C VAL A 58 -9.19 -5.47 -6.11
N ASN A 59 -9.27 -4.26 -6.65
CA ASN A 59 -10.43 -3.76 -7.43
C ASN A 59 -11.64 -3.66 -6.54
N GLY A 60 -11.39 -3.59 -5.25
CA GLY A 60 -12.44 -3.52 -4.27
C GLY A 60 -12.92 -4.89 -3.87
N LYS A 61 -12.28 -5.92 -4.42
CA LYS A 61 -12.66 -7.27 -4.16
C LYS A 61 -11.75 -7.82 -3.13
N ILE A 62 -12.30 -8.43 -2.11
CA ILE A 62 -11.54 -8.94 -1.01
C ILE A 62 -10.67 -10.15 -1.46
N GLN A 63 -9.42 -10.03 -1.23
CA GLN A 63 -8.44 -11.02 -1.56
C GLN A 63 -7.71 -11.39 -0.28
N THR A 64 -7.39 -12.63 -0.16
CA THR A 64 -6.64 -13.08 0.96
C THR A 64 -5.14 -12.93 0.66
N THR A 65 -4.32 -13.15 1.67
CA THR A 65 -2.88 -13.11 1.57
C THR A 65 -2.36 -14.03 0.44
N THR A 66 -3.02 -15.18 0.27
CA THR A 66 -2.68 -16.12 -0.77
C THR A 66 -2.86 -15.48 -2.16
N ALA A 67 -4.03 -14.88 -2.38
CA ALA A 67 -4.37 -14.22 -3.63
C ALA A 67 -3.37 -13.12 -3.95
N PHE A 68 -3.09 -12.29 -2.96
CA PHE A 68 -2.08 -11.23 -3.08
C PHE A 68 -0.77 -11.80 -3.53
N LEU A 69 -0.28 -12.77 -2.78
CA LEU A 69 0.97 -13.48 -3.07
C LEU A 69 0.96 -14.00 -4.53
N GLN A 70 -0.17 -14.51 -4.96
CA GLN A 70 -0.35 -14.97 -6.31
C GLN A 70 -0.17 -13.82 -7.31
N PHE A 71 -0.84 -12.71 -7.07
CA PHE A 71 -0.75 -11.55 -7.97
C PHE A 71 0.67 -11.00 -7.97
N PHE A 72 1.29 -11.05 -6.83
CA PHE A 72 2.66 -10.65 -6.62
C PHE A 72 3.60 -11.47 -7.48
N ARG A 73 3.52 -12.79 -7.37
CA ARG A 73 4.40 -13.68 -8.09
C ARG A 73 4.11 -13.63 -9.58
N GLN A 74 2.88 -13.26 -9.94
CA GLN A 74 2.50 -13.14 -11.33
C GLN A 74 2.84 -11.74 -11.91
N GLY A 75 3.41 -10.87 -11.07
CA GLY A 75 3.93 -9.60 -11.56
C GLY A 75 2.94 -8.45 -11.56
N LEU A 76 1.83 -8.62 -10.89
CA LEU A 76 0.77 -7.60 -10.88
C LEU A 76 1.22 -6.30 -10.19
N PHE A 77 1.96 -6.42 -9.12
CA PHE A 77 2.33 -5.23 -8.34
C PHE A 77 3.62 -4.60 -8.82
N LYS A 78 4.24 -5.23 -9.82
CA LYS A 78 5.53 -4.77 -10.35
C LYS A 78 5.43 -3.42 -11.04
N LYS A 79 4.24 -3.00 -11.31
CA LYS A 79 3.99 -1.72 -11.94
C LYS A 79 4.16 -0.60 -10.94
N LEU A 80 3.71 -0.87 -9.74
CA LEU A 80 3.56 0.14 -8.73
C LEU A 80 4.85 0.30 -7.92
N LYS A 81 5.89 -0.39 -8.32
CA LYS A 81 7.17 -0.35 -7.56
C LYS A 81 7.85 1.04 -7.57
N ASP A 82 7.37 1.92 -8.43
CA ASP A 82 7.89 3.28 -8.55
C ASP A 82 7.35 4.13 -7.41
N ALA A 83 6.12 3.82 -7.09
CA ALA A 83 5.27 4.41 -6.05
C ALA A 83 5.41 5.90 -5.74
N GLU A 84 4.36 6.59 -6.02
CA GLU A 84 4.20 7.99 -5.70
C GLU A 84 3.10 8.10 -4.68
N PHE A 85 3.37 8.68 -3.54
CA PHE A 85 2.35 8.73 -2.52
C PHE A 85 1.41 9.90 -2.72
N ALA A 86 0.14 9.62 -2.52
CA ALA A 86 -0.90 10.60 -2.57
C ALA A 86 -1.29 10.88 -1.14
N ILE A 87 -1.06 12.09 -0.70
CA ILE A 87 -1.26 12.44 0.68
C ILE A 87 -2.73 12.47 1.09
N ASN A 88 -3.04 11.57 1.95
CA ASN A 88 -4.33 11.46 2.58
C ASN A 88 -4.06 11.64 4.03
N VAL A 89 -4.87 12.39 4.70
CA VAL A 89 -4.50 12.82 6.02
C VAL A 89 -5.03 11.96 7.16
N SER A 90 -4.22 11.89 8.15
CA SER A 90 -4.52 11.27 9.39
C SER A 90 -3.82 12.14 10.40
N GLY A 91 -4.57 12.67 11.33
CA GLY A 91 -4.02 13.58 12.29
C GLY A 91 -3.23 12.86 13.34
N LYS A 92 -2.36 13.58 14.01
CA LYS A 92 -1.54 13.00 15.07
C LYS A 92 -2.34 12.95 16.38
N VAL A 93 -3.59 12.51 16.27
CA VAL A 93 -4.47 12.41 17.39
C VAL A 93 -3.88 11.48 18.44
N LYS A 94 -3.75 11.99 19.64
CA LYS A 94 -3.10 11.29 20.72
C LYS A 94 -3.86 10.02 21.11
N GLU A 95 -5.13 9.98 20.80
CA GLU A 95 -5.94 8.79 21.06
C GLU A 95 -5.64 7.70 20.02
N GLY A 96 -5.19 8.10 18.86
CA GLY A 96 -4.88 7.19 17.79
C GLY A 96 -6.06 6.91 16.89
N GLU A 97 -5.80 6.80 15.60
CA GLU A 97 -6.79 6.45 14.62
C GLU A 97 -6.09 5.68 13.53
N GLY A 98 -6.83 5.23 12.56
CA GLY A 98 -6.23 4.52 11.47
C GLY A 98 -5.63 5.46 10.44
N TYR A 99 -4.65 4.96 9.76
CA TYR A 99 -3.94 5.71 8.75
C TYR A 99 -4.35 5.16 7.41
N LYS A 100 -4.64 6.05 6.48
CA LYS A 100 -5.07 5.67 5.16
C LYS A 100 -4.12 6.32 4.18
N LEU A 101 -3.22 5.58 3.66
CA LEU A 101 -2.23 6.15 2.77
C LEU A 101 -2.33 5.51 1.40
N VAL A 102 -2.17 6.30 0.36
CA VAL A 102 -2.33 5.81 -0.99
C VAL A 102 -1.06 6.06 -1.79
N TRP A 103 -0.64 5.07 -2.53
CA TRP A 103 0.48 5.16 -3.43
C TRP A 103 0.01 4.87 -4.80
N LYS A 104 0.53 5.57 -5.74
CA LYS A 104 0.14 5.41 -7.09
C LYS A 104 1.31 4.89 -7.88
N SER A 105 1.01 4.05 -8.83
CA SER A 105 1.96 3.52 -9.77
C SER A 105 2.41 4.65 -10.70
N ALA A 106 3.48 4.42 -11.43
CA ALA A 106 3.98 5.40 -12.37
C ALA A 106 2.98 5.52 -13.52
N ALA A 107 2.91 6.69 -14.12
CA ALA A 107 1.99 6.93 -15.20
C ALA A 107 2.40 6.11 -16.41
N GLN A 108 1.63 5.11 -16.70
CA GLN A 108 1.93 4.20 -17.78
C GLN A 108 1.20 4.65 -19.02
N ARG A 109 1.90 4.65 -20.13
CA ARG A 109 1.30 4.98 -21.41
C ARG A 109 0.31 3.91 -21.81
N SER A 110 -0.92 4.30 -21.98
CA SER A 110 -1.97 3.41 -22.38
C SER A 110 -2.15 3.53 -23.90
N HIS A 111 -2.80 2.55 -24.51
CA HIS A 111 -2.99 2.50 -25.96
C HIS A 111 -3.80 3.70 -26.48
N ASP A 112 -4.65 4.22 -25.63
CA ASP A 112 -5.57 5.32 -25.99
C ASP A 112 -4.85 6.66 -25.93
N GLN A 113 -3.54 6.62 -25.68
CA GLN A 113 -2.67 7.82 -25.56
C GLN A 113 -2.88 8.48 -24.17
N LYS A 114 -3.60 7.81 -23.31
CA LYS A 114 -3.81 8.31 -21.98
C LYS A 114 -2.82 7.68 -21.05
N ILE A 115 -2.81 8.12 -19.83
CA ILE A 115 -1.93 7.57 -18.85
C ILE A 115 -2.72 6.87 -17.79
N ARG A 116 -2.30 5.69 -17.46
CA ARG A 116 -2.97 4.89 -16.47
C ARG A 116 -2.04 4.71 -15.29
N TRP A 117 -2.59 4.48 -14.15
CA TRP A 117 -1.85 4.19 -12.97
C TRP A 117 -2.73 3.41 -12.02
N ASP A 118 -2.14 2.60 -11.26
CA ASP A 118 -2.82 1.80 -10.31
C ASP A 118 -2.61 2.44 -8.97
N GLU A 119 -3.60 2.46 -8.14
CA GLU A 119 -3.49 3.08 -6.85
C GLU A 119 -3.60 2.05 -5.76
N ALA A 120 -2.82 2.20 -4.75
CA ALA A 120 -2.79 1.28 -3.65
C ALA A 120 -2.95 2.03 -2.37
N GLU A 121 -3.94 1.69 -1.62
CA GLU A 121 -4.19 2.37 -0.40
C GLU A 121 -4.21 1.43 0.78
N ALA A 122 -3.27 1.60 1.64
CA ALA A 122 -3.11 0.80 2.81
C ALA A 122 -3.81 1.45 3.99
N TYR A 123 -4.53 0.65 4.73
CA TYR A 123 -5.24 1.07 5.91
C TYR A 123 -4.66 0.34 7.10
N ILE A 124 -4.11 1.05 8.01
CA ILE A 124 -3.59 0.48 9.24
C ILE A 124 -4.36 1.13 10.34
N TRP A 125 -4.93 0.39 11.25
CA TRP A 125 -5.70 1.04 12.25
C TRP A 125 -5.02 0.95 13.58
N ARG A 126 -5.16 1.99 14.36
CA ARG A 126 -4.59 2.02 15.66
C ARG A 126 -5.69 1.79 16.65
N ARG A 127 -5.54 0.73 17.36
CA ARG A 127 -6.51 0.24 18.29
C ARG A 127 -6.49 1.10 19.55
N LYS A 128 -7.61 1.13 20.30
CA LYS A 128 -7.71 1.93 21.54
C LYS A 128 -6.66 1.44 22.56
N ASP A 129 -6.22 0.22 22.37
CA ASP A 129 -5.17 -0.43 23.16
C ASP A 129 -3.81 0.28 22.98
N GLY A 130 -3.73 1.13 21.98
CA GLY A 130 -2.53 1.89 21.71
C GLY A 130 -1.74 1.28 20.60
N SER A 131 -1.96 0.00 20.40
CA SER A 131 -1.29 -0.77 19.42
C SER A 131 -1.87 -0.52 18.05
N CYS A 132 -1.13 -0.82 17.06
CA CYS A 132 -1.53 -0.56 15.72
C CYS A 132 -1.22 -1.79 14.86
N TRP A 133 -2.07 -2.08 13.91
CA TRP A 133 -1.94 -3.24 13.09
C TRP A 133 -2.63 -2.97 11.76
N LEU A 134 -2.23 -3.67 10.73
CA LEU A 134 -2.76 -3.46 9.41
C LEU A 134 -4.19 -3.90 9.36
N HIS A 135 -5.04 -3.03 8.90
CA HIS A 135 -6.44 -3.32 8.84
C HIS A 135 -6.73 -4.02 7.53
N SER A 136 -6.28 -3.39 6.48
CA SER A 136 -6.54 -3.84 5.16
C SER A 136 -5.78 -2.98 4.22
N VAL A 137 -5.59 -3.41 3.03
CA VAL A 137 -5.01 -2.58 2.02
C VAL A 137 -5.81 -2.81 0.76
N LYS A 138 -6.00 -1.81 -0.02
CA LYS A 138 -6.78 -1.95 -1.22
C LYS A 138 -5.99 -1.49 -2.43
N PHE A 139 -5.97 -2.32 -3.44
CA PHE A 139 -5.31 -2.03 -4.66
C PHE A 139 -6.36 -1.82 -5.70
N ILE A 140 -6.28 -0.74 -6.38
CA ILE A 140 -7.25 -0.44 -7.38
C ILE A 140 -6.60 -0.13 -8.70
N MET A 141 -6.58 -1.11 -9.56
CA MET A 141 -6.11 -0.90 -10.88
C MET A 141 -7.30 -0.41 -11.66
N SER A 142 -7.46 0.89 -11.73
CA SER A 142 -8.63 1.52 -12.38
C SER A 142 -8.41 3.01 -12.64
N LYS A 143 -7.25 3.53 -12.32
CA LYS A 143 -7.03 4.94 -12.46
C LYS A 143 -6.38 5.27 -13.75
N ALA A 144 -6.97 6.19 -14.44
CA ALA A 144 -6.50 6.65 -15.71
C ALA A 144 -7.27 7.86 -16.13
N ALA A 145 -6.63 8.99 -16.11
CA ALA A 145 -7.23 10.21 -16.54
C ALA A 145 -7.36 10.19 -18.05
N PRO A 146 -8.51 10.67 -18.59
CA PRO A 146 -8.71 10.77 -20.03
C PRO A 146 -7.59 11.58 -20.67
N TYR A 147 -7.15 11.17 -21.84
CA TYR A 147 -6.06 11.79 -22.50
C TYR A 147 -6.44 13.16 -23.02
N VAL A 148 -5.44 13.94 -23.29
CA VAL A 148 -5.60 15.20 -23.92
C VAL A 148 -4.92 15.13 -25.27
N ALA A 149 -5.33 15.97 -26.18
CA ALA A 149 -4.76 15.98 -27.50
C ALA A 149 -3.87 17.18 -27.62
N ASP A 14 13.21 -1.20 25.41
CA ASP A 14 11.78 -0.99 25.63
C ASP A 14 11.09 -0.60 24.36
N MET A 15 10.15 -1.41 23.94
CA MET A 15 9.37 -1.11 22.77
C MET A 15 8.09 -0.44 23.22
N VAL A 16 7.97 0.85 22.98
CA VAL A 16 6.72 1.53 23.24
C VAL A 16 5.80 1.14 22.09
N THR A 17 4.54 0.89 22.35
CA THR A 17 3.59 0.54 21.29
C THR A 17 3.57 1.59 20.20
N ASP A 18 3.57 2.84 20.62
CA ASP A 18 3.59 3.99 19.71
C ASP A 18 4.88 4.03 18.90
N LEU A 19 5.98 3.66 19.56
CA LEU A 19 7.29 3.63 18.94
C LEU A 19 7.30 2.49 17.93
N ASP A 20 6.57 1.45 18.25
CA ASP A 20 6.45 0.30 17.39
C ASP A 20 5.63 0.66 16.17
N VAL A 21 4.59 1.47 16.38
CA VAL A 21 3.74 1.97 15.29
C VAL A 21 4.58 2.73 14.28
N LYS A 22 5.32 3.72 14.75
CA LYS A 22 6.14 4.51 13.85
C LYS A 22 7.26 3.68 13.24
N GLY A 23 7.78 2.72 14.00
CA GLY A 23 8.83 1.85 13.50
C GLY A 23 8.32 0.92 12.42
N LEU A 24 7.10 0.47 12.59
CA LEU A 24 6.42 -0.39 11.66
C LEU A 24 6.20 0.37 10.36
N GLY A 25 5.71 1.61 10.51
CA GLY A 25 5.51 2.46 9.37
C GLY A 25 6.80 2.78 8.66
N TYR A 26 7.84 3.02 9.42
CA TYR A 26 9.17 3.29 8.89
C TYR A 26 9.68 2.10 8.09
N ASP A 27 9.47 0.91 8.61
CA ASP A 27 9.94 -0.33 8.00
C ASP A 27 9.25 -0.52 6.67
N PHE A 28 7.95 -0.36 6.70
CA PHE A 28 7.10 -0.49 5.55
C PHE A 28 7.46 0.56 4.49
N ILE A 29 7.55 1.80 4.90
CA ILE A 29 7.87 2.88 4.00
C ILE A 29 9.27 2.74 3.44
N ASP A 30 10.19 2.20 4.23
CA ASP A 30 11.53 2.00 3.74
C ASP A 30 11.55 0.94 2.70
N LEU A 31 10.84 -0.14 2.95
CA LEU A 31 10.85 -1.22 2.02
C LEU A 31 10.10 -0.88 0.74
N VAL A 32 9.15 0.06 0.82
CA VAL A 32 8.48 0.55 -0.35
C VAL A 32 9.45 1.41 -1.20
N THR A 33 10.41 2.01 -0.53
CA THR A 33 11.33 2.91 -1.20
C THR A 33 12.73 2.30 -1.15
N LYS A 34 12.75 0.97 -1.01
CA LYS A 34 13.95 0.18 -0.82
C LYS A 34 14.99 0.48 -1.88
N SER A 35 16.24 0.59 -1.42
CA SER A 35 17.42 0.88 -2.24
C SER A 35 17.40 0.12 -3.57
N PRO A 36 17.81 0.78 -4.69
CA PRO A 36 17.80 0.18 -6.05
C PRO A 36 18.64 -1.10 -6.14
N ASP A 37 19.47 -1.33 -5.13
CA ASP A 37 20.26 -2.57 -5.01
C ASP A 37 19.30 -3.77 -4.89
N SER A 38 18.15 -3.49 -4.35
CA SER A 38 17.09 -4.43 -4.18
C SER A 38 15.87 -3.93 -4.96
N VAL A 39 15.71 -4.45 -6.16
CA VAL A 39 14.69 -4.00 -7.09
C VAL A 39 13.29 -4.29 -6.61
N ASN A 40 13.04 -5.50 -6.23
CA ASN A 40 11.70 -5.89 -5.94
C ASN A 40 11.34 -5.65 -4.48
N SER A 41 11.02 -4.40 -4.23
CA SER A 41 10.72 -3.85 -2.92
C SER A 41 9.41 -4.45 -2.39
N GLU A 42 8.58 -4.83 -3.32
CA GLU A 42 7.34 -5.44 -3.03
C GLU A 42 7.50 -6.84 -2.44
N HIS A 43 8.65 -7.45 -2.66
CA HIS A 43 8.92 -8.75 -2.04
C HIS A 43 9.12 -8.54 -0.54
N GLU A 44 9.77 -7.43 -0.20
CA GLU A 44 10.01 -7.06 1.16
C GLU A 44 8.69 -6.75 1.80
N LEU A 45 7.80 -6.13 1.03
CA LEU A 45 6.47 -5.86 1.49
C LEU A 45 5.72 -7.15 1.79
N ALA A 46 5.85 -8.12 0.89
CA ALA A 46 5.21 -9.42 1.08
C ALA A 46 5.71 -10.09 2.35
N HIS A 47 6.98 -9.91 2.62
CA HIS A 47 7.62 -10.43 3.83
C HIS A 47 7.08 -9.71 5.06
N PHE A 48 6.88 -8.42 4.92
CA PHE A 48 6.42 -7.56 5.98
C PHE A 48 4.97 -7.87 6.34
N LEU A 49 4.16 -8.10 5.32
CA LEU A 49 2.75 -8.33 5.52
C LEU A 49 2.46 -9.76 5.96
N GLY A 50 3.47 -10.63 5.96
CA GLY A 50 3.29 -12.01 6.40
C GLY A 50 2.57 -12.12 7.76
N PRO A 51 3.15 -11.57 8.84
CA PRO A 51 2.50 -11.53 10.16
C PRO A 51 1.42 -10.45 10.25
N HIS A 52 1.27 -9.66 9.21
CA HIS A 52 0.37 -8.51 9.26
C HIS A 52 -0.67 -8.61 8.16
N ASP A 53 -1.01 -9.85 7.80
CA ASP A 53 -1.99 -10.20 6.74
C ASP A 53 -3.37 -9.58 6.97
N PRO A 54 -3.72 -8.56 6.15
CA PRO A 54 -4.97 -7.85 6.24
C PRO A 54 -5.93 -8.19 5.08
N GLU A 55 -6.96 -7.38 4.92
CA GLU A 55 -7.87 -7.53 3.82
C GLU A 55 -7.33 -6.72 2.66
N ILE A 56 -6.98 -7.38 1.62
CA ILE A 56 -6.38 -6.73 0.49
C ILE A 56 -7.43 -6.54 -0.58
N TYR A 57 -7.88 -5.36 -0.80
CA TYR A 57 -8.90 -5.14 -1.78
C TYR A 57 -8.26 -4.80 -3.08
N VAL A 58 -8.74 -5.37 -4.13
CA VAL A 58 -8.24 -5.07 -5.45
C VAL A 58 -9.41 -4.85 -6.35
N ASN A 59 -9.50 -3.63 -6.85
CA ASN A 59 -10.57 -3.16 -7.76
C ASN A 59 -11.93 -3.22 -7.07
N GLY A 60 -11.89 -3.25 -5.74
CA GLY A 60 -13.10 -3.29 -4.95
C GLY A 60 -13.46 -4.71 -4.54
N LYS A 61 -12.62 -5.67 -4.87
CA LYS A 61 -12.85 -7.05 -4.53
C LYS A 61 -11.90 -7.42 -3.44
N ILE A 62 -12.39 -8.09 -2.43
CA ILE A 62 -11.57 -8.47 -1.33
C ILE A 62 -10.70 -9.68 -1.72
N GLN A 63 -9.42 -9.55 -1.50
CA GLN A 63 -8.43 -10.55 -1.79
C GLN A 63 -7.72 -10.88 -0.50
N THR A 64 -7.26 -12.09 -0.40
CA THR A 64 -6.50 -12.50 0.74
C THR A 64 -5.01 -12.42 0.37
N THR A 65 -4.12 -12.66 1.35
CA THR A 65 -2.69 -12.62 1.14
C THR A 65 -2.27 -13.54 -0.01
N THR A 66 -2.98 -14.69 -0.15
CA THR A 66 -2.70 -15.65 -1.18
C THR A 66 -2.85 -14.99 -2.55
N ALA A 67 -4.02 -14.41 -2.81
CA ALA A 67 -4.32 -13.76 -4.08
C ALA A 67 -3.33 -12.67 -4.37
N PHE A 68 -3.09 -11.79 -3.39
CA PHE A 68 -2.10 -10.71 -3.52
C PHE A 68 -0.77 -11.29 -3.95
N LEU A 69 -0.29 -12.22 -3.15
CA LEU A 69 0.99 -12.92 -3.40
C LEU A 69 1.02 -13.51 -4.82
N GLN A 70 -0.08 -14.10 -5.24
CA GLN A 70 -0.21 -14.66 -6.56
C GLN A 70 -0.03 -13.58 -7.64
N PHE A 71 -0.73 -12.47 -7.48
CA PHE A 71 -0.63 -11.40 -8.47
C PHE A 71 0.78 -10.82 -8.43
N PHE A 72 1.32 -10.74 -7.26
CA PHE A 72 2.67 -10.29 -7.02
C PHE A 72 3.68 -11.16 -7.79
N ARG A 73 3.60 -12.47 -7.60
CA ARG A 73 4.54 -13.38 -8.24
C ARG A 73 4.28 -13.47 -9.74
N GLN A 74 3.09 -13.08 -10.16
CA GLN A 74 2.79 -13.01 -11.56
C GLN A 74 3.25 -11.71 -12.21
N GLY A 75 3.67 -10.73 -11.41
CA GLY A 75 4.16 -9.50 -11.98
C GLY A 75 3.13 -8.39 -11.99
N LEU A 76 2.15 -8.49 -11.15
CA LEU A 76 1.14 -7.45 -11.04
C LEU A 76 1.62 -6.34 -10.15
N PHE A 77 2.10 -6.68 -8.97
CA PHE A 77 2.48 -5.66 -8.00
C PHE A 77 3.93 -5.26 -8.08
N LYS A 78 4.62 -5.68 -9.14
CA LYS A 78 6.06 -5.35 -9.32
C LYS A 78 6.31 -3.85 -9.59
N LYS A 79 5.24 -3.16 -9.85
CA LYS A 79 5.23 -1.73 -10.08
C LYS A 79 5.08 -0.95 -8.76
N LEU A 80 4.77 -1.66 -7.68
CA LEU A 80 4.47 -1.03 -6.39
C LEU A 80 5.69 -0.29 -5.83
N LYS A 81 6.87 -0.75 -6.23
CA LYS A 81 8.13 -0.13 -5.80
C LYS A 81 8.23 1.33 -6.23
N ASP A 82 7.52 1.69 -7.29
CA ASP A 82 7.57 3.05 -7.81
C ASP A 82 6.34 3.83 -7.47
N ALA A 83 5.55 3.32 -6.56
CA ALA A 83 4.33 3.97 -6.18
C ALA A 83 4.61 5.26 -5.41
N GLU A 84 4.03 6.32 -5.89
CA GLU A 84 4.22 7.64 -5.34
C GLU A 84 3.23 7.85 -4.23
N PHE A 85 3.73 8.18 -3.07
CA PHE A 85 2.88 8.37 -1.93
C PHE A 85 2.37 9.78 -1.84
N ALA A 86 1.11 9.91 -1.57
CA ALA A 86 0.49 11.17 -1.30
C ALA A 86 0.69 11.42 0.16
N ILE A 87 1.12 12.57 0.52
CA ILE A 87 1.46 12.82 1.86
C ILE A 87 0.25 13.20 2.73
N ASN A 88 -0.53 12.21 3.02
CA ASN A 88 -1.60 12.34 3.97
C ASN A 88 -0.98 11.99 5.30
N VAL A 89 -0.64 12.97 6.05
CA VAL A 89 0.09 12.72 7.24
C VAL A 89 -0.68 13.02 8.51
N SER A 90 -1.25 11.97 9.08
CA SER A 90 -1.75 12.06 10.40
C SER A 90 -0.54 11.82 11.33
N GLY A 91 0.32 10.91 10.87
CA GLY A 91 1.58 10.61 11.52
C GLY A 91 1.46 10.30 12.98
N LYS A 92 2.05 11.15 13.78
CA LYS A 92 2.06 10.98 15.21
C LYS A 92 0.75 11.40 15.85
N VAL A 93 -0.22 10.51 15.76
CA VAL A 93 -1.48 10.66 16.41
C VAL A 93 -1.67 9.50 17.37
N LYS A 94 -1.63 9.80 18.62
CA LYS A 94 -1.67 8.80 19.64
C LYS A 94 -3.12 8.56 20.07
N GLU A 95 -3.80 7.80 19.26
CA GLU A 95 -5.18 7.47 19.44
C GLU A 95 -5.46 6.19 18.68
N GLY A 96 -6.47 5.47 19.10
CA GLY A 96 -6.83 4.25 18.45
C GLY A 96 -7.68 4.53 17.23
N GLU A 97 -7.06 5.07 16.21
CA GLU A 97 -7.73 5.40 14.97
C GLU A 97 -6.98 4.79 13.79
N GLY A 98 -7.51 4.95 12.60
CA GLY A 98 -6.90 4.36 11.43
C GLY A 98 -6.07 5.33 10.63
N TYR A 99 -5.04 4.82 10.00
CA TYR A 99 -4.18 5.60 9.15
C TYR A 99 -4.49 5.22 7.73
N LYS A 100 -4.61 6.19 6.87
CA LYS A 100 -4.95 5.95 5.50
C LYS A 100 -3.93 6.63 4.63
N LEU A 101 -3.11 5.85 4.02
CA LEU A 101 -2.07 6.36 3.17
C LEU A 101 -2.36 5.93 1.76
N VAL A 102 -2.18 6.79 0.81
CA VAL A 102 -2.48 6.44 -0.55
C VAL A 102 -1.31 6.71 -1.49
N TRP A 103 -1.09 5.78 -2.37
CA TRP A 103 -0.06 5.84 -3.36
C TRP A 103 -0.68 5.81 -4.73
N LYS A 104 0.05 6.31 -5.68
CA LYS A 104 -0.28 6.18 -7.05
C LYS A 104 0.83 5.41 -7.68
N SER A 105 0.50 4.31 -8.25
CA SER A 105 1.44 3.39 -8.80
C SER A 105 2.02 3.92 -10.13
N ALA A 106 2.69 3.06 -10.85
CA ALA A 106 3.34 3.41 -12.08
C ALA A 106 2.36 3.93 -13.11
N ALA A 107 2.62 5.11 -13.60
CA ALA A 107 1.83 5.68 -14.65
C ALA A 107 2.30 5.07 -15.93
N GLN A 108 1.39 4.48 -16.65
CA GLN A 108 1.71 3.71 -17.81
C GLN A 108 0.84 4.11 -18.97
N ARG A 109 1.45 4.24 -20.11
CA ARG A 109 0.76 4.70 -21.30
C ARG A 109 0.00 3.53 -21.90
N SER A 110 -1.30 3.62 -21.82
CA SER A 110 -2.18 2.56 -22.24
C SER A 110 -2.42 2.63 -23.75
N HIS A 111 -3.07 1.60 -24.28
CA HIS A 111 -3.40 1.47 -25.71
C HIS A 111 -4.44 2.52 -26.13
N ASP A 112 -5.05 3.13 -25.12
CA ASP A 112 -6.06 4.17 -25.30
C ASP A 112 -5.41 5.50 -25.61
N GLN A 113 -4.08 5.51 -25.55
CA GLN A 113 -3.24 6.69 -25.70
C GLN A 113 -3.43 7.60 -24.47
N LYS A 114 -3.95 7.04 -23.39
CA LYS A 114 -4.03 7.76 -22.15
C LYS A 114 -3.16 7.08 -21.14
N ILE A 115 -2.72 7.81 -20.16
CA ILE A 115 -1.88 7.24 -19.15
C ILE A 115 -2.76 6.73 -18.05
N ARG A 116 -2.50 5.54 -17.63
CA ARG A 116 -3.28 4.89 -16.63
C ARG A 116 -2.38 4.51 -15.50
N TRP A 117 -2.88 4.61 -14.32
CA TRP A 117 -2.17 4.22 -13.15
C TRP A 117 -3.14 3.55 -12.22
N ASP A 118 -2.63 3.04 -11.19
CA ASP A 118 -3.42 2.41 -10.22
C ASP A 118 -3.14 3.04 -8.91
N GLU A 119 -4.13 3.11 -8.08
CA GLU A 119 -3.96 3.78 -6.82
C GLU A 119 -4.06 2.80 -5.70
N ALA A 120 -3.35 3.06 -4.68
CA ALA A 120 -3.26 2.14 -3.58
C ALA A 120 -3.48 2.83 -2.27
N GLU A 121 -4.46 2.42 -1.57
CA GLU A 121 -4.81 2.98 -0.28
C GLU A 121 -4.51 1.94 0.80
N ALA A 122 -3.62 2.23 1.70
CA ALA A 122 -3.32 1.30 2.77
C ALA A 122 -3.92 1.79 4.06
N TYR A 123 -4.55 0.89 4.77
CA TYR A 123 -5.28 1.19 5.97
C TYR A 123 -4.70 0.41 7.16
N ILE A 124 -4.24 1.11 8.13
CA ILE A 124 -3.73 0.50 9.37
C ILE A 124 -4.57 1.05 10.47
N TRP A 125 -4.85 0.30 11.49
CA TRP A 125 -5.55 0.88 12.57
C TRP A 125 -4.75 0.68 13.82
N ARG A 126 -4.73 1.70 14.64
CA ARG A 126 -4.13 1.56 15.91
C ARG A 126 -5.19 1.00 16.80
N ARG A 127 -4.90 -0.13 17.33
CA ARG A 127 -5.77 -0.84 18.21
C ARG A 127 -5.82 -0.04 19.51
N LYS A 128 -6.94 -0.10 20.20
CA LYS A 128 -7.13 0.66 21.45
C LYS A 128 -6.09 0.26 22.52
N ASP A 129 -5.52 -0.92 22.33
CA ASP A 129 -4.45 -1.47 23.14
C ASP A 129 -3.17 -0.62 23.03
N GLY A 130 -3.08 0.20 22.00
CA GLY A 130 -1.91 1.00 21.76
C GLY A 130 -1.10 0.46 20.61
N SER A 131 -1.31 -0.80 20.32
CA SER A 131 -0.66 -1.48 19.27
C SER A 131 -1.33 -1.11 17.95
N CYS A 132 -0.76 -1.50 16.88
CA CYS A 132 -1.32 -1.22 15.57
C CYS A 132 -1.14 -2.42 14.68
N TRP A 133 -2.03 -2.57 13.73
CA TRP A 133 -1.97 -3.69 12.83
C TRP A 133 -2.63 -3.24 11.53
N LEU A 134 -2.26 -3.86 10.43
CA LEU A 134 -2.85 -3.53 9.16
C LEU A 134 -4.29 -3.94 9.12
N HIS A 135 -5.13 -3.00 8.83
CA HIS A 135 -6.54 -3.21 8.83
C HIS A 135 -6.93 -3.78 7.49
N SER A 136 -6.48 -3.13 6.44
CA SER A 136 -6.79 -3.49 5.10
C SER A 136 -5.92 -2.67 4.18
N VAL A 137 -5.86 -3.04 2.96
CA VAL A 137 -5.14 -2.31 1.95
C VAL A 137 -5.97 -2.46 0.71
N LYS A 138 -6.05 -1.47 -0.08
CA LYS A 138 -6.88 -1.48 -1.26
C LYS A 138 -6.10 -1.00 -2.47
N PHE A 139 -6.18 -1.74 -3.55
CA PHE A 139 -5.55 -1.38 -4.80
C PHE A 139 -6.62 -1.21 -5.83
N ILE A 140 -6.59 -0.14 -6.54
CA ILE A 140 -7.59 0.11 -7.58
C ILE A 140 -6.93 0.41 -8.91
N MET A 141 -6.94 -0.57 -9.79
CA MET A 141 -6.31 -0.41 -11.08
C MET A 141 -7.34 0.00 -12.10
N SER A 142 -7.45 1.29 -12.31
CA SER A 142 -8.42 1.86 -13.25
C SER A 142 -8.07 3.31 -13.58
N LYS A 143 -7.77 4.08 -12.53
CA LYS A 143 -7.53 5.54 -12.56
C LYS A 143 -6.62 5.98 -13.71
N ALA A 144 -7.06 6.97 -14.41
CA ALA A 144 -6.36 7.47 -15.56
C ALA A 144 -6.80 8.88 -15.85
N ALA A 145 -5.95 9.61 -16.54
CA ALA A 145 -6.27 10.93 -17.03
C ALA A 145 -6.98 10.79 -18.38
N PRO A 146 -7.74 11.82 -18.82
CA PRO A 146 -8.41 11.83 -20.15
C PRO A 146 -7.40 11.53 -21.27
N TYR A 147 -7.85 10.88 -22.32
CA TYR A 147 -6.95 10.50 -23.35
C TYR A 147 -6.64 11.63 -24.30
N VAL A 148 -5.45 11.61 -24.81
CA VAL A 148 -5.02 12.58 -25.76
C VAL A 148 -5.31 12.04 -27.16
N ALA A 149 -5.55 12.93 -28.08
CA ALA A 149 -5.84 12.57 -29.45
C ALA A 149 -5.37 13.67 -30.36
N ASP A 14 6.13 4.61 28.30
CA ASP A 14 5.12 5.52 27.74
C ASP A 14 5.51 5.93 26.34
N MET A 15 4.50 6.21 25.50
CA MET A 15 4.66 6.66 24.11
C MET A 15 5.09 5.51 23.20
N VAL A 16 5.03 4.30 23.76
CA VAL A 16 5.42 3.11 23.04
C VAL A 16 4.48 2.89 21.86
N THR A 17 3.23 3.30 22.02
CA THR A 17 2.22 3.23 20.98
C THR A 17 2.68 4.02 19.73
N ASP A 18 3.16 5.21 19.96
CA ASP A 18 3.54 6.10 18.88
C ASP A 18 4.87 5.67 18.29
N LEU A 19 5.76 5.18 19.14
CA LEU A 19 7.05 4.69 18.74
C LEU A 19 6.88 3.42 17.90
N ASP A 20 5.91 2.62 18.29
CA ASP A 20 5.58 1.36 17.64
C ASP A 20 5.07 1.62 16.26
N VAL A 21 4.05 2.45 16.17
CA VAL A 21 3.46 2.75 14.89
C VAL A 21 4.43 3.51 13.94
N LYS A 22 5.30 4.36 14.49
CA LYS A 22 6.24 5.07 13.62
C LYS A 22 7.33 4.12 13.15
N GLY A 23 7.71 3.18 14.01
CA GLY A 23 8.72 2.22 13.65
C GLY A 23 8.21 1.26 12.63
N LEU A 24 6.97 0.84 12.82
CA LEU A 24 6.28 -0.04 11.94
C LEU A 24 6.08 0.64 10.60
N GLY A 25 5.54 1.85 10.64
CA GLY A 25 5.27 2.61 9.45
C GLY A 25 6.51 2.86 8.64
N TYR A 26 7.60 3.19 9.31
CA TYR A 26 8.82 3.45 8.62
C TYR A 26 9.47 2.17 8.11
N ASP A 27 9.30 1.06 8.84
CA ASP A 27 9.84 -0.23 8.38
C ASP A 27 9.17 -0.61 7.08
N PHE A 28 7.87 -0.42 7.07
CA PHE A 28 7.03 -0.65 5.93
C PHE A 28 7.42 0.29 4.78
N ILE A 29 7.47 1.58 5.06
CA ILE A 29 7.81 2.57 4.07
C ILE A 29 9.21 2.36 3.50
N ASP A 30 10.15 2.02 4.34
CA ASP A 30 11.49 1.77 3.88
C ASP A 30 11.52 0.55 3.03
N LEU A 31 10.80 -0.49 3.43
CA LEU A 31 10.82 -1.68 2.65
C LEU A 31 10.09 -1.52 1.32
N VAL A 32 9.12 -0.62 1.30
CA VAL A 32 8.42 -0.29 0.07
C VAL A 32 9.36 0.51 -0.85
N THR A 33 10.38 1.12 -0.27
CA THR A 33 11.29 1.94 -1.05
C THR A 33 12.71 1.36 -1.05
N LYS A 34 12.81 0.04 -0.79
CA LYS A 34 14.08 -0.67 -0.79
C LYS A 34 14.92 -0.42 -2.01
N SER A 35 16.17 -0.17 -1.75
CA SER A 35 17.20 0.04 -2.73
C SER A 35 17.27 -1.16 -3.70
N PRO A 36 17.69 -0.93 -4.97
CA PRO A 36 17.79 -1.98 -6.01
C PRO A 36 18.73 -3.12 -5.61
N ASP A 37 19.52 -2.88 -4.55
CA ASP A 37 20.40 -3.92 -3.99
C ASP A 37 19.54 -5.08 -3.47
N SER A 38 18.33 -4.73 -3.10
CA SER A 38 17.30 -5.65 -2.76
C SER A 38 16.27 -5.58 -3.88
N VAL A 39 16.35 -6.55 -4.78
CA VAL A 39 15.65 -6.55 -6.08
C VAL A 39 14.13 -6.27 -6.05
N ASN A 40 13.40 -6.74 -5.06
CA ASN A 40 11.96 -6.56 -5.11
C ASN A 40 11.38 -6.03 -3.80
N SER A 41 10.92 -4.78 -3.84
CA SER A 41 10.42 -4.09 -2.65
C SER A 41 9.13 -4.76 -2.14
N GLU A 42 8.34 -5.24 -3.08
CA GLU A 42 7.10 -5.90 -2.79
C GLU A 42 7.35 -7.21 -2.07
N HIS A 43 8.56 -7.77 -2.21
CA HIS A 43 8.92 -9.01 -1.54
C HIS A 43 9.00 -8.74 -0.06
N GLU A 44 9.59 -7.62 0.27
CA GLU A 44 9.77 -7.22 1.61
C GLU A 44 8.42 -6.88 2.18
N LEU A 45 7.56 -6.31 1.35
CA LEU A 45 6.22 -5.99 1.75
C LEU A 45 5.41 -7.26 2.01
N ALA A 46 5.56 -8.24 1.13
CA ALA A 46 4.89 -9.53 1.29
C ALA A 46 5.34 -10.22 2.56
N HIS A 47 6.58 -10.02 2.89
CA HIS A 47 7.15 -10.59 4.09
C HIS A 47 6.69 -9.80 5.33
N PHE A 48 6.48 -8.49 5.13
CA PHE A 48 6.03 -7.60 6.18
C PHE A 48 4.62 -7.95 6.58
N LEU A 49 3.77 -8.11 5.59
CA LEU A 49 2.37 -8.38 5.83
C LEU A 49 2.16 -9.82 6.28
N GLY A 50 3.25 -10.59 6.29
CA GLY A 50 3.21 -11.97 6.72
C GLY A 50 2.47 -12.15 8.04
N PRO A 51 2.95 -11.53 9.14
CA PRO A 51 2.24 -11.54 10.41
C PRO A 51 1.18 -10.42 10.50
N HIS A 52 1.14 -9.54 9.51
CA HIS A 52 0.23 -8.37 9.56
C HIS A 52 -0.84 -8.53 8.50
N ASP A 53 -1.21 -9.79 8.23
CA ASP A 53 -2.20 -10.18 7.21
C ASP A 53 -3.55 -9.48 7.40
N PRO A 54 -3.85 -8.52 6.51
CA PRO A 54 -5.09 -7.81 6.52
C PRO A 54 -5.96 -8.23 5.33
N GLU A 55 -6.84 -7.36 4.91
CA GLU A 55 -7.63 -7.61 3.74
C GLU A 55 -6.93 -6.99 2.59
N ILE A 56 -6.57 -7.78 1.63
CA ILE A 56 -5.86 -7.27 0.51
C ILE A 56 -6.84 -7.12 -0.63
N TYR A 57 -7.16 -5.94 -1.00
CA TYR A 57 -8.07 -5.76 -2.09
C TYR A 57 -7.30 -5.52 -3.33
N VAL A 58 -7.74 -6.11 -4.38
CA VAL A 58 -7.16 -5.91 -5.67
C VAL A 58 -8.27 -5.67 -6.64
N ASN A 59 -8.29 -4.46 -7.17
CA ASN A 59 -9.28 -3.99 -8.13
C ASN A 59 -10.67 -3.98 -7.53
N GLY A 60 -10.71 -3.94 -6.21
CA GLY A 60 -11.96 -3.92 -5.50
C GLY A 60 -12.37 -5.30 -5.02
N LYS A 61 -11.58 -6.31 -5.32
CA LYS A 61 -11.87 -7.65 -4.93
C LYS A 61 -11.01 -8.04 -3.77
N ILE A 62 -11.61 -8.65 -2.80
CA ILE A 62 -10.92 -9.01 -1.59
C ILE A 62 -10.05 -10.27 -1.87
N GLN A 63 -8.81 -10.16 -1.49
CA GLN A 63 -7.83 -11.19 -1.67
C GLN A 63 -7.19 -11.47 -0.29
N THR A 64 -6.81 -12.70 -0.08
CA THR A 64 -6.09 -13.07 1.11
C THR A 64 -4.58 -12.99 0.82
N THR A 65 -3.75 -13.19 1.84
CA THR A 65 -2.29 -13.14 1.70
C THR A 65 -1.82 -14.10 0.61
N THR A 66 -2.47 -15.25 0.49
CA THR A 66 -2.14 -16.26 -0.48
C THR A 66 -2.39 -15.74 -1.92
N ALA A 67 -3.55 -15.14 -2.13
CA ALA A 67 -3.93 -14.60 -3.42
C ALA A 67 -2.98 -13.48 -3.81
N PHE A 68 -2.72 -12.57 -2.86
CA PHE A 68 -1.74 -11.50 -3.05
C PHE A 68 -0.42 -12.07 -3.47
N LEU A 69 0.07 -13.00 -2.65
CA LEU A 69 1.33 -13.71 -2.89
C LEU A 69 1.37 -14.27 -4.33
N GLN A 70 0.27 -14.88 -4.75
CA GLN A 70 0.11 -15.37 -6.10
C GLN A 70 0.31 -14.26 -7.14
N PHE A 71 -0.40 -13.14 -6.97
CA PHE A 71 -0.31 -12.04 -7.94
C PHE A 71 1.10 -11.45 -7.90
N PHE A 72 1.66 -11.41 -6.74
CA PHE A 72 3.00 -10.96 -6.48
C PHE A 72 4.01 -11.78 -7.28
N ARG A 73 3.97 -13.09 -7.11
CA ARG A 73 4.89 -13.98 -7.78
C ARG A 73 4.64 -14.03 -9.27
N GLN A 74 3.43 -13.72 -9.67
CA GLN A 74 3.11 -13.66 -11.08
C GLN A 74 3.61 -12.34 -11.71
N GLY A 75 3.94 -11.36 -10.88
CA GLY A 75 4.49 -10.11 -11.39
C GLY A 75 3.52 -8.97 -11.46
N LEU A 76 2.38 -9.12 -10.81
CA LEU A 76 1.33 -8.09 -10.85
C LEU A 76 1.73 -6.82 -10.12
N PHE A 77 2.36 -6.95 -8.97
CA PHE A 77 2.65 -5.79 -8.14
C PHE A 77 4.01 -5.21 -8.42
N LYS A 78 4.68 -5.72 -9.44
CA LYS A 78 6.02 -5.24 -9.80
C LYS A 78 5.99 -3.81 -10.31
N LYS A 79 4.82 -3.33 -10.64
CA LYS A 79 4.65 -1.97 -11.10
C LYS A 79 4.72 -1.00 -9.91
N LEU A 80 4.35 -1.53 -8.75
CA LEU A 80 4.28 -0.76 -7.50
C LEU A 80 5.69 -0.45 -7.02
N LYS A 81 6.66 -1.17 -7.54
CA LYS A 81 8.04 -0.96 -7.15
C LYS A 81 8.52 0.40 -7.67
N ASP A 82 7.83 0.92 -8.69
CA ASP A 82 8.19 2.21 -9.31
C ASP A 82 7.25 3.29 -8.79
N ALA A 83 6.40 2.93 -7.86
CA ALA A 83 5.36 3.83 -7.38
C ALA A 83 5.88 4.89 -6.46
N GLU A 84 5.30 6.06 -6.58
CA GLU A 84 5.60 7.17 -5.72
C GLU A 84 4.70 7.11 -4.53
N PHE A 85 5.25 7.40 -3.37
CA PHE A 85 4.45 7.64 -2.22
C PHE A 85 3.89 9.04 -2.42
N ALA A 86 2.64 9.13 -2.74
CA ALA A 86 2.04 10.39 -3.10
C ALA A 86 0.70 10.56 -2.47
N ILE A 87 0.67 11.31 -1.41
CA ILE A 87 -0.53 11.59 -0.69
C ILE A 87 -1.04 12.94 -1.17
N ASN A 88 -2.30 13.01 -1.56
CA ASN A 88 -2.89 14.26 -2.01
C ASN A 88 -3.00 15.20 -0.83
N VAL A 89 -3.51 14.65 0.24
CA VAL A 89 -3.63 15.33 1.51
C VAL A 89 -3.97 14.28 2.57
N SER A 90 -3.32 14.36 3.71
CA SER A 90 -3.61 13.46 4.81
C SER A 90 -4.75 14.04 5.63
N GLY A 91 -4.70 15.35 5.79
CA GLY A 91 -5.67 16.04 6.59
C GLY A 91 -5.44 15.75 8.04
N LYS A 92 -6.49 15.68 8.80
CA LYS A 92 -6.40 15.38 10.20
C LYS A 92 -7.42 14.35 10.57
N VAL A 93 -6.97 13.33 11.24
CA VAL A 93 -7.85 12.33 11.76
C VAL A 93 -8.25 12.80 13.15
N LYS A 94 -9.51 13.04 13.34
CA LYS A 94 -10.02 13.66 14.55
C LYS A 94 -9.99 12.74 15.74
N GLU A 95 -10.25 11.48 15.53
CA GLU A 95 -10.29 10.55 16.62
C GLU A 95 -9.89 9.16 16.14
N GLY A 96 -8.77 8.67 16.64
CA GLY A 96 -8.29 7.36 16.28
C GLY A 96 -7.58 7.40 14.96
N GLU A 97 -6.27 7.60 15.01
CA GLU A 97 -5.47 7.77 13.81
C GLU A 97 -5.55 6.60 12.86
N GLY A 98 -6.01 6.89 11.68
CA GLY A 98 -6.04 5.95 10.65
C GLY A 98 -5.17 6.45 9.55
N TYR A 99 -4.41 5.60 8.97
CA TYR A 99 -3.52 6.02 7.93
C TYR A 99 -3.99 5.47 6.66
N LYS A 100 -4.14 6.32 5.72
CA LYS A 100 -4.57 5.96 4.42
C LYS A 100 -3.50 6.46 3.49
N LEU A 101 -2.64 5.56 3.12
CA LEU A 101 -1.49 5.89 2.33
C LEU A 101 -1.66 5.35 0.95
N VAL A 102 -1.28 6.11 -0.04
CA VAL A 102 -1.46 5.68 -1.38
C VAL A 102 -0.20 5.90 -2.22
N TRP A 103 0.09 4.92 -3.02
CA TRP A 103 1.19 4.94 -3.94
C TRP A 103 0.63 4.94 -5.31
N LYS A 104 1.26 5.63 -6.19
CA LYS A 104 0.83 5.72 -7.55
C LYS A 104 1.99 5.31 -8.41
N SER A 105 1.80 4.36 -9.22
CA SER A 105 2.83 3.88 -10.10
C SER A 105 2.93 4.74 -11.35
N ALA A 106 3.90 4.43 -12.21
CA ALA A 106 4.15 5.20 -13.41
C ALA A 106 2.90 5.30 -14.26
N ALA A 107 2.55 6.51 -14.57
CA ALA A 107 1.36 6.81 -15.32
C ALA A 107 1.57 6.50 -16.78
N GLN A 108 0.56 6.00 -17.42
CA GLN A 108 0.64 5.59 -18.80
C GLN A 108 -0.44 6.31 -19.56
N ARG A 109 -0.07 7.09 -20.54
CA ARG A 109 -1.07 7.78 -21.32
C ARG A 109 -1.72 6.78 -22.25
N SER A 110 -2.94 6.48 -21.95
CA SER A 110 -3.65 5.47 -22.62
C SER A 110 -4.23 6.07 -23.90
N HIS A 111 -4.53 5.23 -24.86
CA HIS A 111 -5.03 5.66 -26.17
C HIS A 111 -6.50 6.05 -26.06
N ASP A 112 -6.99 5.99 -24.85
CA ASP A 112 -8.36 6.33 -24.49
C ASP A 112 -8.45 7.82 -24.19
N GLN A 113 -7.34 8.53 -24.43
CA GLN A 113 -7.23 10.00 -24.25
C GLN A 113 -7.15 10.35 -22.74
N LYS A 114 -6.98 9.35 -21.93
CA LYS A 114 -6.86 9.52 -20.51
C LYS A 114 -5.62 8.79 -20.04
N ILE A 115 -5.18 9.06 -18.86
CA ILE A 115 -3.99 8.46 -18.36
C ILE A 115 -4.37 7.37 -17.36
N ARG A 116 -3.73 6.23 -17.45
CA ARG A 116 -3.98 5.12 -16.55
C ARG A 116 -2.75 4.84 -15.73
N TRP A 117 -2.95 4.34 -14.55
CA TRP A 117 -1.88 3.98 -13.66
C TRP A 117 -2.42 3.01 -12.63
N ASP A 118 -1.57 2.49 -11.83
CA ASP A 118 -1.99 1.65 -10.76
C ASP A 118 -1.73 2.32 -9.45
N GLU A 119 -2.70 2.26 -8.59
CA GLU A 119 -2.59 2.83 -7.27
C GLU A 119 -2.70 1.80 -6.20
N ALA A 120 -2.13 2.09 -5.08
CA ALA A 120 -2.13 1.21 -3.96
C ALA A 120 -2.43 1.99 -2.71
N GLU A 121 -3.50 1.67 -2.05
CA GLU A 121 -3.91 2.38 -0.86
C GLU A 121 -3.87 1.42 0.34
N ALA A 122 -2.95 1.64 1.21
CA ALA A 122 -2.86 0.86 2.42
C ALA A 122 -3.58 1.60 3.54
N TYR A 123 -4.43 0.89 4.24
CA TYR A 123 -5.22 1.46 5.31
C TYR A 123 -4.77 0.82 6.63
N ILE A 124 -4.28 1.62 7.53
CA ILE A 124 -3.86 1.18 8.87
C ILE A 124 -4.71 1.90 9.89
N TRP A 125 -4.93 1.32 11.05
CA TRP A 125 -5.64 2.02 12.07
C TRP A 125 -4.97 1.82 13.42
N ARG A 126 -5.07 2.82 14.26
CA ARG A 126 -4.67 2.70 15.63
C ARG A 126 -5.81 2.18 16.42
N ARG A 127 -5.53 1.20 17.15
CA ARG A 127 -6.48 0.52 17.98
C ARG A 127 -6.52 1.23 19.33
N LYS A 128 -7.68 1.26 19.98
CA LYS A 128 -7.87 1.99 21.26
C LYS A 128 -6.93 1.48 22.34
N ASP A 129 -6.56 0.23 22.22
CA ASP A 129 -5.62 -0.43 23.14
C ASP A 129 -4.22 0.20 23.06
N GLY A 130 -3.96 0.94 22.02
CA GLY A 130 -2.64 1.52 21.86
C GLY A 130 -1.80 0.70 20.92
N SER A 131 -2.40 -0.26 20.33
CA SER A 131 -1.77 -1.04 19.36
C SER A 131 -2.13 -0.50 17.98
N CYS A 132 -1.40 -0.86 17.01
CA CYS A 132 -1.63 -0.41 15.67
C CYS A 132 -1.57 -1.59 14.75
N TRP A 133 -2.38 -1.62 13.72
CA TRP A 133 -2.37 -2.74 12.83
C TRP A 133 -2.96 -2.34 11.49
N LEU A 134 -2.59 -3.06 10.46
CA LEU A 134 -3.11 -2.83 9.14
C LEU A 134 -4.57 -3.22 9.09
N HIS A 135 -5.37 -2.31 8.64
CA HIS A 135 -6.77 -2.52 8.57
C HIS A 135 -7.05 -3.32 7.31
N SER A 136 -6.61 -2.78 6.20
CA SER A 136 -6.82 -3.39 4.89
C SER A 136 -5.89 -2.68 3.95
N VAL A 137 -5.61 -3.23 2.81
CA VAL A 137 -4.88 -2.50 1.80
C VAL A 137 -5.55 -2.79 0.48
N LYS A 138 -5.51 -1.89 -0.42
CA LYS A 138 -6.20 -2.04 -1.67
C LYS A 138 -5.31 -1.65 -2.82
N PHE A 139 -5.23 -2.49 -3.81
CA PHE A 139 -4.47 -2.22 -4.97
C PHE A 139 -5.43 -2.06 -6.10
N ILE A 140 -5.32 -1.01 -6.82
CA ILE A 140 -6.21 -0.76 -7.91
C ILE A 140 -5.41 -0.45 -9.14
N MET A 141 -5.24 -1.45 -9.94
CA MET A 141 -4.44 -1.30 -11.10
C MET A 141 -5.28 -0.91 -12.28
N SER A 142 -4.77 0.01 -13.06
CA SER A 142 -5.42 0.47 -14.31
C SER A 142 -6.51 1.50 -13.97
N LYS A 143 -6.28 2.21 -12.88
CA LYS A 143 -7.12 3.31 -12.48
C LYS A 143 -6.80 4.45 -13.43
N ALA A 144 -7.75 5.25 -13.75
CA ALA A 144 -7.53 6.28 -14.71
C ALA A 144 -8.13 7.58 -14.26
N ALA A 145 -7.52 8.66 -14.68
CA ALA A 145 -8.09 9.95 -14.51
C ALA A 145 -8.89 10.23 -15.77
N PRO A 146 -10.23 10.23 -15.68
CA PRO A 146 -11.10 10.41 -16.84
C PRO A 146 -10.88 11.76 -17.50
N TYR A 147 -10.98 11.80 -18.81
CA TYR A 147 -10.83 13.01 -19.51
C TYR A 147 -12.12 13.79 -19.42
N VAL A 148 -12.03 15.08 -19.47
CA VAL A 148 -13.20 15.90 -19.38
C VAL A 148 -13.96 15.92 -20.70
N ALA A 149 -15.16 15.39 -20.66
CA ALA A 149 -16.02 15.34 -21.79
C ALA A 149 -17.40 15.75 -21.33
N ASP A 14 -1.20 7.56 24.42
CA ASP A 14 0.20 7.99 24.50
C ASP A 14 1.05 7.34 23.44
N MET A 15 2.36 7.55 23.54
CA MET A 15 3.39 7.18 22.53
C MET A 15 3.46 5.69 22.11
N VAL A 16 2.62 4.87 22.63
CA VAL A 16 2.66 3.46 22.28
C VAL A 16 2.16 3.23 20.85
N THR A 17 1.09 3.90 20.50
CA THR A 17 0.53 3.83 19.18
C THR A 17 1.47 4.49 18.20
N ASP A 18 2.02 5.60 18.64
CA ASP A 18 2.99 6.37 17.88
C ASP A 18 4.22 5.55 17.59
N LEU A 19 4.70 4.82 18.58
CA LEU A 19 5.89 4.01 18.45
C LEU A 19 5.62 2.90 17.46
N ASP A 20 4.46 2.29 17.58
CA ASP A 20 4.06 1.22 16.71
C ASP A 20 3.96 1.67 15.29
N VAL A 21 3.28 2.78 15.08
CA VAL A 21 3.08 3.26 13.74
C VAL A 21 4.37 3.78 13.09
N LYS A 22 5.22 4.45 13.86
CA LYS A 22 6.46 4.94 13.26
C LYS A 22 7.44 3.79 13.08
N GLY A 23 7.31 2.76 13.90
CA GLY A 23 8.16 1.62 13.77
C GLY A 23 7.84 0.82 12.55
N LEU A 24 6.59 0.38 12.46
CA LEU A 24 6.17 -0.44 11.34
C LEU A 24 6.17 0.41 10.08
N GLY A 25 5.81 1.69 10.23
CA GLY A 25 5.75 2.61 9.12
C GLY A 25 7.11 2.85 8.53
N TYR A 26 8.11 3.03 9.39
CA TYR A 26 9.48 3.24 8.92
C TYR A 26 9.96 2.00 8.21
N ASP A 27 9.73 0.84 8.82
CA ASP A 27 10.21 -0.43 8.26
C ASP A 27 9.49 -0.71 6.94
N PHE A 28 8.19 -0.43 6.92
CA PHE A 28 7.35 -0.61 5.75
C PHE A 28 7.82 0.31 4.62
N ILE A 29 7.93 1.59 4.91
CA ILE A 29 8.32 2.55 3.91
C ILE A 29 9.74 2.30 3.41
N ASP A 30 10.60 1.84 4.31
CA ASP A 30 11.96 1.50 3.93
C ASP A 30 11.95 0.36 2.94
N LEU A 31 11.21 -0.70 3.24
CA LEU A 31 11.21 -1.85 2.37
C LEU A 31 10.54 -1.55 1.03
N VAL A 32 9.58 -0.63 1.04
CA VAL A 32 8.92 -0.20 -0.18
C VAL A 32 9.92 0.57 -1.08
N THR A 33 10.89 1.20 -0.47
CA THR A 33 11.83 2.03 -1.20
C THR A 33 13.21 1.39 -1.23
N LYS A 34 13.24 0.12 -0.85
CA LYS A 34 14.44 -0.67 -0.71
C LYS A 34 15.26 -0.71 -2.00
N SER A 35 16.57 -0.64 -1.85
CA SER A 35 17.51 -0.69 -2.93
C SER A 35 17.36 -2.00 -3.75
N PRO A 36 17.78 -1.98 -5.05
CA PRO A 36 17.75 -3.16 -5.97
C PRO A 36 18.62 -4.31 -5.46
N ASP A 37 19.32 -4.04 -4.39
CA ASP A 37 20.09 -5.01 -3.63
C ASP A 37 19.16 -6.13 -3.09
N SER A 38 17.91 -5.81 -2.90
CA SER A 38 16.91 -6.78 -2.52
C SER A 38 16.26 -7.33 -3.81
N VAL A 39 15.49 -8.40 -3.73
CA VAL A 39 14.89 -8.92 -4.95
C VAL A 39 13.78 -7.98 -5.46
N ASN A 40 12.91 -7.55 -4.56
CA ASN A 40 11.81 -6.70 -4.93
C ASN A 40 11.18 -6.15 -3.66
N SER A 41 10.78 -4.90 -3.69
CA SER A 41 10.19 -4.23 -2.53
C SER A 41 8.98 -5.00 -2.00
N GLU A 42 8.18 -5.46 -2.94
CA GLU A 42 6.94 -6.14 -2.63
C GLU A 42 7.20 -7.48 -1.94
N HIS A 43 8.41 -8.02 -2.10
CA HIS A 43 8.77 -9.29 -1.48
C HIS A 43 8.86 -9.08 0.02
N GLU A 44 9.58 -8.03 0.37
CA GLU A 44 9.81 -7.66 1.72
C GLU A 44 8.50 -7.17 2.32
N LEU A 45 7.67 -6.57 1.47
CA LEU A 45 6.39 -6.10 1.86
C LEU A 45 5.49 -7.28 2.19
N ALA A 46 5.51 -8.29 1.34
CA ALA A 46 4.74 -9.51 1.57
C ALA A 46 5.18 -10.19 2.85
N HIS A 47 6.47 -10.07 3.13
CA HIS A 47 7.05 -10.61 4.34
C HIS A 47 6.55 -9.80 5.55
N PHE A 48 6.47 -8.49 5.37
CA PHE A 48 6.07 -7.57 6.40
C PHE A 48 4.60 -7.76 6.73
N LEU A 49 3.80 -7.92 5.71
CA LEU A 49 2.38 -8.03 5.89
C LEU A 49 1.99 -9.47 6.21
N GLY A 50 2.98 -10.36 6.29
CA GLY A 50 2.73 -11.75 6.70
C GLY A 50 1.99 -11.81 8.05
N PRO A 51 2.60 -11.28 9.14
CA PRO A 51 1.94 -11.21 10.45
C PRO A 51 0.93 -10.06 10.53
N HIS A 52 0.87 -9.26 9.47
CA HIS A 52 0.03 -8.06 9.46
C HIS A 52 -0.96 -8.15 8.33
N ASP A 53 -1.44 -9.38 8.08
CA ASP A 53 -2.39 -9.72 6.99
C ASP A 53 -3.64 -8.87 7.06
N PRO A 54 -3.78 -7.92 6.15
CA PRO A 54 -4.93 -7.09 6.06
C PRO A 54 -5.84 -7.59 4.96
N GLU A 55 -6.91 -6.90 4.73
CA GLU A 55 -7.75 -7.24 3.65
C GLU A 55 -7.20 -6.58 2.43
N ILE A 56 -6.62 -7.37 1.58
CA ILE A 56 -5.96 -6.88 0.43
C ILE A 56 -6.95 -6.87 -0.70
N TYR A 57 -7.40 -5.74 -1.05
CA TYR A 57 -8.41 -5.63 -2.03
C TYR A 57 -7.83 -5.30 -3.36
N VAL A 58 -7.80 -6.25 -4.22
CA VAL A 58 -7.22 -6.04 -5.52
C VAL A 58 -8.32 -6.01 -6.52
N ASN A 59 -8.51 -4.83 -7.10
CA ASN A 59 -9.61 -4.56 -8.07
C ASN A 59 -10.97 -4.85 -7.43
N GLY A 60 -11.02 -4.76 -6.11
CA GLY A 60 -12.25 -5.02 -5.38
C GLY A 60 -12.40 -6.48 -5.00
N LYS A 61 -11.33 -7.25 -5.11
CA LYS A 61 -11.35 -8.63 -4.74
C LYS A 61 -10.48 -8.82 -3.52
N ILE A 62 -11.02 -9.48 -2.53
CA ILE A 62 -10.32 -9.63 -1.27
C ILE A 62 -9.26 -10.74 -1.42
N GLN A 63 -8.07 -10.40 -1.08
CA GLN A 63 -6.94 -11.26 -1.13
C GLN A 63 -6.30 -11.28 0.25
N THR A 64 -5.75 -12.39 0.59
CA THR A 64 -5.00 -12.53 1.82
C THR A 64 -3.50 -12.47 1.46
N THR A 65 -2.64 -12.45 2.48
CA THR A 65 -1.20 -12.40 2.35
C THR A 65 -0.67 -13.39 1.28
N THR A 66 -1.26 -14.59 1.26
CA THR A 66 -0.87 -15.63 0.33
C THR A 66 -1.15 -15.20 -1.11
N ALA A 67 -2.39 -14.79 -1.36
CA ALA A 67 -2.83 -14.38 -2.68
C ALA A 67 -2.03 -13.19 -3.19
N PHE A 68 -1.84 -12.19 -2.33
CA PHE A 68 -0.99 -11.02 -2.64
C PHE A 68 0.36 -11.49 -3.13
N LEU A 69 1.00 -12.26 -2.28
CA LEU A 69 2.31 -12.88 -2.58
C LEU A 69 2.29 -13.59 -3.96
N GLN A 70 1.21 -14.31 -4.24
CA GLN A 70 1.05 -15.01 -5.48
C GLN A 70 1.01 -14.03 -6.66
N PHE A 71 0.23 -12.96 -6.54
CA PHE A 71 0.15 -11.97 -7.61
C PHE A 71 1.48 -11.28 -7.77
N PHE A 72 2.13 -11.03 -6.66
CA PHE A 72 3.45 -10.46 -6.65
C PHE A 72 4.42 -11.31 -7.46
N ARG A 73 4.47 -12.60 -7.17
CA ARG A 73 5.42 -13.50 -7.82
C ARG A 73 5.03 -13.71 -9.28
N GLN A 74 3.76 -13.49 -9.58
CA GLN A 74 3.28 -13.55 -10.95
C GLN A 74 3.55 -12.28 -11.74
N GLY A 75 4.07 -11.28 -11.06
CA GLY A 75 4.48 -10.05 -11.73
C GLY A 75 3.45 -8.94 -11.67
N LEU A 76 2.51 -9.05 -10.77
CA LEU A 76 1.47 -8.05 -10.62
C LEU A 76 1.96 -6.83 -9.84
N PHE A 77 2.38 -7.04 -8.61
CA PHE A 77 2.69 -5.91 -7.74
C PHE A 77 4.08 -5.37 -7.94
N LYS A 78 4.87 -6.03 -8.73
CA LYS A 78 6.23 -5.58 -8.93
C LYS A 78 6.27 -4.23 -9.69
N LYS A 79 5.15 -3.88 -10.32
CA LYS A 79 5.03 -2.62 -11.05
C LYS A 79 4.55 -1.53 -10.10
N LEU A 80 4.02 -1.94 -8.97
CA LEU A 80 3.41 -1.04 -8.02
C LEU A 80 4.49 -0.46 -7.11
N LYS A 81 5.65 -1.09 -7.08
CA LYS A 81 6.72 -0.66 -6.18
C LYS A 81 7.43 0.60 -6.73
N ASP A 82 6.94 1.08 -7.85
CA ASP A 82 7.48 2.26 -8.52
C ASP A 82 6.55 3.44 -8.26
N ALA A 83 5.53 3.19 -7.47
CA ALA A 83 4.51 4.16 -7.20
C ALA A 83 4.95 5.25 -6.25
N GLU A 84 4.32 6.38 -6.39
CA GLU A 84 4.58 7.55 -5.59
C GLU A 84 3.53 7.63 -4.51
N PHE A 85 3.95 7.91 -3.31
CA PHE A 85 3.03 8.07 -2.21
C PHE A 85 2.36 9.43 -2.31
N ALA A 86 1.08 9.42 -2.44
CA ALA A 86 0.32 10.62 -2.62
C ALA A 86 -0.47 10.94 -1.38
N ILE A 87 -0.88 12.17 -1.29
CA ILE A 87 -1.66 12.64 -0.18
C ILE A 87 -3.09 12.89 -0.67
N ASN A 88 -4.06 12.56 0.16
CA ASN A 88 -5.44 12.82 -0.17
C ASN A 88 -6.06 13.64 0.95
N VAL A 89 -6.23 14.91 0.70
CA VAL A 89 -6.77 15.84 1.70
C VAL A 89 -8.27 15.56 1.96
N SER A 90 -8.91 14.89 1.03
CA SER A 90 -10.31 14.57 1.11
C SER A 90 -10.46 13.12 1.65
N GLY A 91 -9.41 12.64 2.29
CA GLY A 91 -9.42 11.34 2.89
C GLY A 91 -10.28 11.34 4.13
N LYS A 92 -10.75 10.19 4.52
CA LYS A 92 -11.62 10.11 5.67
C LYS A 92 -10.86 9.78 6.92
N VAL A 93 -11.28 10.37 8.00
CA VAL A 93 -10.76 10.12 9.31
C VAL A 93 -11.95 9.77 10.21
N LYS A 94 -11.71 9.06 11.27
CA LYS A 94 -12.77 8.53 12.09
C LYS A 94 -12.28 8.33 13.52
N GLU A 95 -13.20 7.98 14.44
CA GLU A 95 -12.90 7.80 15.87
C GLU A 95 -11.74 6.82 16.11
N GLY A 96 -11.67 5.83 15.27
CA GLY A 96 -10.54 4.97 15.26
C GLY A 96 -9.57 5.58 14.28
N GLU A 97 -8.54 6.23 14.80
CA GLU A 97 -7.63 7.00 13.97
C GLU A 97 -6.97 6.14 12.93
N GLY A 98 -7.19 6.47 11.69
CA GLY A 98 -6.68 5.69 10.64
C GLY A 98 -6.14 6.54 9.55
N TYR A 99 -5.25 5.97 8.78
CA TYR A 99 -4.65 6.68 7.69
C TYR A 99 -5.02 5.99 6.42
N LYS A 100 -4.97 6.72 5.36
CA LYS A 100 -5.12 6.17 4.05
C LYS A 100 -3.92 6.61 3.30
N LEU A 101 -3.03 5.74 3.14
CA LEU A 101 -1.82 6.02 2.46
C LEU A 101 -1.98 5.48 1.06
N VAL A 102 -2.03 6.36 0.11
CA VAL A 102 -2.30 5.94 -1.23
C VAL A 102 -1.12 6.20 -2.15
N TRP A 103 -0.77 5.21 -2.90
CA TRP A 103 0.26 5.30 -3.87
C TRP A 103 -0.35 5.34 -5.24
N LYS A 104 0.22 6.13 -6.09
CA LYS A 104 -0.17 6.21 -7.45
C LYS A 104 1.01 5.81 -8.30
N SER A 105 0.82 4.80 -9.08
CA SER A 105 1.84 4.25 -9.93
C SER A 105 1.99 5.09 -11.20
N ALA A 106 2.71 4.54 -12.17
CA ALA A 106 3.06 5.23 -13.37
C ALA A 106 1.85 5.67 -14.18
N ALA A 107 1.95 6.84 -14.77
CA ALA A 107 0.91 7.32 -15.63
C ALA A 107 1.13 6.71 -17.00
N GLN A 108 0.41 5.70 -17.23
CA GLN A 108 0.51 4.89 -18.41
C GLN A 108 -0.49 5.42 -19.41
N ARG A 109 0.02 6.02 -20.44
CA ARG A 109 -0.77 6.72 -21.42
C ARG A 109 -1.73 5.86 -22.21
N SER A 110 -2.93 6.35 -22.27
CA SER A 110 -4.00 5.76 -22.98
C SER A 110 -4.33 6.73 -24.14
N HIS A 111 -4.48 6.20 -25.33
CA HIS A 111 -4.72 7.02 -26.54
C HIS A 111 -6.13 7.68 -26.55
N ASP A 112 -6.85 7.55 -25.47
CA ASP A 112 -8.19 8.11 -25.35
C ASP A 112 -8.15 9.45 -24.66
N GLN A 113 -7.00 10.13 -24.75
CA GLN A 113 -6.76 11.46 -24.11
C GLN A 113 -6.66 11.33 -22.59
N LYS A 114 -6.33 10.14 -22.12
CA LYS A 114 -6.23 9.89 -20.69
C LYS A 114 -5.01 9.07 -20.36
N ILE A 115 -4.75 8.94 -19.10
CA ILE A 115 -3.68 8.14 -18.59
C ILE A 115 -4.25 7.22 -17.58
N ARG A 116 -3.66 6.09 -17.41
CA ARG A 116 -4.09 5.17 -16.41
C ARG A 116 -2.97 5.07 -15.41
N TRP A 117 -3.29 4.66 -14.25
CA TRP A 117 -2.33 4.49 -13.23
C TRP A 117 -2.78 3.36 -12.34
N ASP A 118 -1.92 2.86 -11.54
CA ASP A 118 -2.29 1.84 -10.60
C ASP A 118 -2.31 2.51 -9.26
N GLU A 119 -3.32 2.26 -8.49
CA GLU A 119 -3.36 2.87 -7.17
C GLU A 119 -3.30 1.85 -6.09
N ALA A 120 -2.82 2.26 -4.97
CA ALA A 120 -2.74 1.43 -3.82
C ALA A 120 -3.12 2.24 -2.61
N GLU A 121 -4.18 1.85 -1.96
CA GLU A 121 -4.66 2.56 -0.79
C GLU A 121 -4.48 1.67 0.42
N ALA A 122 -3.58 2.00 1.27
CA ALA A 122 -3.40 1.28 2.47
C ALA A 122 -4.12 1.97 3.61
N TYR A 123 -5.06 1.27 4.17
CA TYR A 123 -5.86 1.76 5.26
C TYR A 123 -5.31 1.15 6.51
N ILE A 124 -4.76 1.96 7.35
CA ILE A 124 -4.19 1.48 8.62
C ILE A 124 -4.96 2.13 9.74
N TRP A 125 -5.19 1.44 10.83
CA TRP A 125 -5.86 2.06 11.92
C TRP A 125 -5.09 1.86 13.22
N ARG A 126 -5.20 2.84 14.05
CA ARG A 126 -4.59 2.86 15.33
C ARG A 126 -5.52 2.29 16.32
N ARG A 127 -5.08 1.22 16.87
CA ARG A 127 -5.90 0.40 17.71
C ARG A 127 -5.99 0.96 19.09
N LYS A 128 -7.15 0.79 19.69
CA LYS A 128 -7.38 1.16 21.07
C LYS A 128 -6.64 0.16 21.95
N ASP A 129 -6.17 -0.91 21.31
CA ASP A 129 -5.32 -1.92 21.94
C ASP A 129 -3.97 -1.32 22.26
N GLY A 130 -3.66 -0.19 21.63
CA GLY A 130 -2.40 0.49 21.87
C GLY A 130 -1.40 0.23 20.77
N SER A 131 -1.77 -0.65 19.88
CA SER A 131 -0.96 -1.00 18.77
C SER A 131 -1.51 -0.32 17.51
N CYS A 132 -0.89 -0.56 16.40
CA CYS A 132 -1.35 -0.08 15.12
C CYS A 132 -1.32 -1.24 14.16
N TRP A 133 -2.30 -1.34 13.27
CA TRP A 133 -2.35 -2.46 12.39
C TRP A 133 -2.99 -2.06 11.08
N LEU A 134 -2.67 -2.77 10.03
CA LEU A 134 -3.24 -2.52 8.75
C LEU A 134 -4.65 -3.00 8.73
N HIS A 135 -5.54 -2.12 8.45
CA HIS A 135 -6.93 -2.42 8.45
C HIS A 135 -7.25 -3.21 7.18
N SER A 136 -6.85 -2.63 6.07
CA SER A 136 -7.10 -3.19 4.77
C SER A 136 -6.23 -2.41 3.81
N VAL A 137 -5.87 -2.98 2.70
CA VAL A 137 -5.16 -2.24 1.72
C VAL A 137 -5.72 -2.62 0.37
N LYS A 138 -5.87 -1.67 -0.48
CA LYS A 138 -6.47 -1.88 -1.76
C LYS A 138 -5.46 -1.65 -2.86
N PHE A 139 -5.47 -2.48 -3.85
CA PHE A 139 -4.64 -2.32 -5.00
C PHE A 139 -5.53 -2.31 -6.20
N ILE A 140 -5.47 -1.28 -6.93
CA ILE A 140 -6.29 -1.16 -8.09
C ILE A 140 -5.43 -0.78 -9.25
N MET A 141 -5.06 -1.77 -10.00
CA MET A 141 -4.18 -1.57 -11.11
C MET A 141 -4.94 -1.23 -12.35
N SER A 142 -4.42 -0.25 -13.07
CA SER A 142 -4.95 0.17 -14.36
C SER A 142 -6.28 0.91 -14.21
N LYS A 143 -6.32 1.85 -13.32
CA LYS A 143 -7.48 2.69 -13.14
C LYS A 143 -7.23 4.01 -13.81
N ALA A 144 -8.25 4.58 -14.36
CA ALA A 144 -8.14 5.85 -15.05
C ALA A 144 -9.42 6.60 -14.93
N ALA A 145 -9.31 7.88 -14.70
CA ALA A 145 -10.46 8.73 -14.57
C ALA A 145 -10.86 9.25 -15.95
N PRO A 146 -12.15 9.59 -16.16
CA PRO A 146 -12.62 10.19 -17.41
C PRO A 146 -11.82 11.46 -17.70
N TYR A 147 -11.36 11.59 -18.92
CA TYR A 147 -10.49 12.65 -19.32
C TYR A 147 -11.19 14.00 -19.29
N VAL A 148 -10.42 15.03 -19.10
CA VAL A 148 -10.94 16.35 -19.01
C VAL A 148 -11.06 16.97 -20.40
N ALA A 149 -12.24 17.45 -20.70
CA ALA A 149 -12.52 18.10 -21.94
C ALA A 149 -13.52 19.20 -21.66
N ASP A 14 -1.56 5.15 26.29
CA ASP A 14 -0.17 4.69 26.13
C ASP A 14 0.47 5.44 24.99
N MET A 15 1.67 5.91 25.19
CA MET A 15 2.35 6.75 24.21
C MET A 15 3.25 5.92 23.30
N VAL A 16 3.36 4.67 23.64
CA VAL A 16 4.18 3.71 22.89
C VAL A 16 3.58 3.49 21.48
N THR A 17 2.31 3.81 21.35
CA THR A 17 1.58 3.65 20.14
C THR A 17 2.12 4.55 19.04
N ASP A 18 2.49 5.77 19.41
CA ASP A 18 3.01 6.75 18.47
C ASP A 18 4.36 6.29 17.95
N LEU A 19 5.11 5.65 18.84
CA LEU A 19 6.39 5.08 18.51
C LEU A 19 6.18 3.87 17.61
N ASP A 20 5.15 3.11 17.90
CA ASP A 20 4.85 1.89 17.15
C ASP A 20 4.46 2.26 15.73
N VAL A 21 3.61 3.27 15.61
CA VAL A 21 3.14 3.69 14.30
C VAL A 21 4.23 4.35 13.48
N LYS A 22 5.12 5.13 14.12
CA LYS A 22 6.19 5.73 13.34
C LYS A 22 7.20 4.68 12.96
N GLY A 23 7.38 3.71 13.84
CA GLY A 23 8.35 2.67 13.59
C GLY A 23 7.88 1.75 12.49
N LEU A 24 6.62 1.42 12.53
CA LEU A 24 5.98 0.56 11.60
C LEU A 24 5.89 1.28 10.25
N GLY A 25 5.38 2.51 10.27
CA GLY A 25 5.24 3.29 9.06
C GLY A 25 6.57 3.55 8.40
N TYR A 26 7.57 3.86 9.21
CA TYR A 26 8.89 4.06 8.67
C TYR A 26 9.44 2.78 8.10
N ASP A 27 9.28 1.66 8.80
CA ASP A 27 9.89 0.39 8.38
C ASP A 27 9.33 -0.03 7.04
N PHE A 28 8.06 0.19 6.92
CA PHE A 28 7.27 -0.09 5.74
C PHE A 28 7.76 0.78 4.56
N ILE A 29 7.78 2.08 4.77
CA ILE A 29 8.20 3.01 3.75
C ILE A 29 9.69 2.85 3.44
N ASP A 30 10.44 2.46 4.44
CA ASP A 30 11.87 2.19 4.33
C ASP A 30 12.10 1.05 3.39
N LEU A 31 11.38 -0.04 3.57
CA LEU A 31 11.57 -1.19 2.72
C LEU A 31 11.07 -0.88 1.30
N VAL A 32 10.09 0.02 1.20
CA VAL A 32 9.60 0.48 -0.09
C VAL A 32 10.62 1.44 -0.77
N THR A 33 11.50 2.05 0.02
CA THR A 33 12.43 3.03 -0.51
C THR A 33 13.85 2.50 -0.57
N LYS A 34 13.98 1.18 -0.46
CA LYS A 34 15.25 0.50 -0.55
C LYS A 34 16.00 0.76 -1.87
N SER A 35 17.29 0.48 -1.82
CA SER A 35 18.22 0.68 -2.89
C SER A 35 17.97 -0.29 -4.06
N PRO A 36 18.63 -0.08 -5.22
CA PRO A 36 18.55 -0.98 -6.39
C PRO A 36 19.13 -2.37 -6.08
N ASP A 37 19.75 -2.48 -4.91
CA ASP A 37 20.31 -3.74 -4.46
C ASP A 37 19.20 -4.69 -4.04
N SER A 38 18.10 -4.11 -3.61
CA SER A 38 16.95 -4.87 -3.20
C SER A 38 16.13 -5.25 -4.42
N VAL A 39 16.09 -6.54 -4.69
CA VAL A 39 15.45 -7.07 -5.88
C VAL A 39 13.92 -6.93 -5.85
N ASN A 40 13.31 -7.02 -4.69
CA ASN A 40 11.87 -7.01 -4.64
C ASN A 40 11.40 -6.41 -3.32
N SER A 41 11.14 -5.12 -3.33
CA SER A 41 10.78 -4.38 -2.15
C SER A 41 9.43 -4.85 -1.64
N GLU A 42 8.60 -5.27 -2.56
CA GLU A 42 7.32 -5.78 -2.26
C GLU A 42 7.39 -7.14 -1.60
N HIS A 43 8.51 -7.83 -1.75
CA HIS A 43 8.71 -9.09 -1.07
C HIS A 43 8.88 -8.79 0.41
N GLU A 44 9.68 -7.78 0.68
CA GLU A 44 9.93 -7.34 2.04
C GLU A 44 8.69 -6.69 2.60
N LEU A 45 7.88 -6.16 1.73
CA LEU A 45 6.61 -5.60 2.11
C LEU A 45 5.66 -6.72 2.52
N ALA A 46 5.60 -7.76 1.71
CA ALA A 46 4.77 -8.93 2.01
C ALA A 46 5.27 -9.62 3.27
N HIS A 47 6.53 -9.45 3.53
CA HIS A 47 7.19 -9.95 4.72
C HIS A 47 6.79 -9.10 5.93
N PHE A 48 6.68 -7.81 5.71
CA PHE A 48 6.32 -6.87 6.72
C PHE A 48 4.87 -7.04 7.12
N LEU A 49 4.00 -7.04 6.13
CA LEU A 49 2.59 -7.12 6.35
C LEU A 49 2.13 -8.56 6.56
N GLY A 50 3.04 -9.50 6.36
CA GLY A 50 2.73 -10.94 6.51
C GLY A 50 1.91 -11.28 7.74
N PRO A 51 2.40 -10.99 8.96
CA PRO A 51 1.65 -11.25 10.21
C PRO A 51 0.56 -10.20 10.44
N HIS A 52 0.54 -9.19 9.61
CA HIS A 52 -0.38 -8.07 9.76
C HIS A 52 -1.40 -8.12 8.65
N ASP A 53 -1.53 -9.31 8.06
CA ASP A 53 -2.39 -9.59 6.93
C ASP A 53 -3.87 -9.25 7.17
N PRO A 54 -4.36 -8.21 6.50
CA PRO A 54 -5.73 -7.78 6.59
C PRO A 54 -6.50 -8.14 5.31
N GLU A 55 -7.52 -7.39 4.97
CA GLU A 55 -8.24 -7.61 3.74
C GLU A 55 -7.48 -6.96 2.62
N ILE A 56 -7.16 -7.73 1.63
CA ILE A 56 -6.39 -7.24 0.53
C ILE A 56 -7.31 -7.15 -0.64
N TYR A 57 -7.65 -6.00 -1.05
CA TYR A 57 -8.57 -5.86 -2.12
C TYR A 57 -7.83 -5.69 -3.40
N VAL A 58 -8.27 -6.31 -4.44
CA VAL A 58 -7.69 -6.09 -5.71
C VAL A 58 -8.80 -5.88 -6.68
N ASN A 59 -8.77 -4.75 -7.36
CA ASN A 59 -9.77 -4.39 -8.40
C ASN A 59 -11.17 -4.29 -7.79
N GLY A 60 -11.22 -4.10 -6.47
CA GLY A 60 -12.48 -4.00 -5.77
C GLY A 60 -12.97 -5.36 -5.25
N LYS A 61 -12.13 -6.37 -5.38
CA LYS A 61 -12.48 -7.71 -4.94
C LYS A 61 -11.59 -8.11 -3.78
N ILE A 62 -12.20 -8.68 -2.78
CA ILE A 62 -11.51 -9.04 -1.55
C ILE A 62 -10.65 -10.30 -1.77
N GLN A 63 -9.39 -10.18 -1.44
CA GLN A 63 -8.44 -11.26 -1.52
C GLN A 63 -7.82 -11.46 -0.14
N THR A 64 -7.47 -12.68 0.16
CA THR A 64 -6.80 -12.98 1.39
C THR A 64 -5.30 -13.12 1.09
N THR A 65 -4.49 -13.32 2.14
CA THR A 65 -3.04 -13.44 2.01
C THR A 65 -2.64 -14.50 0.99
N THR A 66 -3.44 -15.56 0.88
CA THR A 66 -3.19 -16.62 -0.06
C THR A 66 -3.17 -16.08 -1.50
N ALA A 67 -4.25 -15.39 -1.85
CA ALA A 67 -4.43 -14.81 -3.16
C ALA A 67 -3.42 -13.72 -3.43
N PHE A 68 -3.24 -12.81 -2.47
CA PHE A 68 -2.26 -11.72 -2.58
C PHE A 68 -0.88 -12.26 -2.86
N LEU A 69 -0.45 -13.17 -2.01
CA LEU A 69 0.85 -13.82 -2.16
C LEU A 69 1.00 -14.44 -3.56
N GLN A 70 -0.06 -15.09 -4.03
CA GLN A 70 -0.11 -15.61 -5.37
C GLN A 70 0.12 -14.50 -6.40
N PHE A 71 -0.67 -13.43 -6.33
CA PHE A 71 -0.59 -12.34 -7.32
C PHE A 71 0.78 -11.68 -7.29
N PHE A 72 1.35 -11.64 -6.11
CA PHE A 72 2.67 -11.12 -5.89
C PHE A 72 3.71 -11.95 -6.66
N ARG A 73 3.71 -13.26 -6.44
CA ARG A 73 4.68 -14.13 -7.12
C ARG A 73 4.36 -14.27 -8.60
N GLN A 74 3.11 -14.01 -8.96
CA GLN A 74 2.70 -14.00 -10.34
C GLN A 74 3.27 -12.77 -11.06
N GLY A 75 3.65 -11.75 -10.30
CA GLY A 75 4.20 -10.59 -10.90
C GLY A 75 3.19 -9.50 -11.11
N LEU A 76 2.15 -9.49 -10.33
CA LEU A 76 1.16 -8.45 -10.47
C LEU A 76 1.52 -7.24 -9.61
N PHE A 77 1.88 -7.49 -8.36
CA PHE A 77 2.19 -6.40 -7.45
C PHE A 77 3.67 -6.03 -7.48
N LYS A 78 4.39 -6.54 -8.45
CA LYS A 78 5.84 -6.27 -8.57
C LYS A 78 6.16 -4.84 -9.02
N LYS A 79 5.16 -4.12 -9.47
CA LYS A 79 5.35 -2.73 -9.88
C LYS A 79 5.31 -1.80 -8.67
N LEU A 80 4.91 -2.34 -7.51
CA LEU A 80 4.72 -1.54 -6.29
C LEU A 80 6.02 -0.84 -5.89
N LYS A 81 7.14 -1.46 -6.22
CA LYS A 81 8.45 -0.87 -5.93
C LYS A 81 8.61 0.51 -6.59
N ASP A 82 8.16 0.63 -7.82
CA ASP A 82 8.29 1.90 -8.55
C ASP A 82 7.01 2.70 -8.51
N ALA A 83 6.10 2.30 -7.65
CA ALA A 83 4.90 3.05 -7.46
C ALA A 83 5.18 4.22 -6.55
N GLU A 84 4.75 5.37 -6.95
CA GLU A 84 5.09 6.56 -6.22
C GLU A 84 3.91 7.01 -5.40
N PHE A 85 4.15 7.29 -4.14
CA PHE A 85 3.10 7.68 -3.24
C PHE A 85 2.60 9.07 -3.54
N ALA A 86 1.33 9.16 -3.80
CA ALA A 86 0.70 10.40 -4.06
C ALA A 86 0.06 10.86 -2.79
N ILE A 87 0.78 11.70 -2.08
CA ILE A 87 0.32 12.16 -0.80
C ILE A 87 -0.85 13.16 -0.95
N ASN A 88 -2.02 12.59 -1.06
CA ASN A 88 -3.26 13.34 -1.19
C ASN A 88 -3.76 13.62 0.21
N VAL A 89 -3.70 12.59 1.03
CA VAL A 89 -4.12 12.62 2.39
C VAL A 89 -3.28 11.59 3.13
N SER A 90 -2.98 11.81 4.38
CA SER A 90 -2.20 10.88 5.16
C SER A 90 -3.11 9.88 5.86
N GLY A 91 -4.36 10.24 5.97
CA GLY A 91 -5.32 9.40 6.61
C GLY A 91 -6.27 10.21 7.45
N LYS A 92 -6.33 9.89 8.71
CA LYS A 92 -7.17 10.60 9.63
C LYS A 92 -6.55 10.56 11.01
N VAL A 93 -6.77 11.59 11.74
CA VAL A 93 -6.28 11.77 13.07
C VAL A 93 -7.38 12.57 13.76
N LYS A 94 -7.21 12.92 15.05
CA LYS A 94 -8.16 13.74 15.83
C LYS A 94 -9.36 12.91 16.31
N GLU A 95 -9.87 12.11 15.42
CA GLU A 95 -10.93 11.22 15.71
C GLU A 95 -10.67 9.92 14.96
N GLY A 96 -10.02 8.99 15.63
CA GLY A 96 -9.71 7.73 15.03
C GLY A 96 -8.42 7.80 14.24
N GLU A 97 -7.37 7.20 14.76
CA GLU A 97 -6.08 7.21 14.11
C GLU A 97 -6.12 6.23 12.95
N GLY A 98 -5.93 6.73 11.76
CA GLY A 98 -5.97 5.90 10.61
C GLY A 98 -5.06 6.45 9.55
N TYR A 99 -4.37 5.60 8.86
CA TYR A 99 -3.42 6.05 7.87
C TYR A 99 -3.80 5.49 6.53
N LYS A 100 -3.73 6.33 5.53
CA LYS A 100 -4.02 5.95 4.17
C LYS A 100 -2.85 6.31 3.31
N LEU A 101 -2.15 5.32 2.89
CA LEU A 101 -1.03 5.53 2.02
C LEU A 101 -1.42 5.07 0.64
N VAL A 102 -1.45 5.98 -0.31
CA VAL A 102 -1.83 5.62 -1.65
C VAL A 102 -0.73 5.89 -2.67
N TRP A 103 -0.38 4.86 -3.38
CA TRP A 103 0.60 4.92 -4.41
C TRP A 103 -0.06 4.87 -5.72
N LYS A 104 0.52 5.53 -6.65
CA LYS A 104 0.10 5.46 -7.98
C LYS A 104 1.28 4.98 -8.76
N SER A 105 1.10 3.91 -9.45
CA SER A 105 2.16 3.31 -10.20
C SER A 105 2.48 4.16 -11.43
N ALA A 106 3.46 3.75 -12.18
CA ALA A 106 3.87 4.48 -13.37
C ALA A 106 2.69 4.64 -14.32
N ALA A 107 2.39 5.89 -14.59
CA ALA A 107 1.28 6.27 -15.41
C ALA A 107 1.60 6.07 -16.87
N GLN A 108 0.66 5.51 -17.59
CA GLN A 108 0.86 5.16 -18.97
C GLN A 108 -0.23 5.82 -19.79
N ARG A 109 0.19 6.60 -20.75
CA ARG A 109 -0.69 7.43 -21.57
C ARG A 109 -1.50 6.58 -22.55
N SER A 110 -2.59 7.12 -23.00
CA SER A 110 -3.50 6.42 -23.86
C SER A 110 -3.96 7.37 -24.95
N HIS A 111 -4.36 6.83 -26.11
CA HIS A 111 -4.73 7.64 -27.28
C HIS A 111 -6.00 8.48 -27.05
N ASP A 112 -6.74 8.16 -26.02
CA ASP A 112 -7.96 8.91 -25.67
C ASP A 112 -7.61 10.18 -24.92
N GLN A 113 -6.31 10.41 -24.69
CA GLN A 113 -5.80 11.54 -23.86
C GLN A 113 -6.01 11.21 -22.39
N LYS A 114 -6.38 9.99 -22.12
CA LYS A 114 -6.53 9.53 -20.78
C LYS A 114 -5.25 8.88 -20.38
N ILE A 115 -5.03 8.70 -19.13
CA ILE A 115 -3.82 8.08 -18.66
C ILE A 115 -4.23 7.05 -17.64
N ARG A 116 -3.60 5.92 -17.66
CA ARG A 116 -3.91 4.91 -16.69
C ARG A 116 -2.69 4.52 -15.89
N TRP A 117 -2.92 4.27 -14.66
CA TRP A 117 -1.90 3.90 -13.72
C TRP A 117 -2.52 2.90 -12.78
N ASP A 118 -1.76 2.33 -11.91
CA ASP A 118 -2.32 1.41 -10.96
C ASP A 118 -2.32 2.10 -9.64
N GLU A 119 -3.32 1.92 -8.86
CA GLU A 119 -3.37 2.58 -7.56
C GLU A 119 -3.31 1.58 -6.45
N ALA A 120 -2.67 1.95 -5.40
CA ALA A 120 -2.53 1.11 -4.25
C ALA A 120 -2.82 1.91 -3.01
N GLU A 121 -3.83 1.54 -2.31
CA GLU A 121 -4.27 2.23 -1.13
C GLU A 121 -4.12 1.31 0.09
N ALA A 122 -3.20 1.59 0.94
CA ALA A 122 -3.04 0.84 2.16
C ALA A 122 -3.67 1.61 3.31
N TYR A 123 -4.56 0.94 4.02
CA TYR A 123 -5.31 1.53 5.12
C TYR A 123 -4.84 0.89 6.42
N ILE A 124 -4.34 1.68 7.34
CA ILE A 124 -3.88 1.19 8.64
C ILE A 124 -4.68 1.89 9.73
N TRP A 125 -4.84 1.27 10.87
CA TRP A 125 -5.47 1.91 12.00
C TRP A 125 -4.74 1.52 13.28
N ARG A 126 -4.77 2.35 14.26
CA ARG A 126 -4.15 2.04 15.50
C ARG A 126 -5.07 1.14 16.30
N ARG A 127 -4.64 -0.08 16.54
CA ARG A 127 -5.45 -1.02 17.25
C ARG A 127 -5.32 -0.65 18.72
N LYS A 128 -6.41 -0.73 19.49
CA LYS A 128 -6.42 -0.21 20.86
C LYS A 128 -5.46 -0.98 21.78
N ASP A 129 -5.03 -2.14 21.29
CA ASP A 129 -4.07 -3.01 21.98
C ASP A 129 -2.71 -2.34 22.11
N GLY A 130 -2.49 -1.28 21.33
CA GLY A 130 -1.24 -0.55 21.40
C GLY A 130 -0.37 -0.84 20.21
N SER A 131 -0.79 -1.78 19.44
CA SER A 131 -0.09 -2.18 18.28
C SER A 131 -0.86 -1.63 17.11
N CYS A 132 -0.21 -0.98 16.22
CA CYS A 132 -0.88 -0.48 15.07
C CYS A 132 -0.95 -1.62 14.06
N TRP A 133 -2.10 -1.80 13.46
CA TRP A 133 -2.27 -2.92 12.60
C TRP A 133 -2.93 -2.46 11.30
N LEU A 134 -2.71 -3.18 10.25
CA LEU A 134 -3.26 -2.81 8.96
C LEU A 134 -4.74 -3.13 8.92
N HIS A 135 -5.52 -2.15 8.53
CA HIS A 135 -6.95 -2.26 8.43
C HIS A 135 -7.27 -3.13 7.24
N SER A 136 -6.78 -2.71 6.10
CA SER A 136 -6.96 -3.39 4.82
C SER A 136 -6.09 -2.69 3.83
N VAL A 137 -5.74 -3.33 2.77
CA VAL A 137 -5.03 -2.65 1.72
C VAL A 137 -5.71 -2.99 0.42
N LYS A 138 -5.68 -2.10 -0.48
CA LYS A 138 -6.40 -2.20 -1.69
C LYS A 138 -5.49 -1.90 -2.87
N PHE A 139 -5.53 -2.73 -3.85
CA PHE A 139 -4.77 -2.57 -5.05
C PHE A 139 -5.72 -2.53 -6.21
N ILE A 140 -5.61 -1.55 -7.04
CA ILE A 140 -6.47 -1.43 -8.19
C ILE A 140 -5.62 -1.15 -9.40
N MET A 141 -5.38 -2.20 -10.14
CA MET A 141 -4.48 -2.15 -11.26
C MET A 141 -5.19 -1.67 -12.49
N SER A 142 -4.55 -0.75 -13.18
CA SER A 142 -5.02 -0.10 -14.39
C SER A 142 -6.31 0.70 -14.18
N LYS A 143 -6.15 1.81 -13.53
CA LYS A 143 -7.21 2.73 -13.27
C LYS A 143 -6.92 3.99 -14.02
N ALA A 144 -7.88 4.47 -14.73
CA ALA A 144 -7.69 5.59 -15.60
C ALA A 144 -8.43 6.81 -15.13
N ALA A 145 -7.88 7.95 -15.45
CA ALA A 145 -8.55 9.19 -15.27
C ALA A 145 -8.99 9.66 -16.66
N PRO A 146 -10.28 9.56 -16.97
CA PRO A 146 -10.83 10.00 -18.26
C PRO A 146 -10.74 11.51 -18.42
N TYR A 147 -10.55 11.97 -19.64
CA TYR A 147 -10.42 13.36 -19.92
C TYR A 147 -11.77 14.07 -19.75
N VAL A 148 -11.71 15.34 -19.50
CA VAL A 148 -12.91 16.13 -19.35
C VAL A 148 -13.28 16.76 -20.69
N ALA A 149 -14.54 16.70 -21.03
CA ALA A 149 -15.03 17.25 -22.25
C ALA A 149 -16.02 18.35 -21.93
N ASP A 14 9.53 -2.93 23.91
CA ASP A 14 9.10 -2.38 22.61
C ASP A 14 7.65 -2.71 22.38
N MET A 15 7.19 -2.56 21.13
CA MET A 15 5.81 -2.85 20.71
C MET A 15 4.83 -1.82 21.32
N VAL A 16 5.42 -0.73 21.80
CA VAL A 16 4.69 0.34 22.45
C VAL A 16 3.96 1.09 21.35
N THR A 17 2.67 1.31 21.55
CA THR A 17 1.72 1.83 20.57
C THR A 17 2.31 2.87 19.56
N ASP A 18 2.74 4.01 20.04
CA ASP A 18 3.18 5.11 19.16
C ASP A 18 4.51 4.80 18.50
N LEU A 19 5.41 4.22 19.27
CA LEU A 19 6.73 3.92 18.79
C LEU A 19 6.65 2.79 17.76
N ASP A 20 5.78 1.85 18.01
CA ASP A 20 5.60 0.71 17.15
C ASP A 20 5.00 1.14 15.83
N VAL A 21 3.96 1.98 15.90
CA VAL A 21 3.31 2.45 14.69
C VAL A 21 4.23 3.32 13.83
N LYS A 22 4.99 4.22 14.43
CA LYS A 22 5.87 5.04 13.64
C LYS A 22 7.09 4.24 13.17
N GLY A 23 7.44 3.25 13.97
CA GLY A 23 8.53 2.38 13.63
C GLY A 23 8.20 1.48 12.47
N LEU A 24 7.00 0.91 12.48
CA LEU A 24 6.58 0.02 11.42
C LEU A 24 6.32 0.85 10.19
N GLY A 25 5.80 2.06 10.39
CA GLY A 25 5.54 2.96 9.28
C GLY A 25 6.80 3.33 8.57
N TYR A 26 7.85 3.56 9.33
CA TYR A 26 9.13 3.87 8.76
C TYR A 26 9.71 2.63 8.09
N ASP A 27 9.64 1.49 8.76
CA ASP A 27 10.19 0.23 8.25
C ASP A 27 9.50 -0.16 6.95
N PHE A 28 8.18 0.01 6.94
CA PHE A 28 7.34 -0.25 5.79
C PHE A 28 7.74 0.68 4.63
N ILE A 29 7.73 1.96 4.90
CA ILE A 29 8.09 2.94 3.88
C ILE A 29 9.53 2.78 3.41
N ASP A 30 10.41 2.43 4.32
CA ASP A 30 11.80 2.20 3.96
C ASP A 30 11.92 1.07 3.00
N LEU A 31 11.28 -0.06 3.29
CA LEU A 31 11.41 -1.22 2.44
C LEU A 31 10.74 -0.98 1.08
N VAL A 32 9.69 -0.16 1.09
CA VAL A 32 9.01 0.20 -0.14
C VAL A 32 9.91 1.13 -1.02
N THR A 33 10.85 1.81 -0.40
CA THR A 33 11.68 2.75 -1.13
C THR A 33 13.13 2.30 -1.11
N LYS A 34 13.34 1.05 -0.75
CA LYS A 34 14.66 0.53 -0.55
C LYS A 34 15.31 0.11 -1.88
N SER A 35 16.61 0.33 -1.93
CA SER A 35 17.48 0.03 -3.05
C SER A 35 17.33 -1.42 -3.57
N PRO A 36 17.76 -1.68 -4.84
CA PRO A 36 17.74 -3.03 -5.48
C PRO A 36 18.57 -4.06 -4.74
N ASP A 37 19.30 -3.59 -3.73
CA ASP A 37 20.07 -4.46 -2.82
C ASP A 37 19.07 -5.37 -2.09
N SER A 38 17.86 -4.88 -1.97
CA SER A 38 16.74 -5.65 -1.55
C SER A 38 16.06 -6.06 -2.85
N VAL A 39 15.89 -7.36 -3.06
CA VAL A 39 15.43 -7.91 -4.35
C VAL A 39 14.20 -7.22 -4.90
N ASN A 40 13.18 -7.15 -4.11
CA ASN A 40 11.96 -6.59 -4.57
C ASN A 40 11.28 -5.91 -3.41
N SER A 41 10.92 -4.66 -3.59
CA SER A 41 10.29 -3.86 -2.56
C SER A 41 8.98 -4.53 -2.11
N GLU A 42 8.29 -5.13 -3.07
CA GLU A 42 7.04 -5.78 -2.83
C GLU A 42 7.26 -7.11 -2.08
N HIS A 43 8.48 -7.66 -2.18
CA HIS A 43 8.80 -8.90 -1.49
C HIS A 43 9.00 -8.58 -0.03
N GLU A 44 9.72 -7.49 0.21
CA GLU A 44 9.95 -6.98 1.54
C GLU A 44 8.62 -6.60 2.16
N LEU A 45 7.73 -6.09 1.33
CA LEU A 45 6.43 -5.70 1.75
C LEU A 45 5.62 -6.93 2.14
N ALA A 46 5.70 -7.97 1.31
CA ALA A 46 5.02 -9.24 1.57
C ALA A 46 5.53 -9.86 2.86
N HIS A 47 6.80 -9.61 3.13
CA HIS A 47 7.46 -10.07 4.31
C HIS A 47 6.95 -9.27 5.52
N PHE A 48 6.76 -7.99 5.33
CA PHE A 48 6.33 -7.10 6.37
C PHE A 48 4.89 -7.39 6.75
N LEU A 49 4.06 -7.57 5.76
CA LEU A 49 2.65 -7.80 5.98
C LEU A 49 2.38 -9.25 6.36
N GLY A 50 3.44 -10.06 6.37
CA GLY A 50 3.34 -11.47 6.75
C GLY A 50 2.58 -11.67 8.08
N PRO A 51 3.08 -11.12 9.20
CA PRO A 51 2.37 -11.20 10.47
C PRO A 51 1.27 -10.13 10.58
N HIS A 52 1.21 -9.24 9.60
CA HIS A 52 0.30 -8.09 9.65
C HIS A 52 -0.69 -8.17 8.50
N ASP A 53 -1.13 -9.40 8.20
CA ASP A 53 -2.08 -9.71 7.10
C ASP A 53 -3.38 -8.92 7.21
N PRO A 54 -3.55 -7.91 6.34
CA PRO A 54 -4.71 -7.09 6.34
C PRO A 54 -5.70 -7.53 5.27
N GLU A 55 -6.69 -6.73 5.01
CA GLU A 55 -7.62 -7.02 3.97
C GLU A 55 -7.13 -6.36 2.72
N ILE A 56 -6.60 -7.15 1.85
CA ILE A 56 -6.00 -6.68 0.64
C ILE A 56 -7.06 -6.61 -0.45
N TYR A 57 -7.46 -5.45 -0.80
CA TYR A 57 -8.50 -5.31 -1.80
C TYR A 57 -7.93 -5.06 -3.15
N VAL A 58 -8.02 -6.01 -3.99
CA VAL A 58 -7.47 -5.88 -5.32
C VAL A 58 -8.59 -5.77 -6.28
N ASN A 59 -8.71 -4.59 -6.86
CA ASN A 59 -9.79 -4.22 -7.80
C ASN A 59 -11.14 -4.27 -7.10
N GLY A 60 -11.08 -4.18 -5.79
CA GLY A 60 -12.26 -4.24 -4.98
C GLY A 60 -12.50 -5.64 -4.42
N LYS A 61 -11.69 -6.58 -4.83
CA LYS A 61 -11.85 -7.93 -4.40
C LYS A 61 -10.96 -8.21 -3.24
N ILE A 62 -11.55 -8.68 -2.17
CA ILE A 62 -10.83 -8.90 -0.94
C ILE A 62 -9.92 -10.13 -1.10
N GLN A 63 -8.67 -9.93 -0.78
CA GLN A 63 -7.64 -10.95 -0.85
C GLN A 63 -6.91 -10.98 0.49
N THR A 64 -6.40 -12.11 0.86
CA THR A 64 -5.55 -12.22 2.03
C THR A 64 -4.08 -12.28 1.55
N THR A 65 -3.13 -12.24 2.49
CA THR A 65 -1.70 -12.31 2.24
C THR A 65 -1.34 -13.41 1.25
N THR A 66 -1.99 -14.55 1.37
CA THR A 66 -1.70 -15.71 0.53
C THR A 66 -2.06 -15.42 -0.95
N ALA A 67 -3.21 -14.83 -1.17
CA ALA A 67 -3.67 -14.47 -2.50
C ALA A 67 -2.78 -13.37 -3.08
N PHE A 68 -2.49 -12.37 -2.26
CA PHE A 68 -1.57 -11.26 -2.62
C PHE A 68 -0.25 -11.83 -3.07
N LEU A 69 0.33 -12.62 -2.20
CA LEU A 69 1.59 -13.33 -2.45
C LEU A 69 1.54 -14.08 -3.80
N GLN A 70 0.42 -14.75 -4.06
CA GLN A 70 0.22 -15.43 -5.32
C GLN A 70 0.27 -14.47 -6.51
N PHE A 71 -0.43 -13.34 -6.41
CA PHE A 71 -0.45 -12.36 -7.50
C PHE A 71 0.94 -11.74 -7.66
N PHE A 72 1.60 -11.54 -6.56
CA PHE A 72 2.94 -11.02 -6.52
C PHE A 72 3.88 -11.91 -7.31
N ARG A 73 3.91 -13.21 -6.98
CA ARG A 73 4.81 -14.15 -7.62
C ARG A 73 4.43 -14.32 -9.08
N GLN A 74 3.14 -14.17 -9.39
CA GLN A 74 2.68 -14.26 -10.75
C GLN A 74 3.06 -13.03 -11.58
N GLY A 75 3.45 -11.96 -10.92
CA GLY A 75 3.92 -10.80 -11.63
C GLY A 75 2.93 -9.65 -11.68
N LEU A 76 1.92 -9.71 -10.86
CA LEU A 76 0.90 -8.67 -10.81
C LEU A 76 1.45 -7.41 -10.15
N PHE A 77 1.92 -7.56 -8.93
CA PHE A 77 2.31 -6.39 -8.15
C PHE A 77 3.70 -5.91 -8.46
N LYS A 78 4.42 -6.64 -9.28
CA LYS A 78 5.77 -6.21 -9.59
C LYS A 78 5.79 -4.97 -10.49
N LYS A 79 4.63 -4.66 -11.08
CA LYS A 79 4.47 -3.45 -11.88
C LYS A 79 4.12 -2.27 -10.97
N LEU A 80 3.70 -2.58 -9.76
CA LEU A 80 3.29 -1.56 -8.80
C LEU A 80 4.54 -1.14 -8.00
N LYS A 81 5.57 -1.96 -8.10
CA LYS A 81 6.84 -1.77 -7.38
C LYS A 81 7.42 -0.35 -7.59
N ASP A 82 7.36 0.15 -8.82
CA ASP A 82 7.97 1.43 -9.16
C ASP A 82 7.00 2.61 -8.91
N ALA A 83 5.93 2.36 -8.19
CA ALA A 83 4.92 3.38 -7.91
C ALA A 83 5.45 4.51 -7.03
N GLU A 84 4.88 5.67 -7.23
CA GLU A 84 5.22 6.88 -6.51
C GLU A 84 4.11 7.17 -5.52
N PHE A 85 4.46 7.53 -4.31
CA PHE A 85 3.44 7.73 -3.28
C PHE A 85 3.08 9.17 -3.08
N ALA A 86 1.82 9.38 -2.88
CA ALA A 86 1.27 10.66 -2.57
C ALA A 86 1.06 10.69 -1.08
N ILE A 87 1.63 11.66 -0.43
CA ILE A 87 1.52 11.77 0.99
C ILE A 87 0.15 12.33 1.40
N ASN A 88 -0.72 11.43 1.76
CA ASN A 88 -2.02 11.79 2.25
C ASN A 88 -1.85 12.11 3.71
N VAL A 89 -2.31 13.27 4.12
CA VAL A 89 -2.10 13.77 5.46
C VAL A 89 -2.77 12.89 6.51
N SER A 90 -1.96 12.16 7.22
CA SER A 90 -2.43 11.34 8.30
C SER A 90 -2.39 12.18 9.59
N GLY A 91 -2.97 11.69 10.65
CA GLY A 91 -2.98 12.42 11.87
C GLY A 91 -1.67 12.31 12.60
N LYS A 92 -1.23 13.40 13.14
CA LYS A 92 -0.01 13.43 13.89
C LYS A 92 -0.24 12.77 15.24
N VAL A 93 -1.29 13.20 15.94
CA VAL A 93 -1.60 12.69 17.27
C VAL A 93 -3.11 12.47 17.43
N LYS A 94 -3.57 11.26 17.15
CA LYS A 94 -4.92 10.86 17.46
C LYS A 94 -4.92 9.44 17.99
N GLU A 95 -5.65 9.22 19.06
CA GLU A 95 -5.68 7.92 19.74
C GLU A 95 -6.51 6.87 18.99
N GLY A 96 -7.07 7.24 17.88
CA GLY A 96 -7.86 6.33 17.12
C GLY A 96 -8.16 6.86 15.76
N GLU A 97 -7.41 6.44 14.77
CA GLU A 97 -7.63 6.85 13.40
C GLU A 97 -7.03 5.83 12.46
N GLY A 98 -7.27 6.05 11.19
CA GLY A 98 -6.68 5.25 10.17
C GLY A 98 -5.78 6.10 9.32
N TYR A 99 -4.65 5.58 8.94
CA TYR A 99 -3.71 6.32 8.14
C TYR A 99 -3.79 5.74 6.76
N LYS A 100 -3.54 6.54 5.78
CA LYS A 100 -3.62 6.10 4.43
C LYS A 100 -2.45 6.59 3.66
N LEU A 101 -1.81 5.70 2.98
CA LEU A 101 -0.71 6.02 2.13
C LEU A 101 -1.01 5.45 0.76
N VAL A 102 -0.95 6.26 -0.28
CA VAL A 102 -1.35 5.82 -1.59
C VAL A 102 -0.27 6.00 -2.65
N TRP A 103 0.02 4.94 -3.33
CA TRP A 103 0.97 4.89 -4.40
C TRP A 103 0.22 4.84 -5.70
N LYS A 104 0.83 5.35 -6.72
CA LYS A 104 0.29 5.30 -8.05
C LYS A 104 1.43 4.93 -8.93
N SER A 105 1.24 4.00 -9.82
CA SER A 105 2.30 3.60 -10.72
C SER A 105 2.61 4.73 -11.70
N ALA A 106 3.67 4.56 -12.47
CA ALA A 106 4.07 5.55 -13.44
C ALA A 106 2.94 5.78 -14.43
N ALA A 107 2.49 7.00 -14.50
CA ALA A 107 1.35 7.37 -15.30
C ALA A 107 1.65 7.24 -16.78
N GLN A 108 0.71 6.65 -17.49
CA GLN A 108 0.90 6.36 -18.91
C GLN A 108 -0.31 6.88 -19.65
N ARG A 109 -0.14 7.54 -20.76
CA ARG A 109 -1.30 8.04 -21.48
C ARG A 109 -1.87 6.96 -22.39
N SER A 110 -3.15 6.78 -22.29
CA SER A 110 -3.86 5.74 -22.96
C SER A 110 -4.31 6.19 -24.36
N HIS A 111 -4.94 5.27 -25.10
CA HIS A 111 -5.35 5.49 -26.49
C HIS A 111 -6.62 6.35 -26.55
N ASP A 112 -7.24 6.45 -25.42
CA ASP A 112 -8.46 7.23 -25.21
C ASP A 112 -8.12 8.68 -24.85
N GLN A 113 -6.81 8.95 -24.82
CA GLN A 113 -6.21 10.28 -24.59
C GLN A 113 -6.20 10.67 -23.08
N LYS A 114 -6.53 9.74 -22.21
CA LYS A 114 -6.46 10.03 -20.78
C LYS A 114 -5.29 9.27 -20.18
N ILE A 115 -5.00 9.51 -18.94
CA ILE A 115 -3.83 8.93 -18.36
C ILE A 115 -4.25 7.82 -17.42
N ARG A 116 -3.61 6.67 -17.51
CA ARG A 116 -3.94 5.56 -16.65
C ARG A 116 -2.75 5.22 -15.77
N TRP A 117 -3.03 4.64 -14.65
CA TRP A 117 -2.05 4.20 -13.68
C TRP A 117 -2.71 3.17 -12.77
N ASP A 118 -1.95 2.59 -11.91
CA ASP A 118 -2.47 1.64 -10.94
C ASP A 118 -2.29 2.28 -9.61
N GLU A 119 -3.26 2.19 -8.77
CA GLU A 119 -3.15 2.81 -7.46
C GLU A 119 -3.15 1.79 -6.37
N ALA A 120 -2.52 2.13 -5.30
CA ALA A 120 -2.40 1.30 -4.15
C ALA A 120 -2.55 2.15 -2.92
N GLU A 121 -3.55 1.91 -2.15
CA GLU A 121 -3.77 2.70 -0.97
C GLU A 121 -3.83 1.80 0.27
N ALA A 122 -2.85 1.94 1.11
CA ALA A 122 -2.73 1.16 2.30
C ALA A 122 -3.36 1.90 3.46
N TYR A 123 -4.15 1.18 4.22
CA TYR A 123 -4.85 1.71 5.38
C TYR A 123 -4.33 0.99 6.62
N ILE A 124 -3.84 1.74 7.55
CA ILE A 124 -3.38 1.19 8.83
C ILE A 124 -4.20 1.86 9.90
N TRP A 125 -4.59 1.18 10.94
CA TRP A 125 -5.36 1.85 11.92
C TRP A 125 -4.84 1.65 13.32
N ARG A 126 -5.11 2.65 14.12
CA ARG A 126 -4.82 2.66 15.52
C ARG A 126 -5.90 1.78 16.12
N ARG A 127 -5.51 0.61 16.49
CA ARG A 127 -6.42 -0.42 16.87
C ARG A 127 -6.79 -0.31 18.34
N LYS A 128 -8.06 -0.54 18.64
CA LYS A 128 -8.64 -0.50 20.01
C LYS A 128 -7.98 -1.50 20.97
N ASP A 129 -7.18 -2.37 20.41
CA ASP A 129 -6.45 -3.39 21.14
C ASP A 129 -5.22 -2.80 21.83
N GLY A 130 -4.83 -1.60 21.39
CA GLY A 130 -3.65 -0.95 21.93
C GLY A 130 -2.48 -1.07 20.97
N SER A 131 -2.70 -1.82 19.93
CA SER A 131 -1.74 -2.00 18.92
C SER A 131 -2.10 -1.17 17.70
N CYS A 132 -1.21 -1.09 16.79
CA CYS A 132 -1.44 -0.43 15.54
C CYS A 132 -1.21 -1.45 14.45
N TRP A 133 -2.17 -1.65 13.61
CA TRP A 133 -2.09 -2.75 12.70
C TRP A 133 -2.62 -2.32 11.35
N LEU A 134 -2.18 -2.99 10.30
CA LEU A 134 -2.68 -2.72 8.97
C LEU A 134 -4.12 -3.12 8.90
N HIS A 135 -4.94 -2.21 8.49
CA HIS A 135 -6.34 -2.46 8.44
C HIS A 135 -6.66 -3.17 7.15
N SER A 136 -6.24 -2.58 6.09
CA SER A 136 -6.54 -3.06 4.76
C SER A 136 -5.64 -2.34 3.82
N VAL A 137 -5.46 -2.85 2.65
CA VAL A 137 -4.73 -2.12 1.64
C VAL A 137 -5.46 -2.40 0.35
N LYS A 138 -5.60 -1.42 -0.47
CA LYS A 138 -6.32 -1.59 -1.69
C LYS A 138 -5.40 -1.42 -2.88
N PHE A 139 -5.48 -2.32 -3.82
CA PHE A 139 -4.73 -2.24 -5.04
C PHE A 139 -5.71 -2.18 -6.17
N ILE A 140 -5.63 -1.15 -6.93
CA ILE A 140 -6.55 -0.98 -8.00
C ILE A 140 -5.79 -0.77 -9.27
N MET A 141 -5.66 -1.82 -9.99
CA MET A 141 -4.86 -1.83 -11.18
C MET A 141 -5.65 -1.36 -12.36
N SER A 142 -5.07 -0.39 -13.02
CA SER A 142 -5.59 0.26 -14.19
C SER A 142 -6.79 1.17 -13.91
N LYS A 143 -6.48 2.30 -13.37
CA LYS A 143 -7.41 3.37 -13.16
C LYS A 143 -6.97 4.54 -13.99
N ALA A 144 -7.87 5.36 -14.37
CA ALA A 144 -7.53 6.50 -15.18
C ALA A 144 -8.25 7.72 -14.70
N ALA A 145 -7.71 8.88 -15.05
CA ALA A 145 -8.34 10.14 -14.75
C ALA A 145 -8.88 10.71 -16.04
N PRO A 146 -10.15 11.15 -16.05
CA PRO A 146 -10.80 11.69 -17.24
C PRO A 146 -10.09 12.94 -17.78
N TYR A 147 -9.88 12.95 -19.06
CA TYR A 147 -9.21 14.02 -19.73
C TYR A 147 -10.22 15.10 -20.11
N VAL A 148 -9.75 16.22 -20.54
CA VAL A 148 -10.60 17.28 -21.01
C VAL A 148 -10.17 17.67 -22.43
N ALA A 149 -11.13 17.91 -23.28
CA ALA A 149 -10.89 18.34 -24.62
C ALA A 149 -12.08 19.14 -25.09
N ASP A 14 10.03 -1.80 25.53
CA ASP A 14 10.31 -2.25 24.16
C ASP A 14 9.49 -1.46 23.15
N MET A 15 8.21 -1.76 23.06
CA MET A 15 7.36 -1.09 22.09
C MET A 15 6.13 -0.51 22.74
N VAL A 16 6.16 0.78 22.95
CA VAL A 16 5.02 1.48 23.50
C VAL A 16 4.17 1.93 22.29
N THR A 17 2.94 2.33 22.53
CA THR A 17 1.94 2.68 21.51
C THR A 17 2.48 3.46 20.27
N ASP A 18 2.92 4.69 20.50
CA ASP A 18 3.40 5.56 19.43
C ASP A 18 4.71 5.07 18.84
N LEU A 19 5.47 4.36 19.64
CA LEU A 19 6.74 3.78 19.22
C LEU A 19 6.44 2.65 18.25
N ASP A 20 5.42 1.89 18.57
CA ASP A 20 4.97 0.73 17.80
C ASP A 20 4.56 1.18 16.43
N VAL A 21 3.69 2.16 16.40
CA VAL A 21 3.20 2.67 15.14
C VAL A 21 4.32 3.31 14.29
N LYS A 22 5.19 4.12 14.89
CA LYS A 22 6.24 4.73 14.10
C LYS A 22 7.32 3.72 13.72
N GLY A 23 7.46 2.68 14.51
CA GLY A 23 8.40 1.67 14.21
C GLY A 23 8.00 0.88 13.00
N LEU A 24 6.79 0.34 13.02
CA LEU A 24 6.33 -0.47 11.91
C LEU A 24 6.07 0.43 10.71
N GLY A 25 5.57 1.64 10.97
CA GLY A 25 5.28 2.60 9.92
C GLY A 25 6.51 3.02 9.16
N TYR A 26 7.60 3.28 9.88
CA TYR A 26 8.80 3.69 9.21
C TYR A 26 9.43 2.51 8.51
N ASP A 27 9.40 1.34 9.15
CA ASP A 27 10.00 0.13 8.57
C ASP A 27 9.27 -0.24 7.28
N PHE A 28 7.97 -0.09 7.30
CA PHE A 28 7.11 -0.32 6.15
C PHE A 28 7.49 0.64 5.02
N ILE A 29 7.53 1.92 5.32
CA ILE A 29 7.91 2.91 4.33
C ILE A 29 9.36 2.74 3.86
N ASP A 30 10.22 2.31 4.75
CA ASP A 30 11.61 2.02 4.43
C ASP A 30 11.69 0.92 3.40
N LEU A 31 11.03 -0.18 3.66
CA LEU A 31 11.12 -1.30 2.76
C LEU A 31 10.41 -1.02 1.43
N VAL A 32 9.43 -0.13 1.46
CA VAL A 32 8.76 0.31 0.25
C VAL A 32 9.70 1.21 -0.59
N THR A 33 10.65 1.85 0.06
CA THR A 33 11.56 2.78 -0.62
C THR A 33 12.96 2.17 -0.66
N LYS A 34 13.01 0.88 -0.39
CA LYS A 34 14.23 0.13 -0.30
C LYS A 34 14.97 0.12 -1.65
N SER A 35 16.28 0.08 -1.55
CA SER A 35 17.20 0.08 -2.66
C SER A 35 16.92 -1.05 -3.69
N PRO A 36 17.41 -0.88 -4.94
CA PRO A 36 17.33 -1.92 -5.97
C PRO A 36 18.24 -3.11 -5.64
N ASP A 37 19.03 -2.93 -4.58
CA ASP A 37 19.90 -3.99 -4.03
C ASP A 37 19.05 -5.18 -3.59
N SER A 38 17.82 -4.90 -3.22
CA SER A 38 16.86 -5.93 -2.91
C SER A 38 15.95 -6.10 -4.14
N VAL A 39 15.54 -7.34 -4.42
CA VAL A 39 14.78 -7.67 -5.64
C VAL A 39 13.54 -6.78 -5.86
N ASN A 40 12.69 -6.69 -4.86
CA ASN A 40 11.45 -5.93 -4.96
C ASN A 40 11.05 -5.39 -3.61
N SER A 41 10.62 -4.15 -3.58
CA SER A 41 10.24 -3.48 -2.36
C SER A 41 8.96 -4.13 -1.81
N GLU A 42 8.14 -4.57 -2.74
CA GLU A 42 6.92 -5.29 -2.45
C GLU A 42 7.21 -6.67 -1.91
N HIS A 43 8.41 -7.18 -2.16
CA HIS A 43 8.81 -8.49 -1.64
C HIS A 43 8.98 -8.35 -0.13
N GLU A 44 9.67 -7.30 0.25
CA GLU A 44 9.91 -6.99 1.63
C GLU A 44 8.60 -6.64 2.29
N LEU A 45 7.71 -6.01 1.52
CA LEU A 45 6.41 -5.67 2.02
C LEU A 45 5.60 -6.92 2.27
N ALA A 46 5.68 -7.89 1.37
CA ALA A 46 4.97 -9.16 1.51
C ALA A 46 5.46 -9.89 2.75
N HIS A 47 6.74 -9.76 3.01
CA HIS A 47 7.34 -10.36 4.18
C HIS A 47 6.91 -9.60 5.45
N PHE A 48 6.79 -8.29 5.33
CA PHE A 48 6.40 -7.44 6.42
C PHE A 48 4.97 -7.70 6.80
N LEU A 49 4.13 -7.84 5.81
CA LEU A 49 2.72 -8.05 6.05
C LEU A 49 2.44 -9.49 6.46
N GLY A 50 3.49 -10.31 6.48
CA GLY A 50 3.40 -11.71 6.89
C GLY A 50 2.56 -11.90 8.16
N PRO A 51 2.98 -11.36 9.31
CA PRO A 51 2.21 -11.43 10.53
C PRO A 51 1.11 -10.34 10.59
N HIS A 52 1.16 -9.41 9.64
CA HIS A 52 0.21 -8.28 9.61
C HIS A 52 -0.87 -8.59 8.59
N ASP A 53 -1.11 -9.89 8.38
CA ASP A 53 -2.05 -10.49 7.45
C ASP A 53 -3.48 -9.90 7.63
N PRO A 54 -3.86 -8.96 6.72
CA PRO A 54 -5.15 -8.29 6.74
C PRO A 54 -6.02 -8.66 5.52
N GLU A 55 -6.92 -7.77 5.16
CA GLU A 55 -7.76 -7.92 4.00
C GLU A 55 -7.10 -7.20 2.85
N ILE A 56 -6.85 -7.91 1.79
CA ILE A 56 -6.24 -7.30 0.64
C ILE A 56 -7.26 -7.22 -0.46
N TYR A 57 -7.64 -6.06 -0.82
CA TYR A 57 -8.60 -5.89 -1.86
C TYR A 57 -7.89 -5.64 -3.13
N VAL A 58 -8.34 -6.23 -4.17
CA VAL A 58 -7.79 -6.02 -5.48
C VAL A 58 -8.92 -5.78 -6.42
N ASN A 59 -8.97 -4.57 -6.91
CA ASN A 59 -9.97 -4.08 -7.87
C ASN A 59 -11.37 -4.11 -7.26
N GLY A 60 -11.42 -4.13 -5.94
CA GLY A 60 -12.68 -4.18 -5.24
C GLY A 60 -13.04 -5.59 -4.80
N LYS A 61 -12.17 -6.54 -5.08
CA LYS A 61 -12.40 -7.91 -4.72
C LYS A 61 -11.50 -8.28 -3.59
N ILE A 62 -12.05 -8.90 -2.58
CA ILE A 62 -11.29 -9.23 -1.39
C ILE A 62 -10.42 -10.48 -1.64
N GLN A 63 -9.16 -10.34 -1.34
CA GLN A 63 -8.16 -11.36 -1.53
C GLN A 63 -7.45 -11.55 -0.19
N THR A 64 -7.00 -12.73 0.06
CA THR A 64 -6.21 -12.99 1.23
C THR A 64 -4.72 -12.70 0.90
N THR A 65 -3.89 -12.77 1.93
CA THR A 65 -2.45 -12.53 1.86
C THR A 65 -1.79 -13.53 0.95
N THR A 66 -2.28 -14.73 1.02
CA THR A 66 -1.84 -15.82 0.17
C THR A 66 -2.09 -15.47 -1.33
N ALA A 67 -3.28 -14.97 -1.63
CA ALA A 67 -3.66 -14.58 -2.98
C ALA A 67 -2.78 -13.44 -3.46
N PHE A 68 -2.61 -12.44 -2.60
CA PHE A 68 -1.71 -11.31 -2.84
C PHE A 68 -0.34 -11.81 -3.23
N LEU A 69 0.22 -12.63 -2.36
CA LEU A 69 1.53 -13.26 -2.56
C LEU A 69 1.61 -13.94 -3.93
N GLN A 70 0.58 -14.67 -4.27
CA GLN A 70 0.46 -15.30 -5.55
C GLN A 70 0.51 -14.28 -6.70
N PHE A 71 -0.31 -13.23 -6.63
CA PHE A 71 -0.35 -12.22 -7.68
C PHE A 71 0.97 -11.47 -7.75
N PHE A 72 1.57 -11.27 -6.60
CA PHE A 72 2.86 -10.65 -6.47
C PHE A 72 3.91 -11.43 -7.27
N ARG A 73 3.99 -12.73 -7.02
CA ARG A 73 5.00 -13.53 -7.67
C ARG A 73 4.67 -13.75 -9.15
N GLN A 74 3.39 -13.58 -9.50
CA GLN A 74 2.98 -13.64 -10.88
C GLN A 74 3.33 -12.37 -11.63
N GLY A 75 3.72 -11.34 -10.91
CA GLY A 75 4.13 -10.12 -11.53
C GLY A 75 3.03 -9.11 -11.62
N LEU A 76 2.09 -9.17 -10.71
CA LEU A 76 1.00 -8.21 -10.66
C LEU A 76 1.42 -6.97 -9.88
N PHE A 77 1.91 -7.18 -8.66
CA PHE A 77 2.20 -6.06 -7.77
C PHE A 77 3.62 -5.57 -7.87
N LYS A 78 4.36 -6.11 -8.84
CA LYS A 78 5.77 -5.73 -9.06
C LYS A 78 5.94 -4.25 -9.48
N LYS A 79 4.83 -3.60 -9.81
CA LYS A 79 4.86 -2.20 -10.18
C LYS A 79 5.03 -1.30 -8.96
N LEU A 80 4.91 -1.86 -7.76
CA LEU A 80 4.97 -1.09 -6.53
C LEU A 80 6.41 -0.60 -6.32
N LYS A 81 7.32 -1.34 -6.89
CA LYS A 81 8.74 -1.07 -6.86
C LYS A 81 9.02 0.27 -7.55
N ASP A 82 8.23 0.58 -8.56
CA ASP A 82 8.40 1.79 -9.34
C ASP A 82 7.30 2.82 -8.97
N ALA A 83 6.49 2.48 -8.00
CA ALA A 83 5.33 3.31 -7.65
C ALA A 83 5.70 4.52 -6.82
N GLU A 84 4.99 5.60 -7.03
CA GLU A 84 5.24 6.85 -6.35
C GLU A 84 4.21 7.03 -5.24
N PHE A 85 4.65 7.41 -4.07
CA PHE A 85 3.78 7.48 -2.91
C PHE A 85 3.10 8.84 -2.75
N ALA A 86 1.94 8.80 -2.14
CA ALA A 86 1.19 9.97 -1.79
C ALA A 86 0.54 9.72 -0.44
N ILE A 87 0.61 10.69 0.43
CA ILE A 87 0.06 10.56 1.76
C ILE A 87 -1.28 11.29 1.83
N ASN A 88 -2.28 10.66 2.38
CA ASN A 88 -3.58 11.29 2.45
C ASN A 88 -3.82 11.89 3.80
N VAL A 89 -3.39 13.11 3.95
CA VAL A 89 -3.60 13.84 5.17
C VAL A 89 -5.04 14.34 5.23
N SER A 90 -5.57 14.43 6.43
CA SER A 90 -6.96 14.82 6.68
C SER A 90 -7.89 13.69 6.19
N GLY A 91 -7.29 12.51 5.99
CA GLY A 91 -8.01 11.36 5.49
C GLY A 91 -9.00 10.83 6.50
N LYS A 92 -8.63 10.93 7.75
CA LYS A 92 -9.49 10.54 8.81
C LYS A 92 -9.34 11.56 9.92
N VAL A 93 -10.40 12.26 10.20
CA VAL A 93 -10.38 13.30 11.21
C VAL A 93 -11.07 12.86 12.50
N LYS A 94 -11.52 11.61 12.52
CA LYS A 94 -12.16 11.05 13.68
C LYS A 94 -11.15 10.28 14.54
N GLU A 95 -11.64 9.70 15.61
CA GLU A 95 -10.86 8.93 16.58
C GLU A 95 -10.22 7.67 15.97
N GLY A 96 -10.77 7.23 14.86
CA GLY A 96 -10.23 6.09 14.19
C GLY A 96 -8.94 6.41 13.49
N GLU A 97 -7.84 6.28 14.20
CA GLU A 97 -6.52 6.48 13.64
C GLU A 97 -6.31 5.53 12.50
N GLY A 98 -6.10 6.09 11.34
CA GLY A 98 -5.92 5.31 10.18
C GLY A 98 -5.03 6.02 9.23
N TYR A 99 -4.14 5.31 8.62
CA TYR A 99 -3.22 5.89 7.70
C TYR A 99 -3.53 5.33 6.36
N LYS A 100 -3.78 6.20 5.44
CA LYS A 100 -4.15 5.80 4.14
C LYS A 100 -3.08 6.29 3.18
N LEU A 101 -2.25 5.39 2.80
CA LEU A 101 -1.15 5.70 1.94
C LEU A 101 -1.41 5.09 0.61
N VAL A 102 -1.21 5.84 -0.43
CA VAL A 102 -1.49 5.36 -1.74
C VAL A 102 -0.29 5.52 -2.64
N TRP A 103 -0.01 4.51 -3.38
CA TRP A 103 1.05 4.51 -4.33
C TRP A 103 0.45 4.53 -5.69
N LYS A 104 0.94 5.40 -6.51
CA LYS A 104 0.45 5.55 -7.83
C LYS A 104 1.52 5.02 -8.77
N SER A 105 1.15 4.05 -9.54
CA SER A 105 2.03 3.36 -10.45
C SER A 105 2.43 4.27 -11.64
N ALA A 106 3.10 3.69 -12.61
CA ALA A 106 3.52 4.38 -13.79
C ALA A 106 2.33 4.64 -14.67
N ALA A 107 2.26 5.84 -15.16
CA ALA A 107 1.18 6.24 -15.99
C ALA A 107 1.49 5.91 -17.43
N GLN A 108 0.62 5.20 -18.04
CA GLN A 108 0.78 4.84 -19.42
C GLN A 108 -0.14 5.74 -20.22
N ARG A 109 0.29 6.16 -21.36
CA ARG A 109 -0.52 7.03 -22.18
C ARG A 109 -1.52 6.24 -23.00
N SER A 110 -2.76 6.66 -22.95
CA SER A 110 -3.82 6.01 -23.63
C SER A 110 -4.24 6.86 -24.84
N HIS A 111 -4.92 6.25 -25.79
CA HIS A 111 -5.31 6.92 -27.05
C HIS A 111 -6.56 7.79 -26.87
N ASP A 112 -6.94 8.01 -25.66
CA ASP A 112 -8.10 8.83 -25.35
C ASP A 112 -7.63 10.13 -24.70
N GLN A 113 -6.31 10.37 -24.82
CA GLN A 113 -5.60 11.55 -24.26
C GLN A 113 -5.57 11.52 -22.74
N LYS A 114 -5.96 10.42 -22.17
CA LYS A 114 -5.86 10.24 -20.75
C LYS A 114 -4.81 9.22 -20.47
N ILE A 115 -4.52 9.03 -19.24
CA ILE A 115 -3.50 8.11 -18.86
C ILE A 115 -4.09 6.92 -18.13
N ARG A 116 -3.35 5.87 -18.16
CA ARG A 116 -3.64 4.65 -17.49
C ARG A 116 -2.68 4.50 -16.35
N TRP A 117 -3.18 4.46 -15.16
CA TRP A 117 -2.33 4.23 -14.03
C TRP A 117 -2.96 3.18 -13.14
N ASP A 118 -2.26 2.78 -12.13
CA ASP A 118 -2.78 1.83 -11.19
C ASP A 118 -2.48 2.40 -9.84
N GLU A 119 -3.32 2.16 -8.90
CA GLU A 119 -3.10 2.69 -7.56
C GLU A 119 -3.11 1.60 -6.51
N ALA A 120 -2.47 1.86 -5.42
CA ALA A 120 -2.38 0.94 -4.31
C ALA A 120 -2.62 1.69 -3.02
N GLU A 121 -3.65 1.34 -2.32
CA GLU A 121 -4.06 2.01 -1.10
C GLU A 121 -3.84 1.10 0.09
N ALA A 122 -2.92 1.40 0.92
CA ALA A 122 -2.76 0.65 2.14
C ALA A 122 -3.41 1.40 3.27
N TYR A 123 -4.22 0.69 4.05
CA TYR A 123 -4.93 1.27 5.17
C TYR A 123 -4.43 0.61 6.44
N ILE A 124 -3.82 1.37 7.26
CA ILE A 124 -3.35 0.88 8.54
C ILE A 124 -4.16 1.57 9.59
N TRP A 125 -4.50 0.92 10.67
CA TRP A 125 -5.23 1.60 11.68
C TRP A 125 -4.52 1.41 13.00
N ARG A 126 -4.63 2.38 13.85
CA ARG A 126 -4.08 2.25 15.14
C ARG A 126 -5.16 1.67 15.98
N ARG A 127 -4.93 0.48 16.46
CA ARG A 127 -5.89 -0.22 17.23
C ARG A 127 -6.04 0.52 18.55
N LYS A 128 -7.23 0.55 19.07
CA LYS A 128 -7.57 1.35 20.24
C LYS A 128 -6.81 0.91 21.51
N ASP A 129 -6.13 -0.23 21.43
CA ASP A 129 -5.21 -0.68 22.48
C ASP A 129 -3.96 0.18 22.49
N GLY A 130 -3.74 0.90 21.41
CA GLY A 130 -2.62 1.78 21.31
C GLY A 130 -1.61 1.29 20.30
N SER A 131 -1.66 0.02 20.00
CA SER A 131 -0.74 -0.58 19.10
C SER A 131 -1.36 -0.49 17.72
N CYS A 132 -0.56 -0.46 16.73
CA CYS A 132 -1.04 -0.25 15.40
C CYS A 132 -0.88 -1.53 14.57
N TRP A 133 -1.72 -1.71 13.56
CA TRP A 133 -1.69 -2.89 12.74
C TRP A 133 -2.34 -2.56 11.40
N LEU A 134 -2.01 -3.30 10.36
CA LEU A 134 -2.61 -3.09 9.06
C LEU A 134 -4.06 -3.45 9.09
N HIS A 135 -4.88 -2.56 8.61
CA HIS A 135 -6.29 -2.78 8.59
C HIS A 135 -6.59 -3.62 7.38
N SER A 136 -6.25 -3.09 6.24
CA SER A 136 -6.52 -3.70 4.97
C SER A 136 -5.71 -2.95 3.96
N VAL A 137 -5.48 -3.52 2.83
CA VAL A 137 -4.88 -2.78 1.76
C VAL A 137 -5.69 -3.07 0.52
N LYS A 138 -5.71 -2.19 -0.39
CA LYS A 138 -6.52 -2.30 -1.55
C LYS A 138 -5.74 -1.88 -2.77
N PHE A 139 -5.75 -2.67 -3.77
CA PHE A 139 -5.09 -2.37 -4.99
C PHE A 139 -6.10 -2.12 -6.02
N ILE A 140 -5.83 -1.21 -6.88
CA ILE A 140 -6.74 -0.88 -7.93
C ILE A 140 -5.99 -0.67 -9.18
N MET A 141 -5.95 -1.68 -9.98
CA MET A 141 -5.25 -1.59 -11.20
C MET A 141 -6.21 -1.18 -12.26
N SER A 142 -5.73 -0.27 -13.08
CA SER A 142 -6.46 0.30 -14.18
C SER A 142 -7.37 1.40 -13.69
N LYS A 143 -6.76 2.50 -13.37
CA LYS A 143 -7.44 3.68 -12.98
C LYS A 143 -7.22 4.72 -14.02
N ALA A 144 -8.26 5.42 -14.31
CA ALA A 144 -8.26 6.48 -15.26
C ALA A 144 -9.34 7.46 -14.87
N ALA A 145 -9.16 8.68 -15.23
CA ALA A 145 -10.12 9.71 -14.98
C ALA A 145 -10.42 10.38 -16.32
N PRO A 146 -11.58 11.07 -16.46
CA PRO A 146 -11.91 11.81 -17.70
C PRO A 146 -10.74 12.72 -18.09
N TYR A 147 -10.34 12.62 -19.35
CA TYR A 147 -9.14 13.27 -19.82
C TYR A 147 -9.21 14.79 -19.75
N VAL A 148 -8.07 15.40 -19.69
CA VAL A 148 -7.93 16.82 -19.69
C VAL A 148 -6.93 17.21 -20.75
N ALA A 149 -7.09 18.37 -21.29
CA ALA A 149 -6.19 18.88 -22.28
C ALA A 149 -5.42 20.02 -21.68
N ASP A 14 6.61 6.68 25.17
CA ASP A 14 5.48 6.80 26.12
C ASP A 14 4.46 5.72 25.82
N MET A 15 3.83 5.81 24.67
CA MET A 15 2.91 4.80 24.24
C MET A 15 3.66 3.78 23.44
N VAL A 16 3.64 2.56 23.91
CA VAL A 16 4.35 1.45 23.28
C VAL A 16 3.86 1.27 21.84
N THR A 17 2.59 1.40 21.70
CA THR A 17 1.90 1.20 20.47
C THR A 17 2.13 2.33 19.47
N ASP A 18 2.43 3.51 19.98
CA ASP A 18 2.66 4.68 19.13
C ASP A 18 4.05 4.56 18.53
N LEU A 19 4.97 4.11 19.35
CA LEU A 19 6.33 3.91 18.95
C LEU A 19 6.35 2.72 18.00
N ASP A 20 5.48 1.77 18.28
CA ASP A 20 5.32 0.57 17.49
C ASP A 20 4.86 0.91 16.09
N VAL A 21 3.81 1.72 16.00
CA VAL A 21 3.28 2.09 14.70
C VAL A 21 4.27 2.91 13.89
N LYS A 22 4.95 3.88 14.51
CA LYS A 22 5.89 4.65 13.74
C LYS A 22 7.11 3.82 13.35
N GLY A 23 7.49 2.88 14.21
CA GLY A 23 8.59 1.99 13.90
C GLY A 23 8.21 1.05 12.77
N LEU A 24 6.97 0.63 12.79
CA LEU A 24 6.40 -0.26 11.80
C LEU A 24 6.36 0.45 10.45
N GLY A 25 5.83 1.67 10.46
CA GLY A 25 5.73 2.48 9.26
C GLY A 25 7.10 2.82 8.71
N TYR A 26 8.06 3.06 9.58
CA TYR A 26 9.40 3.35 9.17
C TYR A 26 10.06 2.11 8.58
N ASP A 27 9.84 0.96 9.21
CA ASP A 27 10.45 -0.29 8.78
C ASP A 27 9.98 -0.64 7.38
N PHE A 28 8.70 -0.38 7.16
CA PHE A 28 8.04 -0.56 5.89
C PHE A 28 8.66 0.37 4.84
N ILE A 29 8.69 1.64 5.16
CA ILE A 29 9.22 2.63 4.25
C ILE A 29 10.69 2.43 3.98
N ASP A 30 11.41 1.98 4.98
CA ASP A 30 12.82 1.72 4.82
C ASP A 30 13.05 0.59 3.86
N LEU A 31 12.29 -0.50 3.98
CA LEU A 31 12.51 -1.62 3.10
C LEU A 31 12.05 -1.28 1.67
N VAL A 32 11.08 -0.38 1.56
CA VAL A 32 10.62 0.08 0.27
C VAL A 32 11.68 1.03 -0.38
N THR A 33 12.55 1.61 0.45
CA THR A 33 13.53 2.56 -0.05
C THR A 33 14.92 1.99 0.11
N LYS A 34 14.99 0.70 0.28
CA LYS A 34 16.23 0.02 0.51
C LYS A 34 17.06 -0.03 -0.78
N SER A 35 18.36 -0.29 -0.64
CA SER A 35 19.31 -0.34 -1.74
C SER A 35 18.84 -1.20 -2.93
N PRO A 36 19.18 -0.80 -4.18
CA PRO A 36 18.76 -1.48 -5.41
C PRO A 36 19.32 -2.90 -5.53
N ASP A 37 20.22 -3.25 -4.63
CA ASP A 37 20.75 -4.62 -4.57
C ASP A 37 19.65 -5.59 -4.16
N SER A 38 18.68 -5.08 -3.43
CA SER A 38 17.53 -5.86 -3.06
C SER A 38 16.63 -6.00 -4.28
N VAL A 39 16.65 -7.20 -4.85
CA VAL A 39 15.97 -7.51 -6.12
C VAL A 39 14.49 -7.14 -6.10
N ASN A 40 13.77 -7.60 -5.12
CA ASN A 40 12.36 -7.37 -5.11
C ASN A 40 11.91 -6.79 -3.78
N SER A 41 11.62 -5.51 -3.79
CA SER A 41 11.28 -4.78 -2.57
C SER A 41 9.96 -5.31 -2.01
N GLU A 42 9.08 -5.72 -2.90
CA GLU A 42 7.79 -6.26 -2.53
C GLU A 42 7.98 -7.58 -1.78
N HIS A 43 9.11 -8.24 -1.99
CA HIS A 43 9.38 -9.51 -1.35
C HIS A 43 9.65 -9.30 0.12
N GLU A 44 10.46 -8.31 0.41
CA GLU A 44 10.80 -7.99 1.76
C GLU A 44 9.57 -7.41 2.43
N LEU A 45 8.76 -6.74 1.63
CA LEU A 45 7.53 -6.19 2.10
C LEU A 45 6.55 -7.30 2.46
N ALA A 46 6.43 -8.31 1.61
CA ALA A 46 5.57 -9.45 1.84
C ALA A 46 6.01 -10.21 3.07
N HIS A 47 7.31 -10.21 3.30
CA HIS A 47 7.88 -10.85 4.48
C HIS A 47 7.54 -10.00 5.72
N PHE A 48 7.56 -8.69 5.55
CA PHE A 48 7.25 -7.72 6.59
C PHE A 48 5.80 -7.86 7.05
N LEU A 49 4.90 -8.00 6.08
CA LEU A 49 3.49 -8.08 6.36
C LEU A 49 3.06 -9.51 6.71
N GLY A 50 4.03 -10.39 6.84
CA GLY A 50 3.78 -11.77 7.29
C GLY A 50 2.88 -11.84 8.55
N PRO A 51 3.27 -11.19 9.66
CA PRO A 51 2.44 -11.10 10.87
C PRO A 51 1.30 -10.06 10.73
N HIS A 52 1.26 -9.36 9.60
CA HIS A 52 0.38 -8.20 9.45
C HIS A 52 -0.51 -8.33 8.22
N ASP A 53 -0.81 -9.57 7.84
CA ASP A 53 -1.67 -9.87 6.68
C ASP A 53 -3.04 -9.20 6.80
N PRO A 54 -3.35 -8.24 5.92
CA PRO A 54 -4.61 -7.55 5.93
C PRO A 54 -5.58 -8.07 4.84
N GLU A 55 -6.63 -7.32 4.55
CA GLU A 55 -7.52 -7.64 3.44
C GLU A 55 -6.98 -6.94 2.24
N ILE A 56 -6.75 -7.67 1.21
CA ILE A 56 -6.16 -7.07 0.06
C ILE A 56 -7.21 -6.85 -0.98
N TYR A 57 -7.50 -5.65 -1.29
CA TYR A 57 -8.46 -5.37 -2.33
C TYR A 57 -7.73 -5.11 -3.59
N VAL A 58 -8.15 -5.72 -4.64
CA VAL A 58 -7.57 -5.49 -5.93
C VAL A 58 -8.68 -5.22 -6.88
N ASN A 59 -8.72 -3.99 -7.36
CA ASN A 59 -9.76 -3.48 -8.29
C ASN A 59 -11.14 -3.52 -7.62
N GLY A 60 -11.12 -3.52 -6.30
CA GLY A 60 -12.34 -3.57 -5.52
C GLY A 60 -12.72 -4.97 -5.11
N LYS A 61 -11.95 -5.93 -5.54
CA LYS A 61 -12.21 -7.31 -5.24
C LYS A 61 -11.34 -7.71 -4.09
N ILE A 62 -11.95 -8.24 -3.07
CA ILE A 62 -11.24 -8.62 -1.88
C ILE A 62 -10.48 -9.93 -2.14
N GLN A 63 -9.23 -9.88 -1.86
CA GLN A 63 -8.32 -10.97 -2.03
C GLN A 63 -7.81 -11.34 -0.66
N THR A 64 -7.73 -12.62 -0.41
CA THR A 64 -7.23 -13.10 0.82
C THR A 64 -5.70 -12.94 0.84
N THR A 65 -5.13 -13.25 1.96
CA THR A 65 -3.73 -13.07 2.22
C THR A 65 -2.90 -13.92 1.22
N THR A 66 -3.40 -15.13 0.99
CA THR A 66 -2.79 -16.06 0.05
C THR A 66 -2.88 -15.51 -1.38
N ALA A 67 -4.05 -15.00 -1.75
CA ALA A 67 -4.28 -14.46 -3.09
C ALA A 67 -3.33 -13.34 -3.39
N PHE A 68 -3.19 -12.39 -2.45
CA PHE A 68 -2.19 -11.31 -2.56
C PHE A 68 -0.84 -11.89 -2.81
N LEU A 69 -0.45 -12.80 -1.93
CA LEU A 69 0.84 -13.51 -2.05
C LEU A 69 1.04 -14.12 -3.45
N GLN A 70 -0.01 -14.72 -3.96
CA GLN A 70 0.00 -15.31 -5.27
C GLN A 70 0.23 -14.26 -6.35
N PHE A 71 -0.53 -13.18 -6.30
CA PHE A 71 -0.42 -12.13 -7.31
C PHE A 71 0.96 -11.47 -7.24
N PHE A 72 1.47 -11.38 -6.03
CA PHE A 72 2.80 -10.89 -5.77
C PHE A 72 3.82 -11.75 -6.49
N ARG A 73 3.78 -13.05 -6.26
CA ARG A 73 4.77 -13.95 -6.82
C ARG A 73 4.57 -14.16 -8.32
N GLN A 74 3.38 -13.78 -8.80
CA GLN A 74 3.09 -13.83 -10.22
C GLN A 74 3.51 -12.53 -10.95
N GLY A 75 3.98 -11.52 -10.19
CA GLY A 75 4.46 -10.31 -10.81
C GLY A 75 3.36 -9.30 -11.09
N LEU A 76 2.32 -9.31 -10.29
CA LEU A 76 1.24 -8.35 -10.47
C LEU A 76 1.59 -7.00 -9.86
N PHE A 77 2.13 -7.03 -8.66
CA PHE A 77 2.33 -5.80 -7.92
C PHE A 77 3.72 -5.22 -8.11
N LYS A 78 4.50 -5.80 -8.98
CA LYS A 78 5.86 -5.33 -9.22
C LYS A 78 5.90 -3.95 -9.87
N LYS A 79 4.77 -3.51 -10.41
CA LYS A 79 4.68 -2.17 -11.00
C LYS A 79 4.55 -1.12 -9.92
N LEU A 80 3.97 -1.52 -8.80
CA LEU A 80 3.67 -0.64 -7.71
C LEU A 80 4.90 -0.33 -6.88
N LYS A 81 5.96 -1.03 -7.17
CA LYS A 81 7.23 -0.82 -6.50
C LYS A 81 7.80 0.55 -6.90
N ASP A 82 7.50 0.96 -8.11
CA ASP A 82 8.01 2.20 -8.66
C ASP A 82 6.99 3.32 -8.53
N ALA A 83 5.97 3.09 -7.73
CA ALA A 83 4.90 4.05 -7.51
C ALA A 83 5.35 5.13 -6.53
N GLU A 84 4.82 6.32 -6.72
CA GLU A 84 5.17 7.45 -5.88
C GLU A 84 4.07 7.68 -4.88
N PHE A 85 4.44 7.97 -3.66
CA PHE A 85 3.48 8.21 -2.62
C PHE A 85 2.83 9.58 -2.78
N ALA A 86 1.53 9.61 -2.62
CA ALA A 86 0.78 10.83 -2.69
C ALA A 86 0.13 11.06 -1.35
N ILE A 87 0.80 11.80 -0.53
CA ILE A 87 0.32 12.03 0.80
C ILE A 87 -0.62 13.23 0.87
N ASN A 88 -1.88 12.95 0.62
CA ASN A 88 -2.93 13.97 0.70
C ASN A 88 -3.32 14.18 2.16
N VAL A 89 -4.21 13.36 2.66
CA VAL A 89 -4.54 13.33 4.06
C VAL A 89 -4.31 11.91 4.49
N SER A 90 -3.09 11.65 4.84
CA SER A 90 -2.62 10.33 5.20
C SER A 90 -3.26 9.86 6.49
N GLY A 91 -3.23 10.70 7.50
CA GLY A 91 -3.74 10.31 8.77
C GLY A 91 -5.02 11.01 9.10
N LYS A 92 -6.07 10.25 9.20
CA LYS A 92 -7.36 10.80 9.56
C LYS A 92 -7.42 10.96 11.06
N VAL A 93 -7.24 12.19 11.49
CA VAL A 93 -7.30 12.50 12.89
C VAL A 93 -8.74 12.51 13.39
N LYS A 94 -9.09 11.45 14.06
CA LYS A 94 -10.37 11.27 14.63
C LYS A 94 -10.19 10.21 15.66
N GLU A 95 -11.17 10.02 16.51
CA GLU A 95 -11.09 8.97 17.47
C GLU A 95 -11.26 7.68 16.71
N GLY A 96 -10.23 6.89 16.70
CA GLY A 96 -10.20 5.76 15.85
C GLY A 96 -9.41 6.13 14.63
N GLU A 97 -8.12 6.13 14.78
CA GLU A 97 -7.20 6.58 13.76
C GLU A 97 -7.14 5.62 12.59
N GLY A 98 -7.15 6.19 11.42
CA GLY A 98 -7.00 5.44 10.21
C GLY A 98 -6.02 6.14 9.33
N TYR A 99 -5.14 5.40 8.71
CA TYR A 99 -4.14 5.99 7.86
C TYR A 99 -4.31 5.44 6.47
N LYS A 100 -4.37 6.32 5.51
CA LYS A 100 -4.52 5.95 4.13
C LYS A 100 -3.34 6.44 3.35
N LEU A 101 -2.46 5.53 3.03
CA LEU A 101 -1.27 5.84 2.30
C LEU A 101 -1.44 5.37 0.89
N VAL A 102 -1.35 6.25 -0.07
CA VAL A 102 -1.57 5.87 -1.44
C VAL A 102 -0.34 6.14 -2.31
N TRP A 103 0.00 5.16 -3.07
CA TRP A 103 1.06 5.21 -4.03
C TRP A 103 0.44 5.20 -5.39
N LYS A 104 0.85 6.11 -6.21
CA LYS A 104 0.32 6.23 -7.53
C LYS A 104 1.41 5.96 -8.53
N SER A 105 1.13 5.09 -9.43
CA SER A 105 2.06 4.67 -10.44
C SER A 105 2.07 5.70 -11.59
N ALA A 106 2.97 5.50 -12.54
CA ALA A 106 3.12 6.39 -13.68
C ALA A 106 1.86 6.46 -14.48
N ALA A 107 1.50 7.65 -14.88
CA ALA A 107 0.34 7.86 -15.69
C ALA A 107 0.59 7.34 -17.09
N GLN A 108 -0.39 6.65 -17.62
CA GLN A 108 -0.23 5.97 -18.88
C GLN A 108 -1.14 6.58 -19.89
N ARG A 109 -0.62 6.82 -21.07
CA ARG A 109 -1.40 7.37 -22.14
C ARG A 109 -2.30 6.27 -22.66
N SER A 110 -3.56 6.38 -22.34
CA SER A 110 -4.50 5.40 -22.73
C SER A 110 -5.17 5.86 -24.00
N HIS A 111 -5.27 4.97 -24.96
CA HIS A 111 -5.77 5.30 -26.30
C HIS A 111 -7.28 5.50 -26.37
N ASP A 112 -7.91 5.58 -25.22
CA ASP A 112 -9.32 5.93 -25.16
C ASP A 112 -9.39 7.43 -25.01
N GLN A 113 -8.18 8.04 -24.95
CA GLN A 113 -7.92 9.46 -24.74
C GLN A 113 -8.07 9.82 -23.26
N LYS A 114 -8.01 8.81 -22.43
CA LYS A 114 -8.02 9.01 -21.00
C LYS A 114 -6.64 8.65 -20.48
N ILE A 115 -6.41 8.78 -19.19
CA ILE A 115 -5.13 8.44 -18.63
C ILE A 115 -5.33 7.39 -17.57
N ARG A 116 -4.51 6.39 -17.58
CA ARG A 116 -4.60 5.28 -16.64
C ARG A 116 -3.38 5.28 -15.75
N TRP A 117 -3.56 5.01 -14.50
CA TRP A 117 -2.45 4.86 -13.59
C TRP A 117 -2.84 3.84 -12.54
N ASP A 118 -1.90 3.27 -11.87
CA ASP A 118 -2.25 2.29 -10.87
C ASP A 118 -2.13 2.93 -9.53
N GLU A 119 -3.11 2.75 -8.71
CA GLU A 119 -3.04 3.29 -7.36
C GLU A 119 -3.02 2.18 -6.35
N ALA A 120 -2.26 2.37 -5.32
CA ALA A 120 -2.20 1.44 -4.24
C ALA A 120 -2.44 2.20 -2.98
N GLU A 121 -3.49 1.89 -2.30
CA GLU A 121 -3.87 2.63 -1.13
C GLU A 121 -3.97 1.66 0.05
N ALA A 122 -3.08 1.82 0.98
CA ALA A 122 -3.02 0.99 2.15
C ALA A 122 -3.78 1.66 3.28
N TYR A 123 -4.61 0.90 3.95
CA TYR A 123 -5.43 1.37 5.04
C TYR A 123 -4.92 0.75 6.32
N ILE A 124 -4.44 1.54 7.20
CA ILE A 124 -3.98 1.06 8.49
C ILE A 124 -4.90 1.65 9.52
N TRP A 125 -5.16 0.94 10.60
CA TRP A 125 -5.96 1.53 11.62
C TRP A 125 -5.30 1.33 12.96
N ARG A 126 -5.53 2.25 13.84
CA ARG A 126 -5.07 2.10 15.17
C ARG A 126 -6.24 1.64 15.98
N ARG A 127 -6.12 0.47 16.52
CA ARG A 127 -7.16 -0.17 17.26
C ARG A 127 -7.36 0.56 18.59
N LYS A 128 -8.56 0.46 19.18
CA LYS A 128 -8.90 1.08 20.48
C LYS A 128 -7.87 0.73 21.56
N ASP A 129 -7.30 -0.46 21.44
CA ASP A 129 -6.28 -1.00 22.34
C ASP A 129 -4.95 -0.29 22.16
N GLY A 130 -4.88 0.59 21.18
CA GLY A 130 -3.70 1.34 20.89
C GLY A 130 -2.85 0.67 19.83
N SER A 131 -3.03 -0.63 19.72
CA SER A 131 -2.30 -1.45 18.80
C SER A 131 -2.65 -1.07 17.37
N CYS A 132 -1.69 -0.75 16.62
CA CYS A 132 -1.92 -0.38 15.27
C CYS A 132 -1.56 -1.54 14.36
N TRP A 133 -2.33 -1.72 13.32
CA TRP A 133 -2.18 -2.86 12.47
C TRP A 133 -2.77 -2.50 11.11
N LEU A 134 -2.32 -3.15 10.07
CA LEU A 134 -2.87 -2.93 8.75
C LEU A 134 -4.28 -3.41 8.71
N HIS A 135 -5.15 -2.55 8.28
CA HIS A 135 -6.55 -2.83 8.24
C HIS A 135 -6.83 -3.60 6.95
N SER A 136 -6.44 -3.01 5.86
CA SER A 136 -6.66 -3.53 4.52
C SER A 136 -5.79 -2.73 3.60
N VAL A 137 -5.57 -3.18 2.41
CA VAL A 137 -4.88 -2.38 1.43
C VAL A 137 -5.59 -2.61 0.12
N LYS A 138 -5.60 -1.66 -0.74
CA LYS A 138 -6.30 -1.77 -1.98
C LYS A 138 -5.40 -1.39 -3.12
N PHE A 139 -5.36 -2.23 -4.11
CA PHE A 139 -4.60 -1.98 -5.29
C PHE A 139 -5.57 -1.82 -6.42
N ILE A 140 -5.46 -0.76 -7.13
CA ILE A 140 -6.36 -0.49 -8.22
C ILE A 140 -5.56 -0.16 -9.45
N MET A 141 -5.39 -1.15 -10.28
CA MET A 141 -4.59 -1.02 -11.46
C MET A 141 -5.39 -0.42 -12.57
N SER A 142 -4.79 0.57 -13.21
CA SER A 142 -5.39 1.27 -14.33
C SER A 142 -6.59 2.10 -13.92
N LYS A 143 -6.48 2.70 -12.74
CA LYS A 143 -7.44 3.63 -12.23
C LYS A 143 -7.32 4.81 -13.18
N ALA A 144 -8.39 5.29 -13.70
CA ALA A 144 -8.29 6.21 -14.78
C ALA A 144 -9.16 7.42 -14.66
N ALA A 145 -8.64 8.51 -15.16
CA ALA A 145 -9.37 9.73 -15.29
C ALA A 145 -9.80 9.85 -16.74
N PRO A 146 -11.08 10.04 -17.00
CA PRO A 146 -11.60 10.16 -18.35
C PRO A 146 -11.23 11.50 -18.98
N TYR A 147 -11.29 11.55 -20.28
CA TYR A 147 -11.03 12.74 -21.03
C TYR A 147 -12.11 13.79 -20.78
N VAL A 148 -11.81 15.02 -21.05
CA VAL A 148 -12.76 16.07 -20.81
C VAL A 148 -13.52 16.47 -22.06
N ALA A 149 -14.68 15.93 -22.20
CA ALA A 149 -15.53 16.20 -23.31
C ALA A 149 -16.81 16.81 -22.79
#